data_1RM6
#
_entry.id   1RM6
#
_cell.length_a   113.015
_cell.length_b   151.845
_cell.length_c   174.866
_cell.angle_alpha   90.00
_cell.angle_beta   90.00
_cell.angle_gamma   90.00
#
_symmetry.space_group_name_H-M   'P 21 21 21'
#
loop_
_entity.id
_entity.type
_entity.pdbx_description
1 polymer '4-hydroxybenzoyl-CoA reductase alpha subunit'
2 polymer '4-hydroxybenzoyl-CoA reductase beta subunit'
3 polymer '4-hydroxybenzoyl-CoA reductase gamma subunit'
4 non-polymer 'CHLORIDE ION'
5 non-polymer 'SODIUM ION'
6 non-polymer '(MOLYBDOPTERIN-CYTOSINE DINUCLEOTIDE-S,S)-DIOXO-AQUA-MOLYBDENUM(V)'
7 non-polymer '4-(2-HYDROXYETHYL)-1-PIPERAZINE ETHANESULFONIC ACID'
8 non-polymer 'FLAVIN-ADENINE DINUCLEOTIDE'
9 non-polymer 'IRON/SULFUR CLUSTER'
10 non-polymer 'FE2/S2 (INORGANIC) CLUSTER'
11 non-polymer 'POTASSIUM ION'
12 non-polymer 'SULFATE ION'
13 water water
#
loop_
_entity_poly.entity_id
_entity_poly.type
_entity_poly.pdbx_seq_one_letter_code
_entity_poly.pdbx_strand_id
1 'polypeptide(L)'
;MSPKLPQHGTVGVRTPLVDGVEKVTGKAKYTADIAAPDALVGRILRSPHAHARILAIDTSAAEALEGVIAVCTGAETPVP
FGVLPIAENEYPLARDKVRYRGDPVAAVAAIDEVTAEKALALIKVDYEVLPAYMTPKAAMKAGAIALHDDKPNNILREVH
AEFGDVAAAFAEADLIREKTYTFAEVNHVHMELNATLAEYDPVRDMLTLNTTTQVPYYVHLKVAACLQMDSARIRVIKPF
LGGGFGARTEALHFEIIAGLLARKAKGTVRLLQTREETFIAHRGRPWTEVKMKIGLKKDGKIAALALEATQAGGAYAGYG
IITILYTGALMHGLYHIPAIKHDAWRVYTNTPPCGAMRGHGTVDTRAAFEALLTEMGEELGIDSLKIRQINMLPQIPYVT
MYAQRVMSYGVPECLEKVKAASGWEERKGKLPKGRGLGIALSHFVSGTSTPKHWTGEPHATVNLKLDFDGGITLLTGAAD
IGQGSNTMASQVAAEVLGVRLSRIRVISADSALTPKDNGSYSSRVTFMVGNASISAAEELKGVLVKAAAKKLDAREEDIE
VIDEMFMVSGSQDPGLSFQEVVKAAMVDSGTITVKGTYTCPTEFQGDKKIRGSAIGATMGFCYAAQVVEASVDEITGKVT
AHKVWVAVDVGKALNPLAVEGQTQGGVWMGMGQALSEETVYDNGRMVHGNILDYRVPTIVESPDIEVIIVESMDPNGPFG
AKEASEGMLAGFLPAIHEAVYEAVGVRATDFPLSPDRITELLDAKEAAA
;
A,D
2 'polypeptide(L)'
;MNILTDFRTHRPATLADAVNALAAEATLPLGAGTDLLPNLRRGLGHPAALVDLTGIDGLATISTLADGSLRIGAGATLEA
IAEHDAIRTTWPALAQAAESVAGPTHRAAATLGGNLCQDTRCTFYNQSEWWRSGNGYCLKYKGDKCHVIVKSDRCYATYH
GDVAPALMVLDARAEIVGPAGKRTVPVAQLFRESGAEHLTLEKGELLAAIEVPPTGAWSAAYSKVRIRDAVDFPLAGVAA
ALQRDGDRIAGLRVAITGSNSAPLMVPVDALLGGNWDDAAAETLAQLVRKTSNVLRTTITGVKYRRRVLLAISRKVVDQL
WEAR
;
B,E
3 'polypeptide(L)'
;MKNILRLTLNGRAREDLVPDNMLLLDYLRETVGLTGTKQGCDGGECGACTVLVDDRPRLACSTLAHQVAGKKVETVESLA
TQGTLSKLQAAFHEKLGTQCGFCTPGMIMASEALLRKNPSPSRDEIKAALAGNLCRCTGYVKIIKSVETAAAARLCEEGA
R
;
C,F
#
loop_
_chem_comp.id
_chem_comp.type
_chem_comp.name
_chem_comp.formula
CL non-polymer 'CHLORIDE ION' 'Cl -1'
EPE non-polymer '4-(2-HYDROXYETHYL)-1-PIPERAZINE ETHANESULFONIC ACID' 'C8 H18 N2 O4 S'
FAD non-polymer 'FLAVIN-ADENINE DINUCLEOTIDE' 'C27 H33 N9 O15 P2'
FES non-polymer 'FE2/S2 (INORGANIC) CLUSTER' 'Fe2 S2'
K non-polymer 'POTASSIUM ION' 'K 1'
NA non-polymer 'SODIUM ION' 'Na 1'
PCD non-polymer '(MOLYBDOPTERIN-CYTOSINE DINUCLEOTIDE-S,S)-DIOXO-AQUA-MOLYBDENUM(V)' 'C19 H26 Mo N8 O16 P2 S2'
SF4 non-polymer 'IRON/SULFUR CLUSTER' 'Fe4 S4'
SO4 non-polymer 'SULFATE ION' 'O4 S -2'
#
# COMPACT_ATOMS: atom_id res chain seq x y z
N GLY A 9 -25.66 -15.70 -20.04
CA GLY A 9 -25.47 -14.31 -20.58
C GLY A 9 -25.24 -13.35 -19.42
N THR A 10 -24.78 -12.16 -19.74
CA THR A 10 -24.51 -11.16 -18.73
C THR A 10 -25.33 -9.89 -18.91
N VAL A 11 -25.56 -9.47 -20.17
CA VAL A 11 -26.34 -8.25 -20.38
C VAL A 11 -27.80 -8.48 -20.01
N GLY A 12 -28.35 -7.52 -19.27
CA GLY A 12 -29.73 -7.61 -18.82
C GLY A 12 -29.92 -8.36 -17.52
N VAL A 13 -28.82 -8.87 -16.96
CA VAL A 13 -28.88 -9.62 -15.71
C VAL A 13 -28.66 -8.69 -14.51
N ARG A 14 -29.45 -8.84 -13.45
CA ARG A 14 -29.27 -8.03 -12.23
C ARG A 14 -27.93 -8.46 -11.64
N THR A 15 -27.01 -7.50 -11.54
CA THR A 15 -25.63 -7.77 -11.18
C THR A 15 -25.06 -6.86 -10.09
N PRO A 16 -24.63 -7.42 -8.95
CA PRO A 16 -24.02 -6.60 -7.88
C PRO A 16 -22.76 -5.99 -8.58
N LEU A 17 -22.36 -4.79 -8.16
CA LEU A 17 -21.23 -4.15 -8.83
C LEU A 17 -19.91 -4.92 -8.59
N VAL A 18 -19.05 -4.94 -9.61
CA VAL A 18 -17.83 -5.76 -9.50
C VAL A 18 -16.85 -5.37 -8.42
N ASP A 19 -16.97 -4.15 -7.91
CA ASP A 19 -16.13 -3.64 -6.85
C ASP A 19 -16.86 -3.57 -5.52
N GLY A 20 -18.05 -4.15 -5.43
CA GLY A 20 -18.82 -4.01 -4.20
C GLY A 20 -18.25 -4.66 -2.95
N VAL A 21 -17.50 -5.73 -3.15
CA VAL A 21 -16.92 -6.44 -2.02
C VAL A 21 -16.02 -5.53 -1.21
N GLU A 22 -15.20 -4.74 -1.91
CA GLU A 22 -14.26 -3.86 -1.25
C GLU A 22 -14.97 -2.73 -0.51
N LYS A 23 -16.14 -2.31 -1.00
CA LYS A 23 -16.84 -1.24 -0.32
C LYS A 23 -17.43 -1.69 1.01
N VAL A 24 -18.01 -2.88 1.05
CA VAL A 24 -18.69 -3.30 2.28
C VAL A 24 -17.74 -3.81 3.37
N THR A 25 -16.47 -4.04 3.01
CA THR A 25 -15.46 -4.50 3.97
C THR A 25 -14.51 -3.38 4.43
N GLY A 26 -14.61 -2.22 3.77
CA GLY A 26 -13.71 -1.13 4.13
C GLY A 26 -12.33 -1.32 3.51
N LYS A 27 -12.21 -2.28 2.60
CA LYS A 27 -10.95 -2.51 1.92
C LYS A 27 -10.71 -1.50 0.81
N ALA A 28 -11.78 -0.94 0.24
CA ALA A 28 -11.62 0.03 -0.85
C ALA A 28 -10.84 1.27 -0.35
N LYS A 29 -9.77 1.64 -1.04
CA LYS A 29 -8.99 2.79 -0.61
C LYS A 29 -9.35 4.01 -1.46
N TYR A 30 -9.93 5.01 -0.80
CA TYR A 30 -10.26 6.30 -1.43
C TYR A 30 -8.99 7.15 -1.26
N THR A 31 -8.95 8.34 -1.86
CA THR A 31 -7.73 9.16 -1.84
C THR A 31 -7.11 9.39 -0.46
N ALA A 32 -7.95 9.73 0.51
CA ALA A 32 -7.43 10.02 1.83
C ALA A 32 -7.03 8.78 2.60
N ASP A 33 -7.31 7.60 2.05
CA ASP A 33 -6.96 6.36 2.74
C ASP A 33 -5.61 5.83 2.31
N ILE A 34 -5.07 6.39 1.23
CA ILE A 34 -3.82 5.90 0.70
C ILE A 34 -2.63 6.20 1.59
N ALA A 35 -1.87 5.15 1.94
CA ALA A 35 -0.71 5.35 2.80
C ALA A 35 0.43 6.04 2.06
N ALA A 36 1.07 6.98 2.75
CA ALA A 36 2.22 7.72 2.22
C ALA A 36 2.86 8.29 3.48
N PRO A 37 3.74 7.49 4.11
CA PRO A 37 4.46 7.83 5.35
C PRO A 37 5.22 9.16 5.32
N ASP A 38 5.89 9.43 4.21
CA ASP A 38 6.67 10.65 4.03
C ASP A 38 5.80 11.89 3.69
N ALA A 39 4.48 11.75 3.62
CA ALA A 39 3.68 12.90 3.21
C ALA A 39 3.61 14.10 4.15
N LEU A 40 3.80 15.28 3.58
CA LEU A 40 3.67 16.53 4.32
C LEU A 40 2.19 16.89 4.29
N VAL A 41 1.78 17.77 5.20
CA VAL A 41 0.41 18.26 5.24
C VAL A 41 0.33 19.54 4.40
N GLY A 42 -0.59 19.55 3.44
CA GLY A 42 -0.79 20.76 2.65
C GLY A 42 -1.99 21.53 3.18
N ARG A 43 -1.95 22.85 3.13
CA ARG A 43 -3.07 23.68 3.56
C ARG A 43 -3.11 24.91 2.66
N ILE A 44 -4.32 25.38 2.36
CA ILE A 44 -4.47 26.55 1.50
C ILE A 44 -4.92 27.75 2.33
N LEU A 45 -4.32 28.92 2.08
CA LEU A 45 -4.72 30.17 2.77
C LEU A 45 -5.80 30.76 1.84
N ARG A 46 -7.02 30.88 2.33
CA ARG A 46 -8.13 31.37 1.51
C ARG A 46 -8.55 32.79 1.84
N SER A 47 -8.92 33.53 0.79
CA SER A 47 -9.34 34.92 0.98
C SER A 47 -10.50 35.09 1.94
N PRO A 48 -10.36 35.99 2.92
CA PRO A 48 -11.44 36.26 3.88
C PRO A 48 -12.39 37.34 3.30
N HIS A 49 -12.03 37.84 2.11
CA HIS A 49 -12.81 38.86 1.41
C HIS A 49 -13.50 38.33 0.18
N ALA A 50 -14.72 38.79 -0.06
CA ALA A 50 -15.43 38.32 -1.23
C ALA A 50 -14.93 39.00 -2.52
N HIS A 51 -14.31 40.17 -2.41
CA HIS A 51 -13.82 40.84 -3.63
C HIS A 51 -12.73 41.79 -3.15
N ALA A 52 -11.52 41.65 -3.68
CA ALA A 52 -10.46 42.54 -3.20
C ALA A 52 -9.24 42.47 -4.08
N ARG A 53 -8.47 43.56 -4.08
CA ARG A 53 -7.21 43.58 -4.80
C ARG A 53 -6.17 43.09 -3.83
N ILE A 54 -5.18 42.33 -4.33
CA ILE A 54 -4.07 41.88 -3.49
C ILE A 54 -2.94 42.91 -3.74
N LEU A 55 -2.54 43.61 -2.69
CA LEU A 55 -1.53 44.64 -2.87
C LEU A 55 -0.11 44.17 -2.53
N ALA A 56 0.00 43.18 -1.66
CA ALA A 56 1.29 42.65 -1.28
C ALA A 56 1.13 41.37 -0.49
N ILE A 57 2.15 40.52 -0.52
N ILE A 57 2.15 40.54 -0.53
CA ILE A 57 2.09 39.25 0.20
CA ILE A 57 2.13 39.32 0.25
C ILE A 57 3.48 38.92 0.74
C ILE A 57 3.52 39.14 0.81
N ASP A 58 3.56 38.71 2.05
CA ASP A 58 4.84 38.44 2.70
C ASP A 58 4.74 37.09 3.37
N THR A 59 5.53 36.14 2.87
CA THR A 59 5.53 34.78 3.42
C THR A 59 6.79 34.47 4.21
N SER A 60 7.64 35.47 4.40
CA SER A 60 8.90 35.26 5.11
C SER A 60 8.80 34.58 6.47
N ALA A 61 7.87 35.02 7.32
CA ALA A 61 7.79 34.42 8.63
C ALA A 61 7.26 32.98 8.57
N ALA A 62 6.37 32.70 7.63
CA ALA A 62 5.87 31.32 7.51
C ALA A 62 7.02 30.42 7.03
N GLU A 63 7.80 30.93 6.09
CA GLU A 63 8.91 30.14 5.53
C GLU A 63 10.00 29.89 6.58
N ALA A 64 10.17 30.80 7.52
CA ALA A 64 11.20 30.62 8.55
C ALA A 64 10.80 29.66 9.66
N LEU A 65 9.50 29.36 9.77
CA LEU A 65 8.98 28.48 10.82
C LEU A 65 9.51 27.05 10.68
N GLU A 66 10.01 26.50 11.77
CA GLU A 66 10.55 25.14 11.75
C GLU A 66 9.43 24.16 11.42
N GLY A 67 9.66 23.29 10.43
CA GLY A 67 8.62 22.33 10.09
C GLY A 67 7.87 22.73 8.84
N VAL A 68 8.06 23.97 8.38
CA VAL A 68 7.41 24.42 7.13
C VAL A 68 8.42 24.13 6.01
N ILE A 69 8.00 23.33 5.03
CA ILE A 69 8.88 22.93 3.96
C ILE A 69 8.74 23.74 2.68
N ALA A 70 7.54 24.24 2.41
CA ALA A 70 7.29 25.00 1.21
C ALA A 70 6.14 25.96 1.43
N VAL A 71 6.25 27.14 0.81
CA VAL A 71 5.16 28.12 0.87
C VAL A 71 5.09 28.68 -0.56
N CYS A 72 3.88 28.74 -1.11
CA CYS A 72 3.69 29.23 -2.47
C CYS A 72 2.62 30.31 -2.55
N THR A 73 2.74 31.16 -3.57
CA THR A 73 1.76 32.21 -3.85
C THR A 73 1.49 32.25 -5.36
N GLY A 74 0.58 33.15 -5.77
CA GLY A 74 0.23 33.32 -7.16
C GLY A 74 1.39 33.67 -8.08
N ALA A 75 2.47 34.18 -7.50
CA ALA A 75 3.65 34.50 -8.34
C ALA A 75 4.18 33.23 -9.00
N GLU A 76 3.90 32.07 -8.41
CA GLU A 76 4.36 30.78 -8.93
C GLU A 76 3.35 30.08 -9.80
N THR A 77 2.19 30.68 -10.01
CA THR A 77 1.14 30.05 -10.85
C THR A 77 0.66 31.07 -11.87
N PRO A 78 1.50 31.35 -12.90
CA PRO A 78 1.14 32.33 -13.94
C PRO A 78 0.21 31.88 -15.06
N VAL A 79 -0.17 30.61 -15.05
CA VAL A 79 -1.04 30.05 -16.09
C VAL A 79 -2.41 29.75 -15.49
N PRO A 80 -3.46 30.37 -16.03
CA PRO A 80 -4.81 30.14 -15.51
C PRO A 80 -5.42 28.84 -16.07
N PHE A 81 -6.50 28.39 -15.46
CA PHE A 81 -7.16 27.18 -15.96
C PHE A 81 -8.67 27.40 -16.00
N GLY A 82 -9.34 26.52 -16.75
CA GLY A 82 -10.78 26.55 -16.88
C GLY A 82 -11.10 25.26 -17.59
N VAL A 83 -12.28 24.70 -17.31
CA VAL A 83 -12.62 23.43 -17.94
C VAL A 83 -12.84 23.60 -19.46
N LEU A 84 -13.21 24.80 -19.89
CA LEU A 84 -13.41 25.08 -21.32
C LEU A 84 -12.21 25.79 -21.88
N PRO A 85 -11.67 25.32 -23.01
CA PRO A 85 -10.49 25.98 -23.59
C PRO A 85 -10.67 27.46 -23.90
N ILE A 86 -11.89 27.88 -24.18
CA ILE A 86 -12.13 29.28 -24.52
C ILE A 86 -12.31 30.19 -23.31
N ALA A 87 -12.34 29.60 -22.11
CA ALA A 87 -12.59 30.42 -20.92
C ALA A 87 -11.78 30.01 -19.70
N GLU A 88 -10.47 30.23 -19.75
CA GLU A 88 -9.64 29.84 -18.62
C GLU A 88 -9.24 31.10 -17.88
N ASN A 89 -9.95 31.44 -16.79
CA ASN A 89 -9.63 32.66 -16.11
C ASN A 89 -9.46 32.55 -14.60
N GLU A 90 -9.27 31.32 -14.14
CA GLU A 90 -9.04 31.11 -12.70
C GLU A 90 -7.57 30.73 -12.49
N TYR A 91 -6.91 31.37 -11.52
CA TYR A 91 -5.51 30.99 -11.27
C TYR A 91 -5.48 30.04 -10.05
N PRO A 92 -4.53 29.08 -10.04
CA PRO A 92 -4.42 28.14 -8.90
C PRO A 92 -4.30 28.90 -7.58
N LEU A 93 -3.45 29.93 -7.55
CA LEU A 93 -3.35 30.83 -6.39
C LEU A 93 -3.58 32.20 -7.01
N ALA A 94 -4.32 33.05 -6.30
CA ALA A 94 -4.72 34.34 -6.85
C ALA A 94 -3.63 35.27 -7.30
N ARG A 95 -3.91 35.97 -8.39
CA ARG A 95 -2.99 36.97 -8.92
C ARG A 95 -3.81 38.24 -9.09
N ASP A 96 -3.33 39.31 -8.48
CA ASP A 96 -3.92 40.64 -8.56
C ASP A 96 -5.22 40.82 -7.80
N LYS A 97 -6.15 39.88 -7.93
CA LYS A 97 -7.38 40.03 -7.14
C LYS A 97 -8.00 38.69 -6.74
N VAL A 98 -8.84 38.75 -5.68
CA VAL A 98 -9.61 37.58 -5.23
C VAL A 98 -11.05 37.97 -5.55
N ARG A 99 -11.87 36.99 -5.90
CA ARG A 99 -13.23 37.26 -6.36
C ARG A 99 -14.37 36.57 -5.60
N TYR A 100 -14.01 35.76 -4.61
CA TYR A 100 -15.03 35.21 -3.72
C TYR A 100 -14.34 34.90 -2.39
N ARG A 101 -15.11 34.84 -1.30
CA ARG A 101 -14.55 34.53 0.00
C ARG A 101 -14.27 33.02 -0.05
N GLY A 102 -12.99 32.68 0.05
CA GLY A 102 -12.54 31.30 -0.12
C GLY A 102 -11.54 31.18 -1.28
N ASP A 103 -11.41 32.21 -2.11
CA ASP A 103 -10.50 32.18 -3.28
C ASP A 103 -9.07 31.94 -2.74
N PRO A 104 -8.38 30.89 -3.23
CA PRO A 104 -7.01 30.62 -2.73
C PRO A 104 -6.02 31.74 -2.98
N VAL A 105 -5.25 32.10 -1.95
CA VAL A 105 -4.23 33.18 -2.04
C VAL A 105 -2.81 32.64 -1.86
N ALA A 106 -2.64 31.65 -0.99
CA ALA A 106 -1.33 31.06 -0.80
C ALA A 106 -1.51 29.62 -0.30
N ALA A 107 -0.43 28.88 -0.19
CA ALA A 107 -0.52 27.51 0.32
C ALA A 107 0.77 27.12 0.99
N VAL A 108 0.69 26.16 1.89
CA VAL A 108 1.87 25.71 2.62
C VAL A 108 1.92 24.18 2.72
N ALA A 109 3.12 23.64 2.85
CA ALA A 109 3.32 22.21 3.05
C ALA A 109 4.18 22.16 4.30
N ALA A 110 3.70 21.47 5.33
CA ALA A 110 4.43 21.40 6.62
C ALA A 110 4.45 19.99 7.15
N ILE A 111 5.29 19.73 8.16
CA ILE A 111 5.40 18.38 8.67
C ILE A 111 4.15 17.83 9.36
N ASP A 112 3.31 18.71 9.90
CA ASP A 112 2.08 18.26 10.52
C ASP A 112 1.04 19.36 10.49
N GLU A 113 -0.18 19.02 10.91
CA GLU A 113 -1.31 19.93 10.85
C GLU A 113 -1.17 21.17 11.70
N VAL A 114 -0.66 21.00 12.91
CA VAL A 114 -0.51 22.13 13.81
C VAL A 114 0.47 23.12 13.19
N THR A 115 1.56 22.62 12.60
CA THR A 115 2.57 23.49 12.02
C THR A 115 2.01 24.20 10.78
N ALA A 116 1.24 23.47 9.97
CA ALA A 116 0.68 24.10 8.78
C ALA A 116 -0.28 25.21 9.15
N GLU A 117 -1.06 24.98 10.21
CA GLU A 117 -2.02 25.96 10.67
C GLU A 117 -1.30 27.22 11.17
N LYS A 118 -0.22 27.03 11.93
CA LYS A 118 0.57 28.17 12.42
C LYS A 118 1.17 28.96 11.25
N ALA A 119 1.65 28.25 10.23
CA ALA A 119 2.25 28.89 9.07
C ALA A 119 1.25 29.76 8.36
N LEU A 120 0.01 29.29 8.23
CA LEU A 120 -1.01 30.10 7.54
C LEU A 120 -1.19 31.43 8.24
N ALA A 121 -1.16 31.39 9.57
CA ALA A 121 -1.35 32.59 10.36
C ALA A 121 -0.21 33.58 10.28
N LEU A 122 0.97 33.11 9.83
CA LEU A 122 2.16 33.95 9.72
C LEU A 122 2.29 34.65 8.37
N ILE A 123 1.51 34.24 7.39
CA ILE A 123 1.56 34.87 6.07
C ILE A 123 0.77 36.20 6.13
N LYS A 124 1.39 37.29 5.69
CA LYS A 124 0.72 38.58 5.73
C LYS A 124 0.27 38.95 4.34
N VAL A 125 -1.02 39.19 4.17
CA VAL A 125 -1.53 39.58 2.87
C VAL A 125 -2.18 40.96 3.03
N ASP A 126 -1.77 41.92 2.21
CA ASP A 126 -2.37 43.26 2.25
C ASP A 126 -3.42 43.31 1.14
N TYR A 127 -4.63 43.69 1.51
CA TYR A 127 -5.71 43.78 0.54
C TYR A 127 -6.34 45.17 0.43
N GLU A 128 -6.98 45.43 -0.70
CA GLU A 128 -7.83 46.61 -0.80
C GLU A 128 -9.21 45.99 -1.08
N VAL A 129 -10.10 46.07 -0.10
CA VAL A 129 -11.43 45.48 -0.22
C VAL A 129 -12.34 46.26 -1.16
N LEU A 130 -13.00 45.52 -2.05
CA LEU A 130 -13.91 46.10 -3.03
C LEU A 130 -15.35 45.68 -2.77
N PRO A 131 -16.31 46.42 -3.34
CA PRO A 131 -17.73 46.05 -3.16
C PRO A 131 -17.91 44.66 -3.77
N ALA A 132 -18.79 43.84 -3.18
CA ALA A 132 -19.03 42.47 -3.67
C ALA A 132 -20.50 42.34 -4.02
N TYR A 133 -20.77 41.58 -5.09
CA TYR A 133 -22.13 41.43 -5.62
C TYR A 133 -22.63 40.00 -5.45
N MET A 134 -23.73 39.84 -4.74
CA MET A 134 -24.35 38.53 -4.46
C MET A 134 -25.41 38.13 -5.47
N THR A 135 -26.01 39.10 -6.15
CA THR A 135 -27.06 38.77 -7.09
C THR A 135 -26.74 39.25 -8.48
N PRO A 136 -27.38 38.64 -9.49
CA PRO A 136 -27.11 39.08 -10.86
C PRO A 136 -27.49 40.56 -11.03
N LYS A 137 -28.63 40.95 -10.45
CA LYS A 137 -29.08 42.34 -10.57
C LYS A 137 -28.03 43.29 -10.01
N ALA A 138 -27.49 42.98 -8.84
CA ALA A 138 -26.46 43.83 -8.25
C ALA A 138 -25.19 43.86 -9.13
N ALA A 139 -24.79 42.71 -9.67
CA ALA A 139 -23.59 42.69 -10.51
C ALA A 139 -23.73 43.38 -11.84
N MET A 140 -24.94 43.47 -12.36
CA MET A 140 -25.13 44.08 -13.69
C MET A 140 -25.44 45.56 -13.63
N LYS A 141 -25.62 46.09 -12.43
CA LYS A 141 -25.93 47.51 -12.29
C LYS A 141 -24.82 48.38 -12.91
N ALA A 142 -25.22 49.46 -13.58
CA ALA A 142 -24.23 50.35 -14.17
C ALA A 142 -23.39 50.85 -12.99
N GLY A 143 -22.07 50.86 -13.16
CA GLY A 143 -21.24 51.32 -12.07
C GLY A 143 -20.63 50.20 -11.24
N ALA A 144 -21.17 48.99 -11.32
CA ALA A 144 -20.62 47.87 -10.55
C ALA A 144 -19.22 47.57 -11.08
N ILE A 145 -18.32 47.19 -10.18
CA ILE A 145 -16.96 46.83 -10.56
C ILE A 145 -16.96 45.50 -11.29
N ALA A 146 -16.27 45.42 -12.43
CA ALA A 146 -16.23 44.18 -13.16
C ALA A 146 -15.33 43.17 -12.46
N LEU A 147 -15.82 41.94 -12.29
CA LEU A 147 -14.98 40.91 -11.70
C LEU A 147 -13.83 40.60 -12.65
N HIS A 148 -14.15 40.51 -13.94
CA HIS A 148 -13.18 40.19 -14.99
C HIS A 148 -13.20 41.33 -15.99
N ASP A 149 -12.02 41.87 -16.27
CA ASP A 149 -11.97 43.00 -17.18
C ASP A 149 -12.47 42.76 -18.59
N ASP A 150 -12.47 41.53 -19.04
CA ASP A 150 -12.97 41.28 -20.38
C ASP A 150 -14.50 41.25 -20.48
N LYS A 151 -15.18 41.34 -19.34
CA LYS A 151 -16.66 41.36 -19.30
C LYS A 151 -17.01 42.49 -18.37
N PRO A 152 -16.91 43.73 -18.86
CA PRO A 152 -17.21 44.92 -18.07
C PRO A 152 -18.55 45.01 -17.36
N ASN A 153 -19.57 44.36 -17.92
CA ASN A 153 -20.89 44.39 -17.33
C ASN A 153 -21.19 43.15 -16.48
N ASN A 154 -20.16 42.35 -16.21
CA ASN A 154 -20.30 41.12 -15.40
C ASN A 154 -21.15 40.03 -16.00
N ILE A 155 -21.45 40.12 -17.30
CA ILE A 155 -22.21 39.07 -17.95
C ILE A 155 -21.22 38.20 -18.73
N LEU A 156 -21.01 36.97 -18.24
CA LEU A 156 -20.11 36.05 -18.91
C LEU A 156 -20.58 35.66 -20.31
N ARG A 157 -21.87 35.32 -20.42
CA ARG A 157 -22.42 34.91 -21.71
C ARG A 157 -23.93 35.16 -21.80
N GLU A 158 -24.38 35.60 -22.96
CA GLU A 158 -25.81 35.79 -23.19
C GLU A 158 -26.17 34.85 -24.31
N VAL A 159 -27.42 34.40 -24.35
CA VAL A 159 -27.87 33.53 -25.43
C VAL A 159 -29.18 34.17 -25.90
N HIS A 160 -29.34 34.33 -27.22
CA HIS A 160 -30.59 34.88 -27.76
C HIS A 160 -30.86 34.08 -29.00
N ALA A 161 -31.87 33.21 -28.95
CA ALA A 161 -32.17 32.37 -30.09
C ALA A 161 -33.66 32.29 -30.32
N GLU A 162 -34.03 31.97 -31.57
CA GLU A 162 -35.43 31.77 -31.93
C GLU A 162 -35.44 30.64 -32.92
N PHE A 163 -36.43 29.79 -32.79
CA PHE A 163 -36.59 28.63 -33.67
C PHE A 163 -38.04 28.71 -34.13
N GLY A 164 -38.24 28.81 -35.44
CA GLY A 164 -39.61 28.89 -35.92
C GLY A 164 -40.06 30.33 -35.87
N ASP A 165 -41.33 30.57 -36.19
CA ASP A 165 -41.89 31.94 -36.19
C ASP A 165 -42.62 32.11 -34.87
N VAL A 166 -41.89 32.60 -33.88
CA VAL A 166 -42.43 32.73 -32.55
C VAL A 166 -43.57 33.73 -32.41
N ALA A 167 -43.42 34.92 -32.98
CA ALA A 167 -44.47 35.93 -32.89
C ALA A 167 -45.81 35.43 -33.45
N ALA A 168 -45.78 34.83 -34.64
CA ALA A 168 -47.01 34.36 -35.29
C ALA A 168 -47.62 33.21 -34.48
N ALA A 169 -46.75 32.32 -34.01
CA ALA A 169 -47.20 31.17 -33.23
C ALA A 169 -47.98 31.63 -32.00
N PHE A 170 -47.46 32.60 -31.25
CA PHE A 170 -48.17 33.10 -30.06
C PHE A 170 -49.45 33.84 -30.47
N ALA A 171 -49.38 34.66 -31.52
CA ALA A 171 -50.57 35.42 -31.93
C ALA A 171 -51.73 34.52 -32.28
N GLU A 172 -51.41 33.32 -32.75
CA GLU A 172 -52.42 32.36 -33.14
C GLU A 172 -52.81 31.36 -32.04
N ALA A 173 -52.22 31.47 -30.84
CA ALA A 173 -52.58 30.54 -29.78
C ALA A 173 -53.94 30.88 -29.19
N ASP A 174 -54.58 29.91 -28.54
CA ASP A 174 -55.86 30.16 -27.88
C ASP A 174 -55.70 30.61 -26.42
N LEU A 175 -54.60 30.21 -25.77
CA LEU A 175 -54.36 30.58 -24.37
C LEU A 175 -52.86 30.82 -24.16
N ILE A 176 -52.51 31.95 -23.56
CA ILE A 176 -51.12 32.28 -23.28
C ILE A 176 -51.00 32.67 -21.82
N ARG A 177 -50.04 32.08 -21.12
CA ARG A 177 -49.83 32.46 -19.73
C ARG A 177 -48.32 32.53 -19.53
N GLU A 178 -47.91 33.33 -18.56
CA GLU A 178 -46.49 33.46 -18.26
C GLU A 178 -46.33 33.50 -16.75
N LYS A 179 -45.21 32.98 -16.26
CA LYS A 179 -44.97 32.96 -14.83
C LYS A 179 -43.45 32.93 -14.59
N THR A 180 -43.03 33.50 -13.47
CA THR A 180 -41.61 33.52 -13.11
C THR A 180 -41.40 32.59 -11.90
N TYR A 181 -40.39 31.73 -12.01
CA TYR A 181 -40.04 30.76 -10.97
C TYR A 181 -38.60 31.07 -10.58
N THR A 182 -38.28 30.90 -9.31
CA THR A 182 -36.88 31.09 -8.91
C THR A 182 -36.42 29.81 -8.22
N PHE A 183 -35.15 29.52 -8.40
CA PHE A 183 -34.55 28.30 -7.90
C PHE A 183 -33.27 28.59 -7.10
N ALA A 184 -33.25 28.16 -5.85
CA ALA A 184 -32.05 28.36 -5.05
C ALA A 184 -30.86 27.63 -5.67
N GLU A 185 -29.67 28.14 -5.35
CA GLU A 185 -28.43 27.47 -5.74
C GLU A 185 -28.32 26.21 -4.84
N VAL A 186 -27.85 25.08 -5.39
CA VAL A 186 -27.65 23.86 -4.58
C VAL A 186 -26.25 23.30 -4.79
N ASN A 187 -25.82 22.45 -3.85
CA ASN A 187 -24.46 21.88 -3.87
C ASN A 187 -24.51 20.35 -3.93
N HIS A 188 -23.48 19.72 -4.51
CA HIS A 188 -23.51 18.26 -4.70
C HIS A 188 -23.49 17.39 -3.46
N VAL A 189 -22.85 17.92 -2.42
CA VAL A 189 -22.58 17.21 -1.18
C VAL A 189 -22.22 15.72 -1.42
N HIS A 190 -21.20 15.46 -2.27
CA HIS A 190 -20.71 14.08 -2.38
C HIS A 190 -20.16 13.81 -0.97
N MET A 191 -20.33 12.59 -0.46
CA MET A 191 -19.96 12.35 0.94
C MET A 191 -18.47 12.31 1.23
N GLU A 192 -17.66 12.00 0.22
CA GLU A 192 -16.20 12.01 0.42
C GLU A 192 -15.70 13.46 0.35
N LEU A 193 -14.87 13.85 1.30
CA LEU A 193 -14.28 15.21 1.26
C LEU A 193 -13.22 15.31 0.14
N ASN A 194 -13.05 16.50 -0.45
CA ASN A 194 -12.07 16.64 -1.51
C ASN A 194 -10.65 16.36 -0.95
N ALA A 195 -9.80 15.80 -1.80
CA ALA A 195 -8.44 15.47 -1.36
C ALA A 195 -7.53 15.16 -2.54
N THR A 196 -6.23 15.41 -2.36
CA THR A 196 -5.26 15.07 -3.38
C THR A 196 -3.97 14.62 -2.68
N LEU A 197 -3.40 13.52 -3.15
CA LEU A 197 -2.09 13.06 -2.64
C LEU A 197 -1.16 13.28 -3.85
N ALA A 198 -0.15 14.15 -3.71
CA ALA A 198 0.76 14.48 -4.78
C ALA A 198 2.16 14.02 -4.41
N GLU A 199 2.70 13.12 -5.23
CA GLU A 199 4.03 12.61 -5.02
C GLU A 199 4.95 13.19 -6.07
N TYR A 200 5.89 14.04 -5.67
CA TYR A 200 6.82 14.59 -6.61
C TYR A 200 8.17 13.93 -6.35
N ASP A 201 8.75 13.37 -7.41
CA ASP A 201 10.04 12.69 -7.33
C ASP A 201 11.06 13.68 -7.90
N PRO A 202 11.88 14.32 -7.04
CA PRO A 202 12.84 15.28 -7.54
C PRO A 202 14.05 14.67 -8.24
N VAL A 203 14.27 13.37 -8.03
CA VAL A 203 15.41 12.73 -8.67
C VAL A 203 15.12 12.58 -10.13
N ARG A 204 13.87 12.27 -10.46
CA ARG A 204 13.48 12.09 -11.84
C ARG A 204 12.66 13.24 -12.43
N ASP A 205 12.23 14.18 -11.59
CA ASP A 205 11.35 15.31 -11.98
C ASP A 205 10.06 14.71 -12.56
N MET A 206 9.39 13.93 -11.71
N MET A 206 9.38 13.93 -11.72
CA MET A 206 8.14 13.27 -12.08
CA MET A 206 8.13 13.28 -12.11
C MET A 206 7.13 13.56 -10.99
C MET A 206 7.10 13.36 -10.99
N LEU A 207 5.86 13.60 -11.39
CA LEU A 207 4.78 13.83 -10.46
C LEU A 207 3.69 12.80 -10.63
N THR A 208 3.23 12.23 -9.51
CA THR A 208 2.17 11.24 -9.52
C THR A 208 1.07 11.75 -8.61
N LEU A 209 -0.15 11.81 -9.12
CA LEU A 209 -1.27 12.30 -8.31
C LEU A 209 -2.34 11.26 -8.14
N ASN A 210 -2.84 11.12 -6.90
CA ASN A 210 -4.06 10.33 -6.65
C ASN A 210 -5.03 11.44 -6.23
N THR A 211 -6.19 11.56 -6.86
CA THR A 211 -7.06 12.70 -6.53
C THR A 211 -8.53 12.35 -6.70
N THR A 212 -9.37 13.12 -6.03
CA THR A 212 -10.82 12.92 -6.03
C THR A 212 -11.45 13.60 -7.24
N THR A 213 -11.32 12.94 -8.39
CA THR A 213 -11.80 13.51 -9.64
C THR A 213 -12.62 12.53 -10.46
N GLN A 214 -13.59 13.08 -11.20
CA GLN A 214 -14.37 12.29 -12.16
C GLN A 214 -13.71 12.43 -13.55
N VAL A 215 -12.70 13.30 -13.64
CA VAL A 215 -12.06 13.61 -14.93
C VAL A 215 -10.55 13.60 -14.88
N PRO A 216 -9.95 12.42 -14.64
CA PRO A 216 -8.48 12.34 -14.59
C PRO A 216 -7.75 12.89 -15.82
N TYR A 217 -8.34 12.77 -17.01
CA TYR A 217 -7.73 13.34 -18.22
C TYR A 217 -7.67 14.89 -18.08
N TYR A 218 -8.78 15.53 -17.70
CA TYR A 218 -8.76 17.00 -17.52
C TYR A 218 -7.75 17.39 -16.44
N VAL A 219 -7.66 16.60 -15.37
CA VAL A 219 -6.68 16.95 -14.32
C VAL A 219 -5.26 16.88 -14.91
N HIS A 220 -5.00 15.84 -15.69
CA HIS A 220 -3.69 15.66 -16.28
C HIS A 220 -3.35 16.89 -17.15
N LEU A 221 -4.32 17.31 -17.96
CA LEU A 221 -4.07 18.49 -18.81
C LEU A 221 -3.82 19.78 -18.02
N LYS A 222 -4.60 20.01 -16.98
CA LYS A 222 -4.44 21.29 -16.28
C LYS A 222 -3.24 21.31 -15.36
N VAL A 223 -2.90 20.16 -14.76
CA VAL A 223 -1.71 20.13 -13.93
C VAL A 223 -0.51 20.38 -14.85
N ALA A 224 -0.45 19.71 -16.00
CA ALA A 224 0.68 19.97 -16.92
C ALA A 224 0.72 21.45 -17.33
N ALA A 225 -0.40 22.03 -17.73
CA ALA A 225 -0.37 23.43 -18.15
C ALA A 225 -0.02 24.39 -17.03
N CYS A 226 -0.69 24.24 -15.90
CA CYS A 226 -0.47 25.14 -14.76
C CYS A 226 0.89 25.07 -14.09
N LEU A 227 1.48 23.88 -14.04
CA LEU A 227 2.81 23.76 -13.46
C LEU A 227 3.86 23.95 -14.55
N GLN A 228 3.41 24.12 -15.81
CA GLN A 228 4.32 24.27 -16.98
C GLN A 228 5.30 23.09 -16.93
N MET A 229 4.71 21.89 -16.87
CA MET A 229 5.45 20.67 -16.78
C MET A 229 4.98 19.77 -17.92
N ASP A 230 5.92 19.11 -18.56
CA ASP A 230 5.59 18.19 -19.66
C ASP A 230 4.57 17.14 -19.17
N SER A 231 3.54 16.89 -19.98
CA SER A 231 2.52 15.88 -19.61
C SER A 231 3.13 14.48 -19.43
N ALA A 232 4.24 14.21 -20.09
CA ALA A 232 4.91 12.90 -20.00
C ALA A 232 5.57 12.68 -18.64
N ARG A 233 5.66 13.74 -17.84
CA ARG A 233 6.28 13.66 -16.51
C ARG A 233 5.20 13.55 -15.41
N ILE A 234 3.96 13.40 -15.82
CA ILE A 234 2.86 13.38 -14.87
C ILE A 234 2.02 12.10 -15.01
N ARG A 235 1.67 11.52 -13.86
CA ARG A 235 0.81 10.33 -13.86
C ARG A 235 -0.39 10.66 -12.98
N VAL A 236 -1.61 10.42 -13.47
CA VAL A 236 -2.81 10.72 -12.68
C VAL A 236 -3.59 9.42 -12.48
N ILE A 237 -3.91 9.16 -11.21
CA ILE A 237 -4.66 7.97 -10.86
C ILE A 237 -5.89 8.37 -10.07
N LYS A 238 -7.05 7.78 -10.39
CA LYS A 238 -8.26 8.03 -9.60
C LYS A 238 -8.45 6.73 -8.83
N PRO A 239 -8.34 6.77 -7.49
CA PRO A 239 -8.53 5.56 -6.67
C PRO A 239 -10.06 5.42 -6.53
N PHE A 240 -10.57 4.69 -5.53
CA PHE A 240 -12.02 4.67 -5.36
C PHE A 240 -12.42 6.10 -5.10
N LEU A 241 -13.60 6.49 -5.60
CA LEU A 241 -14.11 7.85 -5.49
C LEU A 241 -15.48 7.83 -4.83
N GLY A 242 -15.67 8.65 -3.79
CA GLY A 242 -16.94 8.70 -3.08
C GLY A 242 -17.96 9.62 -3.72
N GLY A 243 -18.26 9.36 -5.00
CA GLY A 243 -19.24 10.16 -5.70
C GLY A 243 -18.70 11.50 -6.19
N GLY A 244 -19.58 12.25 -6.84
CA GLY A 244 -19.17 13.53 -7.39
C GLY A 244 -20.37 14.30 -7.90
N PHE A 245 -21.18 13.63 -8.71
CA PHE A 245 -22.42 14.23 -9.22
C PHE A 245 -22.21 15.52 -10.00
N GLY A 246 -21.02 15.66 -10.58
CA GLY A 246 -20.70 16.84 -11.38
C GLY A 246 -19.66 17.74 -10.71
N ALA A 247 -19.54 17.69 -9.39
CA ALA A 247 -18.59 18.58 -8.68
C ALA A 247 -17.16 18.39 -9.14
N ARG A 248 -16.85 17.16 -9.51
CA ARG A 248 -15.49 16.82 -9.84
C ARG A 248 -15.27 16.56 -11.33
N THR A 249 -16.05 17.29 -12.17
CA THR A 249 -15.94 17.16 -13.63
C THR A 249 -15.10 18.27 -14.24
N GLU A 250 -14.36 18.99 -13.38
CA GLU A 250 -13.39 19.98 -13.87
C GLU A 250 -12.20 19.79 -12.95
N ALA A 251 -11.00 20.06 -13.46
CA ALA A 251 -9.82 20.00 -12.60
C ALA A 251 -10.06 21.14 -11.59
N LEU A 252 -9.81 20.85 -10.31
CA LEU A 252 -10.08 21.83 -9.26
C LEU A 252 -8.79 22.41 -8.69
N HIS A 253 -8.88 23.62 -8.16
CA HIS A 253 -7.69 24.26 -7.64
C HIS A 253 -6.84 23.47 -6.64
N PHE A 254 -7.47 22.75 -5.70
CA PHE A 254 -6.66 22.04 -4.71
C PHE A 254 -5.78 20.94 -5.30
N GLU A 255 -6.21 20.34 -6.41
CA GLU A 255 -5.41 19.29 -7.05
C GLU A 255 -4.13 19.93 -7.66
N ILE A 256 -4.29 21.07 -8.30
CA ILE A 256 -3.14 21.75 -8.90
C ILE A 256 -2.21 22.26 -7.81
N ILE A 257 -2.79 22.82 -6.76
CA ILE A 257 -1.98 23.35 -5.65
C ILE A 257 -1.20 22.23 -4.96
N ALA A 258 -1.83 21.07 -4.81
CA ALA A 258 -1.08 19.95 -4.19
C ALA A 258 0.16 19.63 -5.02
N GLY A 259 0.03 19.60 -6.34
CA GLY A 259 1.17 19.32 -7.20
C GLY A 259 2.21 20.42 -7.10
N LEU A 260 1.74 21.67 -7.07
CA LEU A 260 2.64 22.81 -6.97
C LEU A 260 3.45 22.70 -5.65
N LEU A 261 2.76 22.39 -4.56
CA LEU A 261 3.43 22.27 -3.25
C LEU A 261 4.40 21.10 -3.21
N ALA A 262 4.00 19.96 -3.79
CA ALA A 262 4.89 18.80 -3.77
C ALA A 262 6.16 19.09 -4.57
N ARG A 263 6.05 19.79 -5.69
CA ARG A 263 7.24 20.10 -6.45
C ARG A 263 8.13 21.10 -5.66
N LYS A 264 7.50 22.11 -5.05
CA LYS A 264 8.27 23.12 -4.29
C LYS A 264 8.99 22.46 -3.11
N ALA A 265 8.30 21.52 -2.45
CA ALA A 265 8.88 20.83 -1.30
C ALA A 265 9.81 19.68 -1.70
N LYS A 266 9.86 19.38 -3.00
CA LYS A 266 10.65 18.26 -3.55
C LYS A 266 10.28 16.97 -2.82
N GLY A 267 8.97 16.77 -2.61
CA GLY A 267 8.54 15.58 -1.88
C GLY A 267 7.08 15.25 -2.12
N THR A 268 6.45 14.68 -1.11
CA THR A 268 5.06 14.27 -1.18
C THR A 268 4.19 15.14 -0.28
N VAL A 269 3.05 15.56 -0.83
CA VAL A 269 2.13 16.39 -0.08
C VAL A 269 0.74 15.82 -0.12
N ARG A 270 0.11 15.71 1.05
CA ARG A 270 -1.27 15.23 1.11
C ARG A 270 -2.08 16.46 1.44
N LEU A 271 -2.96 16.84 0.53
CA LEU A 271 -3.77 18.04 0.76
C LEU A 271 -5.23 17.62 0.98
N LEU A 272 -5.65 17.59 2.23
CA LEU A 272 -7.02 17.22 2.52
C LEU A 272 -7.85 18.51 2.62
N GLN A 273 -9.15 18.43 2.35
CA GLN A 273 -10.04 19.59 2.41
C GLN A 273 -11.13 19.31 3.45
N THR A 274 -11.54 20.35 4.18
CA THR A 274 -12.64 20.15 5.14
C THR A 274 -13.97 20.14 4.39
N ARG A 275 -15.05 19.84 5.10
CA ARG A 275 -16.38 19.89 4.45
C ARG A 275 -16.66 21.34 4.07
N GLU A 276 -16.26 22.30 4.92
CA GLU A 276 -16.48 23.71 4.56
C GLU A 276 -15.76 24.00 3.24
N GLU A 277 -14.50 23.54 3.12
CA GLU A 277 -13.74 23.79 1.90
C GLU A 277 -14.34 23.08 0.68
N THR A 278 -15.00 21.94 0.92
CA THR A 278 -15.64 21.22 -0.18
C THR A 278 -16.85 22.07 -0.65
N PHE A 279 -17.60 22.69 0.28
CA PHE A 279 -18.68 23.60 -0.11
C PHE A 279 -18.11 24.81 -0.86
N ILE A 280 -16.91 25.24 -0.49
CA ILE A 280 -16.25 26.38 -1.17
C ILE A 280 -15.85 26.01 -2.59
N ALA A 281 -15.38 24.78 -2.81
CA ALA A 281 -15.04 24.34 -4.16
C ALA A 281 -16.32 24.51 -4.99
N HIS A 282 -17.42 24.04 -4.44
CA HIS A 282 -18.74 24.21 -5.05
C HIS A 282 -18.87 23.66 -6.46
N ARG A 283 -19.04 24.53 -7.47
CA ARG A 283 -19.26 24.11 -8.87
C ARG A 283 -20.64 23.48 -8.98
N GLY A 284 -21.56 23.94 -8.11
CA GLY A 284 -22.93 23.41 -8.08
C GLY A 284 -23.92 24.10 -9.02
N ARG A 285 -25.20 23.82 -8.81
CA ARG A 285 -26.26 24.37 -9.69
C ARG A 285 -26.52 25.81 -9.31
N PRO A 286 -26.46 26.72 -10.30
CA PRO A 286 -26.66 28.14 -9.94
C PRO A 286 -28.05 28.55 -9.57
N TRP A 287 -28.12 29.59 -8.74
CA TRP A 287 -29.40 30.23 -8.44
C TRP A 287 -29.87 30.67 -9.83
N THR A 288 -31.15 30.42 -10.13
CA THR A 288 -31.69 30.73 -11.45
C THR A 288 -33.08 31.33 -11.35
N GLU A 289 -33.31 32.37 -12.14
CA GLU A 289 -34.64 32.96 -12.22
C GLU A 289 -35.11 32.58 -13.64
N VAL A 290 -36.28 31.97 -13.75
CA VAL A 290 -36.83 31.57 -15.04
C VAL A 290 -38.20 32.18 -15.33
N LYS A 291 -38.27 32.95 -16.42
CA LYS A 291 -39.57 33.47 -16.83
C LYS A 291 -40.02 32.53 -17.92
N MET A 292 -41.19 31.92 -17.73
CA MET A 292 -41.70 30.92 -18.64
C MET A 292 -43.02 31.41 -19.26
N LYS A 293 -43.10 31.34 -20.59
CA LYS A 293 -44.32 31.76 -21.30
C LYS A 293 -44.71 30.69 -22.32
N ILE A 294 -45.91 30.14 -22.18
CA ILE A 294 -46.33 29.10 -23.10
C ILE A 294 -47.67 29.47 -23.72
N GLY A 295 -47.82 29.10 -24.98
CA GLY A 295 -49.10 29.33 -25.66
C GLY A 295 -49.62 27.97 -26.05
N LEU A 296 -50.92 27.74 -25.81
CA LEU A 296 -51.53 26.46 -26.17
C LEU A 296 -52.76 26.69 -27.04
N LYS A 297 -53.11 25.66 -27.80
CA LYS A 297 -54.36 25.65 -28.57
C LYS A 297 -55.38 25.14 -27.54
N LYS A 298 -56.68 25.40 -27.76
CA LYS A 298 -57.69 24.99 -26.78
C LYS A 298 -57.78 23.47 -26.52
N ASP A 299 -57.31 22.65 -27.45
CA ASP A 299 -57.31 21.20 -27.24
C ASP A 299 -56.05 20.72 -26.51
N GLY A 300 -55.22 21.67 -26.09
CA GLY A 300 -54.01 21.31 -25.34
C GLY A 300 -52.72 21.26 -26.10
N LYS A 301 -52.78 21.33 -27.43
CA LYS A 301 -51.56 21.27 -28.23
C LYS A 301 -50.72 22.51 -27.96
N ILE A 302 -49.41 22.32 -27.84
CA ILE A 302 -48.55 23.47 -27.60
C ILE A 302 -48.42 24.29 -28.91
N ALA A 303 -48.59 25.61 -28.79
CA ALA A 303 -48.47 26.49 -29.94
C ALA A 303 -47.10 27.18 -29.97
N ALA A 304 -46.57 27.52 -28.81
CA ALA A 304 -45.31 28.23 -28.75
C ALA A 304 -44.72 28.27 -27.34
N LEU A 305 -43.43 28.57 -27.27
CA LEU A 305 -42.71 28.70 -26.00
C LEU A 305 -41.73 29.86 -26.05
N ALA A 306 -41.67 30.65 -24.98
CA ALA A 306 -40.65 31.68 -24.86
C ALA A 306 -40.16 31.62 -23.41
N LEU A 307 -38.84 31.55 -23.20
CA LEU A 307 -38.37 31.52 -21.82
C LEU A 307 -37.15 32.40 -21.68
N GLU A 308 -36.94 32.89 -20.47
CA GLU A 308 -35.77 33.71 -20.14
C GLU A 308 -35.15 33.06 -18.92
N ALA A 309 -33.83 32.89 -18.90
CA ALA A 309 -33.20 32.28 -17.71
C ALA A 309 -32.00 33.13 -17.34
N THR A 310 -31.92 33.51 -16.07
CA THR A 310 -30.80 34.31 -15.58
C THR A 310 -30.12 33.48 -14.48
N GLN A 311 -28.82 33.24 -14.61
CA GLN A 311 -28.12 32.42 -13.61
C GLN A 311 -27.04 33.22 -12.90
N ALA A 312 -26.93 33.07 -11.58
CA ALA A 312 -25.86 33.70 -10.79
C ALA A 312 -24.75 32.66 -10.84
N GLY A 313 -23.71 32.95 -11.62
CA GLY A 313 -22.71 31.93 -11.82
C GLY A 313 -21.50 31.87 -10.92
N GLY A 314 -21.40 32.76 -9.95
CA GLY A 314 -20.19 32.68 -9.16
C GLY A 314 -19.06 33.46 -9.82
N ALA A 315 -17.87 33.32 -9.26
CA ALA A 315 -16.75 34.18 -9.61
C ALA A 315 -15.81 33.95 -10.77
N TYR A 316 -15.82 32.75 -11.33
CA TYR A 316 -14.94 32.38 -12.45
C TYR A 316 -15.77 31.69 -13.52
N ALA A 317 -15.25 31.61 -14.74
CA ALA A 317 -16.03 31.11 -15.86
C ALA A 317 -16.45 29.65 -15.77
N GLY A 318 -15.48 28.78 -15.55
CA GLY A 318 -15.77 27.36 -15.46
C GLY A 318 -16.67 26.84 -16.57
N TYR A 319 -17.68 26.07 -16.17
CA TYR A 319 -18.65 25.49 -17.09
C TYR A 319 -19.75 26.46 -17.53
N GLY A 320 -19.76 27.66 -16.98
CA GLY A 320 -20.84 28.62 -17.24
C GLY A 320 -21.38 28.80 -18.64
N ILE A 321 -20.49 28.87 -19.63
CA ILE A 321 -20.95 29.03 -21.02
C ILE A 321 -21.80 27.83 -21.43
N ILE A 322 -21.38 26.63 -21.02
CA ILE A 322 -22.12 25.43 -21.32
C ILE A 322 -23.43 25.41 -20.54
N THR A 323 -23.37 25.76 -19.26
CA THR A 323 -24.54 25.71 -18.42
C THR A 323 -25.67 26.61 -18.96
N ILE A 324 -25.31 27.80 -19.41
CA ILE A 324 -26.36 28.72 -19.89
C ILE A 324 -26.92 28.23 -21.22
N LEU A 325 -26.12 27.57 -22.06
CA LEU A 325 -26.65 27.02 -23.32
C LEU A 325 -27.64 25.89 -22.99
N TYR A 326 -27.33 25.07 -21.98
CA TYR A 326 -28.25 24.01 -21.60
C TYR A 326 -29.59 24.48 -21.11
N THR A 327 -29.72 25.73 -20.63
CA THR A 327 -31.02 26.16 -20.13
C THR A 327 -32.06 26.12 -21.25
N GLY A 328 -31.59 26.19 -22.49
CA GLY A 328 -32.55 26.15 -23.59
C GLY A 328 -32.43 24.97 -24.54
N ALA A 329 -31.27 24.31 -24.57
CA ALA A 329 -31.06 23.24 -25.51
C ALA A 329 -32.02 22.06 -25.30
N LEU A 330 -32.37 21.81 -24.04
CA LEU A 330 -33.26 20.70 -23.77
C LEU A 330 -34.71 21.13 -23.57
N MET A 331 -35.05 22.27 -24.18
CA MET A 331 -36.45 22.65 -24.23
C MET A 331 -36.93 21.86 -25.45
N HIS A 332 -35.99 21.33 -26.22
CA HIS A 332 -36.25 20.53 -27.41
C HIS A 332 -36.09 19.03 -27.15
N GLY A 333 -36.72 18.21 -27.99
CA GLY A 333 -36.57 16.77 -27.89
C GLY A 333 -37.45 15.97 -26.97
N LEU A 334 -38.38 16.65 -26.29
CA LEU A 334 -39.29 15.98 -25.37
C LEU A 334 -40.71 16.09 -25.92
N TYR A 335 -41.16 17.32 -26.16
CA TYR A 335 -42.49 17.58 -26.73
C TYR A 335 -42.29 18.18 -28.10
N HIS A 336 -43.29 18.05 -28.96
CA HIS A 336 -43.21 18.70 -30.26
C HIS A 336 -43.66 20.16 -29.95
N ILE A 337 -42.82 21.16 -30.24
CA ILE A 337 -43.15 22.55 -29.96
C ILE A 337 -42.91 23.28 -31.28
N PRO A 338 -43.95 23.94 -31.82
CA PRO A 338 -43.74 24.61 -33.11
C PRO A 338 -42.75 25.77 -33.21
N ALA A 339 -42.63 26.54 -32.14
CA ALA A 339 -41.75 27.71 -32.13
C ALA A 339 -41.24 27.92 -30.73
N ILE A 340 -39.95 28.26 -30.63
CA ILE A 340 -39.33 28.47 -29.32
C ILE A 340 -38.42 29.69 -29.34
N LYS A 341 -38.58 30.57 -28.35
CA LYS A 341 -37.71 31.73 -28.18
C LYS A 341 -36.96 31.50 -26.85
N HIS A 342 -35.64 31.64 -26.86
CA HIS A 342 -34.81 31.44 -25.66
C HIS A 342 -33.85 32.61 -25.50
N ASP A 343 -33.91 33.24 -24.33
CA ASP A 343 -32.99 34.33 -23.98
C ASP A 343 -32.43 33.98 -22.61
N ALA A 344 -31.12 34.15 -22.42
CA ALA A 344 -30.54 33.78 -21.11
C ALA A 344 -29.29 34.58 -20.86
N TRP A 345 -28.97 34.75 -19.58
CA TRP A 345 -27.83 35.54 -19.15
C TRP A 345 -27.11 34.80 -18.02
N ARG A 346 -25.81 34.55 -18.20
CA ARG A 346 -24.96 33.89 -17.17
C ARG A 346 -24.14 35.06 -16.59
N VAL A 347 -24.38 35.37 -15.33
CA VAL A 347 -23.80 36.54 -14.66
C VAL A 347 -22.81 36.23 -13.56
N TYR A 348 -21.67 36.91 -13.59
CA TYR A 348 -20.68 36.73 -12.53
C TYR A 348 -21.17 37.33 -11.21
N THR A 349 -20.88 36.65 -10.11
CA THR A 349 -21.20 37.14 -8.77
C THR A 349 -20.00 36.77 -7.86
N ASN A 350 -19.84 37.49 -6.75
CA ASN A 350 -18.69 37.25 -5.86
C ASN A 350 -18.94 36.12 -4.87
N THR A 351 -19.18 34.94 -5.41
CA THR A 351 -19.47 33.72 -4.63
C THR A 351 -18.76 32.55 -5.33
N PRO A 352 -18.63 31.40 -4.64
CA PRO A 352 -17.94 30.26 -5.26
C PRO A 352 -18.47 29.95 -6.65
N PRO A 353 -17.57 29.68 -7.61
CA PRO A 353 -18.02 29.39 -8.96
C PRO A 353 -19.03 28.25 -9.04
N CYS A 354 -20.09 28.43 -9.83
CA CYS A 354 -21.05 27.35 -10.04
C CYS A 354 -20.51 26.46 -11.16
N GLY A 355 -21.13 25.31 -11.38
CA GLY A 355 -20.64 24.43 -12.41
C GLY A 355 -21.69 23.41 -12.79
N ALA A 356 -21.23 22.20 -13.05
CA ALA A 356 -22.10 21.11 -13.45
C ALA A 356 -22.60 20.32 -12.25
N MET A 357 -23.91 20.10 -12.17
CA MET A 357 -24.49 19.27 -11.11
C MET A 357 -25.56 18.46 -11.82
N ARG A 358 -25.61 17.17 -11.51
CA ARG A 358 -26.53 16.17 -12.09
C ARG A 358 -27.75 16.81 -12.81
N GLY A 359 -27.79 16.67 -14.15
CA GLY A 359 -28.85 17.27 -14.97
C GLY A 359 -28.42 18.63 -15.51
N HIS A 360 -27.11 18.90 -15.39
CA HIS A 360 -26.45 20.15 -15.83
C HIS A 360 -27.20 21.18 -16.70
N GLY A 361 -27.63 22.27 -16.06
CA GLY A 361 -28.26 23.39 -16.76
C GLY A 361 -29.67 23.20 -17.27
N THR A 362 -30.18 21.99 -17.17
CA THR A 362 -31.52 21.73 -17.72
C THR A 362 -32.61 21.55 -16.67
N VAL A 363 -32.21 21.45 -15.42
CA VAL A 363 -33.17 21.16 -14.37
C VAL A 363 -34.17 22.26 -14.08
N ASP A 364 -33.68 23.48 -13.93
CA ASP A 364 -34.57 24.54 -13.53
C ASP A 364 -35.54 24.97 -14.62
N THR A 365 -35.08 25.06 -15.86
CA THR A 365 -36.03 25.46 -16.91
C THR A 365 -37.01 24.31 -17.18
N ARG A 366 -36.56 23.05 -17.04
CA ARG A 366 -37.50 21.94 -17.22
C ARG A 366 -38.59 22.02 -16.14
N ALA A 367 -38.21 22.29 -14.89
CA ALA A 367 -39.17 22.38 -13.79
C ALA A 367 -40.20 23.48 -14.08
N ALA A 368 -39.72 24.62 -14.54
CA ALA A 368 -40.62 25.74 -14.82
C ALA A 368 -41.58 25.41 -15.97
N PHE A 369 -41.06 24.81 -17.05
CA PHE A 369 -41.91 24.44 -18.20
C PHE A 369 -43.02 23.48 -17.77
N GLU A 370 -42.63 22.44 -17.03
CA GLU A 370 -43.59 21.43 -16.59
C GLU A 370 -44.65 22.01 -15.68
N ALA A 371 -44.25 22.87 -14.77
CA ALA A 371 -45.22 23.46 -13.85
C ALA A 371 -46.21 24.33 -14.61
N LEU A 372 -45.73 25.19 -15.50
CA LEU A 372 -46.68 26.03 -16.23
C LEU A 372 -47.58 25.24 -17.15
N LEU A 373 -47.03 24.22 -17.82
CA LEU A 373 -47.84 23.39 -18.73
C LEU A 373 -49.03 22.80 -17.97
N THR A 374 -48.75 22.29 -16.79
CA THR A 374 -49.78 21.71 -15.95
C THR A 374 -50.80 22.75 -15.52
N GLU A 375 -50.32 23.91 -15.08
CA GLU A 375 -51.23 24.97 -14.63
C GLU A 375 -52.14 25.39 -15.78
N MET A 376 -51.58 25.51 -16.99
CA MET A 376 -52.42 25.89 -18.15
C MET A 376 -53.39 24.79 -18.52
N GLY A 377 -52.96 23.53 -18.39
CA GLY A 377 -53.84 22.40 -18.70
C GLY A 377 -55.05 22.49 -17.79
N GLU A 378 -54.82 22.80 -16.51
CA GLU A 378 -55.93 22.93 -15.57
C GLU A 378 -56.91 23.99 -16.07
N GLU A 379 -56.40 25.11 -16.56
CA GLU A 379 -57.29 26.17 -17.04
C GLU A 379 -58.12 25.67 -18.23
N LEU A 380 -57.55 24.79 -19.03
CA LEU A 380 -58.27 24.25 -20.19
C LEU A 380 -59.13 23.04 -19.84
N GLY A 381 -59.07 22.61 -18.59
CA GLY A 381 -59.81 21.43 -18.17
C GLY A 381 -59.20 20.14 -18.70
N ILE A 382 -57.89 20.13 -18.91
CA ILE A 382 -57.20 18.96 -19.43
C ILE A 382 -56.28 18.41 -18.32
N ASP A 383 -56.42 17.11 -18.06
CA ASP A 383 -55.65 16.38 -17.05
C ASP A 383 -54.13 16.56 -17.30
N SER A 384 -53.34 16.68 -16.24
CA SER A 384 -51.89 16.89 -16.40
C SER A 384 -51.14 15.73 -17.08
N LEU A 385 -51.64 14.50 -16.95
CA LEU A 385 -50.94 13.43 -17.63
C LEU A 385 -51.32 13.45 -19.12
N LYS A 386 -52.60 13.72 -19.37
CA LYS A 386 -53.11 13.75 -20.73
C LYS A 386 -52.47 14.85 -21.57
N ILE A 387 -52.28 16.03 -20.98
CA ILE A 387 -51.71 17.11 -21.76
C ILE A 387 -50.28 16.76 -22.21
N ARG A 388 -49.62 15.87 -21.48
CA ARG A 388 -48.29 15.50 -21.93
C ARG A 388 -48.41 14.49 -23.08
N GLN A 389 -49.34 13.54 -22.97
CA GLN A 389 -49.49 12.56 -24.04
C GLN A 389 -49.85 13.27 -25.35
N ILE A 390 -50.69 14.27 -25.25
CA ILE A 390 -51.13 15.04 -26.42
C ILE A 390 -49.96 15.70 -27.14
N ASN A 391 -48.94 16.06 -26.36
CA ASN A 391 -47.79 16.77 -26.93
C ASN A 391 -46.49 16.01 -27.24
N MET A 392 -46.56 14.69 -27.25
CA MET A 392 -45.38 13.86 -27.55
C MET A 392 -44.91 14.00 -28.98
N LEU A 393 -43.65 13.68 -29.23
CA LEU A 393 -43.09 13.75 -30.58
C LEU A 393 -44.00 12.89 -31.49
N PRO A 394 -44.42 13.42 -32.64
CA PRO A 394 -45.31 12.69 -33.55
C PRO A 394 -44.79 11.49 -34.30
N GLN A 395 -43.49 11.43 -34.55
CA GLN A 395 -42.90 10.31 -35.26
C GLN A 395 -41.45 10.24 -34.87
N ILE A 396 -40.86 9.05 -35.02
CA ILE A 396 -39.45 8.78 -34.68
C ILE A 396 -38.88 8.05 -35.88
N PRO A 397 -37.69 8.43 -36.37
CA PRO A 397 -36.79 9.50 -35.88
C PRO A 397 -37.44 10.86 -35.96
N TYR A 398 -36.99 11.76 -35.09
CA TYR A 398 -37.47 13.12 -35.01
C TYR A 398 -36.25 14.04 -34.97
N VAL A 399 -36.16 15.01 -35.87
CA VAL A 399 -35.04 15.93 -35.81
C VAL A 399 -35.57 17.22 -35.23
N THR A 400 -35.01 17.66 -34.10
CA THR A 400 -35.51 18.87 -33.45
C THR A 400 -35.06 20.14 -34.18
N MET A 401 -35.66 21.27 -33.81
CA MET A 401 -35.31 22.54 -34.44
C MET A 401 -33.90 22.93 -34.02
N TYR A 402 -33.44 22.33 -32.93
CA TYR A 402 -32.09 22.58 -32.40
C TYR A 402 -31.03 21.68 -33.09
N ALA A 403 -31.50 20.79 -33.96
CA ALA A 403 -30.68 19.84 -34.74
C ALA A 403 -30.28 18.55 -34.02
N GLN A 404 -30.98 18.22 -32.93
CA GLN A 404 -30.73 16.97 -32.21
C GLN A 404 -31.49 15.87 -32.98
N ARG A 405 -30.95 14.66 -33.02
CA ARG A 405 -31.61 13.57 -33.76
C ARG A 405 -32.11 12.51 -32.78
N VAL A 406 -33.42 12.44 -32.55
CA VAL A 406 -33.98 11.46 -31.61
C VAL A 406 -34.28 10.17 -32.37
N MET A 407 -33.56 9.09 -32.05
CA MET A 407 -33.73 7.82 -32.76
C MET A 407 -34.50 6.78 -31.97
N SER A 408 -34.80 7.05 -30.70
CA SER A 408 -35.54 6.12 -29.84
C SER A 408 -36.24 7.02 -28.84
N TYR A 409 -37.47 6.66 -28.49
CA TYR A 409 -38.29 7.52 -27.65
C TYR A 409 -39.33 6.69 -26.88
N GLY A 410 -39.09 6.47 -25.59
CA GLY A 410 -40.00 5.66 -24.80
C GLY A 410 -41.05 6.38 -23.97
N VAL A 411 -41.21 7.69 -24.20
CA VAL A 411 -42.15 8.47 -23.41
C VAL A 411 -43.58 7.91 -23.38
N PRO A 412 -44.10 7.45 -24.55
CA PRO A 412 -45.47 6.95 -24.46
C PRO A 412 -45.63 5.83 -23.43
N GLU A 413 -44.68 4.90 -23.44
CA GLU A 413 -44.72 3.78 -22.50
C GLU A 413 -44.43 4.25 -21.08
N CYS A 414 -43.51 5.20 -20.95
CA CYS A 414 -43.25 5.74 -19.61
C CYS A 414 -44.51 6.31 -18.97
N LEU A 415 -45.27 7.10 -19.73
CA LEU A 415 -46.48 7.72 -19.21
C LEU A 415 -47.55 6.67 -18.86
N GLU A 416 -47.70 5.69 -19.74
CA GLU A 416 -48.70 4.64 -19.52
C GLU A 416 -48.34 3.83 -18.28
N LYS A 417 -47.07 3.53 -18.11
CA LYS A 417 -46.65 2.74 -16.99
C LYS A 417 -46.80 3.46 -15.66
N VAL A 418 -46.42 4.75 -15.57
CA VAL A 418 -46.61 5.39 -14.28
C VAL A 418 -48.08 5.71 -14.03
N LYS A 419 -48.85 5.88 -15.11
CA LYS A 419 -50.26 6.14 -14.93
C LYS A 419 -50.89 4.92 -14.21
N ALA A 420 -50.54 3.73 -14.67
CA ALA A 420 -51.10 2.53 -14.07
C ALA A 420 -50.55 2.27 -12.68
N ALA A 421 -49.24 2.37 -12.52
CA ALA A 421 -48.61 2.05 -11.25
C ALA A 421 -49.04 2.91 -10.08
N SER A 422 -49.28 4.19 -10.36
CA SER A 422 -49.69 5.14 -9.34
C SER A 422 -51.21 5.16 -9.09
N GLY A 423 -51.97 4.47 -9.94
CA GLY A 423 -53.42 4.48 -9.80
C GLY A 423 -53.96 5.88 -10.08
N TRP A 424 -53.28 6.57 -10.99
CA TRP A 424 -53.62 7.93 -11.37
C TRP A 424 -55.07 8.15 -11.72
N GLU A 425 -55.60 7.37 -12.67
CA GLU A 425 -56.99 7.56 -13.10
C GLU A 425 -57.99 7.46 -11.96
N GLU A 426 -57.78 6.51 -11.06
CA GLU A 426 -58.69 6.34 -9.93
C GLU A 426 -58.46 7.28 -8.77
N ARG A 427 -57.25 7.82 -8.65
CA ARG A 427 -56.93 8.65 -7.50
C ARG A 427 -56.68 10.13 -7.69
N LYS A 428 -56.21 10.52 -8.87
CA LYS A 428 -55.93 11.93 -9.10
C LYS A 428 -57.20 12.75 -8.91
N GLY A 429 -57.12 13.74 -8.03
CA GLY A 429 -58.24 14.62 -7.75
C GLY A 429 -59.24 14.02 -6.79
N LYS A 430 -58.94 12.82 -6.28
CA LYS A 430 -59.86 12.13 -5.38
C LYS A 430 -59.16 11.65 -4.12
N LEU A 431 -58.20 12.44 -3.63
CA LEU A 431 -57.46 12.07 -2.42
C LEU A 431 -57.95 12.82 -1.19
N PRO A 432 -57.63 12.30 0.01
CA PRO A 432 -58.08 13.01 1.21
C PRO A 432 -57.47 14.40 1.32
N LYS A 433 -58.11 15.27 2.11
CA LYS A 433 -57.63 16.64 2.25
C LYS A 433 -56.17 16.68 2.70
N GLY A 434 -55.35 17.50 2.06
CA GLY A 434 -53.96 17.58 2.49
C GLY A 434 -53.02 16.67 1.72
N ARG A 435 -53.55 15.87 0.81
CA ARG A 435 -52.70 14.97 0.04
C ARG A 435 -52.85 15.28 -1.43
N GLY A 436 -51.82 14.99 -2.22
CA GLY A 436 -51.90 15.25 -3.65
C GLY A 436 -51.01 14.37 -4.49
N LEU A 437 -51.25 14.38 -5.81
CA LEU A 437 -50.48 13.61 -6.77
C LEU A 437 -50.05 14.56 -7.87
N GLY A 438 -48.84 14.37 -8.37
CA GLY A 438 -48.34 15.20 -9.47
C GLY A 438 -47.57 14.36 -10.47
N ILE A 439 -47.52 14.82 -11.71
CA ILE A 439 -46.85 14.11 -12.77
C ILE A 439 -45.89 15.03 -13.52
N ALA A 440 -44.77 14.50 -14.00
CA ALA A 440 -43.89 15.33 -14.83
C ALA A 440 -43.01 14.50 -15.69
N LEU A 441 -42.51 15.08 -16.79
CA LEU A 441 -41.56 14.42 -17.67
C LEU A 441 -40.23 15.18 -17.56
N SER A 442 -39.12 14.50 -17.86
CA SER A 442 -37.82 15.15 -17.93
C SER A 442 -36.95 14.26 -18.81
N HIS A 443 -35.84 14.80 -19.30
CA HIS A 443 -34.95 14.02 -20.12
C HIS A 443 -33.53 14.59 -20.04
N PHE A 444 -32.56 13.78 -20.44
CA PHE A 444 -31.19 14.28 -20.49
C PHE A 444 -30.40 13.55 -21.57
N VAL A 445 -29.25 14.09 -21.96
CA VAL A 445 -28.44 13.49 -22.99
C VAL A 445 -27.69 12.28 -22.51
N SER A 446 -27.32 11.42 -23.45
CA SER A 446 -26.50 10.25 -23.14
C SER A 446 -25.11 10.61 -23.61
N GLY A 447 -24.62 11.73 -23.08
CA GLY A 447 -23.30 12.20 -23.41
C GLY A 447 -23.28 13.29 -24.46
N THR A 448 -22.46 14.31 -24.25
CA THR A 448 -22.36 15.35 -25.26
C THR A 448 -21.51 14.73 -26.39
N SER A 449 -22.06 14.75 -27.61
CA SER A 449 -21.39 14.12 -28.73
C SER A 449 -20.14 14.78 -29.29
N THR A 450 -19.79 15.96 -28.78
CA THR A 450 -18.57 16.65 -29.19
C THR A 450 -17.69 16.81 -27.96
N PRO A 451 -16.43 16.35 -28.03
CA PRO A 451 -15.51 16.46 -26.89
C PRO A 451 -15.12 17.93 -26.69
N LYS A 452 -14.67 18.31 -25.49
CA LYS A 452 -14.24 19.68 -25.23
C LYS A 452 -12.95 20.01 -25.96
N HIS A 453 -12.08 19.01 -26.10
CA HIS A 453 -10.82 19.24 -26.79
C HIS A 453 -10.86 18.54 -28.12
N TRP A 454 -10.71 19.32 -29.19
CA TRP A 454 -10.83 18.78 -30.55
C TRP A 454 -9.51 18.25 -31.05
N THR A 455 -9.18 17.04 -30.58
CA THR A 455 -7.94 16.36 -30.87
C THR A 455 -8.07 15.35 -32.00
N GLY A 456 -9.29 15.19 -32.50
CA GLY A 456 -9.49 14.21 -33.56
C GLY A 456 -9.39 12.76 -33.10
N GLU A 457 -9.46 12.54 -31.79
CA GLU A 457 -9.36 11.18 -31.27
C GLU A 457 -10.72 10.50 -31.20
N PRO A 458 -10.73 9.17 -31.05
CA PRO A 458 -12.00 8.48 -30.92
C PRO A 458 -12.64 9.04 -29.65
N HIS A 459 -13.95 8.91 -29.53
CA HIS A 459 -14.63 9.44 -28.35
C HIS A 459 -14.53 8.52 -27.12
N ALA A 460 -14.10 7.28 -27.37
CA ALA A 460 -13.85 6.29 -26.28
C ALA A 460 -12.94 5.22 -26.87
N THR A 461 -12.08 4.68 -26.03
CA THR A 461 -11.12 3.64 -26.43
C THR A 461 -10.99 2.67 -25.26
N VAL A 462 -11.14 1.38 -25.54
CA VAL A 462 -10.99 0.34 -24.51
C VAL A 462 -10.00 -0.71 -25.03
N ASN A 463 -9.09 -1.16 -24.17
CA ASN A 463 -8.13 -2.18 -24.55
C ASN A 463 -8.44 -3.48 -23.77
N LEU A 464 -8.19 -4.63 -24.41
CA LEU A 464 -8.34 -5.94 -23.74
C LEU A 464 -7.04 -6.69 -23.92
N LYS A 465 -6.67 -7.47 -22.90
CA LYS A 465 -5.48 -8.29 -22.96
C LYS A 465 -5.89 -9.72 -22.57
N LEU A 466 -5.44 -10.71 -23.33
CA LEU A 466 -5.73 -12.09 -22.99
C LEU A 466 -4.46 -12.89 -23.21
N ASP A 467 -4.02 -13.58 -22.18
CA ASP A 467 -2.80 -14.37 -22.24
C ASP A 467 -3.07 -15.85 -21.91
N PHE A 468 -2.01 -16.63 -21.77
CA PHE A 468 -2.15 -18.08 -21.60
C PHE A 468 -3.05 -18.53 -20.45
N ASP A 469 -3.16 -17.72 -19.41
CA ASP A 469 -3.94 -18.07 -18.24
C ASP A 469 -5.43 -18.05 -18.44
N GLY A 470 -5.89 -17.36 -19.49
CA GLY A 470 -7.32 -17.32 -19.76
C GLY A 470 -8.11 -16.18 -19.14
N GLY A 471 -7.48 -15.42 -18.27
CA GLY A 471 -8.15 -14.29 -17.66
C GLY A 471 -8.10 -13.13 -18.65
N ILE A 472 -9.20 -12.39 -18.79
CA ILE A 472 -9.23 -11.25 -19.68
C ILE A 472 -9.11 -9.96 -18.85
N THR A 473 -8.14 -9.10 -19.18
CA THR A 473 -8.03 -7.82 -18.48
C THR A 473 -8.59 -6.75 -19.40
N LEU A 474 -9.51 -5.96 -18.86
CA LEU A 474 -10.14 -4.86 -19.59
C LEU A 474 -9.54 -3.59 -19.04
N LEU A 475 -8.93 -2.78 -19.91
CA LEU A 475 -8.31 -1.55 -19.46
C LEU A 475 -9.10 -0.37 -20.00
N THR A 476 -9.54 0.49 -19.10
CA THR A 476 -10.31 1.67 -19.48
C THR A 476 -9.96 2.88 -18.66
N GLY A 477 -9.91 4.04 -19.31
CA GLY A 477 -9.63 5.24 -18.55
C GLY A 477 -10.88 5.81 -17.86
N ALA A 478 -12.04 5.17 -18.08
CA ALA A 478 -13.27 5.64 -17.51
C ALA A 478 -13.29 5.60 -15.98
N ALA A 479 -13.88 6.62 -15.40
CA ALA A 479 -13.97 6.77 -13.96
C ALA A 479 -15.24 6.19 -13.38
N ASP A 480 -15.10 5.14 -12.59
CA ASP A 480 -16.28 4.58 -11.91
C ASP A 480 -16.38 5.44 -10.64
N ILE A 481 -17.49 6.13 -10.52
CA ILE A 481 -17.70 7.04 -9.39
C ILE A 481 -18.82 6.53 -8.46
N GLY A 482 -19.09 5.23 -8.57
CA GLY A 482 -20.14 4.59 -7.80
C GLY A 482 -21.31 4.23 -8.70
N GLN A 483 -21.27 4.70 -9.94
CA GLN A 483 -22.41 4.43 -10.83
C GLN A 483 -22.33 3.04 -11.46
N GLY A 484 -21.14 2.46 -11.51
CA GLY A 484 -20.98 1.11 -12.05
C GLY A 484 -20.34 0.95 -13.39
N SER A 485 -19.58 1.93 -13.87
CA SER A 485 -18.99 1.79 -15.20
C SER A 485 -18.04 0.60 -15.33
N ASN A 486 -17.31 0.23 -14.27
CA ASN A 486 -16.44 -0.95 -14.39
C ASN A 486 -17.28 -2.24 -14.61
N THR A 487 -18.45 -2.28 -13.97
CA THR A 487 -19.37 -3.43 -14.10
C THR A 487 -19.98 -3.38 -15.51
N MET A 488 -20.46 -2.19 -15.91
CA MET A 488 -21.04 -2.03 -17.25
C MET A 488 -20.07 -2.47 -18.37
N ALA A 489 -18.81 -2.00 -18.29
CA ALA A 489 -17.85 -2.35 -19.34
C ALA A 489 -17.60 -3.85 -19.37
N SER A 490 -17.54 -4.47 -18.19
CA SER A 490 -17.32 -5.92 -18.08
C SER A 490 -18.53 -6.68 -18.65
N GLN A 491 -19.73 -6.22 -18.32
CA GLN A 491 -20.93 -6.90 -18.79
C GLN A 491 -20.99 -6.95 -20.30
N VAL A 492 -20.76 -5.82 -20.94
CA VAL A 492 -20.89 -5.85 -22.40
C VAL A 492 -19.79 -6.62 -23.08
N ALA A 493 -18.56 -6.56 -22.56
CA ALA A 493 -17.49 -7.30 -23.22
C ALA A 493 -17.73 -8.80 -23.01
N ALA A 494 -18.18 -9.18 -21.81
CA ALA A 494 -18.40 -10.61 -21.54
C ALA A 494 -19.52 -11.14 -22.42
N GLU A 495 -20.56 -10.35 -22.63
CA GLU A 495 -21.69 -10.78 -23.49
C GLU A 495 -21.21 -11.08 -24.91
N VAL A 496 -20.42 -10.16 -25.47
CA VAL A 496 -19.91 -10.36 -26.82
C VAL A 496 -19.05 -11.62 -26.92
N LEU A 497 -18.20 -11.82 -25.92
CA LEU A 497 -17.31 -12.95 -25.93
C LEU A 497 -17.91 -14.28 -25.50
N GLY A 498 -19.10 -14.24 -24.92
CA GLY A 498 -19.75 -15.47 -24.47
C GLY A 498 -19.12 -16.02 -23.20
N VAL A 499 -18.48 -15.16 -22.42
CA VAL A 499 -17.83 -15.62 -21.20
C VAL A 499 -18.53 -15.14 -19.94
N ARG A 500 -18.12 -15.71 -18.80
CA ARG A 500 -18.71 -15.30 -17.53
C ARG A 500 -18.10 -13.97 -17.13
N LEU A 501 -18.88 -13.16 -16.41
CA LEU A 501 -18.40 -11.86 -15.93
C LEU A 501 -17.11 -12.01 -15.12
N SER A 502 -17.02 -13.10 -14.35
CA SER A 502 -15.86 -13.42 -13.52
C SER A 502 -14.54 -13.58 -14.29
N ARG A 503 -14.62 -13.76 -15.60
CA ARG A 503 -13.41 -13.91 -16.36
C ARG A 503 -12.77 -12.56 -16.70
N ILE A 504 -13.49 -11.48 -16.41
CA ILE A 504 -12.96 -10.14 -16.73
C ILE A 504 -12.43 -9.38 -15.51
N ARG A 505 -11.17 -8.93 -15.55
CA ARG A 505 -10.62 -8.09 -14.47
C ARG A 505 -10.53 -6.70 -15.08
N VAL A 506 -11.09 -5.68 -14.40
CA VAL A 506 -11.03 -4.30 -14.92
C VAL A 506 -9.98 -3.47 -14.20
N ILE A 507 -9.10 -2.85 -15.00
CA ILE A 507 -8.09 -1.91 -14.51
C ILE A 507 -8.57 -0.55 -15.05
N SER A 508 -8.79 0.40 -14.16
CA SER A 508 -9.32 1.67 -14.62
C SER A 508 -8.68 2.90 -14.07
N ALA A 509 -8.68 3.92 -14.92
CA ALA A 509 -8.23 5.24 -14.55
C ALA A 509 -6.86 5.39 -13.91
N ASP A 510 -5.84 4.93 -14.60
CA ASP A 510 -4.42 5.11 -14.16
C ASP A 510 -3.75 5.46 -15.48
N SER A 511 -3.34 6.72 -15.64
CA SER A 511 -2.77 7.15 -16.94
C SER A 511 -1.57 6.38 -17.46
N ALA A 512 -0.83 5.71 -16.59
CA ALA A 512 0.30 4.95 -17.10
C ALA A 512 -0.11 3.63 -17.73
N LEU A 513 -1.35 3.19 -17.45
CA LEU A 513 -1.78 1.85 -17.88
C LEU A 513 -3.02 1.80 -18.76
N THR A 514 -3.94 2.73 -18.51
CA THR A 514 -5.23 2.66 -19.20
C THR A 514 -5.39 3.69 -20.28
N PRO A 515 -6.14 3.38 -21.33
CA PRO A 515 -6.33 4.34 -22.42
C PRO A 515 -7.06 5.58 -21.92
N LYS A 516 -6.74 6.73 -22.52
CA LYS A 516 -7.38 7.98 -22.11
C LYS A 516 -8.89 7.94 -22.29
N ASP A 517 -9.62 8.46 -21.29
CA ASP A 517 -11.08 8.60 -21.46
C ASP A 517 -11.41 10.07 -21.19
N ASN A 518 -12.41 10.60 -21.88
CA ASN A 518 -12.72 12.02 -21.68
C ASN A 518 -13.34 12.41 -20.36
N GLY A 519 -13.83 11.43 -19.59
CA GLY A 519 -14.37 11.79 -18.27
C GLY A 519 -15.78 11.31 -18.00
N SER A 520 -16.12 11.18 -16.71
CA SER A 520 -17.46 10.72 -16.35
C SER A 520 -18.32 11.94 -16.12
N TYR A 521 -18.81 12.49 -17.24
CA TYR A 521 -19.66 13.68 -17.23
C TYR A 521 -20.69 13.55 -18.38
N SER A 522 -21.79 14.27 -18.19
CA SER A 522 -22.90 14.31 -19.14
C SER A 522 -23.46 12.94 -19.49
N SER A 523 -23.29 11.95 -18.61
CA SER A 523 -23.82 10.61 -18.89
C SER A 523 -23.34 10.02 -20.21
N ARG A 524 -22.07 10.20 -20.49
CA ARG A 524 -21.52 9.65 -21.73
C ARG A 524 -20.89 8.28 -21.60
N VAL A 525 -20.63 7.81 -20.38
CA VAL A 525 -19.85 6.59 -20.29
C VAL A 525 -20.47 5.29 -20.78
N THR A 526 -21.70 4.98 -20.40
CA THR A 526 -22.29 3.74 -20.88
C THR A 526 -22.36 3.75 -22.41
N PHE A 527 -22.89 4.84 -22.96
CA PHE A 527 -23.02 4.88 -24.40
C PHE A 527 -21.69 4.78 -25.14
N MET A 528 -20.70 5.59 -24.75
CA MET A 528 -19.46 5.60 -25.51
CA MET A 528 -19.45 5.75 -25.39
C MET A 528 -18.45 4.53 -25.12
N VAL A 529 -18.22 4.39 -23.82
CA VAL A 529 -17.28 3.37 -23.38
C VAL A 529 -17.92 1.99 -23.55
N GLY A 530 -19.25 1.90 -23.42
CA GLY A 530 -19.93 0.63 -23.62
C GLY A 530 -19.74 0.24 -25.07
N ASN A 531 -19.95 1.18 -26.01
CA ASN A 531 -19.72 0.82 -27.42
C ASN A 531 -18.24 0.48 -27.74
N ALA A 532 -17.29 1.18 -27.11
CA ALA A 532 -15.88 0.88 -27.36
C ALA A 532 -15.54 -0.51 -26.77
N SER A 533 -16.19 -0.85 -25.66
CA SER A 533 -15.94 -2.15 -25.02
C SER A 533 -16.45 -3.27 -25.94
N ILE A 534 -17.61 -3.07 -26.54
CA ILE A 534 -18.15 -4.05 -27.48
C ILE A 534 -17.18 -4.15 -28.66
N SER A 535 -16.71 -3.01 -29.18
CA SER A 535 -15.77 -3.04 -30.31
C SER A 535 -14.50 -3.85 -29.94
N ALA A 536 -13.98 -3.64 -28.75
CA ALA A 536 -12.77 -4.38 -28.33
C ALA A 536 -13.06 -5.87 -28.21
N ALA A 537 -14.22 -6.18 -27.64
CA ALA A 537 -14.56 -7.58 -27.45
C ALA A 537 -14.77 -8.26 -28.81
N GLU A 538 -15.31 -7.54 -29.79
CA GLU A 538 -15.48 -8.14 -31.12
C GLU A 538 -14.11 -8.43 -31.74
N GLU A 539 -13.15 -7.54 -31.52
CA GLU A 539 -11.80 -7.76 -32.07
C GLU A 539 -11.19 -9.00 -31.40
N LEU A 540 -11.32 -9.13 -30.08
CA LEU A 540 -10.75 -10.31 -29.40
C LEU A 540 -11.48 -11.57 -29.85
N LYS A 541 -12.81 -11.50 -29.97
CA LYS A 541 -13.59 -12.66 -30.42
C LYS A 541 -13.08 -13.11 -31.78
N GLY A 542 -12.78 -12.16 -32.68
CA GLY A 542 -12.26 -12.50 -34.00
C GLY A 542 -10.98 -13.31 -33.97
N VAL A 543 -10.07 -12.93 -33.08
CA VAL A 543 -8.81 -13.65 -32.93
C VAL A 543 -9.06 -15.08 -32.45
N LEU A 544 -9.95 -15.20 -31.46
CA LEU A 544 -10.24 -16.51 -30.89
C LEU A 544 -10.97 -17.42 -31.89
N VAL A 545 -11.91 -16.83 -32.63
CA VAL A 545 -12.64 -17.62 -33.62
C VAL A 545 -11.68 -18.12 -34.71
N LYS A 546 -10.72 -17.30 -35.11
CA LYS A 546 -9.78 -17.72 -36.13
C LYS A 546 -8.99 -18.94 -35.61
N ALA A 547 -8.55 -18.90 -34.35
CA ALA A 547 -7.82 -20.02 -33.79
C ALA A 547 -8.69 -21.26 -33.66
N ALA A 548 -9.93 -21.09 -33.23
CA ALA A 548 -10.87 -22.22 -33.10
C ALA A 548 -11.16 -22.81 -34.49
N ALA A 549 -11.38 -21.96 -35.48
CA ALA A 549 -11.67 -22.45 -36.84
C ALA A 549 -10.49 -23.26 -37.40
N LYS A 550 -9.28 -22.78 -37.17
CA LYS A 550 -8.09 -23.49 -37.63
C LYS A 550 -8.04 -24.89 -37.01
N LYS A 551 -8.21 -24.96 -35.68
CA LYS A 551 -8.15 -26.23 -34.96
C LYS A 551 -9.28 -27.20 -35.31
N LEU A 552 -10.46 -26.67 -35.64
CA LEU A 552 -11.60 -27.51 -36.00
C LEU A 552 -11.71 -27.71 -37.52
N ASP A 553 -10.75 -27.20 -38.26
CA ASP A 553 -10.76 -27.33 -39.73
C ASP A 553 -12.07 -26.80 -40.32
N ALA A 554 -12.51 -25.63 -39.84
CA ALA A 554 -13.75 -25.03 -40.31
C ALA A 554 -13.53 -23.61 -40.79
N ARG A 555 -14.57 -23.03 -41.40
CA ARG A 555 -14.48 -21.65 -41.86
C ARG A 555 -14.81 -20.81 -40.62
N GLU A 556 -14.20 -19.64 -40.51
CA GLU A 556 -14.48 -18.77 -39.37
C GLU A 556 -15.96 -18.41 -39.31
N GLU A 557 -16.55 -18.10 -40.45
CA GLU A 557 -17.96 -17.74 -40.47
C GLU A 557 -18.87 -18.84 -39.93
N ASP A 558 -18.38 -20.07 -39.92
CA ASP A 558 -19.20 -21.17 -39.41
C ASP A 558 -19.06 -21.46 -37.91
N ILE A 559 -18.21 -20.69 -37.21
CA ILE A 559 -18.02 -20.92 -35.79
C ILE A 559 -19.05 -20.18 -34.93
N GLU A 560 -19.61 -20.89 -33.95
CA GLU A 560 -20.58 -20.33 -33.02
C GLU A 560 -19.87 -20.32 -31.69
N VAL A 561 -20.02 -19.24 -30.94
CA VAL A 561 -19.39 -19.09 -29.65
C VAL A 561 -20.52 -18.91 -28.65
N ILE A 562 -20.65 -19.86 -27.74
CA ILE A 562 -21.71 -19.81 -26.76
C ILE A 562 -21.30 -20.40 -25.40
N ASP A 563 -21.48 -19.62 -24.33
CA ASP A 563 -21.18 -20.12 -22.99
C ASP A 563 -19.85 -20.84 -22.89
N GLU A 564 -18.81 -20.09 -23.23
CA GLU A 564 -17.45 -20.57 -23.22
C GLU A 564 -17.15 -21.84 -24.04
N MET A 565 -17.89 -22.04 -25.13
CA MET A 565 -17.63 -23.16 -26.07
C MET A 565 -17.59 -22.61 -27.50
N PHE A 566 -16.64 -23.07 -28.30
CA PHE A 566 -16.53 -22.64 -29.70
C PHE A 566 -16.84 -23.89 -30.51
N MET A 567 -17.84 -23.83 -31.40
CA MET A 567 -18.16 -25.02 -32.19
C MET A 567 -18.60 -24.69 -33.61
N VAL A 568 -18.58 -25.69 -34.48
CA VAL A 568 -19.01 -25.47 -35.86
C VAL A 568 -20.55 -25.49 -35.80
N SER A 569 -21.19 -24.44 -36.32
CA SER A 569 -22.66 -24.35 -36.27
C SER A 569 -23.36 -25.55 -36.89
N GLY A 570 -24.27 -26.14 -36.13
CA GLY A 570 -25.01 -27.30 -36.63
C GLY A 570 -24.22 -28.61 -36.65
N SER A 571 -23.03 -28.64 -36.07
CA SER A 571 -22.21 -29.85 -36.02
C SER A 571 -22.63 -30.73 -34.84
N GLN A 572 -22.37 -32.03 -34.95
CA GLN A 572 -22.65 -32.97 -33.89
C GLN A 572 -21.49 -32.93 -32.88
N ASP A 573 -20.43 -32.21 -33.24
CA ASP A 573 -19.22 -32.12 -32.41
C ASP A 573 -19.36 -30.87 -31.51
N PRO A 574 -19.32 -31.05 -30.17
CA PRO A 574 -19.45 -29.97 -29.18
C PRO A 574 -18.39 -28.88 -29.30
N GLY A 575 -17.27 -29.18 -29.95
CA GLY A 575 -16.26 -28.14 -30.12
C GLY A 575 -15.16 -28.05 -29.07
N LEU A 576 -14.71 -26.81 -28.86
CA LEU A 576 -13.60 -26.52 -27.94
C LEU A 576 -14.00 -25.58 -26.82
N SER A 577 -13.45 -25.83 -25.62
CA SER A 577 -13.74 -24.97 -24.49
C SER A 577 -12.96 -23.68 -24.67
N PHE A 578 -13.38 -22.62 -23.96
CA PHE A 578 -12.66 -21.34 -24.06
C PHE A 578 -11.16 -21.56 -23.78
N GLN A 579 -10.82 -22.29 -22.73
CA GLN A 579 -9.39 -22.45 -22.42
C GLN A 579 -8.64 -23.20 -23.52
N GLU A 580 -9.28 -24.19 -24.15
CA GLU A 580 -8.61 -24.86 -25.27
C GLU A 580 -8.38 -23.87 -26.42
N VAL A 581 -9.32 -22.96 -26.67
CA VAL A 581 -9.15 -21.99 -27.72
C VAL A 581 -8.06 -20.97 -27.33
N VAL A 582 -7.97 -20.63 -26.03
CA VAL A 582 -6.89 -19.70 -25.62
C VAL A 582 -5.53 -20.33 -25.94
N LYS A 583 -5.37 -21.61 -25.58
CA LYS A 583 -4.11 -22.29 -25.84
C LYS A 583 -3.79 -22.28 -27.32
N ALA A 584 -4.81 -22.55 -28.15
CA ALA A 584 -4.58 -22.54 -29.58
C ALA A 584 -4.21 -21.16 -30.12
N ALA A 585 -4.85 -20.12 -29.58
CA ALA A 585 -4.63 -18.75 -30.01
C ALA A 585 -3.25 -18.22 -29.60
N MET A 586 -2.67 -18.83 -28.57
CA MET A 586 -1.33 -18.38 -28.14
C MET A 586 -0.25 -18.85 -29.13
N VAL A 587 -0.52 -19.93 -29.85
CA VAL A 587 0.47 -20.45 -30.79
C VAL A 587 0.80 -19.39 -31.83
N ASP A 588 2.10 -19.13 -32.01
CA ASP A 588 2.60 -18.13 -32.96
C ASP A 588 2.09 -16.74 -32.67
N SER A 589 1.75 -16.48 -31.42
CA SER A 589 1.24 -15.17 -31.08
C SER A 589 1.64 -14.70 -29.70
N GLY A 590 1.40 -15.54 -28.72
CA GLY A 590 1.61 -15.14 -27.35
C GLY A 590 0.51 -14.13 -27.02
N THR A 591 0.73 -13.38 -25.95
CA THR A 591 -0.23 -12.40 -25.44
C THR A 591 -1.01 -11.62 -26.51
N ILE A 592 -2.34 -11.68 -26.43
CA ILE A 592 -3.19 -10.95 -27.37
C ILE A 592 -3.61 -9.63 -26.75
N THR A 593 -3.42 -8.54 -27.50
CA THR A 593 -3.89 -7.25 -27.02
C THR A 593 -4.69 -6.66 -28.16
N VAL A 594 -5.90 -6.20 -27.87
CA VAL A 594 -6.76 -5.57 -28.87
C VAL A 594 -7.28 -4.23 -28.39
N LYS A 595 -7.77 -3.44 -29.34
CA LYS A 595 -8.28 -2.11 -29.04
C LYS A 595 -9.64 -1.94 -29.70
N GLY A 596 -10.55 -1.33 -28.96
CA GLY A 596 -11.89 -1.04 -29.50
C GLY A 596 -12.14 0.44 -29.31
N THR A 597 -12.84 1.06 -30.27
CA THR A 597 -13.10 2.49 -30.13
C THR A 597 -14.53 2.81 -30.56
N TYR A 598 -15.00 3.99 -30.18
CA TYR A 598 -16.32 4.45 -30.60
C TYR A 598 -16.23 5.96 -30.84
N THR A 599 -16.92 6.43 -31.88
CA THR A 599 -16.96 7.87 -32.17
C THR A 599 -18.38 8.19 -32.61
N CYS A 600 -18.94 9.28 -32.08
CA CYS A 600 -20.30 9.70 -32.43
C CYS A 600 -20.28 10.19 -33.87
N PRO A 601 -21.21 9.71 -34.72
CA PRO A 601 -21.25 10.16 -36.12
C PRO A 601 -21.54 11.66 -36.16
N THR A 602 -21.03 12.34 -37.20
CA THR A 602 -21.20 13.77 -37.35
C THR A 602 -22.63 14.27 -37.29
N GLU A 603 -23.58 13.51 -37.82
CA GLU A 603 -24.97 13.98 -37.80
C GLU A 603 -25.53 14.12 -36.40
N PHE A 604 -24.86 13.50 -35.44
CA PHE A 604 -25.34 13.59 -34.07
C PHE A 604 -24.63 14.68 -33.25
N GLN A 605 -23.81 15.48 -33.93
CA GLN A 605 -23.07 16.56 -33.30
C GLN A 605 -23.64 17.96 -33.49
N GLY A 606 -24.94 18.05 -33.70
CA GLY A 606 -25.59 19.34 -33.86
C GLY A 606 -25.41 19.89 -35.26
N ASP A 607 -25.55 21.22 -35.40
CA ASP A 607 -25.38 21.87 -36.71
C ASP A 607 -23.92 22.28 -36.74
N LYS A 608 -23.14 21.71 -37.65
CA LYS A 608 -21.72 22.00 -37.67
C LYS A 608 -21.38 23.47 -37.78
N LYS A 609 -22.32 24.27 -38.29
CA LYS A 609 -22.09 25.69 -38.45
C LYS A 609 -22.58 26.57 -37.29
N ILE A 610 -23.23 25.98 -36.28
CA ILE A 610 -23.69 26.73 -35.09
C ILE A 610 -22.92 26.07 -33.93
N ARG A 611 -21.83 26.71 -33.51
CA ARG A 611 -20.98 26.14 -32.45
C ARG A 611 -21.72 25.79 -31.16
N GLY A 612 -22.60 26.68 -30.71
CA GLY A 612 -23.35 26.41 -29.50
C GLY A 612 -24.31 25.23 -29.59
N SER A 613 -24.67 24.82 -30.82
CA SER A 613 -25.61 23.69 -30.97
C SER A 613 -24.99 22.35 -30.57
N ALA A 614 -23.67 22.31 -30.41
CA ALA A 614 -23.05 21.06 -29.93
C ALA A 614 -23.52 20.78 -28.50
N ILE A 615 -23.84 21.83 -27.72
CA ILE A 615 -24.32 21.64 -26.35
C ILE A 615 -25.81 21.32 -26.44
N GLY A 616 -26.13 20.10 -26.06
CA GLY A 616 -27.49 19.61 -26.17
C GLY A 616 -27.53 18.52 -27.25
N ALA A 617 -26.50 18.42 -28.10
CA ALA A 617 -26.49 17.36 -29.13
C ALA A 617 -25.93 16.10 -28.47
N THR A 618 -26.51 14.98 -28.83
CA THR A 618 -26.18 13.69 -28.24
C THR A 618 -26.64 12.54 -29.14
N MET A 619 -26.15 11.34 -28.85
CA MET A 619 -26.60 10.16 -29.59
C MET A 619 -28.04 9.78 -29.22
N GLY A 620 -28.46 10.11 -28.01
CA GLY A 620 -29.81 9.75 -27.61
C GLY A 620 -30.13 10.29 -26.23
N PHE A 621 -31.42 10.32 -25.90
CA PHE A 621 -31.86 10.84 -24.63
C PHE A 621 -32.49 9.80 -23.73
N CYS A 622 -32.23 9.92 -22.43
CA CYS A 622 -32.92 9.08 -21.45
C CYS A 622 -34.18 9.92 -21.11
N TYR A 623 -35.34 9.28 -21.12
CA TYR A 623 -36.58 9.96 -20.78
C TYR A 623 -37.18 9.40 -19.50
N ALA A 624 -37.78 10.25 -18.68
CA ALA A 624 -38.41 9.76 -17.48
C ALA A 624 -39.76 10.41 -17.22
N ALA A 625 -40.74 9.61 -16.79
CA ALA A 625 -42.02 10.13 -16.37
C ALA A 625 -42.13 9.73 -14.91
N GLN A 626 -42.57 10.66 -14.05
CA GLN A 626 -42.71 10.28 -12.65
C GLN A 626 -43.93 10.90 -12.03
N VAL A 627 -44.52 10.14 -11.11
CA VAL A 627 -45.69 10.58 -10.36
C VAL A 627 -45.26 10.61 -8.93
N VAL A 628 -45.59 11.70 -8.26
CA VAL A 628 -45.21 11.87 -6.88
C VAL A 628 -46.45 12.03 -6.01
N GLU A 629 -46.52 11.30 -4.90
CA GLU A 629 -47.62 11.46 -3.97
C GLU A 629 -47.01 12.15 -2.74
N ALA A 630 -47.65 13.23 -2.28
CA ALA A 630 -47.13 14.00 -1.15
C ALA A 630 -48.26 14.50 -0.28
N SER A 631 -47.94 14.93 0.94
CA SER A 631 -48.95 15.55 1.82
C SER A 631 -48.31 16.80 2.41
N VAL A 632 -49.13 17.69 2.94
CA VAL A 632 -48.66 18.95 3.49
C VAL A 632 -49.30 19.15 4.85
N ASP A 633 -48.50 19.48 5.86
CA ASP A 633 -49.04 19.74 7.20
C ASP A 633 -49.33 21.25 7.24
N GLU A 634 -50.60 21.65 7.32
CA GLU A 634 -50.87 23.08 7.32
C GLU A 634 -50.44 23.82 8.58
N ILE A 635 -50.26 23.10 9.69
CA ILE A 635 -49.81 23.77 10.92
C ILE A 635 -48.34 24.19 10.82
N THR A 636 -47.50 23.34 10.23
CA THR A 636 -46.08 23.68 10.12
C THR A 636 -45.68 24.08 8.71
N GLY A 637 -46.52 23.77 7.73
CA GLY A 637 -46.21 24.04 6.34
C GLY A 637 -45.29 22.99 5.72
N LYS A 638 -44.98 21.92 6.46
CA LYS A 638 -44.07 20.92 5.93
C LYS A 638 -44.67 20.02 4.87
N VAL A 639 -43.94 19.87 3.76
CA VAL A 639 -44.34 19.00 2.69
C VAL A 639 -43.58 17.68 2.88
N THR A 640 -44.31 16.55 2.82
CA THR A 640 -43.68 15.23 2.94
C THR A 640 -43.93 14.47 1.66
N ALA A 641 -42.85 14.02 1.02
CA ALA A 641 -42.95 13.22 -0.20
C ALA A 641 -43.09 11.78 0.30
N HIS A 642 -44.16 11.09 -0.08
CA HIS A 642 -44.36 9.73 0.40
C HIS A 642 -43.86 8.67 -0.53
N LYS A 643 -44.18 8.82 -1.82
CA LYS A 643 -43.78 7.82 -2.78
C LYS A 643 -43.66 8.40 -4.16
N VAL A 644 -42.76 7.81 -4.93
CA VAL A 644 -42.58 8.23 -6.31
C VAL A 644 -42.65 6.99 -7.18
N TRP A 645 -43.41 7.07 -8.29
CA TRP A 645 -43.42 5.99 -9.26
C TRP A 645 -42.72 6.63 -10.45
N VAL A 646 -41.60 6.04 -10.91
CA VAL A 646 -40.86 6.61 -12.04
C VAL A 646 -40.54 5.56 -13.08
N ALA A 647 -40.87 5.88 -14.32
CA ALA A 647 -40.59 5.00 -15.45
C ALA A 647 -39.53 5.69 -16.27
N VAL A 648 -38.44 4.97 -16.51
CA VAL A 648 -37.33 5.53 -17.25
C VAL A 648 -36.99 4.74 -18.50
N ASP A 649 -36.89 5.44 -19.61
CA ASP A 649 -36.52 4.84 -20.88
C ASP A 649 -34.99 4.95 -20.95
N VAL A 650 -34.33 3.81 -20.74
CA VAL A 650 -32.88 3.76 -20.76
C VAL A 650 -32.41 2.98 -21.96
N GLY A 651 -33.31 2.77 -22.93
CA GLY A 651 -32.93 2.06 -24.14
C GLY A 651 -32.93 0.54 -23.95
N LYS A 652 -32.03 0.08 -23.08
CA LYS A 652 -31.91 -1.33 -22.72
C LYS A 652 -31.19 -1.25 -21.38
N ALA A 653 -31.74 -1.85 -20.33
CA ALA A 653 -31.08 -1.83 -19.03
C ALA A 653 -30.00 -2.94 -19.03
N LEU A 654 -28.74 -2.51 -19.08
CA LEU A 654 -27.64 -3.47 -19.12
C LEU A 654 -27.58 -4.20 -17.76
N ASN A 655 -27.75 -3.45 -16.67
CA ASN A 655 -27.79 -4.00 -15.32
C ASN A 655 -29.02 -3.41 -14.65
N PRO A 656 -30.15 -4.11 -14.69
CA PRO A 656 -31.36 -3.56 -14.09
C PRO A 656 -31.22 -3.12 -12.63
N LEU A 657 -30.43 -3.85 -11.87
CA LEU A 657 -30.22 -3.50 -10.46
C LEU A 657 -29.61 -2.09 -10.37
N ALA A 658 -28.55 -1.85 -11.16
CA ALA A 658 -27.90 -0.54 -11.13
C ALA A 658 -28.82 0.53 -11.72
N VAL A 659 -29.56 0.21 -12.78
CA VAL A 659 -30.47 1.22 -13.34
C VAL A 659 -31.47 1.67 -12.27
N GLU A 660 -32.01 0.72 -11.49
CA GLU A 660 -32.93 1.10 -10.42
C GLU A 660 -32.26 2.02 -9.40
N GLY A 661 -31.07 1.64 -8.94
CA GLY A 661 -30.41 2.46 -7.95
C GLY A 661 -30.02 3.85 -8.46
N GLN A 662 -29.58 3.91 -9.72
CA GLN A 662 -29.19 5.18 -10.33
C GLN A 662 -30.41 6.08 -10.45
N THR A 663 -31.53 5.48 -10.84
CA THR A 663 -32.78 6.26 -10.98
C THR A 663 -33.27 6.75 -9.63
N GLN A 664 -33.18 5.90 -8.60
CA GLN A 664 -33.58 6.29 -7.27
C GLN A 664 -32.68 7.43 -6.77
N GLY A 665 -31.37 7.32 -7.03
CA GLY A 665 -30.44 8.36 -6.62
C GLY A 665 -30.74 9.71 -7.30
N GLY A 666 -31.08 9.63 -8.58
CA GLY A 666 -31.37 10.83 -9.35
C GLY A 666 -32.65 11.51 -8.89
N VAL A 667 -33.71 10.72 -8.76
CA VAL A 667 -34.97 11.27 -8.27
C VAL A 667 -34.80 11.86 -6.87
N TRP A 668 -34.09 11.16 -6.01
CA TRP A 668 -33.90 11.64 -4.64
C TRP A 668 -33.10 12.95 -4.59
N MET A 669 -32.08 13.10 -5.43
CA MET A 669 -31.33 14.37 -5.43
C MET A 669 -32.29 15.50 -5.84
N GLY A 670 -33.17 15.24 -6.79
CA GLY A 670 -34.19 16.23 -7.16
C GLY A 670 -35.10 16.52 -5.98
N MET A 671 -35.47 15.51 -5.20
CA MET A 671 -36.30 15.74 -4.04
C MET A 671 -35.61 16.64 -3.01
N GLY A 672 -34.28 16.48 -2.84
CA GLY A 672 -33.60 17.38 -1.93
C GLY A 672 -33.68 18.85 -2.39
N GLN A 673 -33.45 19.06 -3.67
CA GLN A 673 -33.51 20.42 -4.22
C GLN A 673 -34.96 20.91 -4.13
N ALA A 674 -35.90 20.01 -4.34
CA ALA A 674 -37.30 20.44 -4.30
C ALA A 674 -37.80 20.87 -2.94
N LEU A 675 -37.31 20.18 -1.90
CA LEU A 675 -37.85 20.41 -0.57
C LEU A 675 -37.01 21.01 0.52
N SER A 676 -35.68 20.80 0.50
CA SER A 676 -34.94 21.31 1.64
C SER A 676 -33.56 21.92 1.43
N GLU A 677 -32.97 21.71 0.26
CA GLU A 677 -31.61 22.22 0.02
C GLU A 677 -31.52 23.63 -0.54
N GLU A 678 -30.64 24.43 0.05
CA GLU A 678 -30.38 25.75 -0.52
C GLU A 678 -29.15 26.35 0.11
N THR A 679 -28.34 26.98 -0.72
CA THR A 679 -27.16 27.65 -0.16
C THR A 679 -27.60 29.06 0.28
N VAL A 680 -26.79 29.69 1.12
CA VAL A 680 -27.13 31.01 1.64
C VAL A 680 -25.85 31.84 1.83
N TYR A 681 -25.80 33.02 1.23
CA TYR A 681 -24.65 33.90 1.42
C TYR A 681 -25.12 35.18 2.07
N ASP A 682 -24.24 35.79 2.85
CA ASP A 682 -24.53 37.04 3.54
C ASP A 682 -23.30 37.93 3.31
N ASN A 683 -23.44 38.91 2.42
CA ASN A 683 -22.36 39.84 2.06
C ASN A 683 -21.08 39.06 1.79
N GLY A 684 -21.19 38.04 0.97
CA GLY A 684 -20.03 37.23 0.61
C GLY A 684 -19.73 36.06 1.52
N ARG A 685 -20.24 36.07 2.75
CA ARG A 685 -19.97 34.97 3.68
C ARG A 685 -20.93 33.79 3.44
N MET A 686 -20.35 32.60 3.37
CA MET A 686 -21.15 31.37 3.19
C MET A 686 -21.77 31.09 4.57
N VAL A 687 -23.08 30.86 4.61
CA VAL A 687 -23.74 30.59 5.91
C VAL A 687 -24.05 29.08 6.05
N HIS A 688 -24.12 28.39 4.93
CA HIS A 688 -24.51 26.97 4.86
C HIS A 688 -23.37 25.95 4.80
N GLY A 689 -22.16 26.33 5.20
CA GLY A 689 -21.00 25.47 5.05
C GLY A 689 -20.83 24.24 5.91
N ASN A 690 -21.92 23.55 6.18
CA ASN A 690 -21.87 22.31 6.97
C ASN A 690 -23.11 21.52 6.55
N ILE A 691 -23.19 20.25 6.96
CA ILE A 691 -24.33 19.46 6.52
C ILE A 691 -25.47 19.40 7.52
N LEU A 692 -25.49 20.38 8.40
CA LEU A 692 -26.59 20.54 9.35
C LEU A 692 -27.49 21.63 8.76
N ASP A 693 -26.90 22.78 8.41
CA ASP A 693 -27.66 23.87 7.82
C ASP A 693 -27.80 23.83 6.31
N TYR A 694 -27.06 22.93 5.63
CA TYR A 694 -27.30 22.65 4.20
C TYR A 694 -27.99 21.30 4.36
N ARG A 695 -29.32 21.32 4.20
CA ARG A 695 -30.15 20.18 4.54
C ARG A 695 -30.34 19.02 3.57
N VAL A 696 -29.27 18.23 3.43
CA VAL A 696 -29.34 17.02 2.60
C VAL A 696 -30.41 16.15 3.31
N PRO A 697 -31.39 15.62 2.57
CA PRO A 697 -32.41 14.82 3.27
C PRO A 697 -31.90 13.59 4.01
N THR A 698 -32.49 13.33 5.18
CA THR A 698 -32.18 12.10 5.93
C THR A 698 -33.12 11.00 5.39
N ILE A 699 -32.83 9.77 5.77
CA ILE A 699 -33.62 8.64 5.33
C ILE A 699 -35.06 8.70 5.89
N VAL A 700 -35.29 9.44 6.97
CA VAL A 700 -36.63 9.46 7.55
C VAL A 700 -37.68 10.12 6.67
N GLU A 701 -37.37 11.29 6.13
CA GLU A 701 -38.35 11.96 5.26
C GLU A 701 -38.23 11.57 3.80
N SER A 702 -37.20 10.80 3.42
CA SER A 702 -37.03 10.45 2.02
C SER A 702 -38.12 9.48 1.54
N PRO A 703 -38.64 9.70 0.34
CA PRO A 703 -39.71 8.83 -0.16
C PRO A 703 -39.33 7.45 -0.62
N ASP A 704 -40.32 6.57 -0.67
CA ASP A 704 -40.08 5.29 -1.29
C ASP A 704 -40.12 5.63 -2.80
N ILE A 705 -39.36 4.90 -3.60
CA ILE A 705 -39.30 5.18 -5.03
C ILE A 705 -39.34 3.83 -5.75
N GLU A 706 -40.37 3.66 -6.58
CA GLU A 706 -40.56 2.44 -7.36
C GLU A 706 -40.17 2.76 -8.80
N VAL A 707 -39.24 1.97 -9.33
CA VAL A 707 -38.72 2.18 -10.68
C VAL A 707 -39.25 1.17 -11.68
N ILE A 708 -39.70 1.68 -12.82
CA ILE A 708 -40.22 0.88 -13.91
C ILE A 708 -39.28 1.13 -15.07
N ILE A 709 -38.65 0.07 -15.59
CA ILE A 709 -37.74 0.24 -16.70
C ILE A 709 -38.40 0.10 -18.07
N VAL A 710 -38.13 1.08 -18.93
CA VAL A 710 -38.62 1.12 -20.31
C VAL A 710 -37.43 0.96 -21.23
N GLU A 711 -37.58 0.11 -22.25
CA GLU A 711 -36.48 -0.17 -23.17
C GLU A 711 -36.81 0.09 -24.63
N SER A 712 -36.62 1.34 -25.03
CA SER A 712 -36.89 1.77 -26.42
C SER A 712 -35.95 1.21 -27.49
N MET A 713 -34.84 0.62 -27.05
CA MET A 713 -33.82 0.04 -27.92
C MET A 713 -33.22 1.03 -28.93
N ASP A 714 -32.27 1.82 -28.47
CA ASP A 714 -31.65 2.78 -29.33
C ASP A 714 -30.80 2.09 -30.37
N PRO A 715 -30.95 2.47 -31.65
CA PRO A 715 -30.19 1.82 -32.70
C PRO A 715 -28.68 1.95 -32.69
N ASN A 716 -28.15 2.90 -31.92
CA ASN A 716 -26.72 3.10 -31.87
C ASN A 716 -26.10 2.82 -30.51
N GLY A 717 -26.93 2.60 -29.49
CA GLY A 717 -26.38 2.35 -28.15
C GLY A 717 -25.88 0.92 -28.00
N PRO A 718 -25.04 0.66 -26.98
CA PRO A 718 -24.49 -0.68 -26.77
C PRO A 718 -25.64 -1.62 -26.31
N PHE A 719 -25.99 -2.62 -27.16
CA PHE A 719 -27.12 -3.55 -26.93
C PHE A 719 -28.40 -2.77 -26.82
N GLY A 720 -28.39 -1.56 -27.38
CA GLY A 720 -29.55 -0.69 -27.38
C GLY A 720 -29.65 0.31 -26.25
N ALA A 721 -28.62 0.37 -25.40
CA ALA A 721 -28.66 1.24 -24.23
C ALA A 721 -28.42 2.74 -24.46
N LYS A 722 -29.03 3.51 -23.56
CA LYS A 722 -28.89 4.96 -23.46
C LYS A 722 -28.53 5.21 -21.97
N GLU A 723 -28.41 6.46 -21.55
CA GLU A 723 -28.04 6.70 -20.14
C GLU A 723 -29.14 6.35 -19.15
N ALA A 724 -28.82 6.32 -17.86
CA ALA A 724 -29.82 5.94 -16.85
C ALA A 724 -29.60 6.70 -15.56
N SER A 725 -29.04 7.91 -15.62
CA SER A 725 -28.74 8.56 -14.38
C SER A 725 -29.08 10.03 -14.21
N GLU A 726 -29.37 10.74 -15.31
CA GLU A 726 -29.65 12.16 -15.17
C GLU A 726 -31.03 12.60 -15.63
N GLY A 727 -31.59 11.82 -16.53
CA GLY A 727 -32.87 12.21 -17.11
C GLY A 727 -34.08 12.26 -16.21
N MET A 728 -33.99 11.67 -15.01
CA MET A 728 -35.11 11.62 -14.09
C MET A 728 -35.06 12.62 -12.94
N LEU A 729 -33.98 13.35 -12.80
CA LEU A 729 -33.91 14.23 -11.65
C LEU A 729 -34.85 15.44 -11.69
N ALA A 730 -34.91 16.12 -12.84
CA ALA A 730 -35.65 17.36 -12.89
C ALA A 730 -37.15 17.22 -12.69
N GLY A 731 -37.69 16.08 -13.13
CA GLY A 731 -39.12 15.88 -13.03
C GLY A 731 -39.70 15.90 -11.63
N PHE A 732 -38.89 15.64 -10.62
CA PHE A 732 -39.46 15.62 -9.28
C PHE A 732 -39.95 17.00 -8.84
N LEU A 733 -39.26 18.07 -9.20
CA LEU A 733 -39.67 19.40 -8.75
C LEU A 733 -41.09 19.79 -9.18
N PRO A 734 -41.38 19.73 -10.49
CA PRO A 734 -42.74 20.08 -10.92
C PRO A 734 -43.78 19.06 -10.47
N ALA A 735 -43.42 17.78 -10.39
CA ALA A 735 -44.40 16.79 -9.93
C ALA A 735 -44.81 17.09 -8.48
N ILE A 736 -43.86 17.38 -7.59
CA ILE A 736 -44.26 17.65 -6.22
C ILE A 736 -44.95 19.03 -6.15
N HIS A 737 -44.59 19.94 -7.05
CA HIS A 737 -45.21 21.27 -7.09
C HIS A 737 -46.71 21.07 -7.36
N GLU A 738 -47.03 20.18 -8.29
CA GLU A 738 -48.45 19.91 -8.58
C GLU A 738 -49.13 19.20 -7.41
N ALA A 739 -48.44 18.25 -6.77
CA ALA A 739 -49.00 17.55 -5.62
C ALA A 739 -49.36 18.54 -4.53
N VAL A 740 -48.47 19.52 -4.27
CA VAL A 740 -48.73 20.50 -3.24
C VAL A 740 -49.98 21.33 -3.61
N TYR A 741 -50.13 21.65 -4.88
CA TYR A 741 -51.31 22.43 -5.28
C TYR A 741 -52.59 21.59 -5.00
N GLU A 742 -52.61 20.31 -5.38
CA GLU A 742 -53.78 19.48 -5.10
C GLU A 742 -53.99 19.36 -3.59
N ALA A 743 -52.90 19.26 -2.84
CA ALA A 743 -53.02 19.13 -1.40
C ALA A 743 -53.53 20.33 -0.62
N VAL A 744 -53.00 21.52 -0.92
CA VAL A 744 -53.42 22.69 -0.15
C VAL A 744 -53.77 23.92 -0.96
N GLY A 745 -53.76 23.79 -2.27
CA GLY A 745 -54.19 24.88 -3.14
C GLY A 745 -53.31 26.09 -3.34
N VAL A 746 -52.01 25.94 -3.14
CA VAL A 746 -51.11 27.06 -3.37
C VAL A 746 -50.18 26.62 -4.49
N ARG A 747 -49.73 27.60 -5.30
CA ARG A 747 -48.82 27.36 -6.41
C ARG A 747 -47.49 28.05 -6.12
C ARG A 747 -47.40 27.96 -5.81
N ALA A 748 -46.51 27.26 -5.73
N ALA A 748 -46.45 27.09 -5.44
CA ALA A 748 -45.22 27.83 -5.39
CA ALA A 748 -45.16 27.52 -4.93
C ALA A 748 -44.55 28.42 -6.62
C ALA A 748 -44.16 27.57 -6.08
N THR A 749 -43.63 29.35 -6.39
N THR A 749 -43.87 28.79 -6.56
CA THR A 749 -42.89 29.95 -7.51
CA THR A 749 -42.96 29.02 -7.68
C THR A 749 -41.41 30.02 -7.13
C THR A 749 -41.48 29.17 -7.33
N ASP A 750 -41.07 29.50 -5.94
N ASP A 750 -41.20 29.28 -6.03
CA ASP A 750 -39.69 29.53 -5.46
CA ASP A 750 -39.83 29.43 -5.53
C ASP A 750 -39.26 28.26 -4.74
C ASP A 750 -39.41 28.10 -4.90
N PHE A 751 -38.25 27.59 -5.30
CA PHE A 751 -37.72 26.33 -4.75
C PHE A 751 -36.50 26.68 -3.89
N PRO A 752 -36.28 25.95 -2.78
CA PRO A 752 -37.08 24.79 -2.33
C PRO A 752 -38.43 25.13 -1.72
N LEU A 753 -39.38 24.18 -1.81
CA LEU A 753 -40.69 24.34 -1.20
C LEU A 753 -40.54 23.98 0.28
N SER A 754 -39.66 24.70 0.98
CA SER A 754 -39.43 24.46 2.39
C SER A 754 -40.63 25.02 3.16
N PRO A 755 -40.80 24.63 4.43
CA PRO A 755 -41.94 25.07 5.25
C PRO A 755 -42.17 26.57 5.32
N ASP A 756 -41.08 27.34 5.38
CA ASP A 756 -41.21 28.79 5.43
C ASP A 756 -41.90 29.32 4.17
N ARG A 757 -41.54 28.81 3.00
CA ARG A 757 -42.18 29.28 1.77
C ARG A 757 -43.64 28.86 1.69
N ILE A 758 -43.92 27.62 2.07
CA ILE A 758 -45.29 27.11 2.02
C ILE A 758 -46.19 27.90 2.97
N THR A 759 -45.70 28.17 4.18
CA THR A 759 -46.52 28.90 5.16
C THR A 759 -46.83 30.32 4.66
N GLU A 760 -45.88 30.96 3.97
CA GLU A 760 -46.16 32.29 3.43
C GLU A 760 -47.25 32.21 2.37
N LEU A 761 -47.20 31.18 1.51
CA LEU A 761 -48.21 30.99 0.47
C LEU A 761 -49.58 30.69 1.10
N LEU A 762 -49.60 29.89 2.17
CA LEU A 762 -50.88 29.60 2.83
C LEU A 762 -51.48 30.87 3.44
N ASP A 763 -50.64 31.74 4.00
CA ASP A 763 -51.19 32.97 4.59
C ASP A 763 -51.72 33.90 3.50
N ALA A 764 -51.01 34.01 2.38
CA ALA A 764 -51.45 34.85 1.28
C ALA A 764 -52.80 34.34 0.75
N LYS A 765 -52.92 33.03 0.63
CA LYS A 765 -54.15 32.41 0.15
C LYS A 765 -55.33 32.72 1.05
N GLU A 766 -55.14 32.58 2.36
CA GLU A 766 -56.21 32.83 3.31
C GLU A 766 -56.53 34.32 3.42
N ALA A 767 -55.51 35.12 3.71
CA ALA A 767 -55.68 36.57 3.85
C ALA A 767 -56.45 37.14 2.67
N ALA A 768 -56.32 36.50 1.52
CA ALA A 768 -57.04 36.94 0.31
C ALA A 768 -58.37 36.22 0.28
N ALA A 769 -58.75 35.73 -0.90
CA ALA A 769 -60.00 35.01 -1.08
C ALA A 769 -60.45 34.31 0.20
N MET B 1 -4.92 13.95 10.87
CA MET B 1 -5.33 14.24 12.26
C MET B 1 -6.11 15.56 12.33
N ASN B 2 -7.23 15.54 13.04
CA ASN B 2 -8.06 16.71 13.24
C ASN B 2 -7.51 17.48 14.45
N ILE B 3 -7.20 18.75 14.22
CA ILE B 3 -6.62 19.63 15.23
C ILE B 3 -7.47 19.97 16.44
N LEU B 4 -6.90 19.79 17.65
CA LEU B 4 -7.53 20.22 18.90
C LEU B 4 -6.39 20.83 19.71
N THR B 5 -6.69 21.63 20.74
CA THR B 5 -5.60 22.15 21.57
C THR B 5 -5.03 20.92 22.30
N ASP B 6 -3.80 21.04 22.79
CA ASP B 6 -3.12 19.93 23.45
C ASP B 6 -3.55 19.80 24.91
N PHE B 7 -4.84 19.58 25.10
CA PHE B 7 -5.41 19.48 26.44
C PHE B 7 -5.20 18.15 27.14
N ARG B 8 -5.31 18.19 28.46
CA ARG B 8 -5.22 16.98 29.27
C ARG B 8 -6.64 16.45 29.36
N THR B 9 -6.81 15.14 29.44
CA THR B 9 -8.14 14.55 29.56
C THR B 9 -8.18 13.79 30.87
N HIS B 10 -8.87 14.35 31.86
CA HIS B 10 -8.99 13.73 33.19
C HIS B 10 -10.16 12.78 33.15
N ARG B 11 -10.02 11.63 33.78
CA ARG B 11 -11.11 10.65 33.84
C ARG B 11 -11.39 10.28 35.29
N PRO B 12 -12.04 11.17 36.03
CA PRO B 12 -12.39 10.93 37.45
C PRO B 12 -13.33 9.75 37.66
N ALA B 13 -13.17 9.07 38.79
CA ALA B 13 -13.99 7.92 39.14
C ALA B 13 -15.15 8.34 40.00
N THR B 14 -15.03 9.54 40.57
CA THR B 14 -16.09 10.08 41.44
C THR B 14 -16.37 11.55 41.16
N LEU B 15 -17.54 12.01 41.59
CA LEU B 15 -17.91 13.43 41.43
C LEU B 15 -16.94 14.33 42.16
N ALA B 16 -16.47 13.92 43.34
CA ALA B 16 -15.54 14.79 44.09
C ALA B 16 -14.26 14.99 43.28
N ASP B 17 -13.75 13.92 42.69
CA ASP B 17 -12.54 14.05 41.88
C ASP B 17 -12.81 14.94 40.67
N ALA B 18 -13.99 14.83 40.06
CA ALA B 18 -14.31 15.69 38.91
C ALA B 18 -14.33 17.17 39.31
N VAL B 19 -15.05 17.49 40.40
CA VAL B 19 -15.10 18.87 40.88
C VAL B 19 -13.68 19.38 41.16
N ASN B 20 -12.86 18.55 41.78
CA ASN B 20 -11.47 18.95 42.07
C ASN B 20 -10.68 19.23 40.80
N ALA B 21 -10.87 18.43 39.76
CA ALA B 21 -10.16 18.65 38.51
C ALA B 21 -10.62 19.94 37.80
N LEU B 22 -11.91 20.28 37.94
CA LEU B 22 -12.48 21.49 37.34
C LEU B 22 -12.04 22.80 37.97
N ALA B 23 -11.29 22.74 39.06
CA ALA B 23 -10.85 23.98 39.71
C ALA B 23 -9.76 24.69 38.89
N ALA B 24 -9.02 23.94 38.08
CA ALA B 24 -7.95 24.50 37.24
C ALA B 24 -8.45 25.48 36.18
N GLU B 25 -7.53 26.31 35.69
CA GLU B 25 -7.89 27.28 34.66
C GLU B 25 -8.18 26.58 33.35
N ALA B 26 -9.08 27.16 32.56
CA ALA B 26 -9.42 26.66 31.23
C ALA B 26 -9.70 25.15 31.19
N THR B 27 -10.54 24.68 32.12
CA THR B 27 -10.90 23.27 32.16
C THR B 27 -12.42 23.19 31.99
N LEU B 28 -12.84 22.25 31.16
CA LEU B 28 -14.27 22.06 30.87
C LEU B 28 -14.80 20.65 31.11
N PRO B 29 -16.04 20.54 31.56
CA PRO B 29 -16.65 19.21 31.78
C PRO B 29 -16.85 18.61 30.38
N LEU B 30 -16.79 17.29 30.29
CA LEU B 30 -17.02 16.60 29.02
C LEU B 30 -17.97 15.43 29.27
N GLY B 31 -19.07 15.39 28.54
CA GLY B 31 -19.99 14.27 28.62
C GLY B 31 -19.62 13.38 27.43
N ALA B 32 -20.56 13.09 26.54
CA ALA B 32 -20.22 12.26 25.37
C ALA B 32 -19.47 13.03 24.28
N GLY B 33 -19.43 14.35 24.41
CA GLY B 33 -18.73 15.15 23.42
C GLY B 33 -19.45 15.42 22.12
N THR B 34 -20.74 15.09 22.03
CA THR B 34 -21.42 15.29 20.76
C THR B 34 -21.70 16.75 20.43
N ASP B 35 -21.70 17.62 21.43
CA ASP B 35 -21.88 19.05 21.18
C ASP B 35 -20.47 19.71 21.29
N LEU B 36 -19.74 19.32 22.32
CA LEU B 36 -18.47 19.97 22.59
C LEU B 36 -17.36 19.71 21.60
N LEU B 37 -17.23 18.48 21.13
CA LEU B 37 -16.11 18.20 20.26
C LEU B 37 -16.25 18.89 18.89
N PRO B 38 -17.47 18.92 18.30
CA PRO B 38 -17.57 19.63 17.03
C PRO B 38 -17.19 21.12 17.26
N ASN B 39 -17.61 21.67 18.40
CA ASN B 39 -17.30 23.08 18.67
C ASN B 39 -15.80 23.27 18.87
N LEU B 40 -15.15 22.41 19.64
CA LEU B 40 -13.72 22.58 19.85
C LEU B 40 -12.95 22.39 18.54
N ARG B 41 -13.42 21.47 17.70
CA ARG B 41 -12.76 21.23 16.41
C ARG B 41 -12.86 22.47 15.52
N ARG B 42 -13.95 23.23 15.63
CA ARG B 42 -14.09 24.47 14.86
C ARG B 42 -13.34 25.66 15.53
N GLY B 43 -12.69 25.40 16.66
CA GLY B 43 -11.91 26.41 17.38
C GLY B 43 -12.69 27.26 18.38
N LEU B 44 -13.83 26.77 18.81
CA LEU B 44 -14.69 27.47 19.76
C LEU B 44 -14.25 27.05 21.16
C LEU B 44 -14.31 27.66 21.14
N GLY B 45 -13.26 27.75 21.69
N GLY B 45 -13.20 27.02 21.48
CA GLY B 45 -12.72 27.40 22.99
CA GLY B 45 -12.72 27.05 22.85
C GLY B 45 -11.33 26.83 22.80
C GLY B 45 -11.28 26.60 22.84
N HIS B 46 -10.47 27.03 23.80
CA HIS B 46 -9.10 26.58 23.79
C HIS B 46 -8.76 26.10 25.18
N PRO B 47 -9.38 24.97 25.56
CA PRO B 47 -9.16 24.38 26.89
C PRO B 47 -7.76 23.82 27.14
N ALA B 48 -7.35 23.88 28.39
CA ALA B 48 -6.09 23.32 28.84
C ALA B 48 -6.42 21.90 29.30
N ALA B 49 -7.69 21.64 29.60
CA ALA B 49 -8.09 20.30 30.05
C ALA B 49 -9.59 20.05 29.92
N LEU B 50 -9.94 18.77 29.73
CA LEU B 50 -11.34 18.36 29.70
C LEU B 50 -11.49 17.34 30.83
N VAL B 51 -12.62 17.38 31.52
CA VAL B 51 -12.88 16.45 32.61
C VAL B 51 -13.98 15.53 32.15
N ASP B 52 -13.59 14.32 31.76
CA ASP B 52 -14.52 13.31 31.26
C ASP B 52 -15.39 12.81 32.40
N LEU B 53 -16.70 12.97 32.24
CA LEU B 53 -17.63 12.54 33.28
C LEU B 53 -18.19 11.14 33.02
N THR B 54 -17.92 10.59 31.84
CA THR B 54 -18.47 9.29 31.46
C THR B 54 -17.92 8.07 32.18
N GLY B 55 -16.80 8.25 32.89
CA GLY B 55 -16.20 7.16 33.63
C GLY B 55 -16.52 7.25 35.12
N ILE B 56 -17.42 8.14 35.52
CA ILE B 56 -17.78 8.27 36.95
C ILE B 56 -18.83 7.21 37.28
N ASP B 57 -18.48 6.33 38.21
CA ASP B 57 -19.39 5.25 38.57
C ASP B 57 -20.67 5.73 39.19
N GLY B 58 -21.76 5.16 38.69
CA GLY B 58 -23.08 5.50 39.16
C GLY B 58 -23.67 6.79 38.62
N LEU B 59 -22.94 7.53 37.79
CA LEU B 59 -23.48 8.80 37.30
C LEU B 59 -24.54 8.64 36.21
N ALA B 60 -24.71 7.42 35.67
CA ALA B 60 -25.71 7.22 34.62
C ALA B 60 -26.93 6.46 35.09
N THR B 61 -27.05 6.27 36.39
CA THR B 61 -28.19 5.52 36.92
C THR B 61 -29.53 6.22 36.83
N ILE B 62 -30.56 5.44 36.50
CA ILE B 62 -31.93 5.94 36.47
C ILE B 62 -32.64 5.13 37.56
N SER B 63 -33.39 5.80 38.43
CA SER B 63 -34.09 5.08 39.50
C SER B 63 -35.36 5.81 39.90
N THR B 64 -36.25 5.15 40.66
CA THR B 64 -37.43 5.84 41.15
C THR B 64 -37.24 5.91 42.65
N LEU B 65 -37.78 6.96 43.28
CA LEU B 65 -37.61 7.12 44.72
C LEU B 65 -38.86 6.67 45.45
N ALA B 66 -38.74 6.60 46.77
CA ALA B 66 -39.83 6.18 47.63
C ALA B 66 -41.14 6.92 47.38
N ASP B 67 -41.08 8.22 47.09
CA ASP B 67 -42.29 8.99 46.84
C ASP B 67 -42.80 8.92 45.40
N GLY B 68 -42.10 8.14 44.58
CA GLY B 68 -42.54 8.00 43.19
C GLY B 68 -41.80 8.95 42.25
N SER B 69 -40.88 9.75 42.77
CA SER B 69 -40.10 10.68 41.93
C SER B 69 -39.12 9.88 41.09
N LEU B 70 -38.81 10.45 39.94
CA LEU B 70 -37.83 9.86 39.03
C LEU B 70 -36.46 10.51 39.31
N ARG B 71 -35.39 9.73 39.41
CA ARG B 71 -34.06 10.33 39.59
C ARG B 71 -33.18 9.86 38.42
N ILE B 72 -32.57 10.80 37.69
CA ILE B 72 -31.70 10.47 36.56
C ILE B 72 -30.32 11.10 36.77
N GLY B 73 -29.26 10.29 36.75
CA GLY B 73 -27.92 10.81 36.89
C GLY B 73 -27.61 11.60 35.63
N ALA B 74 -26.77 12.63 35.75
CA ALA B 74 -26.45 13.48 34.59
C ALA B 74 -25.76 12.72 33.47
N GLY B 75 -25.21 11.55 33.80
CA GLY B 75 -24.52 10.74 32.79
C GLY B 75 -25.42 9.78 32.02
N ALA B 76 -26.69 9.70 32.37
CA ALA B 76 -27.60 8.78 31.66
C ALA B 76 -27.73 9.20 30.21
N THR B 77 -27.75 8.24 29.30
CA THR B 77 -27.85 8.63 27.89
C THR B 77 -29.26 8.99 27.46
N LEU B 78 -29.36 9.76 26.39
CA LEU B 78 -30.69 10.12 25.92
C LEU B 78 -31.44 8.87 25.42
N GLU B 79 -30.71 7.92 24.84
CA GLU B 79 -31.34 6.69 24.38
C GLU B 79 -31.93 5.93 25.61
N ALA B 80 -31.17 5.87 26.69
CA ALA B 80 -31.62 5.15 27.90
C ALA B 80 -32.88 5.84 28.42
N ILE B 81 -32.86 7.16 28.43
CA ILE B 81 -34.04 7.91 28.88
C ILE B 81 -35.28 7.70 27.99
N ALA B 82 -35.09 7.76 26.67
CA ALA B 82 -36.20 7.59 25.73
C ALA B 82 -36.80 6.17 25.76
N GLU B 83 -35.98 5.18 26.09
CA GLU B 83 -36.42 3.79 26.07
C GLU B 83 -36.77 3.20 27.41
N HIS B 84 -36.54 3.95 28.47
CA HIS B 84 -36.82 3.47 29.82
C HIS B 84 -38.33 3.25 29.98
N ASP B 85 -38.73 2.06 30.40
CA ASP B 85 -40.16 1.79 30.47
C ASP B 85 -40.94 2.63 31.49
N ALA B 86 -40.31 2.98 32.59
CA ALA B 86 -41.00 3.79 33.60
C ALA B 86 -41.13 5.20 33.07
N ILE B 87 -40.08 5.69 32.42
CA ILE B 87 -40.17 7.06 31.89
C ILE B 87 -41.21 7.15 30.79
N ARG B 88 -41.20 6.21 29.85
CA ARG B 88 -42.15 6.23 28.74
C ARG B 88 -43.61 6.14 29.16
N THR B 89 -43.88 5.45 30.26
CA THR B 89 -45.25 5.28 30.71
C THR B 89 -45.69 6.27 31.78
N THR B 90 -44.77 6.97 32.42
CA THR B 90 -45.11 7.89 33.49
C THR B 90 -44.79 9.37 33.21
N TRP B 91 -43.67 9.61 32.52
CA TRP B 91 -43.24 10.99 32.19
C TRP B 91 -42.94 10.94 30.68
N PRO B 92 -43.96 10.62 29.87
CA PRO B 92 -43.72 10.53 28.42
C PRO B 92 -43.18 11.76 27.72
N ALA B 93 -43.48 12.96 28.23
CA ALA B 93 -42.94 14.16 27.57
C ALA B 93 -41.41 14.14 27.59
N LEU B 94 -40.83 13.62 28.68
CA LEU B 94 -39.38 13.52 28.83
C LEU B 94 -38.84 12.51 27.80
N ALA B 95 -39.49 11.35 27.69
CA ALA B 95 -39.02 10.37 26.71
C ALA B 95 -39.14 10.93 25.31
N GLN B 96 -40.24 11.64 25.03
CA GLN B 96 -40.46 12.26 23.72
C GLN B 96 -39.36 13.26 23.40
N ALA B 97 -39.05 14.12 24.37
CA ALA B 97 -38.04 15.16 24.11
C ALA B 97 -36.68 14.52 23.92
N ALA B 98 -36.34 13.55 24.75
CA ALA B 98 -35.05 12.90 24.59
C ALA B 98 -34.92 12.22 23.22
N GLU B 99 -35.97 11.54 22.78
CA GLU B 99 -35.92 10.83 21.50
C GLU B 99 -35.85 11.77 20.31
N SER B 100 -36.31 13.01 20.49
CA SER B 100 -36.33 14.01 19.41
C SER B 100 -34.97 14.67 19.16
N VAL B 101 -34.03 14.44 20.05
CA VAL B 101 -32.68 15.04 19.96
C VAL B 101 -31.79 14.44 18.88
N ALA B 102 -31.30 15.28 17.99
CA ALA B 102 -30.28 14.86 17.02
C ALA B 102 -30.64 13.59 16.29
N GLY B 103 -29.67 12.69 16.19
CA GLY B 103 -29.88 11.39 15.55
C GLY B 103 -29.73 10.26 16.56
N PRO B 104 -30.10 9.03 16.18
CA PRO B 104 -30.01 7.87 17.07
C PRO B 104 -28.59 7.54 17.57
N THR B 105 -27.59 7.78 16.73
CA THR B 105 -26.22 7.47 17.15
C THR B 105 -25.79 8.50 18.15
N HIS B 106 -26.13 9.76 17.93
CA HIS B 106 -25.81 10.77 18.95
C HIS B 106 -26.45 10.36 20.28
N ARG B 107 -27.73 10.02 20.25
CA ARG B 107 -28.46 9.65 21.48
C ARG B 107 -27.94 8.42 22.20
N ALA B 108 -27.23 7.54 21.50
CA ALA B 108 -26.72 6.35 22.13
C ALA B 108 -25.61 6.67 23.13
N ALA B 109 -24.99 7.85 23.00
CA ALA B 109 -23.94 8.26 23.94
C ALA B 109 -24.24 9.58 24.65
N ALA B 110 -24.91 10.49 23.96
CA ALA B 110 -25.22 11.83 24.50
C ALA B 110 -25.85 11.72 25.88
N THR B 111 -25.38 12.55 26.80
CA THR B 111 -25.87 12.51 28.20
C THR B 111 -26.93 13.57 28.52
N LEU B 112 -27.70 13.32 29.57
CA LEU B 112 -28.73 14.28 29.98
C LEU B 112 -28.04 15.60 30.42
N GLY B 113 -26.95 15.48 31.18
CA GLY B 113 -26.25 16.66 31.64
C GLY B 113 -25.75 17.48 30.46
N GLY B 114 -25.16 16.80 29.48
CA GLY B 114 -24.63 17.51 28.30
C GLY B 114 -25.76 18.11 27.47
N ASN B 115 -26.91 17.45 27.42
CA ASN B 115 -28.01 18.02 26.65
C ASN B 115 -28.50 19.32 27.32
N LEU B 116 -28.67 19.29 28.63
CA LEU B 116 -29.15 20.49 29.33
C LEU B 116 -28.13 21.62 29.24
N CYS B 117 -26.86 21.28 29.34
CA CYS B 117 -25.81 22.31 29.36
C CYS B 117 -25.18 22.62 28.00
N GLN B 118 -25.82 22.15 26.95
CA GLN B 118 -25.29 22.39 25.60
C GLN B 118 -25.15 23.87 25.33
N ASP B 119 -24.22 24.20 24.44
CA ASP B 119 -23.98 25.61 24.10
C ASP B 119 -25.09 26.23 23.25
N THR B 120 -25.22 27.57 23.33
CA THR B 120 -26.16 28.29 22.49
C THR B 120 -25.53 28.30 21.09
N ARG B 121 -26.36 28.56 20.09
CA ARG B 121 -25.97 28.51 18.68
C ARG B 121 -26.25 29.78 17.91
N CYS B 122 -25.43 30.03 16.89
CA CYS B 122 -25.60 31.21 16.04
C CYS B 122 -24.80 30.97 14.77
N THR B 123 -25.33 31.41 13.62
CA THR B 123 -24.60 31.18 12.35
C THR B 123 -23.29 31.97 12.28
N PHE B 124 -23.03 32.91 13.19
CA PHE B 124 -21.72 33.58 13.18
C PHE B 124 -20.77 32.87 14.12
N TYR B 125 -21.31 31.93 14.89
CA TYR B 125 -20.53 31.22 15.91
C TYR B 125 -20.15 29.81 15.51
N ASN B 126 -21.12 29.03 15.02
CA ASN B 126 -20.85 27.65 14.63
C ASN B 126 -20.29 27.67 13.22
N GLN B 127 -19.05 28.14 13.13
CA GLN B 127 -18.31 28.28 11.88
C GLN B 127 -16.83 28.05 12.22
N SER B 128 -16.02 27.75 11.21
CA SER B 128 -14.61 27.45 11.40
C SER B 128 -13.78 28.64 11.91
N GLU B 129 -12.59 28.32 12.38
CA GLU B 129 -11.67 29.35 12.84
C GLU B 129 -11.38 30.29 11.67
N TRP B 130 -11.18 29.75 10.46
CA TRP B 130 -10.91 30.59 9.29
C TRP B 130 -12.06 31.56 9.04
N TRP B 131 -13.28 31.03 9.10
CA TRP B 131 -14.45 31.84 8.84
C TRP B 131 -14.60 32.98 9.88
N ARG B 132 -14.53 32.62 11.14
CA ARG B 132 -14.71 33.60 12.22
C ARG B 132 -13.57 34.61 12.27
N SER B 133 -12.33 34.14 12.20
CA SER B 133 -11.22 35.09 12.24
C SER B 133 -11.33 36.07 11.05
N GLY B 134 -11.79 35.58 9.90
CA GLY B 134 -11.96 36.45 8.75
C GLY B 134 -13.04 37.50 8.99
N ASN B 135 -14.01 37.19 9.85
CA ASN B 135 -15.10 38.12 10.15
C ASN B 135 -14.88 38.91 11.45
N GLY B 136 -13.68 38.78 12.03
CA GLY B 136 -13.36 39.51 13.26
C GLY B 136 -13.97 38.96 14.54
N TYR B 137 -14.30 37.66 14.49
CA TYR B 137 -14.90 36.98 15.63
C TYR B 137 -16.19 37.69 16.07
N CYS B 138 -16.58 37.56 17.34
CA CYS B 138 -17.78 38.25 17.83
C CYS B 138 -17.78 38.27 19.34
N LEU B 139 -18.75 38.98 19.92
CA LEU B 139 -18.83 39.14 21.34
C LEU B 139 -18.84 37.84 22.16
N LYS B 140 -19.42 36.77 21.59
CA LYS B 140 -19.49 35.49 22.32
C LYS B 140 -18.12 34.83 22.50
C LYS B 140 -18.05 34.96 22.58
N TYR B 141 -17.20 35.06 21.55
CA TYR B 141 -15.87 34.50 21.64
C TYR B 141 -14.86 35.23 20.75
N LYS B 142 -13.88 35.85 21.43
CA LYS B 142 -12.74 36.55 20.80
C LYS B 142 -12.97 37.84 20.06
N GLY B 143 -14.19 38.37 20.08
CA GLY B 143 -14.47 39.61 19.39
C GLY B 143 -15.16 40.56 20.33
N ASP B 144 -15.68 41.66 19.80
CA ASP B 144 -16.32 42.64 20.66
C ASP B 144 -17.68 43.11 20.16
N LYS B 145 -18.10 42.56 19.03
CA LYS B 145 -19.35 42.96 18.41
C LYS B 145 -20.36 41.82 18.22
N CYS B 146 -21.64 42.10 18.43
CA CYS B 146 -22.65 41.08 18.12
C CYS B 146 -23.11 41.42 16.71
N HIS B 147 -23.00 40.46 15.77
CA HIS B 147 -23.43 40.72 14.40
C HIS B 147 -24.93 40.59 14.18
N VAL B 148 -25.63 39.99 15.12
CA VAL B 148 -27.08 39.83 14.99
C VAL B 148 -27.83 41.05 15.51
N ILE B 149 -27.46 41.50 16.69
CA ILE B 149 -28.08 42.69 17.35
C ILE B 149 -26.87 43.62 17.55
N VAL B 150 -26.66 44.53 16.59
CA VAL B 150 -25.48 45.39 16.64
C VAL B 150 -25.28 46.24 17.87
N LYS B 151 -26.34 46.49 18.63
CA LYS B 151 -26.25 47.25 19.88
C LYS B 151 -25.14 46.60 20.75
N SER B 152 -25.03 45.28 20.63
CA SER B 152 -23.98 44.54 21.33
C SER B 152 -23.95 44.65 22.85
N ASP B 153 -25.11 44.71 23.48
CA ASP B 153 -25.14 44.77 24.92
C ASP B 153 -24.98 43.38 25.57
N ARG B 154 -25.13 42.34 24.76
CA ARG B 154 -24.93 40.96 25.20
C ARG B 154 -24.93 40.11 23.93
N CYS B 155 -24.65 38.83 24.11
CA CYS B 155 -24.70 37.88 23.01
C CYS B 155 -26.15 37.40 22.98
N TYR B 156 -26.71 37.25 21.78
CA TYR B 156 -28.08 36.81 21.62
C TYR B 156 -28.22 35.39 21.04
N ALA B 157 -27.16 34.60 21.15
CA ALA B 157 -27.22 33.23 20.58
C ALA B 157 -28.41 32.47 21.21
N THR B 158 -29.00 31.59 20.40
CA THR B 158 -30.23 30.89 20.80
C THR B 158 -29.96 29.52 21.41
N TYR B 159 -30.72 29.20 22.46
CA TYR B 159 -30.63 27.91 23.13
C TYR B 159 -31.64 27.02 22.39
N HIS B 160 -31.18 25.88 21.87
CA HIS B 160 -32.01 24.96 21.06
C HIS B 160 -32.11 23.56 21.69
N GLY B 161 -31.96 23.46 23.01
CA GLY B 161 -32.03 22.13 23.61
C GLY B 161 -33.46 21.64 23.76
N ASP B 162 -33.68 20.36 23.41
CA ASP B 162 -35.04 19.85 23.48
C ASP B 162 -35.52 19.35 24.84
N VAL B 163 -34.60 18.82 25.64
CA VAL B 163 -35.03 18.22 26.90
C VAL B 163 -35.42 19.23 27.98
N ALA B 164 -34.72 20.36 28.03
CA ALA B 164 -35.03 21.36 29.07
C ALA B 164 -36.51 21.76 29.19
N PRO B 165 -37.17 22.17 28.09
CA PRO B 165 -38.57 22.56 28.26
C PRO B 165 -39.46 21.43 28.80
N ALA B 166 -39.18 20.19 28.41
CA ALA B 166 -40.01 19.08 28.92
C ALA B 166 -39.81 18.95 30.43
N LEU B 167 -38.56 19.01 30.90
CA LEU B 167 -38.29 18.91 32.33
C LEU B 167 -38.88 20.11 33.06
N MET B 168 -38.89 21.26 32.41
CA MET B 168 -39.47 22.45 33.05
C MET B 168 -40.98 22.30 33.29
N VAL B 169 -41.75 21.80 32.31
CA VAL B 169 -43.20 21.67 32.54
C VAL B 169 -43.49 20.51 33.48
N LEU B 170 -42.52 19.61 33.67
CA LEU B 170 -42.69 18.49 34.63
C LEU B 170 -42.23 18.89 36.02
N ASP B 171 -41.86 20.16 36.21
CA ASP B 171 -41.42 20.65 37.52
C ASP B 171 -40.19 19.92 38.08
N ALA B 172 -39.25 19.58 37.19
CA ALA B 172 -38.05 18.89 37.63
C ALA B 172 -37.11 19.76 38.45
N ARG B 173 -36.22 19.11 39.20
CA ARG B 173 -35.22 19.78 40.02
C ARG B 173 -33.84 19.33 39.55
N ALA B 174 -32.88 20.25 39.63
CA ALA B 174 -31.52 19.99 39.22
C ALA B 174 -30.64 19.96 40.46
N GLU B 175 -29.85 18.91 40.60
CA GLU B 175 -28.92 18.74 41.70
C GLU B 175 -27.55 19.08 41.16
N ILE B 176 -26.93 20.08 41.78
CA ILE B 176 -25.63 20.61 41.37
C ILE B 176 -24.60 20.37 42.46
N VAL B 177 -23.40 19.97 42.06
CA VAL B 177 -22.33 19.75 43.02
C VAL B 177 -21.16 20.62 42.60
N GLY B 178 -20.47 21.16 43.59
CA GLY B 178 -19.35 22.03 43.33
C GLY B 178 -18.40 22.09 44.51
N PRO B 179 -17.41 22.98 44.48
CA PRO B 179 -16.49 23.05 45.62
C PRO B 179 -17.17 23.40 46.94
N ALA B 180 -18.28 24.14 46.87
CA ALA B 180 -18.98 24.52 48.10
C ALA B 180 -19.91 23.41 48.60
N GLY B 181 -20.14 22.39 47.78
CA GLY B 181 -21.00 21.31 48.19
C GLY B 181 -22.12 21.04 47.20
N LYS B 182 -23.24 20.53 47.70
CA LYS B 182 -24.39 20.20 46.86
C LYS B 182 -25.53 21.18 47.05
N ARG B 183 -26.21 21.53 45.97
CA ARG B 183 -27.35 22.43 46.04
C ARG B 183 -28.36 21.98 45.00
N THR B 184 -29.63 22.29 45.22
CA THR B 184 -30.69 21.89 44.31
C THR B 184 -31.55 23.08 43.96
N VAL B 185 -31.85 23.26 42.67
CA VAL B 185 -32.70 24.34 42.20
C VAL B 185 -33.74 23.83 41.20
N PRO B 186 -34.86 24.57 41.02
CA PRO B 186 -35.90 24.20 40.07
C PRO B 186 -35.13 24.20 38.75
N VAL B 187 -35.38 23.25 37.85
CA VAL B 187 -34.61 23.17 36.62
C VAL B 187 -34.61 24.43 35.77
N ALA B 188 -35.71 25.18 35.76
CA ALA B 188 -35.73 26.41 34.95
C ALA B 188 -34.62 27.39 35.37
N GLN B 189 -34.20 27.29 36.63
CA GLN B 189 -33.17 28.18 37.18
C GLN B 189 -31.74 27.84 36.78
N LEU B 190 -31.57 26.75 36.03
CA LEU B 190 -30.24 26.37 35.57
C LEU B 190 -29.82 27.31 34.44
N PHE B 191 -30.80 28.00 33.85
CA PHE B 191 -30.57 28.88 32.71
C PHE B 191 -30.70 30.37 32.96
N ARG B 192 -29.90 31.11 32.21
CA ARG B 192 -29.91 32.57 32.26
C ARG B 192 -30.11 33.02 30.79
N GLU B 193 -30.97 34.02 30.58
CA GLU B 193 -31.21 34.47 29.20
C GLU B 193 -30.11 35.44 28.73
N SER B 194 -28.94 34.88 28.46
CA SER B 194 -27.78 35.62 28.01
C SER B 194 -26.96 34.62 27.15
N GLY B 195 -26.78 34.93 25.86
CA GLY B 195 -26.13 33.98 24.96
C GLY B 195 -24.74 33.47 25.31
N ALA B 196 -23.95 34.32 25.96
CA ALA B 196 -22.59 33.94 26.33
C ALA B 196 -22.42 33.56 27.80
N GLU B 197 -23.46 33.66 28.61
CA GLU B 197 -23.36 33.27 30.02
C GLU B 197 -24.71 32.62 30.28
N HIS B 198 -25.01 31.57 29.53
CA HIS B 198 -26.35 31.00 29.59
C HIS B 198 -26.72 30.01 30.67
N LEU B 199 -25.76 29.61 31.51
CA LEU B 199 -26.04 28.69 32.60
C LEU B 199 -25.68 29.36 33.91
N THR B 200 -26.32 28.91 34.99
CA THR B 200 -26.08 29.49 36.31
C THR B 200 -25.16 28.61 37.17
N LEU B 201 -24.38 27.75 36.52
CA LEU B 201 -23.40 26.94 37.23
C LEU B 201 -22.19 27.83 37.45
N GLU B 202 -21.60 27.74 38.63
CA GLU B 202 -20.42 28.53 38.96
C GLU B 202 -19.16 27.73 38.67
N LYS B 203 -18.02 28.37 38.89
CA LYS B 203 -16.73 27.72 38.67
C LYS B 203 -16.64 26.42 39.45
N GLY B 204 -16.30 25.34 38.76
CA GLY B 204 -16.15 24.08 39.46
C GLY B 204 -17.44 23.28 39.69
N GLU B 205 -18.56 23.79 39.23
CA GLU B 205 -19.85 23.11 39.41
C GLU B 205 -20.26 22.21 38.24
N LEU B 206 -20.93 21.13 38.60
CA LEU B 206 -21.42 20.16 37.63
C LEU B 206 -22.86 19.85 37.93
N LEU B 207 -23.64 19.60 36.88
CA LEU B 207 -25.01 19.14 37.07
C LEU B 207 -24.80 17.65 37.37
N ALA B 208 -25.26 17.18 38.53
CA ALA B 208 -25.06 15.79 38.94
C ALA B 208 -26.25 14.87 38.69
N ALA B 209 -27.45 15.43 38.80
CA ALA B 209 -28.67 14.67 38.60
C ALA B 209 -29.87 15.54 38.42
N ILE B 210 -30.94 14.92 37.91
CA ILE B 210 -32.22 15.58 37.75
C ILE B 210 -33.27 14.72 38.46
N GLU B 211 -34.19 15.35 39.20
CA GLU B 211 -35.25 14.56 39.82
C GLU B 211 -36.56 15.13 39.32
N VAL B 212 -37.48 14.25 38.98
CA VAL B 212 -38.77 14.68 38.46
C VAL B 212 -39.86 14.17 39.42
N PRO B 213 -40.69 15.07 39.93
CA PRO B 213 -41.73 14.60 40.86
C PRO B 213 -42.85 13.81 40.22
N PRO B 214 -43.63 13.05 41.02
CA PRO B 214 -44.74 12.28 40.47
C PRO B 214 -45.63 13.30 39.78
N THR B 215 -46.35 12.88 38.75
CA THR B 215 -47.19 13.80 38.00
C THR B 215 -48.54 14.19 38.56
N GLY B 216 -49.06 13.44 39.52
CA GLY B 216 -50.39 13.75 40.03
C GLY B 216 -51.39 13.73 38.89
N ALA B 217 -52.23 14.75 38.82
CA ALA B 217 -53.24 14.83 37.78
C ALA B 217 -52.74 15.53 36.51
N TRP B 218 -51.44 15.81 36.45
CA TRP B 218 -50.88 16.50 35.28
C TRP B 218 -50.53 15.56 34.12
N SER B 219 -50.84 15.96 32.88
CA SER B 219 -50.39 15.20 31.70
C SER B 219 -49.50 16.22 30.95
N ALA B 220 -48.52 15.73 30.21
CA ALA B 220 -47.60 16.65 29.53
C ALA B 220 -47.08 16.07 28.21
N ALA B 221 -46.65 16.95 27.31
CA ALA B 221 -46.12 16.50 26.02
C ALA B 221 -45.12 17.54 25.50
N TYR B 222 -44.35 17.13 24.50
CA TYR B 222 -43.37 18.01 23.87
C TYR B 222 -43.50 17.89 22.37
N SER B 223 -43.35 19.01 21.67
CA SER B 223 -43.42 19.03 20.23
C SER B 223 -42.29 19.92 19.67
N LYS B 224 -41.54 19.43 18.68
CA LYS B 224 -40.50 20.26 18.07
C LYS B 224 -40.78 20.36 16.57
N VAL B 225 -40.29 21.45 15.99
CA VAL B 225 -40.44 21.66 14.57
C VAL B 225 -39.05 21.75 13.97
N ARG B 226 -38.84 21.04 12.86
CA ARG B 226 -37.58 21.08 12.13
C ARG B 226 -37.87 20.76 10.67
N ILE B 227 -36.98 21.22 9.81
CA ILE B 227 -37.18 20.97 8.38
C ILE B 227 -36.98 19.51 7.99
N ARG B 228 -35.87 18.90 8.40
CA ARG B 228 -35.68 17.48 8.14
C ARG B 228 -36.39 16.74 9.28
N ASP B 229 -36.60 15.44 9.14
CA ASP B 229 -37.31 14.68 10.16
C ASP B 229 -36.42 14.05 11.22
N ALA B 230 -35.13 14.36 11.18
CA ALA B 230 -34.17 13.85 12.15
C ALA B 230 -32.97 14.79 12.10
N VAL B 231 -32.10 14.64 13.10
CA VAL B 231 -30.84 15.37 13.25
C VAL B 231 -30.96 16.85 13.61
N ASP B 232 -31.72 17.60 12.84
CA ASP B 232 -31.88 19.05 13.07
C ASP B 232 -32.30 19.41 14.50
N PHE B 233 -31.72 20.51 15.01
CA PHE B 233 -32.12 21.10 16.27
C PHE B 233 -33.53 21.68 16.04
N PRO B 234 -34.24 21.99 17.14
CA PRO B 234 -35.56 22.58 16.94
C PRO B 234 -35.47 24.01 16.36
N LEU B 235 -36.28 24.30 15.35
CA LEU B 235 -36.39 25.67 14.81
C LEU B 235 -37.29 26.38 15.87
N ALA B 236 -38.09 25.57 16.58
CA ALA B 236 -39.02 26.02 17.63
C ALA B 236 -39.45 24.73 18.35
N GLY B 237 -39.59 24.81 19.67
CA GLY B 237 -40.02 23.64 20.44
C GLY B 237 -40.88 24.11 21.59
N VAL B 238 -41.93 23.36 21.89
CA VAL B 238 -42.80 23.76 23.00
C VAL B 238 -43.23 22.52 23.80
N ALA B 239 -43.07 22.61 25.11
CA ALA B 239 -43.56 21.55 25.99
C ALA B 239 -44.76 22.18 26.77
N ALA B 240 -45.77 21.38 27.11
CA ALA B 240 -46.90 21.91 27.90
C ALA B 240 -47.33 20.81 28.86
N ALA B 241 -47.87 21.20 30.00
CA ALA B 241 -48.39 20.25 31.00
C ALA B 241 -49.77 20.84 31.31
N LEU B 242 -50.75 19.97 31.43
CA LEU B 242 -52.14 20.38 31.65
C LEU B 242 -52.85 19.62 32.75
N GLN B 243 -53.73 20.33 33.45
CA GLN B 243 -54.60 19.71 34.46
C GLN B 243 -55.97 20.17 33.99
N ARG B 244 -56.84 19.23 33.67
CA ARG B 244 -58.17 19.55 33.19
C ARG B 244 -59.23 19.18 34.24
N ASP B 245 -60.18 20.09 34.47
CA ASP B 245 -61.27 19.87 35.42
C ASP B 245 -62.54 20.11 34.65
N GLY B 246 -63.20 19.05 34.22
CA GLY B 246 -64.41 19.23 33.44
C GLY B 246 -64.00 19.87 32.12
N ASP B 247 -64.57 21.04 31.83
CA ASP B 247 -64.22 21.72 30.59
C ASP B 247 -63.41 22.98 30.86
N ARG B 248 -62.76 23.03 32.01
CA ARG B 248 -61.96 24.19 32.35
C ARG B 248 -60.50 23.81 32.58
N ILE B 249 -59.61 24.79 32.40
CA ILE B 249 -58.19 24.57 32.63
C ILE B 249 -57.88 24.77 34.12
N ALA B 250 -57.53 23.70 34.83
CA ALA B 250 -57.21 23.83 36.25
C ALA B 250 -55.74 24.15 36.49
N GLY B 251 -54.89 23.78 35.54
CA GLY B 251 -53.48 24.04 35.69
C GLY B 251 -52.88 24.02 34.29
N LEU B 252 -51.83 24.81 34.09
CA LEU B 252 -51.19 24.84 32.79
C LEU B 252 -49.77 25.36 32.94
N ARG B 253 -48.85 24.69 32.24
CA ARG B 253 -47.46 25.09 32.22
C ARG B 253 -47.04 24.98 30.76
N VAL B 254 -46.28 25.97 30.31
CA VAL B 254 -45.82 26.00 28.94
C VAL B 254 -44.37 26.46 28.96
N ALA B 255 -43.48 25.74 28.26
CA ALA B 255 -42.07 26.15 28.19
C ALA B 255 -41.65 26.11 26.74
N ILE B 256 -40.82 27.06 26.33
CA ILE B 256 -40.37 27.12 24.95
C ILE B 256 -38.86 27.01 24.83
N THR B 257 -38.43 26.52 23.66
CA THR B 257 -36.99 26.41 23.35
C THR B 257 -36.80 26.71 21.86
N GLY B 258 -35.54 26.90 21.45
CA GLY B 258 -35.22 27.23 20.08
C GLY B 258 -35.68 28.65 19.75
N SER B 259 -35.95 29.46 20.77
CA SER B 259 -36.46 30.80 20.51
C SER B 259 -35.74 31.97 21.18
N ASN B 260 -35.12 31.72 22.34
CA ASN B 260 -34.42 32.74 23.13
C ASN B 260 -33.05 32.21 23.55
N SER B 261 -32.27 33.01 24.30
CA SER B 261 -30.95 32.57 24.76
C SER B 261 -31.03 31.54 25.89
N ALA B 262 -32.25 31.28 26.34
CA ALA B 262 -32.52 30.28 27.36
C ALA B 262 -33.86 29.63 27.06
N PRO B 263 -34.09 28.41 27.58
CA PRO B 263 -35.39 27.79 27.37
C PRO B 263 -36.19 28.52 28.49
N LEU B 264 -37.44 28.87 28.23
CA LEU B 264 -38.21 29.68 29.19
C LEU B 264 -39.65 29.25 29.45
N MET B 265 -40.10 29.53 30.68
CA MET B 265 -41.48 29.26 31.06
C MET B 265 -42.28 30.46 30.54
N VAL B 266 -43.50 30.19 30.10
CA VAL B 266 -44.38 31.25 29.59
C VAL B 266 -45.45 31.49 30.68
N PRO B 267 -45.60 32.75 31.14
CA PRO B 267 -46.63 32.99 32.18
C PRO B 267 -48.02 32.82 31.58
N VAL B 268 -48.74 31.80 32.01
CA VAL B 268 -50.03 31.55 31.41
C VAL B 268 -51.19 31.56 32.43
N ASP B 269 -50.99 32.17 33.58
CA ASP B 269 -52.05 32.17 34.60
C ASP B 269 -53.39 32.72 34.09
N ALA B 270 -53.32 33.65 33.14
CA ALA B 270 -54.52 34.25 32.56
C ALA B 270 -55.50 33.24 31.98
N LEU B 271 -55.03 32.02 31.71
CA LEU B 271 -55.89 30.99 31.14
C LEU B 271 -56.56 30.10 32.18
N LEU B 272 -56.06 30.13 33.40
CA LEU B 272 -56.59 29.26 34.45
C LEU B 272 -58.06 29.57 34.77
N GLY B 273 -58.87 28.52 34.87
CA GLY B 273 -60.28 28.71 35.18
C GLY B 273 -61.15 28.86 33.96
N GLY B 274 -60.54 29.17 32.82
CA GLY B 274 -61.30 29.32 31.59
C GLY B 274 -61.36 28.06 30.76
N ASN B 275 -62.10 28.10 29.66
CA ASN B 275 -62.20 26.94 28.78
C ASN B 275 -61.02 26.88 27.81
N TRP B 276 -60.93 25.80 27.06
CA TRP B 276 -59.89 25.69 26.04
C TRP B 276 -60.67 25.76 24.73
N ASP B 277 -60.66 26.94 24.12
CA ASP B 277 -61.36 27.21 22.86
C ASP B 277 -60.50 28.15 22.01
N ASP B 278 -60.98 28.51 20.82
CA ASP B 278 -60.23 29.40 19.94
C ASP B 278 -59.71 30.65 20.64
N ALA B 279 -60.56 31.29 21.44
CA ALA B 279 -60.14 32.49 22.15
C ALA B 279 -58.99 32.22 23.13
N ALA B 280 -59.05 31.09 23.85
CA ALA B 280 -57.99 30.79 24.81
C ALA B 280 -56.68 30.50 24.06
N ALA B 281 -56.79 29.81 22.93
CA ALA B 281 -55.63 29.46 22.12
C ALA B 281 -54.97 30.74 21.56
N GLU B 282 -55.79 31.74 21.24
CA GLU B 282 -55.23 32.99 20.74
C GLU B 282 -54.50 33.71 21.87
N THR B 283 -55.09 33.73 23.06
CA THR B 283 -54.46 34.37 24.20
C THR B 283 -53.10 33.69 24.47
N LEU B 284 -53.09 32.36 24.42
CA LEU B 284 -51.87 31.58 24.63
C LEU B 284 -50.80 31.99 23.62
N ALA B 285 -51.18 32.03 22.34
CA ALA B 285 -50.25 32.40 21.28
C ALA B 285 -49.63 33.77 21.56
N GLN B 286 -50.45 34.72 22.02
CA GLN B 286 -49.94 36.04 22.32
C GLN B 286 -49.00 36.05 23.51
N LEU B 287 -49.26 35.19 24.50
CA LEU B 287 -48.44 35.09 25.68
C LEU B 287 -47.10 34.46 25.28
N VAL B 288 -47.16 33.46 24.40
CA VAL B 288 -45.94 32.80 23.93
C VAL B 288 -45.14 33.82 23.09
N ARG B 289 -45.83 34.57 22.23
CA ARG B 289 -45.16 35.56 21.41
C ARG B 289 -44.42 36.60 22.27
N LYS B 290 -45.05 37.02 23.37
CA LYS B 290 -44.47 38.01 24.26
C LYS B 290 -43.18 37.53 24.96
N THR B 291 -43.17 36.27 25.41
CA THR B 291 -42.04 35.65 26.08
C THR B 291 -40.91 35.40 25.09
N SER B 292 -41.30 34.98 23.90
CA SER B 292 -40.32 34.68 22.87
C SER B 292 -39.60 35.92 22.37
N ASN B 293 -38.38 35.72 21.84
CA ASN B 293 -37.60 36.82 21.26
C ASN B 293 -36.85 36.18 20.10
N VAL B 294 -37.60 35.81 19.06
CA VAL B 294 -37.01 35.11 17.89
C VAL B 294 -36.15 36.09 17.10
N LEU B 295 -34.89 35.73 16.95
CA LEU B 295 -33.90 36.56 16.27
C LEU B 295 -33.16 35.77 15.22
N ARG B 296 -32.52 36.48 14.30
CA ARG B 296 -31.84 35.76 13.22
C ARG B 296 -30.45 35.23 13.56
N THR B 297 -30.42 34.31 14.51
CA THR B 297 -29.19 33.63 14.86
C THR B 297 -29.14 32.32 14.03
N THR B 298 -30.24 32.04 13.34
CA THR B 298 -30.44 30.83 12.54
C THR B 298 -30.37 31.08 11.03
N ILE B 299 -30.09 30.03 10.28
CA ILE B 299 -30.09 30.21 8.84
C ILE B 299 -31.56 30.35 8.36
N THR B 300 -32.49 29.72 9.09
CA THR B 300 -33.92 29.81 8.73
C THR B 300 -34.45 31.16 9.27
N GLY B 301 -35.38 31.76 8.53
CA GLY B 301 -35.90 33.06 8.93
C GLY B 301 -36.72 33.16 10.19
N VAL B 302 -36.69 34.35 10.77
CA VAL B 302 -37.42 34.68 12.00
C VAL B 302 -38.96 34.58 11.82
N LYS B 303 -39.47 35.09 10.70
CA LYS B 303 -40.93 35.07 10.49
C LYS B 303 -41.49 33.65 10.62
N TYR B 304 -40.86 32.69 9.94
CA TYR B 304 -41.31 31.30 10.03
C TYR B 304 -41.13 30.72 11.43
N ARG B 305 -39.95 30.92 12.02
CA ARG B 305 -39.70 30.36 13.36
C ARG B 305 -40.68 30.88 14.39
N ARG B 306 -41.00 32.16 14.30
CA ARG B 306 -41.94 32.70 15.27
C ARG B 306 -43.35 32.19 15.00
N ARG B 307 -43.73 32.13 13.72
CA ARG B 307 -45.05 31.65 13.34
C ARG B 307 -45.29 30.23 13.83
N VAL B 308 -44.31 29.36 13.58
CA VAL B 308 -44.50 27.97 13.96
C VAL B 308 -44.39 27.78 15.49
N LEU B 309 -43.61 28.62 16.17
CA LEU B 309 -43.54 28.52 17.63
C LEU B 309 -44.96 28.76 18.19
N LEU B 310 -45.66 29.76 17.64
CA LEU B 310 -47.02 30.04 18.13
C LEU B 310 -48.00 28.94 17.73
N ALA B 311 -47.88 28.44 16.52
CA ALA B 311 -48.78 27.40 16.05
C ALA B 311 -48.65 26.08 16.84
N ILE B 312 -47.42 25.69 17.19
CA ILE B 312 -47.28 24.43 17.93
C ILE B 312 -47.63 24.55 19.41
N SER B 313 -47.58 25.76 19.97
CA SER B 313 -47.96 25.91 21.36
C SER B 313 -49.48 25.57 21.44
N ARG B 314 -50.22 25.97 20.42
CA ARG B 314 -51.65 25.67 20.40
C ARG B 314 -51.88 24.19 20.13
N LYS B 315 -51.10 23.62 19.21
CA LYS B 315 -51.23 22.21 18.88
C LYS B 315 -50.94 21.29 20.07
N VAL B 316 -49.86 21.56 20.80
CA VAL B 316 -49.52 20.69 21.92
C VAL B 316 -50.58 20.75 23.02
N VAL B 317 -51.08 21.93 23.31
CA VAL B 317 -52.11 22.02 24.35
C VAL B 317 -53.39 21.33 23.84
N ASP B 318 -53.71 21.52 22.57
CA ASP B 318 -54.92 20.87 22.06
C ASP B 318 -54.76 19.36 22.15
N GLN B 319 -53.57 18.84 21.89
CA GLN B 319 -53.33 17.41 21.98
C GLN B 319 -53.60 16.90 23.39
N LEU B 320 -53.07 17.60 24.38
CA LEU B 320 -53.28 17.18 25.76
C LEU B 320 -54.76 17.27 26.15
N TRP B 321 -55.40 18.34 25.73
CA TRP B 321 -56.80 18.57 26.07
C TRP B 321 -57.71 17.50 25.52
N GLU B 322 -57.47 17.10 24.27
CA GLU B 322 -58.27 16.11 23.58
C GLU B 322 -57.93 14.66 23.90
N ALA B 323 -56.79 14.42 24.55
CA ALA B 323 -56.44 13.05 24.86
C ALA B 323 -57.40 12.49 25.90
N MET C 1 -0.42 15.68 26.05
CA MET C 1 0.28 14.59 26.79
C MET C 1 -0.29 13.23 26.42
N LYS C 2 0.55 12.20 26.41
CA LYS C 2 0.05 10.86 26.08
C LYS C 2 -0.21 10.03 27.35
N ASN C 3 -1.18 9.14 27.26
CA ASN C 3 -1.53 8.27 28.37
C ASN C 3 -1.88 6.91 27.81
N ILE C 4 -1.77 5.89 28.65
CA ILE C 4 -2.06 4.54 28.21
C ILE C 4 -3.55 4.32 27.92
N LEU C 5 -3.83 3.71 26.78
CA LEU C 5 -5.21 3.41 26.41
C LEU C 5 -5.29 1.91 26.16
N ARG C 6 -6.14 1.21 26.90
CA ARG C 6 -6.33 -0.22 26.70
C ARG C 6 -7.76 -0.44 26.27
N LEU C 7 -7.96 -1.26 25.25
CA LEU C 7 -9.33 -1.54 24.79
C LEU C 7 -9.27 -2.81 23.96
N THR C 8 -10.43 -3.28 23.53
CA THR C 8 -10.45 -4.43 22.64
C THR C 8 -10.91 -3.84 21.32
N LEU C 9 -10.16 -4.08 20.24
CA LEU C 9 -10.51 -3.51 18.94
C LEU C 9 -10.58 -4.63 17.91
N ASN C 10 -11.75 -4.79 17.29
CA ASN C 10 -11.95 -5.84 16.29
C ASN C 10 -11.46 -7.19 16.83
N GLY C 11 -11.81 -7.43 18.08
CA GLY C 11 -11.46 -8.70 18.73
C GLY C 11 -10.05 -8.86 19.24
N ARG C 12 -9.21 -7.84 19.11
CA ARG C 12 -7.82 -7.92 19.58
C ARG C 12 -7.52 -6.91 20.69
N ALA C 13 -6.72 -7.35 21.66
CA ALA C 13 -6.36 -6.46 22.76
C ALA C 13 -5.39 -5.37 22.29
N ARG C 14 -5.69 -4.12 22.63
CA ARG C 14 -4.79 -3.01 22.28
C ARG C 14 -4.30 -2.40 23.59
N GLU C 15 -3.06 -1.95 23.60
CA GLU C 15 -2.49 -1.29 24.77
C GLU C 15 -1.54 -0.28 24.12
N ASP C 16 -2.00 0.95 23.91
CA ASP C 16 -1.19 1.96 23.21
C ASP C 16 -1.03 3.24 24.02
N LEU C 17 0.00 4.01 23.73
CA LEU C 17 0.24 5.29 24.38
C LEU C 17 -0.40 6.27 23.39
N VAL C 18 -1.46 6.94 23.85
CA VAL C 18 -2.27 7.80 22.98
C VAL C 18 -2.48 9.21 23.51
N PRO C 19 -2.33 10.23 22.64
CA PRO C 19 -2.55 11.60 23.13
C PRO C 19 -3.93 11.77 23.78
N ASP C 20 -3.99 12.52 24.89
CA ASP C 20 -5.25 12.76 25.58
C ASP C 20 -6.28 13.44 24.68
N ASN C 21 -5.81 14.24 23.74
CA ASN C 21 -6.71 14.97 22.83
C ASN C 21 -6.99 14.28 21.51
N MET C 22 -6.65 13.00 21.40
CA MET C 22 -6.87 12.30 20.13
C MET C 22 -8.31 11.80 19.97
N LEU C 23 -8.91 12.10 18.81
CA LEU C 23 -10.26 11.65 18.53
C LEU C 23 -10.21 10.16 18.18
N LEU C 24 -11.27 9.44 18.51
CA LEU C 24 -11.29 8.01 18.18
C LEU C 24 -11.08 7.79 16.67
N LEU C 25 -11.69 8.63 15.85
CA LEU C 25 -11.54 8.51 14.39
C LEU C 25 -10.08 8.54 13.98
N ASP C 26 -9.31 9.48 14.54
CA ASP C 26 -7.90 9.63 14.18
C ASP C 26 -7.06 8.47 14.75
N TYR C 27 -7.43 7.98 15.92
CA TYR C 27 -6.73 6.84 16.49
C TYR C 27 -6.93 5.63 15.53
N LEU C 28 -8.17 5.39 15.13
CA LEU C 28 -8.44 4.25 14.24
C LEU C 28 -7.73 4.39 12.90
N ARG C 29 -7.93 5.53 12.24
CA ARG C 29 -7.33 5.71 10.91
C ARG C 29 -5.82 5.87 10.85
N GLU C 30 -5.25 6.62 11.80
CA GLU C 30 -3.83 6.91 11.76
C GLU C 30 -2.97 6.06 12.68
N THR C 31 -3.43 5.82 13.90
CA THR C 31 -2.61 5.03 14.79
C THR C 31 -2.69 3.56 14.44
N VAL C 32 -3.89 3.05 14.23
CA VAL C 32 -4.03 1.64 13.89
C VAL C 32 -3.97 1.39 12.39
N GLY C 33 -4.33 2.38 11.57
CA GLY C 33 -4.29 2.18 10.14
C GLY C 33 -5.56 1.59 9.52
N LEU C 34 -6.66 1.62 10.26
CA LEU C 34 -7.95 1.06 9.78
C LEU C 34 -8.69 2.17 9.06
N THR C 35 -8.57 2.20 7.74
CA THR C 35 -9.17 3.29 6.97
C THR C 35 -10.63 3.11 6.55
N GLY C 36 -11.28 2.01 6.96
CA GLY C 36 -12.67 1.78 6.62
C GLY C 36 -13.58 2.86 7.19
N THR C 37 -13.29 3.29 8.41
CA THR C 37 -14.05 4.35 9.09
C THR C 37 -13.69 5.67 8.41
N LYS C 38 -14.72 6.37 7.92
CA LYS C 38 -14.50 7.60 7.12
C LYS C 38 -14.87 8.89 7.79
N GLN C 39 -14.36 9.98 7.19
CA GLN C 39 -14.71 11.31 7.65
C GLN C 39 -15.50 12.00 6.51
N GLY C 40 -16.78 12.31 6.76
CA GLY C 40 -17.58 12.97 5.74
C GLY C 40 -17.97 14.41 6.06
N CYS C 41 -17.66 14.88 7.26
CA CYS C 41 -18.05 16.23 7.66
C CYS C 41 -17.07 16.80 8.65
N ASP C 42 -17.36 18.02 9.15
CA ASP C 42 -16.46 18.65 10.09
C ASP C 42 -16.85 18.42 11.53
N GLY C 43 -17.85 17.57 11.75
CA GLY C 43 -18.21 17.21 13.11
C GLY C 43 -19.64 16.81 13.47
N GLY C 44 -19.90 15.50 13.48
CA GLY C 44 -21.18 14.95 13.91
C GLY C 44 -22.42 15.06 13.05
N GLU C 45 -22.26 15.45 11.79
CA GLU C 45 -23.40 15.69 10.93
C GLU C 45 -23.78 14.59 9.96
N CYS C 46 -22.90 13.63 9.72
CA CYS C 46 -23.14 12.67 8.63
C CYS C 46 -23.15 11.20 8.90
N GLY C 47 -22.59 10.79 10.03
CA GLY C 47 -22.56 9.36 10.35
C GLY C 47 -21.51 8.49 9.65
N ALA C 48 -20.69 9.07 8.78
CA ALA C 48 -19.74 8.26 8.05
C ALA C 48 -18.68 7.60 8.91
N CYS C 49 -18.48 8.12 10.12
CA CYS C 49 -17.47 7.61 11.04
C CYS C 49 -18.06 6.67 12.08
N THR C 50 -19.27 6.18 11.85
CA THR C 50 -19.93 5.36 12.87
C THR C 50 -19.21 4.04 13.10
N VAL C 51 -18.93 3.76 14.38
CA VAL C 51 -18.31 2.49 14.77
C VAL C 51 -19.15 1.94 15.92
N LEU C 52 -18.86 0.72 16.37
CA LEU C 52 -19.60 0.17 17.54
C LEU C 52 -18.69 0.19 18.76
N VAL C 53 -19.30 0.60 19.88
CA VAL C 53 -18.64 0.62 21.21
C VAL C 53 -19.63 -0.09 22.12
N ASP C 54 -19.21 -1.26 22.60
CA ASP C 54 -20.02 -2.13 23.43
C ASP C 54 -21.38 -2.38 22.79
N ASP C 55 -21.34 -2.70 21.50
CA ASP C 55 -22.50 -3.03 20.67
C ASP C 55 -23.39 -1.89 20.25
N ARG C 56 -23.10 -0.66 20.71
CA ARG C 56 -23.95 0.47 20.37
C ARG C 56 -23.17 1.39 19.41
N PRO C 57 -23.90 2.10 18.54
CA PRO C 57 -23.20 2.98 17.59
C PRO C 57 -22.57 4.19 18.29
N ARG C 58 -21.48 4.67 17.72
CA ARG C 58 -20.80 5.82 18.26
C ARG C 58 -20.18 6.56 17.08
N LEU C 59 -20.16 7.89 17.13
CA LEU C 59 -19.51 8.67 16.08
C LEU C 59 -18.04 8.79 16.47
N ALA C 60 -17.15 8.12 15.72
CA ALA C 60 -15.72 8.21 16.06
C ALA C 60 -15.16 9.62 15.96
N CYS C 61 -15.75 10.48 15.12
CA CYS C 61 -15.22 11.83 15.03
C CYS C 61 -15.60 12.72 16.23
N SER C 62 -16.58 12.27 17.01
CA SER C 62 -17.08 13.06 18.15
C SER C 62 -16.93 12.30 19.46
N THR C 63 -15.88 11.50 19.53
CA THR C 63 -15.59 10.70 20.73
C THR C 63 -14.08 10.79 20.91
N LEU C 64 -13.59 11.04 22.13
CA LEU C 64 -12.14 11.01 22.30
C LEU C 64 -11.73 9.51 22.45
N ALA C 65 -10.58 9.15 21.89
CA ALA C 65 -10.09 7.77 22.00
C ALA C 65 -10.05 7.31 23.45
N HIS C 66 -9.61 8.19 24.36
CA HIS C 66 -9.52 7.80 25.76
C HIS C 66 -10.85 7.50 26.42
N GLN C 67 -11.96 7.94 25.83
CA GLN C 67 -13.25 7.64 26.45
C GLN C 67 -13.70 6.20 26.20
N VAL C 68 -13.04 5.47 25.31
CA VAL C 68 -13.45 4.08 25.09
C VAL C 68 -12.53 3.08 25.79
N ALA C 69 -11.78 3.56 26.77
CA ALA C 69 -10.90 2.69 27.54
C ALA C 69 -11.69 1.53 28.15
N GLY C 70 -11.16 0.33 27.98
CA GLY C 70 -11.77 -0.87 28.52
C GLY C 70 -13.03 -1.34 27.84
N LYS C 71 -13.37 -0.75 26.69
CA LYS C 71 -14.60 -1.17 26.00
C LYS C 71 -14.25 -1.98 24.77
N LYS C 72 -15.28 -2.58 24.17
CA LYS C 72 -15.16 -3.40 22.95
C LYS C 72 -15.50 -2.50 21.77
N VAL C 73 -14.50 -2.25 20.90
CA VAL C 73 -14.72 -1.38 19.74
C VAL C 73 -14.68 -2.20 18.48
N GLU C 74 -15.61 -1.93 17.55
CA GLU C 74 -15.63 -2.68 16.29
C GLU C 74 -15.81 -1.76 15.13
N THR C 75 -15.04 -1.98 14.07
CA THR C 75 -15.14 -1.14 12.87
C THR C 75 -15.58 -2.05 11.72
N VAL C 76 -15.76 -1.48 10.52
CA VAL C 76 -16.25 -2.30 9.42
C VAL C 76 -15.32 -3.47 9.09
N GLU C 77 -14.03 -3.29 9.32
CA GLU C 77 -13.07 -4.35 9.01
C GLU C 77 -13.26 -5.62 9.84
N SER C 78 -14.00 -5.52 10.94
CA SER C 78 -14.23 -6.66 11.84
C SER C 78 -15.42 -7.54 11.47
N LEU C 79 -16.30 -7.08 10.57
CA LEU C 79 -17.53 -7.86 10.33
C LEU C 79 -17.36 -9.15 9.52
N ALA C 80 -16.44 -9.15 8.56
CA ALA C 80 -16.25 -10.37 7.75
C ALA C 80 -15.48 -11.41 8.58
N THR C 81 -15.58 -12.69 8.22
CA THR C 81 -14.81 -13.75 8.91
C THR C 81 -13.74 -14.06 7.87
N GLN C 82 -12.52 -13.59 8.15
CA GLN C 82 -11.42 -13.63 7.19
C GLN C 82 -12.00 -12.96 5.94
N GLY C 83 -11.94 -13.58 4.76
CA GLY C 83 -12.48 -12.91 3.59
C GLY C 83 -13.98 -13.14 3.31
N THR C 84 -14.64 -13.93 4.14
CA THR C 84 -16.06 -14.26 3.91
C THR C 84 -16.98 -13.15 4.46
N LEU C 85 -17.83 -12.61 3.61
CA LEU C 85 -18.69 -11.51 4.07
C LEU C 85 -19.71 -11.95 5.09
N SER C 86 -20.10 -11.02 5.97
CA SER C 86 -21.17 -11.33 6.90
C SER C 86 -22.46 -11.24 6.08
N LYS C 87 -23.56 -11.73 6.64
CA LYS C 87 -24.82 -11.66 5.91
C LYS C 87 -25.20 -10.21 5.64
N LEU C 88 -24.95 -9.30 6.58
CA LEU C 88 -25.27 -7.88 6.40
C LEU C 88 -24.43 -7.28 5.25
N GLN C 89 -23.12 -7.59 5.24
CA GLN C 89 -22.27 -7.09 4.15
C GLN C 89 -22.70 -7.66 2.78
N ALA C 90 -23.03 -8.95 2.77
CA ALA C 90 -23.46 -9.58 1.53
C ALA C 90 -24.77 -8.94 1.05
N ALA C 91 -25.65 -8.59 1.97
CA ALA C 91 -26.90 -7.96 1.55
C ALA C 91 -26.68 -6.58 0.97
N PHE C 92 -25.80 -5.76 1.57
CA PHE C 92 -25.56 -4.42 0.98
C PHE C 92 -24.97 -4.56 -0.42
N HIS C 93 -24.09 -5.53 -0.61
CA HIS C 93 -23.48 -5.75 -1.92
C HIS C 93 -24.53 -6.26 -2.93
N GLU C 94 -25.25 -7.31 -2.56
CA GLU C 94 -26.20 -7.94 -3.49
C GLU C 94 -27.44 -7.13 -3.82
N LYS C 95 -27.90 -6.29 -2.91
CA LYS C 95 -29.08 -5.48 -3.13
C LYS C 95 -28.77 -4.05 -3.55
N LEU C 96 -27.49 -3.74 -3.71
CA LEU C 96 -27.05 -2.39 -4.09
C LEU C 96 -27.40 -1.33 -3.07
N GLY C 97 -27.21 -1.66 -1.80
CA GLY C 97 -27.37 -0.66 -0.75
C GLY C 97 -26.08 0.20 -0.70
N THR C 98 -25.14 -0.08 -1.60
CA THR C 98 -23.87 0.67 -1.71
C THR C 98 -23.56 0.96 -3.20
N GLN C 99 -23.26 2.21 -3.51
CA GLN C 99 -22.92 2.63 -4.88
C GLN C 99 -21.49 3.13 -4.82
N CYS C 100 -21.25 4.40 -4.44
CA CYS C 100 -19.84 4.83 -4.38
C CYS C 100 -19.09 4.13 -3.25
N GLY C 101 -19.83 3.76 -2.20
CA GLY C 101 -19.25 3.01 -1.08
C GLY C 101 -18.72 3.86 0.07
N PHE C 102 -18.78 5.18 -0.07
CA PHE C 102 -18.17 6.00 0.97
C PHE C 102 -18.95 6.04 2.29
N CYS C 103 -20.27 6.09 2.22
CA CYS C 103 -21.06 6.11 3.45
C CYS C 103 -21.26 4.68 3.99
N THR C 104 -20.81 3.70 3.22
CA THR C 104 -21.15 2.31 3.52
C THR C 104 -20.64 1.77 4.84
N PRO C 105 -19.38 2.01 5.17
CA PRO C 105 -18.90 1.50 6.46
C PRO C 105 -19.77 2.05 7.63
N GLY C 106 -20.09 3.35 7.62
CA GLY C 106 -20.88 3.87 8.73
C GLY C 106 -22.30 3.37 8.72
N MET C 107 -22.84 3.21 7.51
CA MET C 107 -24.21 2.74 7.33
C MET C 107 -24.32 1.30 7.80
N ILE C 108 -23.30 0.50 7.48
CA ILE C 108 -23.29 -0.91 7.88
C ILE C 108 -23.11 -1.02 9.39
N MET C 109 -22.24 -0.21 10.00
CA MET C 109 -22.08 -0.31 11.44
C MET C 109 -23.34 0.11 12.18
N ALA C 110 -24.01 1.16 11.69
CA ALA C 110 -25.27 1.54 12.34
C ALA C 110 -26.28 0.39 12.17
N SER C 111 -26.28 -0.26 11.00
CA SER C 111 -27.21 -1.38 10.76
C SER C 111 -26.90 -2.57 11.64
N GLU C 112 -25.61 -2.84 11.85
CA GLU C 112 -25.20 -3.96 12.71
C GLU C 112 -25.69 -3.70 14.13
N ALA C 113 -25.51 -2.49 14.64
CA ALA C 113 -25.99 -2.19 16.00
C ALA C 113 -27.49 -2.44 16.07
N LEU C 114 -28.21 -2.03 15.03
CA LEU C 114 -29.66 -2.22 15.04
C LEU C 114 -30.05 -3.68 15.08
N LEU C 115 -29.42 -4.49 14.25
CA LEU C 115 -29.80 -5.91 14.20
C LEU C 115 -29.40 -6.69 15.44
N ARG C 116 -28.39 -6.21 16.16
CA ARG C 116 -27.97 -6.92 17.39
C ARG C 116 -29.02 -6.64 18.49
N LYS C 117 -29.58 -5.45 18.45
CA LYS C 117 -30.57 -5.03 19.44
C LYS C 117 -32.02 -5.41 19.10
N ASN C 118 -32.35 -5.35 17.81
CA ASN C 118 -33.71 -5.61 17.32
C ASN C 118 -33.51 -6.45 16.06
N PRO C 119 -33.52 -7.79 16.20
CA PRO C 119 -33.32 -8.73 15.09
C PRO C 119 -34.32 -8.70 13.96
N SER C 120 -35.54 -8.25 14.20
N SER C 120 -35.53 -8.25 14.28
CA SER C 120 -36.55 -8.21 13.12
CA SER C 120 -36.61 -8.17 13.32
C SER C 120 -37.22 -6.84 13.07
C SER C 120 -37.20 -6.77 13.28
N PRO C 121 -36.45 -5.80 12.73
CA PRO C 121 -37.01 -4.45 12.68
C PRO C 121 -38.00 -4.14 11.57
N SER C 122 -38.96 -3.28 11.88
CA SER C 122 -39.92 -2.82 10.89
C SER C 122 -39.21 -1.77 10.02
N ARG C 123 -39.81 -1.43 8.88
CA ARG C 123 -39.21 -0.44 8.00
C ARG C 123 -39.02 0.87 8.76
N ASP C 124 -40.00 1.25 9.58
CA ASP C 124 -39.89 2.48 10.36
C ASP C 124 -38.73 2.39 11.35
N GLU C 125 -38.49 1.21 11.94
CA GLU C 125 -37.40 1.10 12.91
C GLU C 125 -36.05 1.17 12.20
N ILE C 126 -36.00 0.64 10.99
CA ILE C 126 -34.75 0.70 10.21
C ILE C 126 -34.47 2.18 9.90
N LYS C 127 -35.48 2.90 9.41
CA LYS C 127 -35.25 4.32 9.10
C LYS C 127 -34.84 5.10 10.33
N ALA C 128 -35.48 4.81 11.47
CA ALA C 128 -35.14 5.51 12.70
C ALA C 128 -33.68 5.29 13.13
N ALA C 129 -33.18 4.07 12.97
CA ALA C 129 -31.80 3.74 13.40
C ALA C 129 -30.73 4.34 12.45
N LEU C 130 -31.11 4.51 11.19
CA LEU C 130 -30.18 5.05 10.19
C LEU C 130 -30.38 6.55 9.95
N ALA C 131 -31.22 7.16 10.77
CA ALA C 131 -31.58 8.57 10.55
C ALA C 131 -30.45 9.57 10.49
N GLY C 132 -29.36 9.29 11.18
CA GLY C 132 -28.22 10.20 11.17
C GLY C 132 -27.14 9.84 10.18
N ASN C 133 -27.36 8.79 9.38
CA ASN C 133 -26.37 8.40 8.37
C ASN C 133 -26.78 8.93 6.99
N LEU C 134 -26.01 9.88 6.45
CA LEU C 134 -26.34 10.43 5.13
C LEU C 134 -25.70 9.62 4.01
N CYS C 135 -26.43 9.43 2.91
CA CYS C 135 -25.93 8.77 1.71
C CYS C 135 -26.36 9.72 0.60
N ARG C 136 -25.49 9.98 -0.37
CA ARG C 136 -25.83 10.88 -1.45
C ARG C 136 -26.13 10.10 -2.77
N CYS C 137 -25.76 8.82 -2.83
CA CYS C 137 -25.95 8.04 -4.07
C CYS C 137 -27.24 7.29 -4.22
N THR C 138 -27.74 6.73 -3.13
CA THR C 138 -28.85 5.78 -3.25
C THR C 138 -30.28 6.20 -3.15
N GLY C 139 -30.53 7.38 -2.56
CA GLY C 139 -31.91 7.72 -2.34
C GLY C 139 -32.47 6.84 -1.21
N TYR C 140 -31.58 6.08 -0.54
CA TYR C 140 -31.87 5.22 0.61
C TYR C 140 -32.72 3.96 0.37
N VAL C 141 -33.46 3.93 -0.74
CA VAL C 141 -34.38 2.81 -1.00
C VAL C 141 -33.74 1.42 -0.86
N LYS C 142 -32.62 1.20 -1.55
CA LYS C 142 -32.00 -0.11 -1.48
C LYS C 142 -31.19 -0.33 -0.20
N ILE C 143 -30.89 0.72 0.56
CA ILE C 143 -30.20 0.54 1.84
C ILE C 143 -31.25 -0.11 2.77
N ILE C 144 -32.49 0.40 2.75
CA ILE C 144 -33.53 -0.22 3.60
C ILE C 144 -33.73 -1.69 3.19
N LYS C 145 -33.78 -1.94 1.88
CA LYS C 145 -33.95 -3.31 1.42
C LYS C 145 -32.80 -4.19 1.89
N SER C 146 -31.59 -3.63 1.88
CA SER C 146 -30.41 -4.40 2.32
C SER C 146 -30.53 -4.83 3.76
N VAL C 147 -30.94 -3.90 4.63
CA VAL C 147 -31.07 -4.24 6.05
C VAL C 147 -32.18 -5.29 6.24
N GLU C 148 -33.31 -5.12 5.53
CA GLU C 148 -34.41 -6.09 5.66
C GLU C 148 -33.97 -7.48 5.23
N THR C 149 -33.21 -7.53 4.14
CA THR C 149 -32.71 -8.82 3.61
C THR C 149 -31.72 -9.46 4.61
N ALA C 150 -30.82 -8.65 5.18
CA ALA C 150 -29.84 -9.16 6.15
C ALA C 150 -30.55 -9.68 7.40
N ALA C 151 -31.57 -8.95 7.86
CA ALA C 151 -32.30 -9.32 9.08
C ALA C 151 -32.95 -10.69 8.88
N ALA C 152 -33.61 -10.87 7.73
CA ALA C 152 -34.25 -12.15 7.44
C ALA C 152 -33.21 -13.25 7.32
N ALA C 153 -32.08 -12.96 6.68
CA ALA C 153 -31.05 -13.98 6.55
C ALA C 153 -30.40 -14.35 7.89
N ARG C 154 -30.31 -13.40 8.83
CA ARG C 154 -29.71 -13.71 10.11
C ARG C 154 -30.68 -14.56 10.95
N LEU C 155 -31.97 -14.35 10.75
CA LEU C 155 -32.98 -15.11 11.49
C LEU C 155 -32.98 -16.58 11.06
N CYS C 156 -32.46 -16.86 9.88
CA CYS C 156 -32.38 -18.25 9.41
C CYS C 156 -31.20 -18.90 10.14
N GLU C 157 -30.16 -19.26 9.39
CA GLU C 157 -28.97 -19.90 9.98
C GLU C 157 -29.29 -21.18 10.75
N GLY D 9 21.44 9.11 -27.50
CA GLY D 9 21.56 7.62 -27.55
C GLY D 9 21.53 7.05 -26.14
N THR D 10 20.99 5.85 -25.99
CA THR D 10 20.91 5.24 -24.66
C THR D 10 21.72 3.96 -24.60
N VAL D 11 21.83 3.22 -25.70
CA VAL D 11 22.61 1.99 -25.68
C VAL D 11 24.11 2.25 -25.63
N GLY D 12 24.80 1.53 -24.75
CA GLY D 12 26.23 1.71 -24.60
C GLY D 12 26.58 2.76 -23.58
N VAL D 13 25.56 3.44 -23.04
CA VAL D 13 25.76 4.48 -22.02
C VAL D 13 25.78 3.81 -20.62
N ARG D 14 26.71 4.22 -19.75
CA ARG D 14 26.79 3.70 -18.38
C ARG D 14 25.60 4.32 -17.70
N THR D 15 24.69 3.46 -17.26
CA THR D 15 23.42 3.91 -16.77
C THR D 15 23.03 3.36 -15.38
N PRO D 16 22.80 4.22 -14.39
CA PRO D 16 22.38 3.70 -13.06
C PRO D 16 21.03 2.97 -13.33
N LEU D 17 20.74 1.92 -12.56
CA LEU D 17 19.49 1.17 -12.83
C LEU D 17 18.24 2.01 -12.59
N VAL D 18 17.22 1.81 -13.43
CA VAL D 18 16.05 2.67 -13.34
C VAL D 18 15.27 2.60 -12.06
N ASP D 19 15.51 1.55 -11.28
CA ASP D 19 14.82 1.38 -10.00
C ASP D 19 15.78 1.59 -8.80
N GLY D 20 16.98 2.13 -9.05
CA GLY D 20 17.94 2.29 -7.97
C GLY D 20 17.53 3.28 -6.89
N VAL D 21 16.75 4.29 -7.26
CA VAL D 21 16.33 5.31 -6.27
C VAL D 21 15.53 4.67 -5.12
N GLU D 22 14.64 3.74 -5.43
CA GLU D 22 13.85 3.09 -4.40
C GLU D 22 14.69 2.15 -3.53
N LYS D 23 15.78 1.64 -4.06
CA LYS D 23 16.61 0.71 -3.28
C LYS D 23 17.41 1.47 -2.22
N VAL D 24 17.93 2.63 -2.62
CA VAL D 24 18.80 3.37 -1.69
C VAL D 24 18.06 4.17 -0.64
N THR D 25 16.74 4.31 -0.80
CA THR D 25 15.93 5.03 0.16
C THR D 25 15.10 4.10 1.06
N GLY D 26 15.10 2.80 0.75
CA GLY D 26 14.28 1.87 1.52
C GLY D 26 12.81 1.94 1.11
N LYS D 27 12.49 2.63 0.02
CA LYS D 27 11.11 2.69 -0.47
C LYS D 27 10.72 1.43 -1.25
N ALA D 28 11.70 0.72 -1.81
CA ALA D 28 11.40 -0.51 -2.55
C ALA D 28 10.74 -1.54 -1.62
N LYS D 29 9.57 -2.06 -2.01
CA LYS D 29 8.87 -3.04 -1.20
C LYS D 29 9.11 -4.44 -1.74
N TYR D 30 9.82 -5.25 -0.96
CA TYR D 30 10.06 -6.65 -1.27
C TYR D 30 8.85 -7.40 -0.66
N THR D 31 8.76 -8.69 -0.93
CA THR D 31 7.59 -9.44 -0.50
C THR D 31 7.22 -9.29 0.98
N ALA D 32 8.21 -9.40 1.86
CA ALA D 32 7.88 -9.29 3.29
C ALA D 32 7.60 -7.90 3.76
N ASP D 33 7.80 -6.90 2.90
CA ASP D 33 7.53 -5.51 3.25
C ASP D 33 6.09 -5.09 2.91
N ILE D 34 5.40 -5.89 2.08
CA ILE D 34 4.06 -5.51 1.62
C ILE D 34 3.05 -5.51 2.75
N ALA D 35 2.36 -4.39 2.92
CA ALA D 35 1.39 -4.30 4.01
C ALA D 35 0.17 -5.15 3.72
N ALA D 36 -0.31 -5.84 4.76
CA ALA D 36 -1.53 -6.65 4.64
C ALA D 36 -1.94 -6.89 6.08
N PRO D 37 -2.58 -5.89 6.70
CA PRO D 37 -3.02 -5.98 8.11
C PRO D 37 -3.89 -7.19 8.46
N ASP D 38 -4.63 -7.75 7.50
CA ASP D 38 -5.49 -8.91 7.79
C ASP D 38 -4.74 -10.24 7.61
N ALA D 39 -3.46 -10.16 7.28
CA ALA D 39 -2.75 -11.40 7.01
C ALA D 39 -2.52 -12.28 8.23
N LEU D 40 -2.80 -13.55 8.02
CA LEU D 40 -2.55 -14.55 9.05
C LEU D 40 -1.08 -14.94 8.93
N VAL D 41 -0.55 -15.58 9.97
CA VAL D 41 0.82 -16.04 9.96
C VAL D 41 0.81 -17.49 9.48
N GLY D 42 1.57 -17.77 8.43
CA GLY D 42 1.65 -19.16 7.95
C GLY D 42 2.92 -19.81 8.47
N ARG D 43 2.86 -21.11 8.79
CA ARG D 43 4.05 -21.83 9.26
C ARG D 43 3.98 -23.25 8.72
N ILE D 44 5.14 -23.81 8.37
CA ILE D 44 5.18 -25.17 7.86
C ILE D 44 5.79 -26.12 8.90
N LEU D 45 5.16 -27.28 9.09
CA LEU D 45 5.67 -28.33 10.00
C LEU D 45 6.60 -29.16 9.09
N ARG D 46 7.90 -29.19 9.40
CA ARG D 46 8.86 -29.90 8.55
C ARG D 46 9.34 -31.19 9.19
N SER D 47 9.57 -32.19 8.35
CA SER D 47 10.01 -33.48 8.83
C SER D 47 11.31 -33.44 9.60
N PRO D 48 11.36 -34.04 10.80
CA PRO D 48 12.61 -34.08 11.58
C PRO D 48 13.44 -35.30 11.18
N HIS D 49 12.90 -36.11 10.26
CA HIS D 49 13.57 -37.32 9.77
C HIS D 49 14.01 -37.18 8.33
N ALA D 50 15.19 -37.71 8.00
CA ALA D 50 15.67 -37.63 6.63
C ALA D 50 14.91 -38.56 5.67
N HIS D 51 14.30 -39.64 6.19
CA HIS D 51 13.59 -40.61 5.32
C HIS D 51 12.64 -41.35 6.24
N ALA D 52 11.34 -41.24 5.99
CA ALA D 52 10.38 -41.90 6.86
C ALA D 52 9.03 -42.00 6.21
N ARG D 53 8.29 -43.06 6.52
CA ARG D 53 6.92 -43.16 6.02
C ARG D 53 6.03 -42.40 7.00
N ILE D 54 4.95 -41.84 6.50
CA ILE D 54 4.02 -41.14 7.39
C ILE D 54 2.89 -42.16 7.59
N LEU D 55 2.74 -42.68 8.80
CA LEU D 55 1.70 -43.68 9.08
C LEU D 55 0.35 -43.02 9.43
N ALA D 56 0.43 -41.86 10.08
CA ALA D 56 -0.79 -41.15 10.46
C ALA D 56 -0.47 -39.73 10.87
N ILE D 57 -1.46 -38.85 10.77
CA ILE D 57 -1.29 -37.48 11.18
C ILE D 57 -2.64 -37.01 11.74
N ASP D 58 -2.60 -36.44 12.94
CA ASP D 58 -3.81 -35.99 13.63
C ASP D 58 -3.64 -34.50 13.89
N THR D 59 -4.46 -33.68 13.25
CA THR D 59 -4.36 -32.25 13.43
C THR D 59 -5.47 -31.70 14.29
N SER D 60 -6.30 -32.57 14.85
CA SER D 60 -7.45 -32.16 15.65
C SER D 60 -7.13 -31.17 16.76
N ALA D 61 -6.11 -31.44 17.58
CA ALA D 61 -5.78 -30.51 18.65
C ALA D 61 -5.27 -29.14 18.15
N ALA D 62 -4.56 -29.14 17.02
CA ALA D 62 -4.08 -27.88 16.49
C ALA D 62 -5.26 -27.09 15.96
N GLU D 63 -6.19 -27.77 15.28
CA GLU D 63 -7.35 -27.07 14.72
C GLU D 63 -8.24 -26.47 15.81
N ALA D 64 -8.27 -27.12 16.97
CA ALA D 64 -9.11 -26.65 18.08
C ALA D 64 -8.56 -25.46 18.85
N LEU D 65 -7.29 -25.14 18.64
CA LEU D 65 -6.68 -24.03 19.35
C LEU D 65 -7.24 -22.70 18.87
N GLU D 66 -7.64 -21.85 19.82
CA GLU D 66 -8.19 -20.55 19.46
C GLU D 66 -7.09 -19.77 18.74
N GLY D 67 -7.45 -19.15 17.63
CA GLY D 67 -6.43 -18.40 16.90
C GLY D 67 -5.90 -19.17 15.70
N VAL D 68 -6.11 -20.47 15.65
CA VAL D 68 -5.68 -21.26 14.48
C VAL D 68 -6.85 -21.25 13.52
N ILE D 69 -6.62 -20.75 12.32
CA ILE D 69 -7.66 -20.63 11.32
C ILE D 69 -7.70 -21.78 10.31
N ALA D 70 -6.54 -22.36 10.02
CA ALA D 70 -6.48 -23.48 9.08
C ALA D 70 -5.27 -24.34 9.33
N VAL D 71 -5.46 -25.64 9.12
CA VAL D 71 -4.37 -26.62 9.21
C VAL D 71 -4.52 -27.52 7.98
N CYS D 72 -3.42 -27.73 7.27
CA CYS D 72 -3.42 -28.55 6.07
C CYS D 72 -2.41 -29.68 6.11
N THR D 73 -2.70 -30.76 5.41
CA THR D 73 -1.76 -31.88 5.29
C THR D 73 -1.75 -32.31 3.82
N GLY D 74 -0.92 -33.30 3.50
CA GLY D 74 -0.81 -33.78 2.12
C GLY D 74 -2.08 -34.39 1.55
N ALA D 75 -3.04 -34.71 2.41
CA ALA D 75 -4.31 -35.24 1.93
C ALA D 75 -4.99 -34.18 1.05
N GLU D 76 -4.63 -32.92 1.25
CA GLU D 76 -5.21 -31.81 0.48
C GLU D 76 -4.38 -31.38 -0.73
N THR D 77 -3.25 -32.07 -0.97
CA THR D 77 -2.38 -31.69 -2.09
C THR D 77 -2.06 -32.97 -2.88
N PRO D 78 -3.03 -33.47 -3.63
CA PRO D 78 -2.85 -34.70 -4.42
C PRO D 78 -2.12 -34.59 -5.74
N VAL D 79 -1.70 -33.37 -6.11
CA VAL D 79 -1.01 -33.19 -7.38
C VAL D 79 0.43 -32.78 -7.12
N PRO D 80 1.40 -33.53 -7.64
CA PRO D 80 2.80 -33.16 -7.40
C PRO D 80 3.26 -32.09 -8.40
N PHE D 81 4.44 -31.56 -8.14
CA PHE D 81 5.00 -30.56 -9.04
C PHE D 81 6.49 -30.82 -9.27
N GLY D 82 6.99 -30.20 -10.32
CA GLY D 82 8.38 -30.28 -10.66
C GLY D 82 8.59 -29.23 -11.74
N VAL D 83 9.78 -28.68 -11.81
CA VAL D 83 10.01 -27.67 -12.82
C VAL D 83 9.97 -28.24 -14.22
N LEU D 84 10.31 -29.51 -14.39
CA LEU D 84 10.28 -30.13 -15.70
C LEU D 84 8.99 -30.94 -15.83
N PRO D 85 8.25 -30.75 -16.92
CA PRO D 85 7.00 -31.50 -17.09
C PRO D 85 7.17 -33.02 -17.00
N ILE D 86 8.33 -33.52 -17.40
CA ILE D 86 8.53 -34.97 -17.37
C ILE D 86 8.93 -35.54 -16.01
N ALA D 87 9.09 -34.69 -15.00
CA ALA D 87 9.55 -35.19 -13.73
C ALA D 87 8.95 -34.42 -12.56
N GLU D 88 7.65 -34.58 -12.31
CA GLU D 88 7.00 -33.89 -11.22
C GLU D 88 6.71 -34.90 -10.12
N ASN D 89 7.60 -34.97 -9.14
CA ASN D 89 7.45 -35.93 -8.07
C ASN D 89 7.52 -35.40 -6.65
N GLU D 90 7.36 -34.08 -6.52
CA GLU D 90 7.39 -33.47 -5.18
C GLU D 90 5.98 -33.02 -4.84
N TYR D 91 5.46 -33.37 -3.67
CA TYR D 91 4.13 -32.89 -3.28
C TYR D 91 4.28 -31.66 -2.38
N PRO D 92 3.34 -30.71 -2.46
CA PRO D 92 3.44 -29.49 -1.63
C PRO D 92 3.54 -29.86 -0.13
N LEU D 93 2.70 -30.80 0.31
CA LEU D 93 2.77 -31.34 1.67
C LEU D 93 2.93 -32.85 1.44
N ALA D 94 3.78 -33.50 2.22
CA ALA D 94 4.10 -34.90 1.94
C ALA D 94 2.95 -35.88 1.93
N ARG D 95 3.06 -36.87 1.03
CA ARG D 95 2.08 -37.93 0.93
C ARG D 95 2.88 -39.23 1.01
N ASP D 96 2.47 -40.10 1.92
CA ASP D 96 3.06 -41.42 2.11
C ASP D 96 4.43 -41.40 2.78
N LYS D 97 5.34 -40.58 2.28
CA LYS D 97 6.64 -40.51 2.97
C LYS D 97 7.39 -39.19 2.77
N VAL D 98 8.34 -38.95 3.66
CA VAL D 98 9.20 -37.75 3.57
C VAL D 98 10.57 -38.26 3.13
N ARG D 99 11.33 -37.41 2.42
CA ARG D 99 12.59 -37.85 1.83
C ARG D 99 13.83 -37.04 2.16
N TYR D 100 13.63 -36.02 3.00
CA TYR D 100 14.77 -35.27 3.52
C TYR D 100 14.33 -34.56 4.79
N ARG D 101 15.29 -34.24 5.65
CA ARG D 101 14.97 -33.57 6.91
C ARG D 101 14.71 -32.12 6.51
N GLY D 102 13.45 -31.72 6.74
CA GLY D 102 12.96 -30.42 6.32
C GLY D 102 11.77 -30.58 5.34
N ASP D 103 11.49 -31.81 4.85
CA ASP D 103 10.41 -32.04 3.86
C ASP D 103 9.09 -31.62 4.55
N PRO D 104 8.30 -30.76 3.89
CA PRO D 104 7.02 -30.34 4.52
C PRO D 104 6.01 -31.45 4.73
N VAL D 105 5.45 -31.51 5.93
CA VAL D 105 4.47 -32.51 6.32
C VAL D 105 3.10 -31.89 6.55
N ALA D 106 3.04 -30.69 7.11
CA ALA D 106 1.75 -30.04 7.35
C ALA D 106 2.00 -28.53 7.41
N ALA D 107 0.93 -27.74 7.50
CA ALA D 107 1.10 -26.30 7.60
C ALA D 107 -0.08 -25.71 8.33
N VAL D 108 0.11 -24.54 8.94
CA VAL D 108 -0.97 -23.89 9.67
C VAL D 108 -1.02 -22.41 9.35
N ALA D 109 -2.20 -21.82 9.51
CA ALA D 109 -2.37 -20.37 9.37
C ALA D 109 -2.99 -19.94 10.70
N ALA D 110 -2.35 -19.00 11.39
CA ALA D 110 -2.86 -18.57 12.70
C ALA D 110 -2.82 -17.06 12.84
N ILE D 111 -3.47 -16.55 13.87
CA ILE D 111 -3.50 -15.08 14.01
C ILE D 111 -2.19 -14.43 14.32
N ASP D 112 -1.27 -15.14 14.93
CA ASP D 112 0.04 -14.57 15.21
C ASP D 112 1.10 -15.66 15.32
N GLU D 113 2.35 -15.24 15.42
CA GLU D 113 3.49 -16.16 15.46
C GLU D 113 3.50 -17.15 16.62
N VAL D 114 3.22 -16.66 17.83
CA VAL D 114 3.21 -17.54 18.99
C VAL D 114 2.12 -18.60 18.86
N THR D 115 0.96 -18.21 18.34
CA THR D 115 -0.13 -19.20 18.15
C THR D 115 0.25 -20.21 17.08
N ALA D 116 0.86 -19.76 15.98
CA ALA D 116 1.24 -20.70 14.94
C ALA D 116 2.27 -21.71 15.45
N GLU D 117 3.21 -21.25 16.27
CA GLU D 117 4.22 -22.13 16.83
C GLU D 117 3.56 -23.18 17.72
N LYS D 118 2.63 -22.75 18.57
CA LYS D 118 1.93 -23.70 19.45
C LYS D 118 1.18 -24.74 18.64
N ALA D 119 0.52 -24.28 17.58
CA ALA D 119 -0.23 -25.19 16.73
C ALA D 119 0.67 -26.27 16.14
N LEU D 120 1.86 -25.90 15.67
CA LEU D 120 2.73 -26.90 15.05
C LEU D 120 3.05 -27.98 16.07
N ALA D 121 3.23 -27.56 17.33
CA ALA D 121 3.57 -28.49 18.40
C ALA D 121 2.43 -29.44 18.73
N LEU D 122 1.19 -29.03 18.44
CA LEU D 122 0.02 -29.87 18.73
C LEU D 122 -0.29 -30.89 17.63
N ILE D 123 0.35 -30.78 16.46
CA ILE D 123 0.08 -31.74 15.40
C ILE D 123 0.82 -33.05 15.73
N LYS D 124 0.12 -34.17 15.66
CA LYS D 124 0.76 -35.45 15.97
C LYS D 124 0.98 -36.25 14.71
N VAL D 125 2.25 -36.57 14.44
CA VAL D 125 2.60 -37.35 13.26
C VAL D 125 3.25 -38.66 13.72
N ASP D 126 2.81 -39.76 13.14
CA ASP D 126 3.36 -41.07 13.47
C ASP D 126 4.21 -41.44 12.27
N TYR D 127 5.51 -41.57 12.50
CA TYR D 127 6.42 -41.89 11.42
C TYR D 127 7.00 -43.29 11.55
N GLU D 128 7.37 -43.87 10.42
CA GLU D 128 8.08 -45.15 10.44
C GLU D 128 9.43 -44.73 9.79
N VAL D 129 10.44 -44.58 10.63
CA VAL D 129 11.74 -44.12 10.15
C VAL D 129 12.47 -45.16 9.31
N LEU D 130 13.03 -44.69 8.20
CA LEU D 130 13.76 -45.54 7.24
C LEU D 130 15.23 -45.12 7.16
N PRO D 131 16.09 -46.03 6.70
CA PRO D 131 17.52 -45.69 6.57
C PRO D 131 17.57 -44.54 5.54
N ALA D 132 18.52 -43.62 5.72
CA ALA D 132 18.70 -42.48 4.82
C ALA D 132 20.07 -42.59 4.14
N TYR D 133 20.18 -42.06 2.92
CA TYR D 133 21.40 -42.17 2.15
C TYR D 133 21.96 -40.79 1.86
N MET D 134 23.18 -40.54 2.35
CA MET D 134 23.83 -39.23 2.16
C MET D 134 24.69 -39.11 0.94
N THR D 135 25.17 -40.24 0.43
CA THR D 135 26.05 -40.23 -0.73
C THR D 135 25.52 -40.99 -1.91
N PRO D 136 26.00 -40.65 -3.12
CA PRO D 136 25.52 -41.37 -4.29
C PRO D 136 25.82 -42.86 -4.14
N LYS D 137 27.03 -43.17 -3.65
CA LYS D 137 27.37 -44.58 -3.51
C LYS D 137 26.39 -45.36 -2.60
N ALA D 138 26.03 -44.78 -1.45
CA ALA D 138 25.10 -45.44 -0.51
C ALA D 138 23.72 -45.61 -1.16
N ALA D 139 23.27 -44.55 -1.86
CA ALA D 139 21.96 -44.58 -2.51
C ALA D 139 21.87 -45.60 -3.66
N MET D 140 23.00 -45.88 -4.32
CA MET D 140 22.99 -46.81 -5.43
C MET D 140 23.22 -48.28 -5.05
N LYS D 141 23.48 -48.56 -3.78
CA LYS D 141 23.70 -49.95 -3.35
C LYS D 141 22.46 -50.76 -3.63
N ALA D 142 22.64 -52.02 -4.02
CA ALA D 142 21.46 -52.82 -4.35
C ALA D 142 20.39 -52.89 -3.27
N GLY D 143 20.81 -52.88 -2.01
CA GLY D 143 19.86 -52.97 -0.92
C GLY D 143 19.26 -51.68 -0.42
N ALA D 144 19.52 -50.57 -1.11
CA ALA D 144 18.96 -49.29 -0.66
C ALA D 144 17.50 -49.20 -1.06
N ILE D 145 16.73 -48.51 -0.23
CA ILE D 145 15.33 -48.24 -0.51
C ILE D 145 15.29 -47.18 -1.64
N ALA D 146 14.36 -47.36 -2.59
CA ALA D 146 14.24 -46.38 -3.66
C ALA D 146 13.51 -45.15 -3.08
N LEU D 147 14.07 -43.96 -3.26
CA LEU D 147 13.36 -42.78 -2.77
C LEU D 147 12.07 -42.64 -3.59
N HIS D 148 12.17 -42.91 -4.89
CA HIS D 148 11.06 -42.82 -5.85
C HIS D 148 10.89 -44.15 -6.57
N ASP D 149 9.65 -44.62 -6.58
CA ASP D 149 9.36 -45.93 -7.15
C ASP D 149 9.79 -46.16 -8.58
N ASP D 150 9.81 -45.12 -9.41
CA ASP D 150 10.19 -45.31 -10.79
C ASP D 150 11.71 -45.40 -11.05
N LYS D 151 12.53 -45.20 -10.02
CA LYS D 151 14.00 -45.29 -10.12
C LYS D 151 14.50 -46.14 -8.95
N PRO D 152 14.34 -47.47 -9.07
CA PRO D 152 14.73 -48.44 -8.04
C PRO D 152 16.17 -48.36 -7.54
N ASN D 153 17.06 -47.88 -8.40
CA ASN D 153 18.47 -47.76 -7.99
C ASN D 153 18.86 -46.35 -7.57
N ASN D 154 17.85 -45.49 -7.40
CA ASN D 154 18.07 -44.09 -7.04
C ASN D 154 18.85 -43.25 -8.06
N ILE D 155 19.00 -43.75 -9.27
CA ILE D 155 19.64 -42.95 -10.32
C ILE D 155 18.52 -42.27 -11.15
N LEU D 156 18.36 -40.96 -10.95
CA LEU D 156 17.33 -40.16 -11.65
C LEU D 156 17.57 -40.15 -13.15
N ARG D 157 18.82 -39.95 -13.52
CA ARG D 157 19.16 -39.89 -14.94
C ARG D 157 20.62 -40.23 -15.18
N GLU D 158 20.87 -40.91 -16.28
CA GLU D 158 22.23 -41.25 -16.71
C GLU D 158 22.42 -40.64 -18.10
N VAL D 159 23.65 -40.27 -18.43
CA VAL D 159 23.97 -39.73 -19.74
C VAL D 159 25.16 -40.55 -20.24
N HIS D 160 25.09 -41.04 -21.48
CA HIS D 160 26.21 -41.79 -22.03
C HIS D 160 26.26 -41.37 -23.48
N ALA D 161 27.25 -40.51 -23.81
CA ALA D 161 27.36 -39.98 -25.14
C ALA D 161 28.78 -40.01 -25.63
N GLU D 162 28.92 -40.17 -26.94
CA GLU D 162 30.23 -40.15 -27.55
C GLU D 162 30.12 -39.35 -28.83
N PHE D 163 31.00 -38.38 -28.97
CA PHE D 163 31.03 -37.52 -30.14
C PHE D 163 32.35 -37.78 -30.85
N GLY D 164 32.27 -38.31 -32.06
CA GLY D 164 33.46 -38.64 -32.82
C GLY D 164 33.97 -39.99 -32.37
N ASP D 165 35.10 -40.42 -32.92
CA ASP D 165 35.68 -41.72 -32.56
C ASP D 165 36.69 -41.46 -31.44
N VAL D 166 36.24 -41.65 -30.21
CA VAL D 166 37.06 -41.37 -29.04
C VAL D 166 38.26 -42.29 -28.88
N ALA D 167 38.07 -43.57 -29.17
CA ALA D 167 39.19 -44.52 -29.03
C ALA D 167 40.29 -44.14 -30.01
N ALA D 168 39.93 -43.83 -31.24
CA ALA D 168 40.94 -43.46 -32.24
C ALA D 168 41.59 -42.12 -31.89
N ALA D 169 40.81 -41.22 -31.30
CA ALA D 169 41.35 -39.90 -30.93
C ALA D 169 42.41 -40.06 -29.84
N PHE D 170 42.13 -40.88 -28.83
CA PHE D 170 43.12 -41.07 -27.79
C PHE D 170 44.36 -41.80 -28.31
N ALA D 171 44.20 -42.56 -29.38
CA ALA D 171 45.34 -43.30 -29.94
C ALA D 171 46.28 -42.33 -30.65
N GLU D 172 45.74 -41.21 -31.09
CA GLU D 172 46.48 -40.17 -31.79
C GLU D 172 47.20 -39.22 -30.82
N ALA D 173 46.88 -39.29 -29.53
CA ALA D 173 47.51 -38.40 -28.58
C ALA D 173 48.93 -38.79 -28.20
N ASP D 174 49.74 -37.79 -27.88
CA ASP D 174 51.13 -38.00 -27.47
C ASP D 174 51.21 -38.10 -25.94
N LEU D 175 50.28 -37.45 -25.24
CA LEU D 175 50.25 -37.44 -23.78
C LEU D 175 48.79 -37.56 -23.30
N ILE D 176 48.55 -38.48 -22.38
CA ILE D 176 47.20 -38.69 -21.82
C ILE D 176 47.31 -38.69 -20.30
N ARG D 177 46.48 -37.88 -19.64
CA ARG D 177 46.50 -37.85 -18.20
C ARG D 177 45.04 -37.83 -17.72
N GLU D 178 44.82 -38.32 -16.51
CA GLU D 178 43.46 -38.31 -15.94
C GLU D 178 43.57 -38.03 -14.46
N LYS D 179 42.58 -37.31 -13.94
CA LYS D 179 42.56 -36.93 -12.54
C LYS D 179 41.10 -36.79 -12.11
N THR D 180 40.84 -37.03 -10.84
CA THR D 180 39.50 -36.90 -10.29
C THR D 180 39.49 -35.68 -9.38
N TYR D 181 38.45 -34.86 -9.53
CA TYR D 181 38.23 -33.66 -8.75
C TYR D 181 36.90 -33.76 -8.03
N THR D 182 36.79 -33.26 -6.80
CA THR D 182 35.51 -33.28 -6.13
C THR D 182 35.14 -31.88 -5.71
N PHE D 183 33.83 -31.63 -5.76
CA PHE D 183 33.30 -30.32 -5.49
C PHE D 183 32.18 -30.36 -4.49
N ALA D 184 32.34 -29.61 -3.41
CA ALA D 184 31.29 -29.55 -2.40
C ALA D 184 30.03 -28.97 -2.99
N GLU D 185 28.91 -29.33 -2.37
CA GLU D 185 27.62 -28.72 -2.70
C GLU D 185 27.67 -27.28 -2.12
N VAL D 186 27.10 -26.32 -2.84
CA VAL D 186 27.04 -24.93 -2.37
C VAL D 186 25.60 -24.40 -2.50
N ASN D 187 25.33 -23.30 -1.82
CA ASN D 187 23.99 -22.72 -1.78
C ASN D 187 24.04 -21.27 -2.25
N HIS D 188 22.93 -20.77 -2.79
CA HIS D 188 22.90 -19.42 -3.33
C HIS D 188 23.02 -18.28 -2.37
N VAL D 189 22.54 -18.49 -1.15
CA VAL D 189 22.45 -17.45 -0.14
C VAL D 189 22.05 -16.07 -0.71
N HIS D 190 20.91 -16.00 -1.41
CA HIS D 190 20.40 -14.70 -1.79
C HIS D 190 20.08 -14.03 -0.42
N MET D 191 20.28 -12.73 -0.31
CA MET D 191 20.14 -12.11 1.02
C MET D 191 18.74 -11.98 1.52
N GLU D 192 17.77 -11.94 0.60
CA GLU D 192 16.38 -11.86 1.04
C GLU D 192 15.88 -13.25 1.44
N LEU D 193 15.22 -13.36 2.59
CA LEU D 193 14.65 -14.66 3.01
C LEU D 193 13.42 -15.00 2.13
N ASN D 194 13.20 -16.29 1.90
CA ASN D 194 12.01 -16.67 1.10
C ASN D 194 10.73 -16.22 1.80
N ALA D 195 9.71 -15.87 0.99
CA ALA D 195 8.45 -15.39 1.54
C ALA D 195 7.40 -15.40 0.47
N THR D 196 6.15 -15.55 0.89
CA THR D 196 5.02 -15.48 -0.03
C THR D 196 3.86 -14.82 0.70
N LEU D 197 3.19 -13.87 0.03
CA LEU D 197 1.98 -13.26 0.59
C LEU D 197 0.85 -13.74 -0.34
N ALA D 198 -0.09 -14.49 0.22
CA ALA D 198 -1.18 -15.08 -0.57
C ALA D 198 -2.52 -14.55 -0.13
N GLU D 199 -3.23 -13.92 -1.05
CA GLU D 199 -4.55 -13.35 -0.75
C GLU D 199 -5.61 -14.15 -1.47
N TYR D 200 -6.44 -14.87 -0.73
CA TYR D 200 -7.52 -15.63 -1.34
C TYR D 200 -8.82 -14.90 -1.05
N ASP D 201 -9.58 -14.65 -2.11
CA ASP D 201 -10.86 -13.93 -2.04
C ASP D 201 -11.92 -15.01 -2.17
N PRO D 202 -12.58 -15.38 -1.06
CA PRO D 202 -13.58 -16.42 -1.15
C PRO D 202 -14.88 -16.01 -1.79
N VAL D 203 -15.10 -14.69 -1.88
CA VAL D 203 -16.32 -14.21 -2.48
C VAL D 203 -16.27 -14.46 -3.98
N ARG D 204 -15.10 -14.25 -4.55
CA ARG D 204 -14.92 -14.44 -5.98
C ARG D 204 -14.16 -15.74 -6.34
N ASP D 205 -13.61 -16.44 -5.34
CA ASP D 205 -12.77 -17.64 -5.56
C ASP D 205 -11.61 -17.24 -6.50
N MET D 206 -10.80 -16.29 -6.03
CA MET D 206 -9.66 -15.80 -6.76
C MET D 206 -8.50 -15.83 -5.81
C MET D 206 -8.48 -15.58 -5.85
N LEU D 207 -7.31 -15.93 -6.35
CA LEU D 207 -6.11 -15.94 -5.51
C LEU D 207 -5.06 -15.01 -6.11
N THR D 208 -4.46 -14.16 -5.28
CA THR D 208 -3.40 -13.23 -5.74
C THR D 208 -2.17 -13.51 -4.88
N LEU D 209 -1.03 -13.70 -5.52
CA LEU D 209 0.19 -14.00 -4.79
C LEU D 209 1.26 -13.00 -5.11
N ASN D 210 1.97 -12.57 -4.08
CA ASN D 210 3.20 -11.77 -4.25
C ASN D 210 4.24 -12.75 -3.69
N THR D 211 5.27 -13.07 -4.46
CA THR D 211 6.22 -14.06 -3.96
C THR D 211 7.64 -13.83 -4.43
N THR D 212 8.58 -14.41 -3.69
CA THR D 212 10.00 -14.26 -3.97
C THR D 212 10.41 -15.25 -5.07
N THR D 213 10.07 -14.91 -6.31
CA THR D 213 10.37 -15.80 -7.42
C THR D 213 11.05 -15.12 -8.61
N GLN D 214 11.88 -15.88 -9.32
CA GLN D 214 12.49 -15.38 -10.57
C GLN D 214 11.62 -15.87 -11.74
N VAL D 215 10.62 -16.72 -11.45
CA VAL D 215 9.81 -17.37 -12.50
C VAL D 215 8.32 -17.28 -12.20
N PRO D 216 7.77 -16.07 -12.19
CA PRO D 216 6.34 -15.94 -11.91
C PRO D 216 5.40 -16.77 -12.81
N TYR D 217 5.78 -17.00 -14.06
CA TYR D 217 4.97 -17.84 -14.94
C TYR D 217 4.96 -19.26 -14.39
N TYR D 218 6.14 -19.78 -14.00
CA TYR D 218 6.14 -21.15 -13.48
C TYR D 218 5.32 -21.22 -12.21
N VAL D 219 5.39 -20.19 -11.36
CA VAL D 219 4.61 -20.20 -10.13
C VAL D 219 3.12 -20.25 -10.49
N HIS D 220 2.72 -19.45 -11.46
CA HIS D 220 1.31 -19.44 -11.88
C HIS D 220 0.87 -20.84 -12.32
N LEU D 221 1.70 -21.51 -13.10
CA LEU D 221 1.35 -22.84 -13.57
C LEU D 221 1.26 -23.87 -12.46
N LYS D 222 2.22 -23.86 -11.55
CA LYS D 222 2.21 -24.87 -10.50
C LYS D 222 1.18 -24.61 -9.43
N VAL D 223 0.88 -23.35 -9.14
CA VAL D 223 -0.16 -23.06 -8.14
C VAL D 223 -1.51 -23.52 -8.75
N ALA D 224 -1.74 -23.22 -10.02
CA ALA D 224 -3.01 -23.65 -10.64
C ALA D 224 -3.09 -25.20 -10.63
N ALA D 225 -2.02 -25.88 -10.99
CA ALA D 225 -2.07 -27.32 -11.04
C ALA D 225 -2.22 -27.96 -9.67
N CYS D 226 -1.41 -27.50 -8.72
CA CYS D 226 -1.39 -28.08 -7.38
C CYS D 226 -2.61 -27.79 -6.54
N LEU D 227 -3.21 -26.61 -6.74
CA LEU D 227 -4.45 -26.31 -6.01
C LEU D 227 -5.70 -26.76 -6.82
N GLN D 228 -5.49 -27.25 -8.02
CA GLN D 228 -6.57 -27.69 -8.93
C GLN D 228 -7.56 -26.55 -9.10
N MET D 229 -6.98 -25.39 -9.42
CA MET D 229 -7.70 -24.14 -9.58
C MET D 229 -7.41 -23.59 -11.00
N ASP D 230 -8.43 -23.09 -11.70
CA ASP D 230 -8.20 -22.56 -13.04
C ASP D 230 -7.20 -21.41 -13.02
N SER D 231 -6.27 -21.42 -14.00
CA SER D 231 -5.27 -20.36 -14.07
C SER D 231 -5.89 -18.99 -14.18
N ALA D 232 -7.13 -18.89 -14.68
CA ALA D 232 -7.76 -17.59 -14.83
C ALA D 232 -8.19 -16.99 -13.50
N ARG D 233 -8.16 -17.79 -12.45
CA ARG D 233 -8.54 -17.30 -11.11
C ARG D 233 -7.32 -16.92 -10.27
N ILE D 234 -6.14 -16.95 -10.87
CA ILE D 234 -4.89 -16.68 -10.13
C ILE D 234 -4.12 -15.53 -10.76
N ARG D 235 -3.57 -14.68 -9.92
CA ARG D 235 -2.75 -13.54 -10.37
C ARG D 235 -1.43 -13.65 -9.62
N VAL D 236 -0.33 -13.56 -10.35
CA VAL D 236 1.00 -13.66 -9.73
C VAL D 236 1.78 -12.37 -9.95
N ILE D 237 2.29 -11.81 -8.86
CA ILE D 237 3.06 -10.56 -8.94
C ILE D 237 4.43 -10.80 -8.26
N LYS D 238 5.48 -10.35 -8.93
CA LYS D 238 6.82 -10.40 -8.32
C LYS D 238 7.12 -8.95 -7.95
N PRO D 239 7.24 -8.64 -6.64
CA PRO D 239 7.55 -7.27 -6.22
C PRO D 239 9.05 -7.14 -6.34
N PHE D 240 9.68 -6.18 -5.66
CA PHE D 240 11.14 -6.14 -5.76
C PHE D 240 11.62 -7.49 -5.21
N LEU D 241 12.72 -8.00 -5.79
CA LEU D 241 13.26 -9.29 -5.38
C LEU D 241 14.72 -9.14 -4.96
N GLY D 242 15.05 -9.69 -3.80
CA GLY D 242 16.43 -9.61 -3.28
C GLY D 242 17.36 -10.70 -3.82
N GLY D 243 17.45 -10.80 -5.13
CA GLY D 243 18.32 -11.77 -5.77
C GLY D 243 17.74 -13.18 -5.79
N GLY D 244 18.51 -14.09 -6.38
CA GLY D 244 18.02 -15.47 -6.46
C GLY D 244 19.13 -16.38 -6.93
N PHE D 245 19.82 -15.96 -7.99
CA PHE D 245 20.97 -16.70 -8.52
C PHE D 245 20.66 -18.14 -8.92
N GLY D 246 19.39 -18.42 -9.20
CA GLY D 246 18.91 -19.75 -9.60
C GLY D 246 18.00 -20.41 -8.59
N ALA D 247 18.13 -20.00 -7.33
CA ALA D 247 17.34 -20.60 -6.26
C ALA D 247 15.86 -20.55 -6.51
N ARG D 248 15.44 -19.46 -7.14
CA ARG D 248 14.03 -19.19 -7.29
C ARG D 248 13.57 -19.35 -8.74
N THR D 249 14.25 -20.26 -9.47
CA THR D 249 13.88 -20.51 -10.89
C THR D 249 12.97 -21.72 -11.04
N GLU D 250 12.41 -22.16 -9.94
CA GLU D 250 11.41 -23.22 -10.01
C GLU D 250 10.36 -22.77 -8.98
N ALA D 251 9.09 -23.13 -9.20
CA ALA D 251 8.08 -22.83 -8.20
C ALA D 251 8.46 -23.66 -6.97
N LEU D 252 8.45 -23.02 -5.80
CA LEU D 252 8.86 -23.67 -4.56
C LEU D 252 7.69 -24.06 -3.66
N HIS D 253 7.89 -25.09 -2.86
CA HIS D 253 6.83 -25.55 -1.99
C HIS D 253 6.13 -24.49 -1.13
N PHE D 254 6.88 -23.56 -0.53
CA PHE D 254 6.26 -22.58 0.35
C PHE D 254 5.28 -21.65 -0.39
N GLU D 255 5.53 -21.39 -1.67
CA GLU D 255 4.65 -20.52 -2.47
C GLU D 255 3.31 -21.26 -2.64
N ILE D 256 3.38 -22.53 -3.00
CA ILE D 256 2.16 -23.32 -3.18
C ILE D 256 1.43 -23.52 -1.84
N ILE D 257 2.18 -23.79 -0.76
CA ILE D 257 1.57 -23.97 0.55
C ILE D 257 0.87 -22.67 1.01
N ALA D 258 1.48 -21.51 0.77
CA ALA D 258 0.84 -20.26 1.18
C ALA D 258 -0.54 -20.15 0.49
N GLY D 259 -0.58 -20.50 -0.80
CA GLY D 259 -1.84 -20.44 -1.57
C GLY D 259 -2.86 -21.43 -1.00
N LEU D 260 -2.39 -22.62 -0.70
CA LEU D 260 -3.25 -23.68 -0.11
C LEU D 260 -3.82 -23.20 1.23
N LEU D 261 -2.98 -22.62 2.10
CA LEU D 261 -3.45 -22.14 3.40
C LEU D 261 -4.42 -20.97 3.25
N ALA D 262 -4.14 -20.05 2.33
CA ALA D 262 -5.04 -18.90 2.15
C ALA D 262 -6.43 -19.37 1.74
N ARG D 263 -6.48 -20.37 0.86
CA ARG D 263 -7.78 -20.86 0.42
C ARG D 263 -8.49 -21.60 1.57
N LYS D 264 -7.71 -22.38 2.33
CA LYS D 264 -8.33 -23.14 3.43
C LYS D 264 -8.87 -22.18 4.51
N ALA D 265 -8.11 -21.12 4.77
CA ALA D 265 -8.50 -20.10 5.77
C ALA D 265 -9.52 -19.12 5.23
N LYS D 266 -9.74 -19.16 3.93
CA LYS D 266 -10.63 -18.24 3.21
C LYS D 266 -10.19 -16.80 3.48
N GLY D 267 -8.88 -16.58 3.43
CA GLY D 267 -8.35 -15.25 3.70
C GLY D 267 -6.97 -15.03 3.14
N THR D 268 -6.18 -14.25 3.87
CA THR D 268 -4.83 -13.88 3.43
C THR D 268 -3.83 -14.47 4.40
N VAL D 269 -2.79 -15.04 3.83
CA VAL D 269 -1.74 -15.67 4.63
C VAL D 269 -0.37 -15.17 4.20
N ARG D 270 0.43 -14.75 5.19
CA ARG D 270 1.78 -14.30 4.91
C ARG D 270 2.65 -15.43 5.44
N LEU D 271 3.39 -16.08 4.55
CA LEU D 271 4.27 -17.18 4.96
C LEU D 271 5.72 -16.76 4.78
N LEU D 272 6.36 -16.46 5.91
CA LEU D 272 7.75 -16.03 5.89
C LEU D 272 8.60 -17.25 6.19
N GLN D 273 9.83 -17.27 5.72
CA GLN D 273 10.73 -18.38 5.97
C GLN D 273 11.98 -17.85 6.71
N THR D 274 12.54 -18.67 7.59
CA THR D 274 13.77 -18.26 8.26
C THR D 274 14.94 -18.50 7.32
N ARG D 275 16.15 -18.09 7.74
CA ARG D 275 17.32 -18.35 6.93
C ARG D 275 17.56 -19.87 6.91
N GLU D 276 17.35 -20.55 8.05
CA GLU D 276 17.50 -22.00 8.04
C GLU D 276 16.56 -22.61 6.98
N GLU D 277 15.32 -22.16 6.96
CA GLU D 277 14.38 -22.70 5.99
C GLU D 277 14.74 -22.36 4.56
N THR D 278 15.40 -21.20 4.38
CA THR D 278 15.84 -20.82 3.03
C THR D 278 16.96 -21.79 2.60
N PHE D 279 17.85 -22.16 3.54
CA PHE D 279 18.86 -23.18 3.24
C PHE D 279 18.19 -24.54 2.96
N ILE D 280 17.11 -24.83 3.67
CA ILE D 280 16.39 -26.10 3.41
C ILE D 280 15.75 -26.11 2.01
N ALA D 281 15.25 -24.96 1.54
CA ALA D 281 14.67 -24.88 0.19
C ALA D 281 15.77 -25.30 -0.79
N HIS D 282 16.97 -24.78 -0.53
CA HIS D 282 18.15 -25.12 -1.29
C HIS D 282 18.05 -24.95 -2.80
N ARG D 283 18.04 -26.05 -3.54
CA ARG D 283 18.03 -26.04 -5.01
C ARG D 283 19.37 -25.51 -5.52
N GLY D 284 20.41 -25.73 -4.72
CA GLY D 284 21.75 -25.28 -5.08
C GLY D 284 22.60 -26.23 -5.93
N ARG D 285 23.89 -25.93 -6.03
CA ARG D 285 24.80 -26.71 -6.88
C ARG D 285 25.13 -28.03 -6.19
N PRO D 286 24.90 -29.16 -6.85
CA PRO D 286 25.18 -30.46 -6.21
C PRO D 286 26.64 -30.80 -5.98
N TRP D 287 26.87 -31.57 -4.92
CA TRP D 287 28.18 -32.15 -4.66
C TRP D 287 28.42 -32.93 -5.97
N THR D 288 29.62 -32.85 -6.54
CA THR D 288 29.90 -33.50 -7.80
C THR D 288 31.31 -34.08 -7.79
N GLU D 289 31.45 -35.29 -8.30
CA GLU D 289 32.77 -35.90 -8.45
C GLU D 289 32.97 -35.96 -9.97
N VAL D 290 34.09 -35.43 -10.42
CA VAL D 290 34.38 -35.38 -11.86
C VAL D 290 35.69 -36.10 -12.17
N LYS D 291 35.64 -37.11 -13.03
CA LYS D 291 36.90 -37.77 -13.46
C LYS D 291 37.11 -37.16 -14.86
N MET D 292 38.30 -36.59 -15.06
CA MET D 292 38.65 -35.88 -16.28
C MET D 292 39.84 -36.57 -16.94
N LYS D 293 39.76 -36.84 -18.24
CA LYS D 293 40.84 -37.51 -18.96
C LYS D 293 41.01 -36.75 -20.25
N ILE D 294 42.21 -36.22 -20.45
CA ILE D 294 42.50 -35.43 -21.64
C ILE D 294 43.72 -35.98 -22.37
N GLY D 295 43.62 -36.01 -23.69
CA GLY D 295 44.73 -36.46 -24.52
C GLY D 295 45.18 -35.25 -25.32
N LEU D 296 46.48 -34.98 -25.34
CA LEU D 296 47.03 -33.85 -26.07
C LEU D 296 48.14 -34.30 -27.03
N LYS D 297 48.38 -33.50 -28.05
CA LYS D 297 49.47 -33.74 -29.00
C LYS D 297 50.64 -33.01 -28.32
N LYS D 298 51.88 -33.29 -28.71
CA LYS D 298 53.01 -32.64 -28.05
C LYS D 298 53.05 -31.12 -28.24
N ASP D 299 52.41 -30.61 -29.28
CA ASP D 299 52.41 -29.17 -29.50
C ASP D 299 51.30 -28.48 -28.71
N GLY D 300 50.56 -29.26 -27.92
CA GLY D 300 49.52 -28.69 -27.09
C GLY D 300 48.10 -28.79 -27.62
N LYS D 301 47.95 -29.18 -28.88
CA LYS D 301 46.60 -29.31 -29.44
C LYS D 301 45.85 -30.46 -28.74
N ILE D 302 44.58 -30.22 -28.42
CA ILE D 302 43.77 -31.25 -27.79
C ILE D 302 43.44 -32.34 -28.82
N ALA D 303 43.62 -33.59 -28.42
CA ALA D 303 43.33 -34.72 -29.28
C ALA D 303 42.01 -35.39 -28.87
N ALA D 304 41.73 -35.43 -27.57
CA ALA D 304 40.49 -36.06 -27.12
C ALA D 304 40.17 -35.74 -25.67
N LEU D 305 38.91 -35.95 -25.31
CA LEU D 305 38.43 -35.71 -23.95
C LEU D 305 37.44 -36.80 -23.56
N ALA D 306 37.56 -37.29 -22.33
CA ALA D 306 36.58 -38.23 -21.79
C ALA D 306 36.35 -37.79 -20.33
N LEU D 307 35.10 -37.59 -19.93
CA LEU D 307 34.83 -37.22 -18.55
C LEU D 307 33.66 -37.98 -17.98
N GLU D 308 33.66 -38.11 -16.66
CA GLU D 308 32.59 -38.76 -15.93
C GLU D 308 32.16 -37.78 -14.83
N ALA D 309 30.87 -37.61 -14.63
CA ALA D 309 30.39 -36.70 -13.55
C ALA D 309 29.28 -37.40 -12.79
N THR D 310 29.42 -37.41 -11.46
CA THR D 310 28.40 -38.01 -10.59
C THR D 310 27.92 -36.89 -9.69
N GLN D 311 26.61 -36.65 -9.65
CA GLN D 311 26.03 -35.60 -8.81
C GLN D 311 25.11 -36.15 -7.73
N ALA D 312 25.26 -35.67 -6.51
CA ALA D 312 24.35 -36.05 -5.42
C ALA D 312 23.24 -34.99 -5.55
N GLY D 313 22.07 -35.41 -6.00
CA GLY D 313 21.04 -34.43 -6.30
C GLY D 313 19.98 -34.13 -5.28
N GLY D 314 20.08 -34.72 -4.11
CA GLY D 314 19.00 -34.42 -3.15
C GLY D 314 17.77 -35.29 -3.41
N ALA D 315 16.68 -34.97 -2.70
CA ALA D 315 15.51 -35.86 -2.64
C ALA D 315 14.40 -35.89 -3.66
N TYR D 316 14.33 -34.87 -4.51
CA TYR D 316 13.29 -34.77 -5.52
C TYR D 316 13.92 -34.43 -6.86
N ALA D 317 13.21 -34.69 -7.95
CA ALA D 317 13.79 -34.53 -9.27
C ALA D 317 14.20 -33.12 -9.61
N GLY D 318 13.25 -32.19 -9.55
CA GLY D 318 13.54 -30.79 -9.85
C GLY D 318 14.29 -30.61 -11.19
N TYR D 319 15.36 -29.82 -11.17
CA TYR D 319 16.15 -29.54 -12.38
C TYR D 319 17.13 -30.64 -12.72
N GLY D 320 17.22 -31.66 -11.88
CA GLY D 320 18.22 -32.70 -12.03
C GLY D 320 18.58 -33.21 -13.41
N ILE D 321 17.56 -33.54 -14.19
CA ILE D 321 17.81 -34.04 -15.55
C ILE D 321 18.55 -32.99 -16.39
N ILE D 322 18.15 -31.73 -16.24
CA ILE D 322 18.79 -30.65 -16.98
C ILE D 322 20.21 -30.46 -16.46
N THR D 323 20.36 -30.46 -15.13
CA THR D 323 21.69 -30.24 -14.55
C THR D 323 22.71 -31.28 -15.01
N ILE D 324 22.30 -32.54 -15.04
CA ILE D 324 23.28 -33.56 -15.42
C ILE D 324 23.64 -33.50 -16.90
N LEU D 325 22.71 -33.06 -17.76
CA LEU D 325 23.05 -32.92 -19.17
C LEU D 325 24.02 -31.73 -19.31
N TYR D 326 23.86 -30.68 -18.48
CA TYR D 326 24.77 -29.55 -18.60
C TYR D 326 26.19 -29.92 -18.21
N THR D 327 26.41 -31.00 -17.46
CA THR D 327 27.80 -31.32 -17.11
C THR D 327 28.62 -31.62 -18.37
N GLY D 328 27.96 -32.06 -19.44
CA GLY D 328 28.71 -32.33 -20.66
C GLY D 328 28.43 -31.40 -21.83
N ALA D 329 27.30 -30.71 -21.81
CA ALA D 329 26.92 -29.83 -22.94
C ALA D 329 27.90 -28.71 -23.19
N LEU D 330 28.47 -28.16 -22.13
CA LEU D 330 29.42 -27.06 -22.31
C LEU D 330 30.88 -27.45 -22.23
N MET D 331 31.12 -28.73 -22.55
CA MET D 331 32.49 -29.18 -22.78
C MET D 331 32.74 -28.76 -24.25
N HIS D 332 31.66 -28.41 -24.94
CA HIS D 332 31.68 -27.95 -26.34
C HIS D 332 31.52 -26.42 -26.44
N GLY D 333 31.98 -25.85 -27.55
CA GLY D 333 31.78 -24.42 -27.78
C GLY D 333 32.84 -23.43 -27.30
N LEU D 334 33.89 -23.96 -26.66
CA LEU D 334 34.97 -23.13 -26.13
C LEU D 334 36.29 -23.44 -26.86
N TYR D 335 36.71 -24.71 -26.83
CA TYR D 335 37.91 -25.14 -27.54
C TYR D 335 37.49 -26.10 -28.65
N HIS D 336 38.35 -26.22 -29.67
CA HIS D 336 38.08 -27.20 -30.69
C HIS D 336 38.60 -28.52 -30.10
N ILE D 337 37.72 -29.52 -29.98
CA ILE D 337 38.09 -30.82 -29.41
C ILE D 337 37.65 -31.87 -30.43
N PRO D 338 38.59 -32.70 -30.95
CA PRO D 338 38.21 -33.70 -31.96
C PRO D 338 37.19 -34.76 -31.57
N ALA D 339 37.23 -35.19 -30.32
CA ALA D 339 36.31 -36.25 -29.90
C ALA D 339 36.06 -36.11 -28.42
N ILE D 340 34.82 -36.36 -28.01
CA ILE D 340 34.44 -36.22 -26.61
C ILE D 340 33.57 -37.39 -26.17
N LYS D 341 33.90 -37.96 -25.02
CA LYS D 341 33.09 -39.04 -24.45
C LYS D 341 32.60 -38.48 -23.11
N HIS D 342 31.29 -38.57 -22.89
CA HIS D 342 30.67 -38.06 -21.66
C HIS D 342 29.78 -39.10 -20.99
N ASP D 343 30.05 -39.40 -19.72
CA ASP D 343 29.20 -40.34 -18.98
C ASP D 343 28.87 -39.62 -17.68
N ALA D 344 27.61 -39.66 -17.27
CA ALA D 344 27.24 -38.95 -16.05
C ALA D 344 26.07 -39.60 -15.36
N TRP D 345 26.01 -39.42 -14.05
CA TRP D 345 24.94 -40.02 -13.26
C TRP D 345 24.43 -39.00 -12.24
N ARG D 346 23.13 -38.79 -12.24
CA ARG D 346 22.46 -37.90 -11.29
C ARG D 346 21.74 -38.82 -10.30
N VAL D 347 22.18 -38.76 -9.05
CA VAL D 347 21.68 -39.67 -8.00
C VAL D 347 20.93 -39.04 -6.87
N TYR D 348 19.76 -39.61 -6.55
CA TYR D 348 18.97 -39.10 -5.44
C TYR D 348 19.65 -39.37 -4.10
N THR D 349 19.53 -38.43 -3.16
CA THR D 349 20.04 -38.62 -1.81
C THR D 349 19.00 -38.01 -0.87
N ASN D 350 19.01 -38.44 0.40
CA ASN D 350 18.02 -37.93 1.36
C ASN D 350 18.43 -36.61 1.99
N THR D 351 18.56 -35.61 1.10
CA THR D 351 18.99 -34.27 1.49
C THR D 351 18.16 -33.29 0.64
N PRO D 352 18.15 -32.00 1.01
CA PRO D 352 17.38 -31.00 0.27
C PRO D 352 17.70 -31.10 -1.22
N PRO D 353 16.68 -31.06 -2.08
CA PRO D 353 16.89 -31.14 -3.51
C PRO D 353 17.86 -30.08 -4.04
N CYS D 354 18.75 -30.49 -4.93
CA CYS D 354 19.65 -29.54 -5.60
C CYS D 354 18.93 -28.97 -6.82
N GLY D 355 19.49 -27.93 -7.39
CA GLY D 355 18.82 -27.30 -8.51
C GLY D 355 19.78 -26.47 -9.33
N ALA D 356 19.25 -25.35 -9.82
CA ALA D 356 20.04 -24.45 -10.66
C ALA D 356 20.71 -23.36 -9.82
N MET D 357 22.01 -23.17 -10.03
CA MET D 357 22.74 -22.11 -9.35
C MET D 357 23.67 -21.55 -10.41
N ARG D 358 23.78 -20.22 -10.46
CA ARG D 358 24.59 -19.46 -11.42
C ARG D 358 25.67 -20.31 -12.15
N GLY D 359 25.51 -20.51 -13.47
CA GLY D 359 26.43 -21.39 -14.20
C GLY D 359 25.90 -22.81 -14.30
N HIS D 360 24.65 -22.98 -13.90
CA HIS D 360 23.92 -24.25 -13.86
C HIS D 360 24.53 -25.49 -14.52
N GLY D 361 25.07 -26.37 -13.69
CA GLY D 361 25.63 -27.63 -14.16
C GLY D 361 26.92 -27.65 -14.95
N THR D 362 27.44 -26.48 -15.26
CA THR D 362 28.65 -26.42 -16.08
C THR D 362 29.88 -26.02 -15.31
N VAL D 363 29.72 -25.61 -14.06
CA VAL D 363 30.84 -25.05 -13.28
C VAL D 363 31.89 -26.05 -12.90
N ASP D 364 31.46 -27.16 -12.32
CA ASP D 364 32.41 -28.17 -11.83
C ASP D 364 33.17 -28.90 -12.94
N THR D 365 32.49 -29.30 -14.01
CA THR D 365 33.24 -29.95 -15.06
C THR D 365 34.15 -28.92 -15.78
N ARG D 366 33.73 -27.65 -15.86
CA ARG D 366 34.60 -26.65 -16.49
C ARG D 366 35.86 -26.50 -15.62
N ALA D 367 35.68 -26.43 -14.30
CA ALA D 367 36.83 -26.28 -13.41
C ALA D 367 37.80 -27.45 -13.56
N ALA D 368 37.26 -28.66 -13.57
CA ALA D 368 38.12 -29.83 -13.73
C ALA D 368 38.87 -29.84 -15.05
N PHE D 369 38.20 -29.51 -16.15
CA PHE D 369 38.84 -29.49 -17.47
C PHE D 369 39.98 -28.46 -17.49
N GLU D 370 39.69 -27.26 -17.01
CA GLU D 370 40.71 -26.20 -17.03
C GLU D 370 41.92 -26.56 -16.20
N ALA D 371 41.68 -27.17 -15.04
CA ALA D 371 42.80 -27.53 -14.16
C ALA D 371 43.67 -28.62 -14.77
N LEU D 372 43.08 -29.64 -15.37
CA LEU D 372 43.93 -30.70 -15.94
C LEU D 372 44.64 -30.17 -17.19
N LEU D 373 43.97 -29.33 -17.97
CA LEU D 373 44.57 -28.80 -19.21
C LEU D 373 45.86 -28.03 -18.83
N THR D 374 45.78 -27.26 -17.75
CA THR D 374 46.92 -26.50 -17.28
C THR D 374 48.02 -27.40 -16.79
N GLU D 375 47.63 -28.45 -16.06
CA GLU D 375 48.60 -29.39 -15.51
C GLU D 375 49.32 -30.13 -16.64
N MET D 376 48.59 -30.53 -17.66
CA MET D 376 49.19 -31.22 -18.78
C MET D 376 50.09 -30.29 -19.57
N GLY D 377 49.68 -29.02 -19.65
CA GLY D 377 50.45 -28.03 -20.36
C GLY D 377 51.81 -27.88 -19.69
N GLU D 378 51.82 -27.90 -18.37
CA GLU D 378 53.07 -27.76 -17.63
C GLU D 378 53.99 -28.91 -18.02
N GLU D 379 53.44 -30.12 -18.03
CA GLU D 379 54.21 -31.29 -18.39
C GLU D 379 54.80 -31.22 -19.81
N LEU D 380 54.11 -30.54 -20.72
CA LEU D 380 54.58 -30.38 -22.10
C LEU D 380 55.49 -29.16 -22.27
N GLY D 381 55.62 -28.36 -21.20
CA GLY D 381 56.42 -27.14 -21.25
C GLY D 381 55.74 -25.99 -21.99
N ILE D 382 54.41 -25.96 -21.96
CA ILE D 382 53.64 -24.92 -22.61
C ILE D 382 52.91 -24.08 -21.54
N ASP D 383 53.05 -22.76 -21.67
CA ASP D 383 52.46 -21.74 -20.77
C ASP D 383 50.92 -21.96 -20.72
N SER D 384 50.32 -21.80 -19.54
CA SER D 384 48.87 -22.00 -19.40
C SER D 384 47.99 -21.05 -20.21
N LEU D 385 48.46 -19.84 -20.51
CA LEU D 385 47.65 -18.95 -21.33
C LEU D 385 47.82 -19.39 -22.80
N LYS D 386 49.04 -19.73 -23.19
CA LYS D 386 49.32 -20.17 -24.54
C LYS D 386 48.57 -21.46 -24.92
N ILE D 387 48.49 -22.41 -24.01
CA ILE D 387 47.83 -23.67 -24.36
C ILE D 387 46.35 -23.41 -24.66
N ARG D 388 45.79 -22.35 -24.08
CA ARG D 388 44.37 -22.03 -24.40
C ARG D 388 44.29 -21.35 -25.77
N GLN D 389 45.21 -20.44 -26.07
CA GLN D 389 45.19 -19.78 -27.38
C GLN D 389 45.34 -20.82 -28.52
N ILE D 390 46.20 -21.80 -28.30
CA ILE D 390 46.48 -22.87 -29.26
C ILE D 390 45.23 -23.66 -29.61
N ASN D 391 44.33 -23.76 -28.64
CA ASN D 391 43.11 -24.56 -28.82
C ASN D 391 41.79 -23.85 -29.10
N MET D 392 41.85 -22.56 -29.44
CA MET D 392 40.64 -21.81 -29.74
C MET D 392 39.95 -22.33 -30.98
N LEU D 393 38.65 -22.04 -31.11
CA LEU D 393 37.87 -22.47 -32.28
C LEU D 393 38.61 -21.88 -33.48
N PRO D 394 38.88 -22.72 -34.50
CA PRO D 394 39.61 -22.25 -35.70
C PRO D 394 38.92 -21.28 -36.66
N GLN D 395 37.61 -21.31 -36.73
CA GLN D 395 36.89 -20.37 -37.58
C GLN D 395 35.51 -20.13 -37.00
N ILE D 396 34.93 -19.00 -37.36
CA ILE D 396 33.60 -18.58 -36.91
C ILE D 396 32.83 -18.14 -38.15
N PRO D 397 31.57 -18.58 -38.31
CA PRO D 397 30.78 -19.46 -37.45
C PRO D 397 31.35 -20.86 -37.27
N TYR D 398 31.02 -21.46 -36.13
CA TYR D 398 31.51 -22.80 -35.80
C TYR D 398 30.33 -23.58 -35.27
N VAL D 399 30.09 -24.79 -35.79
CA VAL D 399 29.02 -25.64 -35.29
C VAL D 399 29.70 -26.75 -34.48
N THR D 400 29.34 -26.87 -33.20
CA THR D 400 29.98 -27.89 -32.37
C THR D 400 29.40 -29.29 -32.65
N MET D 401 30.07 -30.32 -32.14
CA MET D 401 29.61 -31.70 -32.31
C MET D 401 28.29 -31.89 -31.56
N TYR D 402 28.00 -30.97 -30.64
CA TYR D 402 26.77 -31.03 -29.86
C TYR D 402 25.65 -30.24 -30.56
N ALA D 403 25.96 -29.71 -31.73
CA ALA D 403 25.04 -28.95 -32.58
C ALA D 403 24.77 -27.51 -32.12
N GLN D 404 25.67 -26.96 -31.31
CA GLN D 404 25.52 -25.56 -30.92
C GLN D 404 26.11 -24.71 -32.06
N ARG D 405 25.55 -23.52 -32.25
CA ARG D 405 26.01 -22.63 -33.32
C ARG D 405 26.71 -21.39 -32.78
N VAL D 406 28.04 -21.36 -32.85
CA VAL D 406 28.78 -20.20 -32.34
C VAL D 406 28.93 -19.15 -33.46
N MET D 407 28.21 -18.04 -33.34
CA MET D 407 28.21 -17.00 -34.38
C MET D 407 29.10 -15.80 -34.01
N SER D 408 29.56 -15.73 -32.76
CA SER D 408 30.42 -14.64 -32.33
C SER D 408 31.33 -15.24 -31.25
N TYR D 409 32.59 -14.85 -31.24
CA TYR D 409 33.52 -15.51 -30.35
C TYR D 409 34.64 -14.55 -29.98
N GLY D 410 34.57 -13.97 -28.79
CA GLY D 410 35.60 -13.00 -28.43
C GLY D 410 36.76 -13.53 -27.64
N VAL D 411 36.91 -14.84 -27.54
CA VAL D 411 38.00 -15.44 -26.75
C VAL D 411 39.43 -14.94 -27.10
N PRO D 412 39.79 -14.82 -28.39
CA PRO D 412 41.16 -14.35 -28.66
C PRO D 412 41.43 -13.00 -27.98
N GLU D 413 40.47 -12.09 -28.09
CA GLU D 413 40.63 -10.75 -27.49
C GLU D 413 40.58 -10.82 -25.96
N CYS D 414 39.72 -11.67 -25.41
CA CYS D 414 39.65 -11.79 -23.97
C CYS D 414 41.01 -12.23 -23.44
N LEU D 415 41.62 -13.23 -24.11
CA LEU D 415 42.92 -13.71 -23.64
C LEU D 415 43.99 -12.64 -23.77
N GLU D 416 44.03 -11.94 -24.90
CA GLU D 416 45.08 -10.92 -25.05
C GLU D 416 44.90 -9.80 -24.03
N LYS D 417 43.66 -9.44 -23.78
CA LYS D 417 43.40 -8.36 -22.83
C LYS D 417 43.78 -8.70 -21.41
N VAL D 418 43.45 -9.90 -20.92
CA VAL D 418 43.81 -10.22 -19.55
C VAL D 418 45.30 -10.47 -19.45
N LYS D 419 45.91 -10.99 -20.51
CA LYS D 419 47.37 -11.21 -20.53
C LYS D 419 48.04 -9.87 -20.27
N ALA D 420 47.63 -8.85 -21.01
CA ALA D 420 48.24 -7.52 -20.85
C ALA D 420 47.92 -6.86 -19.52
N ALA D 421 46.64 -6.85 -19.14
CA ALA D 421 46.22 -6.18 -17.90
C ALA D 421 46.78 -6.74 -16.61
N SER D 422 47.04 -8.04 -16.59
CA SER D 422 47.55 -8.70 -15.40
C SER D 422 49.09 -8.72 -15.38
N GLY D 423 49.72 -8.29 -16.46
CA GLY D 423 51.19 -8.37 -16.49
C GLY D 423 51.63 -9.83 -16.51
N TRP D 424 50.82 -10.70 -17.12
CA TRP D 424 51.11 -12.12 -17.17
C TRP D 424 52.50 -12.47 -17.74
N GLU D 425 52.84 -11.93 -18.90
CA GLU D 425 54.13 -12.25 -19.52
C GLU D 425 55.28 -11.79 -18.62
N GLU D 426 55.10 -10.62 -18.04
CA GLU D 426 56.10 -10.01 -17.17
C GLU D 426 56.33 -10.74 -15.87
N ARG D 427 55.23 -11.23 -15.29
CA ARG D 427 55.24 -11.80 -13.95
C ARG D 427 55.09 -13.28 -13.70
N LYS D 428 54.44 -14.00 -14.62
CA LYS D 428 54.19 -15.42 -14.39
C LYS D 428 55.51 -16.15 -14.20
N GLY D 429 55.62 -16.89 -13.09
CA GLY D 429 56.84 -17.63 -12.78
C GLY D 429 57.93 -16.78 -12.16
N LYS D 430 57.64 -15.51 -11.90
CA LYS D 430 58.64 -14.60 -11.31
C LYS D 430 58.18 -13.96 -10.01
N LEU D 431 57.27 -14.64 -9.32
CA LEU D 431 56.75 -14.16 -8.05
C LEU D 431 57.45 -14.79 -6.87
N PRO D 432 57.38 -14.13 -5.70
CA PRO D 432 57.96 -14.55 -4.42
C PRO D 432 57.30 -15.86 -4.01
N LYS D 433 58.00 -16.66 -3.20
CA LYS D 433 57.41 -17.90 -2.75
C LYS D 433 56.16 -17.53 -1.97
N GLY D 434 55.09 -18.27 -2.17
CA GLY D 434 53.87 -17.99 -1.45
C GLY D 434 52.87 -17.21 -2.28
N ARG D 435 53.25 -16.75 -3.48
CA ARG D 435 52.32 -15.97 -4.29
C ARG D 435 52.24 -16.59 -5.68
N GLY D 436 51.08 -16.51 -6.35
CA GLY D 436 50.99 -17.10 -7.68
C GLY D 436 49.91 -16.46 -8.55
N LEU D 437 49.93 -16.80 -9.84
CA LEU D 437 48.99 -16.29 -10.84
C LEU D 437 48.41 -17.52 -11.55
N GLY D 438 47.15 -17.42 -11.96
CA GLY D 438 46.53 -18.53 -12.66
C GLY D 438 45.56 -17.96 -13.68
N ILE D 439 45.31 -18.73 -14.74
CA ILE D 439 44.41 -18.25 -15.77
C ILE D 439 43.41 -19.35 -16.14
N ALA D 440 42.23 -18.93 -16.59
CA ALA D 440 41.23 -19.90 -17.04
C ALA D 440 40.22 -19.26 -17.92
N LEU D 441 39.56 -20.11 -18.71
CA LEU D 441 38.48 -19.67 -19.58
C LEU D 441 37.19 -20.32 -19.05
N SER D 442 36.05 -19.70 -19.33
CA SER D 442 34.76 -20.30 -19.01
C SER D 442 33.75 -19.65 -19.95
N HIS D 443 32.58 -20.27 -20.09
CA HIS D 443 31.54 -19.68 -20.95
C HIS D 443 30.17 -20.17 -20.49
N PHE D 444 29.12 -19.48 -20.93
CA PHE D 444 27.77 -19.95 -20.59
C PHE D 444 26.83 -19.50 -21.70
N VAL D 445 25.64 -20.11 -21.74
CA VAL D 445 24.66 -19.76 -22.76
C VAL D 445 23.95 -18.44 -22.50
N SER D 446 23.44 -17.83 -23.59
CA SER D 446 22.66 -16.60 -23.46
C SER D 446 21.19 -17.00 -23.61
N GLY D 447 20.79 -17.93 -22.76
CA GLY D 447 19.44 -18.42 -22.74
C GLY D 447 19.32 -19.75 -23.44
N THR D 448 18.55 -20.64 -22.83
CA THR D 448 18.26 -21.92 -23.46
C THR D 448 17.25 -21.59 -24.57
N SER D 449 17.57 -21.98 -25.80
CA SER D 449 16.75 -21.61 -26.95
C SER D 449 15.42 -22.36 -27.11
N THR D 450 15.18 -23.35 -26.25
CA THR D 450 13.94 -24.12 -26.28
C THR D 450 13.23 -23.97 -24.94
N PRO D 451 11.98 -23.47 -24.93
CA PRO D 451 11.24 -23.31 -23.65
C PRO D 451 10.96 -24.67 -23.02
N LYS D 452 10.69 -24.71 -21.70
CA LYS D 452 10.41 -25.99 -21.03
C LYS D 452 9.05 -26.56 -21.39
N HIS D 453 8.10 -25.69 -21.67
CA HIS D 453 6.74 -26.10 -21.99
C HIS D 453 6.50 -25.88 -23.48
N TRP D 454 6.08 -26.93 -24.20
CA TRP D 454 5.84 -26.73 -25.65
C TRP D 454 4.47 -26.09 -25.78
N THR D 455 4.45 -24.81 -26.08
CA THR D 455 3.18 -24.11 -26.24
C THR D 455 3.12 -23.39 -27.58
N GLY D 456 4.22 -23.41 -28.34
CA GLY D 456 4.26 -22.75 -29.64
C GLY D 456 4.23 -21.23 -29.60
N GLU D 457 4.46 -20.66 -28.42
CA GLU D 457 4.43 -19.21 -28.28
C GLU D 457 5.78 -18.62 -28.58
N PRO D 458 5.82 -17.31 -28.80
CA PRO D 458 7.11 -16.65 -29.04
C PRO D 458 7.93 -16.82 -27.76
N HIS D 459 9.25 -16.70 -27.89
CA HIS D 459 10.11 -16.88 -26.71
C HIS D 459 10.17 -15.67 -25.81
N ALA D 460 9.69 -14.54 -26.31
CA ALA D 460 9.56 -13.32 -25.49
C ALA D 460 8.56 -12.40 -26.18
N THR D 461 7.81 -11.62 -25.36
CA THR D 461 6.80 -10.70 -25.88
C THR D 461 6.86 -9.43 -25.03
N VAL D 462 6.92 -8.26 -25.67
CA VAL D 462 6.95 -6.99 -24.95
C VAL D 462 5.88 -6.10 -25.56
N ASN D 463 5.12 -5.41 -24.71
CA ASN D 463 4.10 -4.46 -25.19
C ASN D 463 4.53 -3.02 -24.86
N LEU D 464 4.20 -2.07 -25.74
CA LEU D 464 4.43 -0.65 -25.46
C LEU D 464 3.09 0.05 -25.61
N LYS D 465 2.85 1.07 -24.79
CA LYS D 465 1.64 1.87 -24.85
C LYS D 465 2.04 3.34 -24.92
N LEU D 466 1.45 4.12 -25.83
CA LEU D 466 1.76 5.53 -25.94
C LEU D 466 0.44 6.26 -26.15
N ASP D 467 0.12 7.20 -25.26
CA ASP D 467 -1.12 7.95 -25.37
C ASP D 467 -0.82 9.45 -25.49
N PHE D 468 -1.86 10.26 -25.39
CA PHE D 468 -1.76 11.71 -25.59
C PHE D 468 -0.71 12.42 -24.78
N ASP D 469 -0.43 11.91 -23.58
CA ASP D 469 0.51 12.55 -22.65
C ASP D 469 1.96 12.45 -23.08
N GLY D 470 2.26 11.51 -23.99
CA GLY D 470 3.62 11.38 -24.49
C GLY D 470 4.55 10.45 -23.71
N GLY D 471 4.08 9.93 -22.58
CA GLY D 471 4.91 8.99 -21.83
C GLY D 471 4.75 7.60 -22.44
N ILE D 472 5.83 6.84 -22.58
CA ILE D 472 5.73 5.50 -23.15
C ILE D 472 5.75 4.48 -22.00
N THR D 473 4.75 3.59 -21.93
CA THR D 473 4.79 2.55 -20.89
C THR D 473 5.27 1.26 -21.55
N LEU D 474 6.29 0.61 -20.95
CA LEU D 474 6.80 -0.64 -21.49
C LEU D 474 6.32 -1.74 -20.53
N LEU D 475 5.59 -2.72 -21.07
CA LEU D 475 5.07 -3.81 -20.24
C LEU D 475 5.80 -5.10 -20.55
N THR D 476 6.41 -5.70 -19.52
CA THR D 476 7.11 -6.96 -19.70
C THR D 476 6.89 -7.91 -18.53
N GLY D 477 6.78 -9.19 -18.83
CA GLY D 477 6.61 -10.17 -17.74
C GLY D 477 7.98 -10.52 -17.15
N ALA D 478 9.06 -9.95 -17.67
CA ALA D 478 10.40 -10.30 -17.20
C ALA D 478 10.66 -9.85 -15.77
N ALA D 479 11.35 -10.72 -15.03
CA ALA D 479 11.67 -10.50 -13.63
C ALA D 479 13.03 -9.82 -13.46
N ASP D 480 13.00 -8.60 -12.91
CA ASP D 480 14.27 -7.90 -12.63
C ASP D 480 14.57 -8.40 -11.23
N ILE D 481 15.73 -9.05 -11.09
CA ILE D 481 16.13 -9.65 -9.83
C ILE D 481 17.37 -8.98 -9.26
N GLY D 482 17.61 -7.76 -9.74
CA GLY D 482 18.78 -7.00 -9.34
C GLY D 482 19.77 -6.89 -10.49
N GLN D 483 19.56 -7.66 -11.56
CA GLN D 483 20.51 -7.65 -12.68
C GLN D 483 20.28 -6.46 -13.63
N GLY D 484 19.07 -5.91 -13.63
CA GLY D 484 18.78 -4.72 -14.41
C GLY D 484 17.94 -4.91 -15.66
N SER D 485 17.16 -5.98 -15.74
CA SER D 485 16.36 -6.19 -16.96
C SER D 485 15.40 -5.03 -17.24
N ASN D 486 14.85 -4.38 -16.20
CA ASN D 486 13.96 -3.24 -16.50
C ASN D 486 14.74 -2.09 -17.15
N THR D 487 16.01 -1.92 -16.77
CA THR D 487 16.83 -0.86 -17.37
C THR D 487 17.20 -1.27 -18.81
N MET D 488 17.62 -2.52 -18.97
CA MET D 488 17.98 -3.05 -20.30
C MET D 488 16.84 -2.88 -21.31
N ALA D 489 15.63 -3.28 -20.93
CA ALA D 489 14.48 -3.21 -21.86
C ALA D 489 14.21 -1.76 -22.23
N SER D 490 14.33 -0.87 -21.23
CA SER D 490 14.14 0.56 -21.47
C SER D 490 15.19 1.13 -22.41
N GLN D 491 16.46 0.78 -22.16
CA GLN D 491 17.52 1.29 -22.99
C GLN D 491 17.37 0.92 -24.46
N VAL D 492 17.06 -0.35 -24.73
CA VAL D 492 16.99 -0.73 -26.14
C VAL D 492 15.78 -0.14 -26.83
N ALA D 493 14.67 -0.02 -26.14
CA ALA D 493 13.47 0.58 -26.75
C ALA D 493 13.71 2.07 -27.00
N ALA D 494 14.31 2.76 -26.03
CA ALA D 494 14.55 4.21 -26.18
C ALA D 494 15.52 4.45 -27.32
N GLU D 495 16.50 3.57 -27.49
CA GLU D 495 17.48 3.74 -28.56
C GLU D 495 16.79 3.66 -29.92
N VAL D 496 15.92 2.66 -30.10
CA VAL D 496 15.22 2.52 -31.38
C VAL D 496 14.37 3.76 -31.65
N LEU D 497 13.67 4.22 -30.63
CA LEU D 497 12.77 5.34 -30.77
C LEU D 497 13.40 6.72 -30.83
N GLY D 498 14.67 6.81 -30.45
CA GLY D 498 15.34 8.09 -30.44
C GLY D 498 14.86 8.97 -29.29
N VAL D 499 14.40 8.35 -28.20
CA VAL D 499 13.91 9.13 -27.07
C VAL D 499 14.81 8.97 -25.85
N ARG D 500 14.59 9.84 -24.86
CA ARG D 500 15.37 9.73 -23.63
C ARG D 500 14.84 8.57 -22.79
N LEU D 501 15.75 7.97 -22.04
CA LEU D 501 15.39 6.84 -21.19
C LEU D 501 14.28 7.24 -20.25
N SER D 502 14.27 8.51 -19.80
CA SER D 502 13.25 9.01 -18.88
C SER D 502 11.84 9.02 -19.45
N ARG D 503 11.71 8.87 -20.76
CA ARG D 503 10.36 8.86 -21.32
C ARG D 503 9.70 7.47 -21.18
N ILE D 504 10.47 6.47 -20.76
CA ILE D 504 9.91 5.12 -20.64
C ILE D 504 9.65 4.70 -19.20
N ARG D 505 8.41 4.30 -18.91
CA ARG D 505 8.00 3.79 -17.57
C ARG D 505 7.81 2.27 -17.73
N VAL D 506 8.53 1.47 -16.96
CA VAL D 506 8.40 0.01 -17.06
C VAL D 506 7.48 -0.57 -16.00
N ILE D 507 6.51 -1.37 -16.46
CA ILE D 507 5.63 -2.11 -15.56
C ILE D 507 6.06 -3.56 -15.77
N SER D 508 6.39 -4.27 -14.69
CA SER D 508 6.86 -5.62 -14.91
C SER D 508 6.34 -6.66 -13.97
N ALA D 509 6.29 -7.87 -14.51
CA ALA D 509 5.93 -9.06 -13.76
C ALA D 509 4.66 -9.01 -12.91
N ASP D 510 3.55 -8.68 -13.52
CA ASP D 510 2.24 -8.72 -12.83
C ASP D 510 1.36 -9.38 -13.88
N SER D 511 0.97 -10.63 -13.66
CA SER D 511 0.20 -11.40 -14.64
C SER D 511 -1.08 -10.77 -15.15
N ALA D 512 -1.70 -9.87 -14.38
CA ALA D 512 -2.92 -9.27 -14.91
C ALA D 512 -2.63 -8.15 -15.90
N LEU D 513 -1.38 -7.66 -15.92
CA LEU D 513 -1.00 -6.51 -16.75
C LEU D 513 0.05 -6.73 -17.82
N THR D 514 1.04 -7.57 -17.51
CA THR D 514 2.18 -7.71 -18.39
C THR D 514 2.15 -9.01 -19.15
N PRO D 515 2.71 -9.01 -20.37
CA PRO D 515 2.75 -10.22 -21.19
C PRO D 515 3.59 -11.30 -20.50
N LYS D 516 3.18 -12.53 -20.67
CA LYS D 516 3.92 -13.63 -20.05
C LYS D 516 5.38 -13.67 -20.46
N ASP D 517 6.26 -13.99 -19.51
CA ASP D 517 7.65 -14.21 -19.85
C ASP D 517 8.06 -15.55 -19.24
N ASN D 518 8.94 -16.28 -19.92
CA ASN D 518 9.33 -17.59 -19.41
C ASN D 518 10.14 -17.62 -18.15
N GLY D 519 10.71 -16.49 -17.75
CA GLY D 519 11.45 -16.45 -16.48
C GLY D 519 12.89 -15.98 -16.61
N SER D 520 13.44 -15.53 -15.48
CA SER D 520 14.83 -15.06 -15.47
C SER D 520 15.74 -16.18 -15.07
N TYR D 521 16.05 -17.01 -16.06
CA TYR D 521 16.89 -18.19 -15.84
C TYR D 521 17.72 -18.42 -17.10
N SER D 522 18.89 -19.06 -16.94
CA SER D 522 19.84 -19.36 -18.02
C SER D 522 20.29 -18.15 -18.82
N SER D 523 20.23 -16.96 -18.22
CA SER D 523 20.69 -15.74 -18.88
C SER D 523 20.00 -15.52 -20.22
N ARG D 524 18.69 -15.73 -20.24
CA ARG D 524 17.94 -15.53 -21.49
C ARG D 524 17.32 -14.15 -21.61
N VAL D 525 17.28 -13.36 -20.53
CA VAL D 525 16.49 -12.16 -20.65
C VAL D 525 16.99 -11.07 -21.57
N THR D 526 18.28 -10.72 -21.48
CA THR D 526 18.72 -9.64 -22.35
C THR D 526 18.54 -10.05 -23.81
N PHE D 527 18.98 -11.26 -24.15
CA PHE D 527 18.89 -11.65 -25.55
C PHE D 527 17.47 -11.70 -26.09
N MET D 528 16.58 -12.37 -25.36
CA MET D 528 15.22 -12.55 -25.83
C MET D 528 14.31 -11.38 -25.57
N VAL D 529 14.25 -10.88 -24.33
CA VAL D 529 13.39 -9.74 -24.04
C VAL D 529 13.97 -8.48 -24.69
N GLY D 530 15.30 -8.40 -24.77
CA GLY D 530 15.93 -7.27 -25.45
C GLY D 530 15.51 -7.25 -26.93
N ASN D 531 15.53 -8.40 -27.60
CA ASN D 531 15.09 -8.41 -28.98
C ASN D 531 13.60 -8.11 -29.11
N ALA D 532 12.79 -8.64 -28.21
CA ALA D 532 11.35 -8.36 -28.27
C ALA D 532 11.07 -6.87 -28.05
N SER D 533 11.85 -6.23 -27.17
CA SER D 533 11.66 -4.81 -26.89
C SER D 533 12.03 -3.98 -28.13
N ILE D 534 13.08 -4.39 -28.84
CA ILE D 534 13.48 -3.69 -30.06
C ILE D 534 12.33 -3.83 -31.08
N SER D 535 11.78 -5.05 -31.18
CA SER D 535 10.69 -5.35 -32.09
C SER D 535 9.46 -4.46 -31.83
N ALA D 536 9.12 -4.28 -30.55
CA ALA D 536 7.98 -3.46 -30.16
C ALA D 536 8.29 -1.99 -30.48
N ALA D 537 9.52 -1.57 -30.15
CA ALA D 537 9.88 -0.18 -30.39
C ALA D 537 9.86 0.15 -31.90
N GLU D 538 10.25 -0.80 -32.74
CA GLU D 538 10.24 -0.55 -34.18
C GLU D 538 8.78 -0.41 -34.66
N GLU D 539 7.86 -1.16 -34.05
CA GLU D 539 6.43 -1.07 -34.41
C GLU D 539 5.90 0.32 -34.02
N LEU D 540 6.27 0.79 -32.83
CA LEU D 540 5.81 2.10 -32.39
C LEU D 540 6.46 3.20 -33.25
N LYS D 541 7.75 3.07 -33.54
CA LYS D 541 8.44 4.07 -34.33
C LYS D 541 7.73 4.20 -35.69
N GLY D 542 7.36 3.06 -36.27
CA GLY D 542 6.66 3.05 -37.56
C GLY D 542 5.39 3.89 -37.55
N VAL D 543 4.61 3.74 -36.48
CA VAL D 543 3.38 4.51 -36.34
C VAL D 543 3.65 5.99 -36.22
N LEU D 544 4.67 6.36 -35.46
CA LEU D 544 4.97 7.78 -35.27
C LEU D 544 5.55 8.41 -36.54
N VAL D 545 6.41 7.67 -37.25
CA VAL D 545 7.03 8.20 -38.47
C VAL D 545 5.94 8.44 -39.53
N LYS D 546 4.98 7.53 -39.60
CA LYS D 546 3.84 7.65 -40.52
C LYS D 546 3.09 8.98 -40.22
N ALA D 547 2.79 9.23 -38.94
CA ALA D 547 2.10 10.46 -38.57
C ALA D 547 2.93 11.72 -38.81
N ALA D 548 4.23 11.64 -38.54
CA ALA D 548 5.09 12.81 -38.75
C ALA D 548 5.20 13.14 -40.24
N ALA D 549 5.40 12.10 -41.04
CA ALA D 549 5.54 12.29 -42.48
C ALA D 549 4.32 12.98 -43.03
N LYS D 550 3.14 12.55 -42.59
CA LYS D 550 1.92 13.14 -43.07
C LYS D 550 1.84 14.62 -42.66
N LYS D 551 2.15 14.92 -41.41
CA LYS D 551 2.09 16.29 -40.94
C LYS D 551 3.17 17.17 -41.57
N LEU D 552 4.26 16.57 -42.00
CA LEU D 552 5.36 17.31 -42.61
C LEU D 552 5.29 17.26 -44.13
N ASP D 553 4.30 16.53 -44.65
CA ASP D 553 4.10 16.38 -46.09
C ASP D 553 5.34 15.79 -46.77
N ALA D 554 6.04 14.93 -46.03
CA ALA D 554 7.24 14.28 -46.54
C ALA D 554 6.99 12.79 -46.65
N ARG D 555 7.91 12.07 -47.28
CA ARG D 555 7.77 10.62 -47.40
C ARG D 555 8.38 9.99 -46.14
N GLU D 556 7.82 8.87 -45.70
CA GLU D 556 8.30 8.21 -44.48
C GLU D 556 9.78 7.87 -44.53
N GLU D 557 10.26 7.49 -45.71
CA GLU D 557 11.65 7.12 -45.90
C GLU D 557 12.60 8.28 -45.60
N ASP D 558 12.11 9.50 -45.73
CA ASP D 558 12.91 10.70 -45.48
C ASP D 558 12.86 11.26 -44.07
N ILE D 559 12.16 10.59 -43.18
CA ILE D 559 12.04 11.05 -41.81
C ILE D 559 13.16 10.48 -40.93
N GLU D 560 13.78 11.33 -40.14
CA GLU D 560 14.82 10.90 -39.21
C GLU D 560 14.39 11.37 -37.84
N VAL D 561 14.60 10.51 -36.84
CA VAL D 561 14.25 10.87 -35.48
C VAL D 561 15.53 11.11 -34.69
N ILE D 562 15.80 12.37 -34.36
CA ILE D 562 17.01 12.70 -33.63
C ILE D 562 16.71 13.36 -32.28
N ASP D 563 17.06 12.66 -31.19
CA ASP D 563 16.83 13.15 -29.83
C ASP D 563 15.48 13.82 -29.69
N GLU D 564 14.45 13.01 -29.83
CA GLU D 564 13.08 13.48 -29.69
C GLU D 564 12.62 14.52 -30.70
N MET D 565 13.24 14.56 -31.88
CA MET D 565 12.81 15.46 -32.95
C MET D 565 12.63 14.65 -34.23
N PHE D 566 11.52 14.86 -34.97
CA PHE D 566 11.31 14.15 -36.23
C PHE D 566 11.61 15.18 -37.32
N MET D 567 12.70 14.92 -38.05
CA MET D 567 13.17 15.83 -39.10
C MET D 567 13.07 15.18 -40.48
N VAL D 568 13.12 16.01 -41.52
CA VAL D 568 13.10 15.52 -42.88
C VAL D 568 14.56 15.59 -43.31
N SER D 569 15.13 14.44 -43.64
CA SER D 569 16.52 14.34 -44.03
C SER D 569 16.93 15.35 -45.09
N GLY D 570 18.03 16.06 -44.81
CA GLY D 570 18.52 17.07 -45.73
C GLY D 570 17.81 18.39 -45.59
N SER D 571 16.48 18.34 -45.39
CA SER D 571 15.67 19.55 -45.27
C SER D 571 16.20 20.54 -44.23
N GLN D 572 15.64 21.74 -44.27
CA GLN D 572 16.01 22.81 -43.36
C GLN D 572 14.98 22.93 -42.25
N ASP D 573 13.73 22.60 -42.57
CA ASP D 573 12.64 22.66 -41.60
C ASP D 573 13.10 22.14 -40.24
N PRO D 574 12.71 22.83 -39.16
CA PRO D 574 13.10 22.43 -37.81
C PRO D 574 12.53 21.05 -37.43
N GLY D 575 11.53 20.60 -38.19
CA GLY D 575 10.91 19.32 -37.91
C GLY D 575 9.85 19.42 -36.84
N LEU D 576 9.40 18.28 -36.31
CA LEU D 576 8.37 18.24 -35.28
C LEU D 576 8.90 17.68 -33.97
N SER D 577 8.49 18.26 -32.84
CA SER D 577 8.92 17.76 -31.55
C SER D 577 8.20 16.42 -31.33
N PHE D 578 8.73 15.61 -30.43
CA PHE D 578 8.11 14.32 -30.15
C PHE D 578 6.64 14.53 -29.73
N GLN D 579 6.37 15.51 -28.87
CA GLN D 579 5.02 15.75 -28.41
C GLN D 579 4.10 16.18 -29.56
N GLU D 580 4.61 16.94 -30.54
CA GLU D 580 3.78 17.31 -31.70
C GLU D 580 3.43 16.08 -32.53
N VAL D 581 4.37 15.13 -32.64
CA VAL D 581 4.11 13.92 -33.39
C VAL D 581 3.10 13.04 -32.64
N VAL D 582 3.20 12.98 -31.31
CA VAL D 582 2.24 12.20 -30.52
C VAL D 582 0.83 12.73 -30.80
N LYS D 583 0.68 14.05 -30.74
CA LYS D 583 -0.62 14.68 -30.99
C LYS D 583 -1.13 14.29 -32.37
N ALA D 584 -0.26 14.32 -33.38
CA ALA D 584 -0.66 13.95 -34.74
C ALA D 584 -1.02 12.49 -34.81
N ALA D 585 -0.26 11.64 -34.11
CA ALA D 585 -0.52 10.21 -34.12
C ALA D 585 -1.81 9.80 -33.41
N MET D 586 -2.31 10.64 -32.51
CA MET D 586 -3.56 10.31 -31.83
C MET D 586 -4.77 10.49 -32.74
N VAL D 587 -4.66 11.35 -33.75
CA VAL D 587 -5.80 11.59 -34.64
C VAL D 587 -6.23 10.28 -35.32
N ASP D 588 -7.54 10.01 -35.24
CA ASP D 588 -8.14 8.82 -35.80
C ASP D 588 -7.54 7.55 -35.25
N SER D 589 -7.01 7.63 -34.04
CA SER D 589 -6.38 6.47 -33.42
C SER D 589 -6.61 6.35 -31.92
N GLY D 590 -6.27 7.43 -31.23
CA GLY D 590 -6.31 7.38 -29.78
C GLY D 590 -5.13 6.52 -29.35
N THR D 591 -5.17 6.06 -28.12
CA THR D 591 -4.11 5.22 -27.53
C THR D 591 -3.45 4.23 -28.47
N ILE D 592 -2.12 4.30 -28.57
CA ILE D 592 -1.38 3.36 -29.40
C ILE D 592 -0.84 2.20 -28.55
N THR D 593 -1.16 0.96 -28.92
CA THR D 593 -0.58 -0.18 -28.22
C THR D 593 0.08 -1.05 -29.29
N VAL D 594 1.33 -1.46 -29.06
CA VAL D 594 2.04 -2.31 -30.03
C VAL D 594 2.62 -3.49 -29.26
N LYS D 595 2.93 -4.55 -30.01
CA LYS D 595 3.51 -5.79 -29.49
C LYS D 595 4.76 -6.16 -30.28
N GLY D 596 5.84 -6.54 -29.58
CA GLY D 596 7.04 -7.00 -30.24
C GLY D 596 7.32 -8.41 -29.70
N THR D 597 7.84 -9.31 -30.52
CA THR D 597 8.15 -10.67 -30.04
C THR D 597 9.49 -11.10 -30.59
N TYR D 598 10.03 -12.15 -30.00
CA TYR D 598 11.28 -12.73 -30.50
C TYR D 598 11.19 -14.23 -30.29
N THR D 599 11.68 -15.00 -31.27
CA THR D 599 11.70 -16.45 -31.19
C THR D 599 13.05 -16.92 -31.76
N CYS D 600 13.73 -17.78 -31.01
CA CYS D 600 15.02 -18.34 -31.45
C CYS D 600 14.75 -19.24 -32.67
N PRO D 601 15.51 -19.06 -33.76
CA PRO D 601 15.30 -19.91 -34.96
C PRO D 601 15.63 -21.37 -34.64
N THR D 602 14.99 -22.30 -35.35
CA THR D 602 15.17 -23.72 -35.08
C THR D 602 16.62 -24.19 -35.16
N GLU D 603 17.43 -23.62 -36.05
CA GLU D 603 18.82 -24.05 -36.18
CA GLU D 603 18.79 -23.81 -36.27
C GLU D 603 19.63 -23.79 -34.91
N PHE D 604 19.10 -22.92 -34.04
CA PHE D 604 19.80 -22.68 -32.77
C PHE D 604 19.26 -23.50 -31.61
N GLN D 605 18.39 -24.47 -31.90
CA GLN D 605 17.84 -25.28 -30.81
C GLN D 605 18.39 -26.70 -30.70
N GLY D 606 19.61 -26.92 -31.20
CA GLY D 606 20.24 -28.23 -31.09
C GLY D 606 19.93 -29.09 -32.30
N ASP D 607 20.04 -30.40 -32.11
CA ASP D 607 19.78 -31.36 -33.19
C ASP D 607 18.90 -32.44 -32.56
N LYS D 608 17.71 -32.67 -33.13
CA LYS D 608 16.80 -33.68 -32.59
C LYS D 608 17.46 -35.06 -32.58
N LYS D 609 18.43 -35.28 -33.46
CA LYS D 609 19.11 -36.58 -33.48
C LYS D 609 20.02 -36.81 -32.27
N ILE D 610 20.41 -35.73 -31.58
CA ILE D 610 21.25 -35.83 -30.38
C ILE D 610 20.33 -35.61 -29.20
N ARG D 611 19.95 -36.69 -28.55
CA ARG D 611 19.00 -36.60 -27.46
C ARG D 611 19.45 -35.67 -26.36
N GLY D 612 18.54 -34.78 -25.97
CA GLY D 612 18.81 -33.82 -24.92
C GLY D 612 19.65 -32.61 -25.35
N SER D 613 19.99 -32.51 -26.63
CA SER D 613 20.86 -31.41 -27.09
C SER D 613 20.25 -30.02 -26.99
N ALA D 614 18.96 -29.94 -26.74
CA ALA D 614 18.31 -28.62 -26.53
C ALA D 614 18.95 -27.99 -25.30
N ILE D 615 19.39 -28.83 -24.36
CA ILE D 615 20.07 -28.32 -23.17
C ILE D 615 21.52 -28.06 -23.54
N GLY D 616 21.87 -26.80 -23.60
CA GLY D 616 23.20 -26.44 -24.01
C GLY D 616 23.08 -25.68 -25.30
N ALA D 617 21.91 -25.71 -25.94
CA ALA D 617 21.74 -24.98 -27.21
C ALA D 617 21.28 -23.57 -26.87
N THR D 618 21.78 -22.61 -27.64
CA THR D 618 21.52 -21.21 -27.34
C THR D 618 21.81 -20.37 -28.55
N MET D 619 21.40 -19.11 -28.47
CA MET D 619 21.69 -18.18 -29.57
C MET D 619 23.15 -17.77 -29.56
N GLY D 620 23.79 -17.81 -28.39
CA GLY D 620 25.19 -17.39 -28.36
C GLY D 620 25.75 -17.53 -26.97
N PHE D 621 27.08 -17.55 -26.87
CA PHE D 621 27.72 -17.74 -25.58
C PHE D 621 28.47 -16.51 -25.10
N CYS D 622 28.43 -16.25 -23.79
CA CYS D 622 29.26 -15.19 -23.21
C CYS D 622 30.54 -15.97 -22.87
N TYR D 623 31.70 -15.39 -23.19
CA TYR D 623 32.98 -16.03 -22.92
C TYR D 623 33.76 -15.16 -21.94
N ALA D 624 34.51 -15.78 -21.04
CA ALA D 624 35.32 -14.99 -20.15
C ALA D 624 36.69 -15.60 -19.92
N ALA D 625 37.70 -14.74 -19.86
CA ALA D 625 39.05 -15.20 -19.54
C ALA D 625 39.40 -14.46 -18.27
N GLN D 626 39.99 -15.12 -17.29
CA GLN D 626 40.37 -14.40 -16.08
C GLN D 626 41.69 -14.87 -15.54
N VAL D 627 42.41 -13.91 -14.97
CA VAL D 627 43.69 -14.19 -14.30
C VAL D 627 43.45 -13.84 -12.86
N VAL D 628 43.90 -14.71 -11.97
CA VAL D 628 43.72 -14.49 -10.54
C VAL D 628 45.11 -14.48 -9.89
N GLU D 629 45.33 -13.49 -9.02
CA GLU D 629 46.58 -13.42 -8.25
C GLU D 629 46.20 -13.75 -6.81
N ALA D 630 46.92 -14.68 -6.20
CA ALA D 630 46.63 -15.12 -4.85
C ALA D 630 47.89 -15.45 -4.08
N SER D 631 47.75 -15.49 -2.76
CA SER D 631 48.88 -15.87 -1.92
C SER D 631 48.38 -16.92 -0.95
N VAL D 632 49.33 -17.68 -0.41
CA VAL D 632 48.97 -18.73 0.53
C VAL D 632 49.86 -18.57 1.76
N ASP D 633 49.25 -18.60 2.94
CA ASP D 633 50.02 -18.53 4.19
C ASP D 633 50.31 -19.99 4.54
N GLU D 634 51.58 -20.40 4.54
CA GLU D 634 51.83 -21.81 4.83
C GLU D 634 51.64 -22.23 6.29
N ILE D 635 51.65 -21.26 7.21
CA ILE D 635 51.42 -21.59 8.62
C ILE D 635 49.97 -22.05 8.81
N THR D 636 49.03 -21.24 8.31
CA THR D 636 47.61 -21.56 8.47
C THR D 636 46.98 -22.28 7.29
N GLY D 637 47.63 -22.27 6.14
CA GLY D 637 47.10 -22.89 4.94
C GLY D 637 46.07 -21.99 4.26
N LYS D 638 45.87 -20.78 4.79
CA LYS D 638 44.89 -19.86 4.20
C LYS D 638 45.27 -19.29 2.84
N VAL D 639 44.36 -19.42 1.87
CA VAL D 639 44.55 -18.88 0.52
C VAL D 639 43.83 -17.50 0.51
N THR D 640 44.50 -16.46 0.02
CA THR D 640 43.89 -15.13 -0.09
C THR D 640 43.92 -14.71 -1.56
N ALA D 641 42.75 -14.40 -2.13
CA ALA D 641 42.67 -13.95 -3.50
C ALA D 641 42.82 -12.41 -3.41
N HIS D 642 43.86 -11.87 -4.07
CA HIS D 642 44.09 -10.43 -4.03
C HIS D 642 43.40 -9.68 -5.15
N LYS D 643 43.51 -10.20 -6.35
CA LYS D 643 42.94 -9.49 -7.48
C LYS D 643 42.61 -10.42 -8.64
N VAL D 644 41.58 -10.03 -9.38
CA VAL D 644 41.18 -10.77 -10.57
C VAL D 644 41.10 -9.77 -11.72
N TRP D 645 41.65 -10.15 -12.87
CA TRP D 645 41.53 -9.35 -14.09
C TRP D 645 40.66 -10.26 -14.96
N VAL D 646 39.50 -9.79 -15.41
CA VAL D 646 38.58 -10.65 -16.19
C VAL D 646 38.10 -9.92 -17.41
N ALA D 647 38.26 -10.55 -18.56
CA ALA D 647 37.78 -9.95 -19.81
C ALA D 647 36.58 -10.78 -20.25
N VAL D 648 35.45 -10.12 -20.47
CA VAL D 648 34.21 -10.80 -20.85
C VAL D 648 33.68 -10.37 -22.21
N ASP D 649 33.41 -11.35 -23.06
CA ASP D 649 32.83 -11.09 -24.38
C ASP D 649 31.31 -11.19 -24.15
N VAL D 650 30.66 -10.02 -24.11
CA VAL D 650 29.23 -9.91 -23.90
C VAL D 650 28.54 -9.46 -25.20
N GLY D 651 29.25 -9.59 -26.34
CA GLY D 651 28.70 -9.18 -27.64
C GLY D 651 28.67 -7.66 -27.85
N LYS D 652 27.92 -6.95 -27.01
CA LYS D 652 27.83 -5.49 -27.02
C LYS D 652 27.35 -5.19 -25.62
N ALA D 653 28.09 -4.37 -24.86
CA ALA D 653 27.63 -4.06 -23.50
C ALA D 653 26.55 -2.98 -23.61
N LEU D 654 25.29 -3.35 -23.32
CA LEU D 654 24.21 -2.37 -23.44
C LEU D 654 24.32 -1.30 -22.35
N ASN D 655 24.69 -1.73 -21.16
CA ASN D 655 24.91 -0.82 -20.00
C ASN D 655 26.25 -1.30 -19.42
N PRO D 656 27.38 -0.67 -19.82
CA PRO D 656 28.71 -1.09 -19.32
C PRO D 656 28.83 -1.12 -17.80
N LEU D 657 28.13 -0.20 -17.14
CA LEU D 657 28.17 -0.13 -15.68
C LEU D 657 27.58 -1.45 -15.09
N ALA D 658 26.42 -1.86 -15.59
CA ALA D 658 25.77 -3.11 -15.12
C ALA D 658 26.59 -4.33 -15.57
N VAL D 659 27.14 -4.31 -16.78
CA VAL D 659 27.95 -5.45 -17.22
C VAL D 659 29.13 -5.64 -16.26
N GLU D 660 29.76 -4.55 -15.85
CA GLU D 660 30.86 -4.67 -14.90
C GLU D 660 30.38 -5.25 -13.55
N GLY D 661 29.27 -4.73 -13.04
CA GLY D 661 28.77 -5.21 -11.75
C GLY D 661 28.37 -6.68 -11.79
N GLN D 662 27.72 -7.08 -12.88
CA GLN D 662 27.28 -8.47 -13.07
C GLN D 662 28.49 -9.40 -13.14
N THR D 663 29.52 -8.96 -13.87
CA THR D 663 30.72 -9.77 -14.01
C THR D 663 31.45 -9.89 -12.67
N GLN D 664 31.48 -8.80 -11.89
CA GLN D 664 32.16 -8.85 -10.58
C GLN D 664 31.37 -9.78 -9.65
N GLY D 665 30.04 -9.69 -9.69
CA GLY D 665 29.23 -10.58 -8.86
C GLY D 665 29.40 -12.06 -9.21
N GLY D 666 29.51 -12.35 -10.50
CA GLY D 666 29.69 -13.72 -10.96
C GLY D 666 31.04 -14.29 -10.57
N VAL D 667 32.11 -13.53 -10.85
CA VAL D 667 33.45 -13.96 -10.45
C VAL D 667 33.48 -14.19 -8.95
N TRP D 668 32.93 -13.24 -8.17
CA TRP D 668 32.93 -13.35 -6.73
C TRP D 668 32.20 -14.55 -6.21
N MET D 669 31.05 -14.91 -6.78
CA MET D 669 30.36 -16.11 -6.30
C MET D 669 31.24 -17.33 -6.54
N GLY D 670 31.96 -17.33 -7.66
CA GLY D 670 32.89 -18.43 -7.94
C GLY D 670 33.99 -18.45 -6.88
N MET D 671 34.46 -17.26 -6.47
CA MET D 671 35.48 -17.18 -5.41
C MET D 671 34.94 -17.80 -4.10
N GLY D 672 33.67 -17.56 -3.77
CA GLY D 672 33.10 -18.17 -2.57
C GLY D 672 33.16 -19.69 -2.64
N GLN D 673 32.76 -20.24 -3.77
CA GLN D 673 32.77 -21.70 -3.94
C GLN D 673 34.22 -22.20 -3.96
N ALA D 674 35.09 -21.42 -4.57
CA ALA D 674 36.50 -21.85 -4.66
C ALA D 674 37.22 -21.90 -3.32
N LEU D 675 36.90 -20.97 -2.42
CA LEU D 675 37.65 -20.88 -1.17
C LEU D 675 36.98 -21.14 0.16
N SER D 676 35.68 -20.92 0.28
CA SER D 676 35.14 -21.09 1.62
C SER D 676 33.76 -21.71 1.80
N GLU D 677 32.97 -21.73 0.73
CA GLU D 677 31.61 -22.24 0.87
C GLU D 677 31.45 -23.75 0.69
N GLU D 678 30.71 -24.36 1.60
CA GLU D 678 30.36 -25.78 1.46
C GLU D 678 29.26 -26.15 2.43
N THR D 679 28.30 -26.95 1.96
CA THR D 679 27.24 -27.42 2.86
C THR D 679 27.78 -28.67 3.59
N VAL D 680 27.16 -29.00 4.72
CA VAL D 680 27.60 -30.15 5.50
C VAL D 680 26.38 -30.84 6.11
N TYR D 681 26.24 -32.15 5.86
CA TYR D 681 25.13 -32.91 6.47
C TYR D 681 25.71 -33.99 7.38
N ASP D 682 24.94 -34.38 8.40
CA ASP D 682 25.34 -35.44 9.35
C ASP D 682 24.09 -36.31 9.53
N ASN D 683 24.11 -37.48 8.90
CA ASN D 683 22.99 -38.41 8.93
C ASN D 683 21.67 -37.68 8.66
N GLY D 684 21.69 -36.85 7.62
CA GLY D 684 20.49 -36.12 7.22
C GLY D 684 20.31 -34.76 7.84
N ARG D 685 21.00 -34.50 8.95
CA ARG D 685 20.87 -33.21 9.61
C ARG D 685 21.76 -32.16 8.95
N MET D 686 21.17 -31.00 8.70
CA MET D 686 21.91 -29.90 8.09
C MET D 686 22.77 -29.27 9.20
N VAL D 687 24.06 -29.13 8.97
CA VAL D 687 24.94 -28.53 9.99
C VAL D 687 25.25 -27.06 9.67
N HIS D 688 25.12 -26.69 8.39
CA HIS D 688 25.50 -25.35 7.90
C HIS D 688 24.37 -24.33 7.76
N GLY D 689 23.25 -24.59 8.42
CA GLY D 689 22.07 -23.76 8.27
C GLY D 689 22.04 -22.34 8.82
N ASN D 690 23.13 -21.61 8.65
CA ASN D 690 23.22 -20.23 9.10
C ASN D 690 24.34 -19.58 8.27
N ILE D 691 24.48 -18.25 8.31
CA ILE D 691 25.51 -17.62 7.47
C ILE D 691 26.80 -17.36 8.22
N LEU D 692 26.97 -18.07 9.34
CA LEU D 692 28.21 -18.00 10.12
C LEU D 692 29.01 -19.23 9.68
N ASP D 693 28.39 -20.42 9.75
CA ASP D 693 29.06 -21.64 9.35
C ASP D 693 28.92 -21.99 7.88
N TYR D 694 28.04 -21.31 7.14
CA TYR D 694 28.04 -21.44 5.67
C TYR D 694 28.78 -20.12 5.37
N ARG D 695 30.05 -20.23 4.99
CA ARG D 695 30.90 -19.04 4.88
C ARG D 695 30.91 -18.19 3.63
N VAL D 696 29.82 -17.42 3.47
CA VAL D 696 29.76 -16.46 2.34
C VAL D 696 30.92 -15.48 2.60
N PRO D 697 31.73 -15.20 1.59
CA PRO D 697 32.83 -14.27 1.83
C PRO D 697 32.46 -12.87 2.31
N THR D 698 33.26 -12.33 3.23
CA THR D 698 33.03 -10.95 3.66
C THR D 698 33.86 -10.07 2.72
N ILE D 699 33.63 -8.78 2.82
CA ILE D 699 34.33 -7.81 1.99
C ILE D 699 35.85 -7.79 2.30
N VAL D 700 36.25 -8.25 3.48
CA VAL D 700 37.68 -8.16 3.84
C VAL D 700 38.57 -9.06 3.00
N GLU D 701 38.18 -10.33 2.82
CA GLU D 701 39.02 -11.23 2.03
C GLU D 701 38.62 -11.22 0.54
N SER D 702 37.54 -10.53 0.19
CA SER D 702 37.14 -10.55 -1.23
C SER D 702 38.13 -9.77 -2.12
N PRO D 703 38.44 -10.33 -3.30
CA PRO D 703 39.39 -9.67 -4.21
C PRO D 703 38.90 -8.44 -4.92
N ASP D 704 39.85 -7.61 -5.36
CA ASP D 704 39.48 -6.50 -6.20
C ASP D 704 39.27 -7.21 -7.54
N ILE D 705 38.40 -6.69 -8.39
CA ILE D 705 38.12 -7.34 -9.66
C ILE D 705 38.06 -6.24 -10.72
N GLU D 706 38.93 -6.33 -11.72
CA GLU D 706 39.01 -5.37 -12.82
C GLU D 706 38.36 -6.04 -14.01
N VAL D 707 37.33 -5.41 -14.58
CA VAL D 707 36.61 -5.98 -15.69
C VAL D 707 36.96 -5.27 -16.99
N ILE D 708 37.25 -6.05 -18.02
CA ILE D 708 37.53 -5.53 -19.37
C ILE D 708 36.39 -6.08 -20.27
N ILE D 709 35.71 -5.20 -20.98
CA ILE D 709 34.57 -5.63 -21.83
C ILE D 709 35.01 -5.85 -23.27
N VAL D 710 34.64 -7.02 -23.79
CA VAL D 710 34.98 -7.42 -25.18
C VAL D 710 33.64 -7.45 -25.90
N GLU D 711 33.59 -6.89 -27.10
CA GLU D 711 32.35 -6.81 -27.86
C GLU D 711 32.45 -7.49 -29.25
N SER D 712 32.18 -8.79 -29.26
CA SER D 712 32.24 -9.56 -30.49
C SER D 712 31.13 -9.29 -31.50
N MET D 713 30.08 -8.59 -31.07
CA MET D 713 28.94 -8.22 -31.91
C MET D 713 28.20 -9.42 -32.49
N ASP D 714 27.33 -10.01 -31.69
CA ASP D 714 26.62 -11.17 -32.18
C ASP D 714 25.60 -10.75 -33.23
N PRO D 715 25.57 -11.46 -34.38
CA PRO D 715 24.62 -11.08 -35.43
C PRO D 715 23.12 -11.15 -35.12
N ASN D 716 22.75 -11.92 -34.11
CA ASN D 716 21.34 -12.06 -33.74
C ASN D 716 20.94 -11.37 -32.43
N GLY D 717 21.91 -10.93 -31.63
CA GLY D 717 21.55 -10.30 -30.35
C GLY D 717 21.07 -8.86 -30.49
N PRO D 718 20.40 -8.31 -29.46
CA PRO D 718 19.87 -6.92 -29.48
C PRO D 718 21.06 -5.96 -29.51
N PHE D 719 21.19 -5.23 -30.63
CA PHE D 719 22.36 -4.37 -30.82
C PHE D 719 23.70 -5.13 -30.73
N GLY D 720 23.64 -6.45 -30.93
CA GLY D 720 24.82 -7.30 -30.89
C GLY D 720 25.12 -7.97 -29.56
N ALA D 721 24.25 -7.73 -28.59
CA ALA D 721 24.45 -8.24 -27.23
C ALA D 721 24.25 -9.75 -27.01
N LYS D 722 25.02 -10.28 -26.04
CA LYS D 722 24.91 -11.66 -25.55
C LYS D 722 24.76 -11.48 -24.01
N GLU D 723 24.72 -12.58 -23.28
CA GLU D 723 24.56 -12.43 -21.82
C GLU D 723 25.83 -11.87 -21.17
N ALA D 724 25.73 -11.52 -19.88
CA ALA D 724 26.87 -10.93 -19.18
C ALA D 724 26.88 -11.29 -17.71
N SER D 725 26.37 -12.47 -17.35
CA SER D 725 26.27 -12.76 -15.92
C SER D 725 26.64 -14.14 -15.44
N GLU D 726 26.77 -15.11 -16.34
CA GLU D 726 27.10 -16.46 -15.89
C GLU D 726 28.39 -17.05 -16.45
N GLY D 727 28.82 -16.57 -17.62
CA GLY D 727 29.98 -17.15 -18.25
C GLY D 727 31.31 -16.98 -17.57
N MET D 728 31.36 -16.09 -16.57
CA MET D 728 32.62 -15.82 -15.87
C MET D 728 32.76 -16.48 -14.51
N LEU D 729 31.71 -17.13 -14.02
CA LEU D 729 31.82 -17.70 -12.68
C LEU D 729 32.78 -18.87 -12.57
N ALA D 730 32.68 -19.84 -13.49
CA ALA D 730 33.45 -21.07 -13.36
C ALA D 730 34.96 -20.91 -13.43
N GLY D 731 35.42 -19.93 -14.21
CA GLY D 731 36.84 -19.74 -14.41
C GLY D 731 37.62 -19.41 -13.17
N PHE D 732 36.98 -18.86 -12.15
CA PHE D 732 37.74 -18.51 -10.97
C PHE D 732 38.35 -19.75 -10.29
N LEU D 733 37.58 -20.85 -10.19
CA LEU D 733 38.05 -22.04 -9.50
C LEU D 733 39.38 -22.57 -10.04
N PRO D 734 39.46 -22.87 -11.34
CA PRO D 734 40.73 -23.39 -11.85
C PRO D 734 41.84 -22.31 -11.86
N ALA D 735 41.47 -21.05 -12.06
CA ALA D 735 42.52 -20.00 -12.05
C ALA D 735 43.16 -19.94 -10.67
N ILE D 736 42.37 -19.92 -9.59
CA ILE D 736 43.02 -19.83 -8.29
C ILE D 736 43.71 -21.16 -7.95
N HIS D 737 43.22 -22.26 -8.53
CA HIS D 737 43.84 -23.57 -8.33
C HIS D 737 45.27 -23.48 -8.86
N GLU D 738 45.45 -22.89 -10.04
CA GLU D 738 46.78 -22.73 -10.63
C GLU D 738 47.63 -21.75 -9.78
N ALA D 739 47.03 -20.65 -9.33
CA ALA D 739 47.77 -19.69 -8.50
C ALA D 739 48.30 -20.36 -7.23
N VAL D 740 47.51 -21.27 -6.65
CA VAL D 740 47.95 -21.98 -5.43
C VAL D 740 49.10 -22.92 -5.74
N TYR D 741 49.05 -23.54 -6.91
CA TYR D 741 50.15 -24.42 -7.28
C TYR D 741 51.46 -23.59 -7.47
N GLU D 742 51.37 -22.44 -8.13
CA GLU D 742 52.57 -21.60 -8.28
C GLU D 742 53.05 -21.07 -6.91
N ALA D 743 52.12 -20.73 -6.04
CA ALA D 743 52.49 -20.23 -4.71
C ALA D 743 53.20 -21.22 -3.80
N VAL D 744 52.63 -22.42 -3.68
CA VAL D 744 53.16 -23.43 -2.76
C VAL D 744 53.38 -24.84 -3.27
N GLY D 745 53.15 -25.04 -4.56
CA GLY D 745 53.42 -26.32 -5.16
C GLY D 745 52.49 -27.47 -4.90
N VAL D 746 51.26 -27.21 -4.48
CA VAL D 746 50.33 -28.33 -4.31
C VAL D 746 49.22 -28.19 -5.33
N ARG D 747 48.67 -29.32 -5.74
CA ARG D 747 47.57 -29.36 -6.71
C ARG D 747 46.35 -29.95 -6.00
C ARG D 747 46.28 -29.70 -5.74
N ALA D 748 45.40 -29.09 -5.73
N ALA D 748 45.39 -28.75 -5.50
CA ALA D 748 44.19 -29.49 -5.03
CA ALA D 748 44.20 -28.98 -4.68
C ALA D 748 43.35 -30.43 -5.88
C ALA D 748 43.05 -29.40 -5.57
N THR D 749 42.65 -31.33 -5.20
N THR D 749 42.72 -30.69 -5.52
CA THR D 749 41.75 -32.24 -5.91
CA THR D 749 41.66 -31.28 -6.34
C THR D 749 40.34 -32.08 -5.34
C THR D 749 40.25 -31.28 -5.75
N ASP D 750 40.14 -31.11 -4.44
N ASP D 750 40.12 -30.93 -4.46
CA ASP D 750 38.82 -30.94 -3.82
C ASP D 750 38.52 -29.51 -3.45
N PHE D 751 37.35 -29.02 -3.86
CA PHE D 751 36.92 -27.66 -3.53
C PHE D 751 35.86 -27.74 -2.45
N PRO D 752 35.81 -26.73 -1.57
CA PRO D 752 36.65 -25.53 -1.57
C PRO D 752 38.10 -25.78 -1.14
N LEU D 753 38.99 -24.87 -1.59
CA LEU D 753 40.41 -24.91 -1.21
C LEU D 753 40.51 -24.19 0.13
N SER D 754 39.77 -24.67 1.11
CA SER D 754 39.78 -24.06 2.43
C SER D 754 41.12 -24.45 3.11
N PRO D 755 41.48 -23.74 4.19
CA PRO D 755 42.77 -23.99 4.89
C PRO D 755 43.00 -25.40 5.32
N ASP D 756 41.92 -26.09 5.69
CA ASP D 756 42.05 -27.47 6.12
C ASP D 756 42.53 -28.36 4.98
N ARG D 757 42.00 -28.15 3.79
CA ARG D 757 42.42 -28.95 2.65
C ARG D 757 43.84 -28.58 2.22
N ILE D 758 44.17 -27.29 2.26
CA ILE D 758 45.50 -26.86 1.85
C ILE D 758 46.56 -27.42 2.81
N THR D 759 46.29 -27.37 4.11
CA THR D 759 47.29 -27.86 5.07
C THR D 759 47.52 -29.35 4.89
N GLU D 760 46.48 -30.13 4.57
CA GLU D 760 46.67 -31.57 4.32
C GLU D 760 47.59 -31.80 3.12
N LEU D 761 47.40 -31.02 2.05
CA LEU D 761 48.23 -31.16 0.86
C LEU D 761 49.67 -30.76 1.19
N LEU D 762 49.84 -29.70 1.97
CA LEU D 762 51.20 -29.26 2.33
C LEU D 762 51.88 -30.31 3.21
N ASP D 763 51.13 -30.93 4.12
CA ASP D 763 51.70 -31.95 4.99
C ASP D 763 52.11 -33.19 4.20
N ALA D 764 51.32 -33.55 3.21
CA ALA D 764 51.62 -34.69 2.35
C ALA D 764 52.85 -34.37 1.50
N LYS D 765 52.91 -33.14 1.00
CA LYS D 765 54.03 -32.71 0.16
C LYS D 765 55.33 -32.90 0.93
N GLU D 766 55.37 -32.32 2.12
CA GLU D 766 56.53 -32.40 3.00
C GLU D 766 56.84 -33.83 3.42
N ALA D 767 55.81 -34.62 3.70
CA ALA D 767 56.01 -36.01 4.09
C ALA D 767 56.76 -36.74 2.98
N ALA D 768 56.38 -36.46 1.73
CA ALA D 768 57.04 -37.10 0.60
C ALA D 768 58.37 -36.39 0.33
N MET E 1 6.98 -10.72 13.20
CA MET E 1 7.58 -10.61 14.57
C MET E 1 8.46 -11.81 14.88
N ASN E 2 9.62 -11.57 15.47
CA ASN E 2 10.50 -12.67 15.84
C ASN E 2 10.17 -13.12 17.26
N ILE E 3 9.87 -14.41 17.42
CA ILE E 3 9.49 -14.99 18.71
C ILE E 3 10.55 -15.02 19.81
N LEU E 4 10.18 -14.51 20.99
CA LEU E 4 11.03 -14.56 22.19
C LEU E 4 10.08 -14.88 23.33
N THR E 5 10.59 -15.41 24.45
CA THR E 5 9.70 -15.64 25.58
C THR E 5 9.25 -14.25 26.04
N ASP E 6 8.17 -14.21 26.80
CA ASP E 6 7.60 -12.94 27.23
C ASP E 6 8.26 -12.43 28.49
N PHE E 7 9.55 -12.20 28.41
CA PHE E 7 10.31 -11.75 29.57
C PHE E 7 10.22 -10.28 29.87
N ARG E 8 10.59 -9.93 31.09
CA ARG E 8 10.63 -8.54 31.52
C ARG E 8 12.05 -8.07 31.27
N THR E 9 12.20 -6.78 31.00
CA THR E 9 13.51 -6.20 30.74
C THR E 9 13.75 -5.09 31.75
N HIS E 10 14.64 -5.36 32.71
CA HIS E 10 14.97 -4.38 33.75
C HIS E 10 16.14 -3.56 33.28
N ARG E 11 16.11 -2.26 33.57
CA ARG E 11 17.18 -1.38 33.15
C ARG E 11 17.69 -0.63 34.38
N PRO E 12 18.46 -1.33 35.21
CA PRO E 12 19.01 -0.72 36.42
C PRO E 12 19.98 0.42 36.14
N ALA E 13 20.04 1.41 37.03
CA ALA E 13 20.96 2.53 36.84
C ALA E 13 22.26 2.33 37.62
N THR E 14 22.27 1.37 38.54
CA THR E 14 23.48 1.08 39.33
C THR E 14 23.74 -0.42 39.40
N LEU E 15 24.97 -0.80 39.74
CA LEU E 15 25.31 -2.21 39.86
C LEU E 15 24.51 -2.84 40.99
N ALA E 16 24.29 -2.10 42.06
CA ALA E 16 23.52 -2.64 43.19
C ALA E 16 22.11 -3.03 42.77
N ASP E 17 21.46 -2.19 41.96
CA ASP E 17 20.11 -2.51 41.52
C ASP E 17 20.14 -3.70 40.55
N ALA E 18 21.21 -3.80 39.73
CA ALA E 18 21.33 -4.91 38.79
C ALA E 18 21.47 -6.22 39.59
N VAL E 19 22.28 -6.20 40.64
CA VAL E 19 22.46 -7.39 41.45
C VAL E 19 21.13 -7.81 42.08
N ASN E 20 20.38 -6.86 42.62
CA ASN E 20 19.10 -7.21 43.23
C ASN E 20 18.14 -7.77 42.20
N ALA E 21 18.16 -7.21 40.98
CA ALA E 21 17.28 -7.70 39.93
C ALA E 21 17.62 -9.14 39.55
N LEU E 22 18.91 -9.49 39.59
CA LEU E 22 19.34 -10.84 39.24
C LEU E 22 19.00 -11.91 40.30
N ALA E 23 18.43 -11.50 41.42
CA ALA E 23 18.07 -12.48 42.46
C ALA E 23 16.91 -13.37 42.07
N ALA E 24 16.02 -12.86 41.21
CA ALA E 24 14.85 -13.63 40.79
C ALA E 24 15.17 -14.86 39.96
N GLU E 25 14.23 -15.80 39.87
CA GLU E 25 14.46 -17.02 39.11
C GLU E 25 14.43 -16.76 37.60
N ALA E 26 15.20 -17.55 36.85
CA ALA E 26 15.23 -17.45 35.39
C ALA E 26 15.50 -16.03 34.91
N THR E 27 16.49 -15.37 35.52
CA THR E 27 16.87 -14.00 35.18
C THR E 27 18.32 -13.96 34.72
N LEU E 28 18.54 -13.31 33.57
CA LEU E 28 19.89 -13.25 32.98
C LEU E 28 20.40 -11.85 32.75
N PRO E 29 21.71 -11.64 32.91
CA PRO E 29 22.33 -10.31 32.69
C PRO E 29 22.28 -10.11 31.15
N LEU E 30 22.23 -8.88 30.71
CA LEU E 30 22.21 -8.61 29.26
C LEU E 30 23.18 -7.46 28.98
N GLY E 31 24.14 -7.68 28.07
CA GLY E 31 25.07 -6.64 27.66
C GLY E 31 24.46 -6.07 26.38
N ALA E 32 25.22 -6.07 25.29
CA ALA E 32 24.69 -5.55 24.02
C ALA E 32 23.76 -6.59 23.35
N GLY E 33 23.74 -7.82 23.86
CA GLY E 33 22.87 -8.86 23.30
C GLY E 33 23.34 -9.46 22.01
N THR E 34 24.59 -9.23 21.61
CA THR E 34 25.06 -9.77 20.33
C THR E 34 25.28 -11.28 20.34
N ASP E 35 25.52 -11.84 21.51
CA ASP E 35 25.65 -13.29 21.66
C ASP E 35 24.29 -13.82 22.20
N LEU E 36 23.76 -13.16 23.22
CA LEU E 36 22.56 -13.64 23.87
C LEU E 36 21.27 -13.61 23.05
N LEU E 37 21.03 -12.54 22.31
CA LEU E 37 19.77 -12.49 21.56
C LEU E 37 19.71 -13.53 20.44
N PRO E 38 20.80 -13.75 19.66
CA PRO E 38 20.71 -14.79 18.63
C PRO E 38 20.41 -16.15 19.32
N ASN E 39 21.02 -16.42 20.48
CA ASN E 39 20.73 -17.70 21.15
C ASN E 39 19.29 -17.76 21.66
N LEU E 40 18.77 -16.68 22.26
CA LEU E 40 17.40 -16.72 22.74
C LEU E 40 16.38 -16.86 21.58
N ARG E 41 16.71 -16.24 20.45
CA ARG E 41 15.84 -16.34 19.29
C ARG E 41 15.80 -17.75 18.75
N ARG E 42 16.90 -18.50 18.92
CA ARG E 42 16.94 -19.89 18.47
C ARG E 42 16.33 -20.83 19.54
N GLY E 43 15.88 -20.25 20.65
CA GLY E 43 15.24 -21.03 21.73
C GLY E 43 16.18 -21.59 22.78
N LEU E 44 17.39 -21.06 22.85
CA LEU E 44 18.39 -21.53 23.81
C LEU E 44 18.19 -20.70 25.08
N GLY E 45 17.24 -21.10 25.88
CA GLY E 45 16.99 -20.37 27.10
C GLY E 45 15.56 -19.89 27.10
N HIS E 46 14.95 -19.89 28.27
CA HIS E 46 13.58 -19.43 28.38
C HIS E 46 13.50 -18.58 29.63
N PRO E 47 14.17 -17.41 29.59
CA PRO E 47 14.19 -16.47 30.71
C PRO E 47 12.88 -15.81 31.05
N ALA E 48 12.73 -15.47 32.32
CA ALA E 48 11.55 -14.75 32.81
C ALA E 48 11.88 -13.25 32.78
N ALA E 49 13.17 -12.95 32.80
CA ALA E 49 13.63 -11.57 32.77
C ALA E 49 15.10 -11.39 32.34
N LEU E 50 15.39 -10.24 31.73
CA LEU E 50 16.75 -9.90 31.32
C LEU E 50 17.10 -8.62 32.06
N VAL E 51 18.33 -8.52 32.54
CA VAL E 51 18.78 -7.32 33.27
C VAL E 51 19.81 -6.61 32.42
N ASP E 52 19.35 -5.56 31.76
CA ASP E 52 20.17 -4.76 30.87
C ASP E 52 21.19 -3.98 31.66
N LEU E 53 22.45 -4.24 31.37
CA LEU E 53 23.53 -3.55 32.08
C LEU E 53 24.02 -2.30 31.35
N THR E 54 23.56 -2.09 30.11
CA THR E 54 24.03 -0.96 29.32
C THR E 54 23.55 0.42 29.77
N GLY E 55 22.60 0.43 30.71
CA GLY E 55 22.10 1.71 31.20
C GLY E 55 22.70 2.07 32.55
N ILE E 56 23.72 1.32 32.97
CA ILE E 56 24.34 1.61 34.26
C ILE E 56 25.41 2.68 34.14
N ASP E 57 25.18 3.80 34.80
CA ASP E 57 26.12 4.92 34.76
C ASP E 57 27.50 4.48 35.25
N GLY E 58 28.52 4.88 34.50
CA GLY E 58 29.90 4.58 34.85
C GLY E 58 30.47 3.20 34.55
N LEU E 59 29.64 2.27 34.09
CA LEU E 59 30.12 0.92 33.82
C LEU E 59 30.93 0.73 32.55
N ALA E 60 31.06 1.77 31.73
CA ALA E 60 31.78 1.64 30.47
C ALA E 60 33.06 2.44 30.37
N THR E 61 33.56 2.93 31.50
CA THR E 61 34.76 3.75 31.49
C THR E 61 36.06 2.98 31.34
N ILE E 62 37.01 3.57 30.59
CA ILE E 62 38.34 2.98 30.44
C ILE E 62 39.25 4.01 31.09
N SER E 63 40.11 3.58 32.01
CA SER E 63 40.99 4.56 32.65
C SER E 63 42.32 3.95 33.05
N THR E 64 43.26 4.82 33.43
CA THR E 64 44.57 4.37 33.88
C THR E 64 44.59 4.69 35.37
N LEU E 65 45.23 3.84 36.16
CA LEU E 65 45.27 4.09 37.59
C LEU E 65 46.65 4.58 38.00
N ALA E 66 46.78 4.94 39.27
CA ALA E 66 48.04 5.45 39.82
C ALA E 66 49.30 4.72 39.33
N ASP E 67 49.35 3.42 39.58
CA ASP E 67 50.49 2.60 39.19
C ASP E 67 50.75 2.46 37.69
N GLY E 68 49.80 2.89 36.87
CA GLY E 68 50.00 2.76 35.44
C GLY E 68 49.33 1.50 34.93
N SER E 69 48.38 1.00 35.73
CA SER E 69 47.61 -0.18 35.39
C SER E 69 46.40 0.34 34.62
N LEU E 70 45.66 -0.59 34.01
CA LEU E 70 44.48 -0.26 33.22
C LEU E 70 43.22 -0.76 33.91
N ARG E 71 42.17 0.06 33.97
CA ARG E 71 40.91 -0.42 34.54
C ARG E 71 39.85 -0.23 33.46
N ILE E 72 39.12 -1.30 33.16
CA ILE E 72 38.05 -1.23 32.14
C ILE E 72 36.73 -1.71 32.72
N GLY E 73 35.70 -0.85 32.71
CA GLY E 73 34.38 -1.27 33.18
C GLY E 73 33.83 -2.38 32.28
N ALA E 74 33.04 -3.28 32.85
CA ALA E 74 32.50 -4.42 32.11
C ALA E 74 31.64 -3.97 30.93
N GLY E 75 31.15 -2.74 31.00
CA GLY E 75 30.31 -2.20 29.93
C GLY E 75 31.03 -1.53 28.78
N ALA E 76 32.35 -1.40 28.85
CA ALA E 76 33.12 -0.76 27.76
C ALA E 76 32.97 -1.60 26.50
N THR E 77 32.83 -0.95 25.36
CA THR E 77 32.67 -1.69 24.11
C THR E 77 33.98 -2.18 23.55
N LEU E 78 33.92 -3.25 22.76
CA LEU E 78 35.14 -3.76 22.18
C LEU E 78 35.73 -2.73 21.24
N GLU E 79 34.88 -1.92 20.58
CA GLU E 79 35.40 -0.89 19.68
C GLU E 79 36.26 0.15 20.48
N ALA E 80 35.73 0.62 21.59
CA ALA E 80 36.44 1.60 22.42
C ALA E 80 37.76 1.02 22.91
N ILE E 81 37.78 -0.27 23.25
CA ILE E 81 39.00 -0.92 23.71
C ILE E 81 40.03 -1.03 22.59
N ALA E 82 39.58 -1.44 21.41
CA ALA E 82 40.47 -1.63 20.28
C ALA E 82 41.06 -0.31 19.79
N GLU E 83 40.32 0.78 20.02
CA GLU E 83 40.74 2.09 19.54
C GLU E 83 41.42 2.99 20.56
N HIS E 84 41.41 2.58 21.82
CA HIS E 84 41.99 3.37 22.90
C HIS E 84 43.51 3.51 22.73
N ASP E 85 43.99 4.75 22.68
CA ASP E 85 45.41 5.01 22.46
C ASP E 85 46.34 4.37 23.49
N ALA E 86 45.94 4.40 24.75
CA ALA E 86 46.79 3.81 25.79
C ALA E 86 46.85 2.28 25.66
N ILE E 87 45.74 1.68 25.26
CA ILE E 87 45.73 0.23 25.16
C ILE E 87 46.56 -0.21 23.97
N ARG E 88 46.40 0.50 22.85
CA ARG E 88 47.13 0.10 21.66
C ARG E 88 48.63 0.24 21.90
N THR E 89 49.01 1.27 22.64
CA THR E 89 50.44 1.51 22.88
C THR E 89 51.09 0.61 23.92
N THR E 90 50.41 0.40 25.05
CA THR E 90 50.96 -0.38 26.15
C THR E 90 50.51 -1.82 26.30
N TRP E 91 49.28 -2.12 25.88
CA TRP E 91 48.75 -3.47 26.00
C TRP E 91 48.17 -3.84 24.65
N PRO E 92 48.99 -3.76 23.59
CA PRO E 92 48.53 -4.10 22.23
C PRO E 92 47.80 -5.43 22.07
N ALA E 93 48.18 -6.46 22.84
CA ALA E 93 47.53 -7.78 22.71
C ALA E 93 46.01 -7.68 23.00
N LEU E 94 45.64 -6.84 23.94
CA LEU E 94 44.25 -6.66 24.30
C LEU E 94 43.49 -5.92 23.17
N ALA E 95 44.12 -4.90 22.60
CA ALA E 95 43.49 -4.16 21.48
C ALA E 95 43.33 -5.10 20.32
N GLN E 96 44.36 -5.92 20.08
CA GLN E 96 44.36 -6.89 18.99
C GLN E 96 43.21 -7.87 19.14
N ALA E 97 43.11 -8.43 20.33
CA ALA E 97 42.04 -9.41 20.61
C ALA E 97 40.65 -8.77 20.48
N ALA E 98 40.45 -7.59 21.07
CA ALA E 98 39.15 -6.91 20.98
C ALA E 98 38.77 -6.63 19.52
N GLU E 99 39.72 -6.17 18.73
CA GLU E 99 39.42 -5.85 17.33
C GLU E 99 39.14 -7.10 16.48
N SER E 100 39.64 -8.25 16.92
CA SER E 100 39.46 -9.49 16.16
C SER E 100 38.08 -10.09 16.32
N VAL E 101 37.29 -9.60 17.27
CA VAL E 101 35.99 -10.19 17.57
C VAL E 101 34.90 -9.85 16.56
N ALA E 102 34.22 -10.87 16.05
CA ALA E 102 33.05 -10.67 15.18
C ALA E 102 33.31 -9.63 14.08
N GLY E 103 32.32 -8.75 13.87
CA GLY E 103 32.45 -7.70 12.88
C GLY E 103 32.44 -6.35 13.57
N PRO E 104 32.73 -5.27 12.84
CA PRO E 104 32.76 -3.91 13.41
C PRO E 104 31.45 -3.41 13.99
N THR E 105 30.33 -3.81 13.41
CA THR E 105 29.08 -3.34 14.01
C THR E 105 28.83 -4.06 15.33
N HIS E 106 29.16 -5.35 15.41
CA HIS E 106 28.98 -6.01 16.70
C HIS E 106 29.86 -5.27 17.73
N ARG E 107 31.10 -4.96 17.34
CA ARG E 107 32.01 -4.33 18.31
C ARG E 107 31.60 -2.95 18.74
N ALA E 108 30.78 -2.27 17.91
CA ALA E 108 30.35 -0.95 18.27
C ALA E 108 29.48 -0.91 19.54
N ALA E 109 28.88 -2.05 19.89
CA ALA E 109 28.06 -2.15 21.08
C ALA E 109 28.48 -3.27 22.05
N ALA E 110 29.05 -4.35 21.52
CA ALA E 110 29.42 -5.55 22.33
C ALA E 110 30.30 -5.07 23.48
N THR E 111 30.06 -5.63 24.65
CA THR E 111 30.78 -5.24 25.85
C THR E 111 31.89 -6.21 26.22
N LEU E 112 32.82 -5.72 27.04
CA LEU E 112 33.90 -6.58 27.49
C LEU E 112 33.34 -7.69 28.38
N GLY E 113 32.41 -7.35 29.27
CA GLY E 113 31.80 -8.33 30.15
C GLY E 113 31.07 -9.42 29.38
N GLY E 114 30.32 -8.99 28.37
CA GLY E 114 29.63 -9.99 27.57
C GLY E 114 30.59 -10.83 26.75
N ASN E 115 31.73 -10.28 26.35
CA ASN E 115 32.67 -11.07 25.57
C ASN E 115 33.27 -12.15 26.45
N LEU E 116 33.67 -11.77 27.66
CA LEU E 116 34.24 -12.77 28.54
C LEU E 116 33.23 -13.85 28.95
N CYS E 117 32.00 -13.44 29.24
CA CYS E 117 30.97 -14.36 29.67
C CYS E 117 30.14 -15.00 28.55
N GLN E 118 30.58 -14.85 27.29
CA GLN E 118 29.81 -15.44 26.18
C GLN E 118 29.64 -16.94 26.38
N ASP E 119 28.59 -17.49 25.78
CA ASP E 119 28.28 -18.90 25.89
C ASP E 119 29.21 -19.78 25.07
N THR E 120 29.35 -21.03 25.47
CA THR E 120 30.15 -21.96 24.70
C THR E 120 29.29 -22.33 23.47
N ARG E 121 29.94 -22.94 22.49
CA ARG E 121 29.33 -23.25 21.18
C ARG E 121 29.52 -24.69 20.72
N CYS E 122 28.51 -25.21 20.02
CA CYS E 122 28.56 -26.56 19.48
C CYS E 122 27.52 -26.62 18.35
N THR E 123 27.82 -27.33 17.27
CA THR E 123 26.87 -27.44 16.14
C THR E 123 25.58 -28.16 16.49
N PHE E 124 25.50 -28.82 17.65
CA PHE E 124 24.22 -29.44 18.05
C PHE E 124 23.42 -28.46 18.92
N TYR E 125 24.06 -27.37 19.34
CA TYR E 125 23.48 -26.38 20.23
C TYR E 125 23.02 -25.10 19.52
N ASN E 126 23.89 -24.51 18.69
CA ASN E 126 23.55 -23.28 17.96
C ASN E 126 22.77 -23.67 16.72
N GLN E 127 21.54 -24.09 16.98
CA GLN E 127 20.60 -24.54 15.96
C GLN E 127 19.21 -24.16 16.44
N SER E 128 18.24 -24.13 15.53
CA SER E 128 16.89 -23.73 15.89
C SER E 128 16.17 -24.71 16.80
N GLU E 129 15.07 -24.23 17.36
CA GLU E 129 14.21 -25.04 18.22
C GLU E 129 13.71 -26.26 17.42
N TRP E 130 13.29 -26.05 16.17
CA TRP E 130 12.84 -27.16 15.35
C TRP E 130 13.96 -28.23 15.20
N TRP E 131 15.17 -27.76 14.89
CA TRP E 131 16.30 -28.63 14.67
C TRP E 131 16.63 -29.43 15.93
N ARG E 132 16.73 -28.73 17.04
CA ARG E 132 17.11 -29.40 18.28
C ARG E 132 16.05 -30.33 18.82
N SER E 133 14.80 -29.88 18.79
CA SER E 133 13.75 -30.74 19.30
CA SER E 133 13.69 -30.67 19.23
C SER E 133 13.69 -32.00 18.43
N GLY E 134 13.87 -31.84 17.12
CA GLY E 134 13.86 -32.99 16.25
C GLY E 134 14.97 -33.96 16.58
N ASN E 135 16.04 -33.46 17.16
CA ASN E 135 17.20 -34.31 17.51
C ASN E 135 17.24 -34.73 18.99
N GLY E 136 16.15 -34.47 19.73
CA GLY E 136 16.10 -34.84 21.13
C GLY E 136 16.89 -33.94 22.05
N TYR E 137 17.18 -32.70 21.61
CA TYR E 137 17.94 -31.74 22.42
C TYR E 137 19.30 -32.33 22.80
N CYS E 138 19.89 -31.89 23.91
CA CYS E 138 21.17 -32.48 24.33
C CYS E 138 21.41 -32.12 25.79
N LEU E 139 22.50 -32.67 26.34
CA LEU E 139 22.82 -32.47 27.73
C LEU E 139 22.97 -31.01 28.16
N LYS E 140 23.44 -30.16 27.24
CA LYS E 140 23.60 -28.77 27.61
C LYS E 140 22.26 -28.07 27.85
N TYR E 141 21.23 -28.47 27.10
CA TYR E 141 19.92 -27.85 27.25
C TYR E 141 18.78 -28.71 26.78
N LYS E 142 17.92 -29.05 27.74
CA LYS E 142 16.70 -29.84 27.56
C LYS E 142 16.80 -31.30 27.17
N GLY E 143 18.02 -31.86 27.15
CA GLY E 143 18.21 -33.25 26.80
C GLY E 143 19.09 -33.92 27.86
N ASP E 144 19.54 -35.13 27.61
CA ASP E 144 20.34 -35.81 28.62
C ASP E 144 21.54 -36.52 28.02
N LYS E 145 21.80 -36.27 26.75
CA LYS E 145 22.89 -36.92 26.08
C LYS E 145 23.78 -35.92 25.36
N CYS E 146 25.09 -36.16 25.37
CA CYS E 146 26.03 -35.33 24.60
C CYS E 146 26.24 -36.08 23.28
N HIS E 147 26.05 -35.41 22.15
CA HIS E 147 26.19 -36.07 20.86
C HIS E 147 27.62 -36.07 20.31
N VAL E 148 28.49 -35.30 20.95
CA VAL E 148 29.89 -35.23 20.55
C VAL E 148 30.71 -36.30 21.30
N ILE E 149 30.50 -36.40 22.62
CA ILE E 149 31.17 -37.40 23.47
C ILE E 149 30.02 -38.20 24.10
N VAL E 150 29.66 -39.29 23.45
CA VAL E 150 28.48 -40.05 23.88
C VAL E 150 28.42 -40.53 25.32
N LYS E 151 29.59 -40.67 25.95
CA LYS E 151 29.68 -41.04 27.37
C LYS E 151 28.79 -40.07 28.17
N SER E 152 28.70 -38.83 27.69
CA SER E 152 27.83 -37.83 28.34
C SER E 152 28.07 -37.57 29.82
N ASP E 153 29.33 -37.53 30.22
CA ASP E 153 29.64 -37.25 31.62
C ASP E 153 29.52 -35.74 31.89
N ARG E 154 29.65 -34.92 30.83
CA ARG E 154 29.49 -33.46 30.90
C ARG E 154 29.27 -32.98 29.46
N CYS E 155 29.04 -31.68 29.32
CA CYS E 155 28.88 -31.05 28.00
C CYS E 155 30.31 -30.66 27.61
N TYR E 156 30.69 -30.86 26.35
CA TYR E 156 32.01 -30.50 25.85
C TYR E 156 32.01 -29.31 24.89
N ALA E 157 30.97 -28.47 24.99
CA ALA E 157 30.88 -27.31 24.11
C ALA E 157 32.15 -26.46 24.23
N THR E 158 32.57 -25.88 23.11
CA THR E 158 33.82 -25.13 23.10
C THR E 158 33.71 -23.63 23.38
N TYR E 159 34.66 -23.09 24.14
CA TYR E 159 34.68 -21.66 24.42
C TYR E 159 35.54 -21.03 23.33
N HIS E 160 34.97 -20.07 22.59
CA HIS E 160 35.67 -19.43 21.46
C HIS E 160 35.88 -17.94 21.67
N GLY E 161 35.90 -17.46 22.91
CA GLY E 161 36.08 -16.02 23.11
C GLY E 161 37.51 -15.58 22.88
N ASP E 162 37.71 -14.46 22.17
CA ASP E 162 39.05 -13.96 21.84
C ASP E 162 39.73 -13.14 22.92
N VAL E 163 38.96 -12.40 23.70
CA VAL E 163 39.57 -11.49 24.67
C VAL E 163 40.16 -12.20 25.86
N ALA E 164 39.48 -13.24 26.35
CA ALA E 164 39.99 -13.97 27.53
C ALA E 164 41.47 -14.35 27.50
N PRO E 165 41.96 -15.06 26.45
CA PRO E 165 43.39 -15.43 26.46
C PRO E 165 44.35 -14.25 26.48
N ALA E 166 43.99 -13.14 25.85
CA ALA E 166 44.83 -11.96 25.84
C ALA E 166 44.92 -11.40 27.26
N LEU E 167 43.78 -11.31 27.95
CA LEU E 167 43.78 -10.81 29.31
C LEU E 167 44.51 -11.76 30.24
N MET E 168 44.45 -13.05 29.94
CA MET E 168 45.11 -14.05 30.79
C MET E 168 46.63 -13.94 30.72
N VAL E 169 47.20 -13.73 29.53
CA VAL E 169 48.66 -13.60 29.48
C VAL E 169 49.13 -12.22 29.97
N LEU E 170 48.20 -11.27 30.06
CA LEU E 170 48.51 -9.95 30.56
C LEU E 170 48.31 -9.92 32.07
N ASP E 171 48.00 -11.09 32.64
CA ASP E 171 47.80 -11.23 34.09
C ASP E 171 46.71 -10.31 34.64
N ALA E 172 45.62 -10.18 33.90
CA ALA E 172 44.54 -9.32 34.35
C ALA E 172 43.74 -9.90 35.53
N ARG E 173 43.03 -9.01 36.24
CA ARG E 173 42.20 -9.41 37.37
C ARG E 173 40.76 -9.04 37.05
N ALA E 174 39.83 -9.84 37.56
CA ALA E 174 38.40 -9.63 37.34
C ALA E 174 37.72 -9.23 38.64
N GLU E 175 37.00 -8.12 38.61
CA GLU E 175 36.26 -7.64 39.77
C GLU E 175 34.82 -8.09 39.60
N ILE E 176 34.33 -8.87 40.56
CA ILE E 176 32.98 -9.43 40.55
C ILE E 176 32.17 -8.86 41.68
N VAL E 177 30.90 -8.57 41.40
CA VAL E 177 30.00 -8.05 42.44
C VAL E 177 28.78 -8.94 42.49
N GLY E 178 28.20 -9.07 43.67
CA GLY E 178 27.05 -9.92 43.82
C GLY E 178 26.38 -9.67 45.16
N PRO E 179 25.40 -10.49 45.54
CA PRO E 179 24.70 -10.31 46.82
C PRO E 179 25.59 -10.40 48.05
N ALA E 180 26.74 -11.05 47.92
CA ALA E 180 27.68 -11.19 49.04
C ALA E 180 28.70 -10.05 49.02
N GLY E 181 28.64 -9.19 48.00
CA GLY E 181 29.58 -8.09 47.92
C GLY E 181 30.54 -8.17 46.75
N LYS E 182 31.70 -7.56 46.90
CA LYS E 182 32.70 -7.55 45.82
C LYS E 182 33.84 -8.52 46.11
N ARG E 183 34.35 -9.17 45.07
CA ARG E 183 35.49 -10.07 45.18
C ARG E 183 36.25 -9.95 43.87
N THR E 184 37.52 -10.35 43.89
CA THR E 184 38.36 -10.28 42.69
C THR E 184 39.11 -11.58 42.53
N VAL E 185 39.30 -11.99 41.29
CA VAL E 185 40.03 -13.22 40.97
C VAL E 185 40.86 -13.01 39.72
N PRO E 186 41.90 -13.83 39.53
CA PRO E 186 42.73 -13.71 38.31
C PRO E 186 41.72 -14.06 37.20
N VAL E 187 41.78 -13.36 36.08
CA VAL E 187 40.80 -13.63 35.02
C VAL E 187 40.71 -15.09 34.62
N ALA E 188 41.82 -15.82 34.67
CA ALA E 188 41.77 -17.22 34.30
C ALA E 188 40.77 -18.00 35.14
N GLN E 189 40.55 -17.56 36.38
CA GLN E 189 39.64 -18.24 37.31
C GLN E 189 38.16 -17.97 37.08
N LEU E 190 37.85 -17.13 36.10
CA LEU E 190 36.46 -16.82 35.81
C LEU E 190 35.88 -18.05 35.09
N PHE E 191 36.76 -18.89 34.52
CA PHE E 191 36.32 -20.03 33.73
C PHE E 191 36.49 -21.40 34.34
N ARG E 192 35.55 -22.29 34.00
CA ARG E 192 35.56 -23.67 34.43
C ARG E 192 35.51 -24.50 33.16
N GLU E 193 36.33 -25.54 33.06
CA GLU E 193 36.33 -26.38 31.87
C GLU E 193 35.16 -27.37 31.84
N SER E 194 33.96 -26.83 31.67
CA SER E 194 32.75 -27.64 31.63
C SER E 194 31.80 -26.89 30.67
N GLY E 195 31.44 -27.55 29.57
CA GLY E 195 30.59 -26.93 28.53
C GLY E 195 29.31 -26.26 28.98
N ALA E 196 28.64 -26.87 29.94
CA ALA E 196 27.36 -26.33 30.42
C ALA E 196 27.39 -25.54 31.73
N GLU E 197 28.55 -25.41 32.35
CA GLU E 197 28.67 -24.61 33.58
C GLU E 197 30.06 -24.06 33.43
N HIS E 198 30.25 -23.20 32.43
CA HIS E 198 31.57 -22.72 32.12
C HIS E 198 32.12 -21.51 32.83
N LEU E 199 31.31 -20.85 33.65
CA LEU E 199 31.78 -19.66 34.38
C LEU E 199 31.72 -19.93 35.88
N THR E 200 32.58 -19.24 36.63
CA THR E 200 32.59 -19.45 38.08
C THR E 200 31.79 -18.38 38.80
N LEU E 201 30.93 -17.68 38.06
CA LEU E 201 30.09 -16.68 38.68
C LEU E 201 28.93 -17.40 39.36
N GLU E 202 28.55 -16.92 40.53
CA GLU E 202 27.48 -17.54 41.26
C GLU E 202 26.18 -16.80 40.97
N LYS E 203 25.09 -17.29 41.56
CA LYS E 203 23.78 -16.68 41.40
C LYS E 203 23.82 -15.21 41.82
N GLY E 204 23.34 -14.34 40.94
CA GLY E 204 23.30 -12.93 41.27
C GLY E 204 24.59 -12.16 41.05
N GLU E 205 25.65 -12.84 40.63
CA GLU E 205 26.91 -12.16 40.41
C GLU E 205 27.10 -11.64 38.98
N LEU E 206 27.81 -10.51 38.89
CA LEU E 206 28.14 -9.84 37.64
C LEU E 206 29.63 -9.49 37.55
N LEU E 207 30.17 -9.54 36.34
CA LEU E 207 31.51 -9.09 36.13
C LEU E 207 31.35 -7.56 36.07
N ALA E 208 32.05 -6.83 36.94
CA ALA E 208 31.92 -5.38 36.97
C ALA E 208 33.08 -4.65 36.31
N ALA E 209 34.29 -5.19 36.42
CA ALA E 209 35.42 -4.52 35.79
C ALA E 209 36.60 -5.47 35.61
N ILE E 210 37.55 -5.03 34.80
CA ILE E 210 38.77 -5.80 34.55
C ILE E 210 39.94 -4.85 34.81
N GLU E 211 40.95 -5.33 35.55
CA GLU E 211 42.14 -4.51 35.81
C GLU E 211 43.35 -5.23 35.25
N VAL E 212 44.17 -4.51 34.49
CA VAL E 212 45.35 -5.08 33.86
C VAL E 212 46.58 -4.37 34.44
N PRO E 213 47.55 -5.15 34.97
CA PRO E 213 48.73 -4.49 35.53
C PRO E 213 49.74 -3.91 34.54
N PRO E 214 50.64 -3.03 35.05
CA PRO E 214 51.65 -2.44 34.16
C PRO E 214 52.39 -3.65 33.63
N THR E 215 52.98 -3.52 32.45
CA THR E 215 53.63 -4.64 31.82
C THR E 215 55.07 -4.98 32.24
N GLY E 216 55.79 -4.02 32.80
CA GLY E 216 57.15 -4.33 33.18
C GLY E 216 57.98 -4.76 32.00
N ALA E 217 58.65 -5.90 32.09
CA ALA E 217 59.49 -6.35 30.99
C ALA E 217 58.82 -7.33 30.06
N TRP E 218 57.50 -7.44 30.17
CA TRP E 218 56.71 -8.36 29.34
C TRP E 218 56.19 -7.73 28.05
N SER E 219 56.27 -8.48 26.94
CA SER E 219 55.68 -8.04 25.66
C SER E 219 54.59 -9.11 25.43
N ALA E 220 53.53 -8.81 24.68
CA ALA E 220 52.51 -9.83 24.49
C ALA E 220 51.78 -9.61 23.16
N ALA E 221 51.20 -10.68 22.63
CA ALA E 221 50.45 -10.59 21.35
C ALA E 221 49.36 -11.64 21.32
N TYR E 222 48.38 -11.46 20.43
CA TYR E 222 47.31 -12.45 20.30
C TYR E 222 47.20 -12.77 18.81
N SER E 223 46.99 -14.04 18.48
CA SER E 223 46.83 -14.46 17.09
C SER E 223 45.59 -15.35 16.99
N LYS E 224 44.77 -15.07 16.00
CA LYS E 224 43.52 -15.81 15.80
C LYS E 224 43.50 -16.43 14.41
N VAL E 225 42.95 -17.64 14.28
CA VAL E 225 42.83 -18.27 12.98
C VAL E 225 41.32 -18.46 12.68
N ARG E 226 40.91 -18.04 11.49
CA ARG E 226 39.52 -18.22 11.05
C ARG E 226 39.57 -18.29 9.54
N ILE E 227 38.57 -18.93 8.93
CA ILE E 227 38.57 -19.05 7.47
C ILE E 227 38.26 -17.73 6.79
N ARG E 228 37.23 -17.02 7.23
CA ARG E 228 36.97 -15.71 6.65
C ARG E 228 37.85 -14.69 7.39
N ASP E 229 38.00 -13.48 6.87
CA ASP E 229 38.87 -12.50 7.53
C ASP E 229 38.15 -11.55 8.50
N ALA E 230 36.88 -11.83 8.78
CA ALA E 230 36.10 -11.05 9.72
C ALA E 230 34.91 -11.91 10.11
N VAL E 231 34.21 -11.47 11.14
CA VAL E 231 33.01 -12.11 11.69
C VAL E 231 33.23 -13.48 12.39
N ASP E 232 33.90 -14.43 11.72
CA ASP E 232 34.10 -15.76 12.31
C ASP E 232 34.73 -15.77 13.71
N PHE E 233 34.22 -16.68 14.54
CA PHE E 233 34.85 -16.96 15.84
C PHE E 233 36.19 -17.64 15.55
N PRO E 234 37.07 -17.68 16.57
CA PRO E 234 38.35 -18.32 16.34
C PRO E 234 38.20 -19.84 16.19
N LEU E 235 38.81 -20.41 15.17
CA LEU E 235 38.90 -21.85 15.01
C LEU E 235 39.96 -22.32 16.03
N ALA E 236 40.87 -21.41 16.36
CA ALA E 236 41.98 -21.62 17.31
C ALA E 236 42.51 -20.23 17.56
N GLY E 237 42.91 -19.92 18.81
CA GLY E 237 43.45 -18.59 19.08
C GLY E 237 44.50 -18.78 20.17
N VAL E 238 45.61 -18.06 20.07
CA VAL E 238 46.64 -18.20 21.12
C VAL E 238 47.19 -16.83 21.46
N ALA E 239 47.28 -16.54 22.75
CA ALA E 239 47.89 -15.28 23.20
C ALA E 239 49.20 -15.74 23.91
N ALA E 240 50.24 -14.91 23.87
CA ALA E 240 51.48 -15.24 24.59
C ALA E 240 52.08 -13.96 25.10
N ALA E 241 52.86 -14.07 26.18
CA ALA E 241 53.55 -12.90 26.74
C ALA E 241 54.95 -13.47 27.03
N LEU E 242 55.96 -12.65 26.77
CA LEU E 242 57.36 -13.03 26.89
C LEU E 242 58.23 -12.03 27.61
N GLN E 243 59.22 -12.54 28.35
CA GLN E 243 60.23 -11.70 29.00
C GLN E 243 61.50 -12.32 28.44
N ARG E 244 62.32 -11.51 27.79
CA ARG E 244 63.52 -12.05 27.18
C ARG E 244 64.78 -11.50 27.85
N ASP E 245 65.68 -12.40 28.22
CA ASP E 245 66.94 -12.00 28.89
C ASP E 245 68.09 -12.49 28.04
N GLY E 246 68.65 -11.59 27.25
CA GLY E 246 69.74 -11.99 26.37
C GLY E 246 69.13 -12.92 25.34
N ASP E 247 69.61 -14.15 25.29
CA ASP E 247 69.09 -15.13 24.35
C ASP E 247 68.33 -16.23 25.07
N ARG E 248 67.82 -15.93 26.27
CA ARG E 248 67.07 -16.96 26.94
C ARG E 248 65.69 -16.48 27.37
N ILE E 249 64.78 -17.43 27.53
CA ILE E 249 63.42 -17.12 27.95
C ILE E 249 63.38 -16.92 29.47
N ALA E 250 63.18 -15.68 29.89
CA ALA E 250 63.11 -15.36 31.31
C ALA E 250 61.71 -15.55 31.86
N GLY E 251 60.69 -15.36 31.02
CA GLY E 251 59.32 -15.52 31.49
C GLY E 251 58.47 -15.85 30.26
N LEU E 252 57.43 -16.63 30.45
CA LEU E 252 56.57 -17.00 29.30
C LEU E 252 55.21 -17.37 29.80
N ARG E 253 54.17 -16.84 29.15
CA ARG E 253 52.79 -17.18 29.52
C ARG E 253 52.10 -17.44 28.18
N VAL E 254 51.33 -18.51 28.11
CA VAL E 254 50.62 -18.85 26.87
C VAL E 254 49.18 -19.22 27.24
N ALA E 255 48.20 -18.68 26.50
CA ALA E 255 46.80 -19.02 26.79
C ALA E 255 46.12 -19.36 25.46
N ILE E 256 45.26 -20.38 25.49
CA ILE E 256 44.58 -20.79 24.28
C ILE E 256 43.08 -20.62 24.37
N THR E 257 42.45 -20.44 23.21
CA THR E 257 41.01 -20.33 23.17
C THR E 257 40.57 -21.01 21.89
N GLY E 258 39.27 -21.29 21.81
CA GLY E 258 38.73 -21.98 20.64
C GLY E 258 39.10 -23.44 20.58
N SER E 259 39.54 -23.99 21.72
CA SER E 259 40.00 -25.38 21.76
C SER E 259 39.38 -26.29 22.84
N ASN E 260 38.95 -25.70 23.94
CA ASN E 260 38.41 -26.47 25.08
C ASN E 260 37.14 -25.80 25.58
N SER E 261 36.52 -26.33 26.64
CA SER E 261 35.30 -25.70 27.16
C SER E 261 35.57 -24.40 27.93
N ALA E 262 36.85 -24.09 28.13
CA ALA E 262 37.24 -22.84 28.77
C ALA E 262 38.50 -22.40 28.05
N PRO E 263 38.85 -21.09 28.19
CA PRO E 263 40.10 -20.57 27.58
C PRO E 263 41.10 -21.03 28.69
N LEU E 264 42.30 -21.46 28.32
CA LEU E 264 43.21 -22.01 29.34
C LEU E 264 44.66 -21.59 29.26
N MET E 265 45.32 -21.54 30.42
CA MET E 265 46.74 -21.24 30.48
C MET E 265 47.46 -22.56 30.17
N VAL E 266 48.57 -22.52 29.45
CA VAL E 266 49.32 -23.71 29.13
C VAL E 266 50.56 -23.69 30.06
N PRO E 267 50.77 -24.75 30.84
CA PRO E 267 51.96 -24.76 31.73
C PRO E 267 53.24 -24.84 30.90
N VAL E 268 54.01 -23.75 30.88
CA VAL E 268 55.21 -23.75 30.05
C VAL E 268 56.52 -23.54 30.80
N ASP E 269 56.51 -23.75 32.10
CA ASP E 269 57.71 -23.57 32.93
C ASP E 269 58.93 -24.33 32.42
N ALA E 270 58.70 -25.43 31.70
CA ALA E 270 59.78 -26.22 31.18
C ALA E 270 60.64 -25.45 30.19
N LEU E 271 60.08 -24.39 29.61
CA LEU E 271 60.83 -23.60 28.64
C LEU E 271 61.66 -22.49 29.29
N LEU E 272 61.37 -22.18 30.54
CA LEU E 272 62.09 -21.09 31.20
C LEU E 272 63.59 -21.39 31.36
N GLY E 273 64.39 -20.37 31.11
CA GLY E 273 65.83 -20.49 31.21
C GLY E 273 66.48 -21.00 29.94
N GLY E 274 65.69 -21.59 29.03
CA GLY E 274 66.24 -22.11 27.80
C GLY E 274 66.26 -21.10 26.68
N ASN E 275 66.73 -21.51 25.50
CA ASN E 275 66.74 -20.61 24.34
C ASN E 275 65.39 -20.76 23.64
N TRP E 276 65.17 -19.89 22.66
CA TRP E 276 63.98 -19.98 21.83
C TRP E 276 64.55 -20.44 20.50
N ASP E 277 64.41 -21.72 20.22
CA ASP E 277 64.91 -22.31 18.97
C ASP E 277 63.94 -23.38 18.50
N ASP E 278 64.31 -24.12 17.47
CA ASP E 278 63.43 -25.15 16.95
C ASP E 278 63.02 -26.20 17.97
N ALA E 279 63.97 -26.62 18.80
CA ALA E 279 63.66 -27.62 19.80
C ALA E 279 62.69 -27.07 20.84
N ALA E 280 62.85 -25.80 21.22
CA ALA E 280 61.98 -25.19 22.21
C ALA E 280 60.56 -25.01 21.66
N ALA E 281 60.48 -24.66 20.39
CA ALA E 281 59.19 -24.47 19.72
C ALA E 281 58.44 -25.80 19.63
N GLU E 282 59.16 -26.90 19.42
CA GLU E 282 58.49 -28.19 19.33
C GLU E 282 58.02 -28.58 20.71
N THR E 283 58.82 -28.24 21.72
CA THR E 283 58.43 -28.54 23.09
C THR E 283 57.15 -27.76 23.40
N LEU E 284 57.12 -26.49 22.99
CA LEU E 284 55.93 -25.67 23.24
C LEU E 284 54.70 -26.27 22.57
N ALA E 285 54.83 -26.68 21.31
CA ALA E 285 53.71 -27.28 20.59
C ALA E 285 53.18 -28.48 21.37
N GLN E 286 54.08 -29.34 21.86
CA GLN E 286 53.60 -30.50 22.60
C GLN E 286 52.87 -30.14 23.90
N LEU E 287 53.31 -29.08 24.57
CA LEU E 287 52.66 -28.62 25.80
C LEU E 287 51.27 -28.06 25.48
N VAL E 288 51.18 -27.32 24.36
CA VAL E 288 49.89 -26.77 23.95
C VAL E 288 48.97 -27.93 23.58
N ARG E 289 49.49 -28.94 22.90
CA ARG E 289 48.69 -30.10 22.51
C ARG E 289 48.12 -30.80 23.75
N LYS E 290 48.96 -30.99 24.76
CA LYS E 290 48.54 -31.63 26.00
C LYS E 290 47.38 -30.90 26.70
N THR E 291 47.47 -29.57 26.80
CA THR E 291 46.42 -28.77 27.45
C THR E 291 45.15 -28.74 26.57
N SER E 292 45.33 -28.67 25.26
CA SER E 292 44.20 -28.61 24.34
C SER E 292 43.35 -29.90 24.36
N ASN E 293 42.09 -29.82 23.95
CA ASN E 293 41.26 -31.02 23.90
C ASN E 293 40.33 -30.69 22.74
N VAL E 294 40.90 -30.62 21.55
CA VAL E 294 40.12 -30.25 20.37
C VAL E 294 39.11 -31.36 20.03
N LEU E 295 37.82 -31.00 20.04
CA LEU E 295 36.77 -31.98 19.78
C LEU E 295 35.87 -31.46 18.65
N ARG E 296 35.08 -32.35 18.07
CA ARG E 296 34.22 -31.93 16.96
C ARG E 296 32.88 -31.26 17.37
N THR E 297 33.00 -30.12 18.04
CA THR E 297 31.86 -29.30 18.40
C THR E 297 31.68 -28.26 17.26
N THR E 298 32.65 -28.22 16.36
CA THR E 298 32.69 -27.26 15.22
C THR E 298 32.39 -27.90 13.88
N ILE E 299 31.98 -27.07 12.91
CA ILE E 299 31.71 -27.62 11.59
C ILE E 299 33.07 -27.93 10.95
N THR E 300 34.11 -27.14 11.31
CA THR E 300 35.45 -27.41 10.80
C THR E 300 36.08 -28.60 11.57
N GLY E 301 36.89 -29.38 10.88
CA GLY E 301 37.49 -30.57 11.48
C GLY E 301 38.48 -30.35 12.62
N VAL E 302 38.58 -31.37 13.45
CA VAL E 302 39.49 -31.38 14.60
C VAL E 302 40.95 -31.39 14.13
N LYS E 303 41.27 -32.17 13.10
CA LYS E 303 42.64 -32.25 12.62
C LYS E 303 43.21 -30.88 12.29
N TYR E 304 42.45 -30.09 11.53
CA TYR E 304 42.95 -28.76 11.19
C TYR E 304 43.01 -27.83 12.40
N ARG E 305 41.95 -27.85 13.22
CA ARG E 305 41.89 -26.95 14.36
C ARG E 305 43.05 -27.22 15.31
N ARG E 306 43.38 -28.49 15.52
CA ARG E 306 44.49 -28.79 16.41
C ARG E 306 45.82 -28.41 15.75
N ARG E 307 45.98 -28.72 14.47
CA ARG E 307 47.22 -28.41 13.78
C ARG E 307 47.54 -26.93 13.79
N VAL E 308 46.55 -26.09 13.51
CA VAL E 308 46.82 -24.66 13.50
C VAL E 308 47.01 -24.08 14.90
N LEU E 309 46.37 -24.67 15.90
CA LEU E 309 46.51 -24.18 17.27
C LEU E 309 48.00 -24.33 17.63
N LEU E 310 48.57 -25.48 17.28
CA LEU E 310 50.01 -25.71 17.59
C LEU E 310 50.88 -24.77 16.76
N ALA E 311 50.57 -24.64 15.48
CA ALA E 311 51.37 -23.80 14.60
C ALA E 311 51.38 -22.33 15.02
N ILE E 312 50.23 -21.77 15.36
CA ILE E 312 50.26 -20.36 15.72
C ILE E 312 50.84 -20.08 17.10
N SER E 313 50.89 -21.09 17.98
CA SER E 313 51.47 -20.86 19.30
C SER E 313 52.95 -20.63 19.05
N ARG E 314 53.54 -21.41 18.15
CA ARG E 314 54.95 -21.22 17.82
C ARG E 314 55.14 -19.88 17.10
N LYS E 315 54.22 -19.54 16.19
CA LYS E 315 54.34 -18.29 15.46
C LYS E 315 54.21 -17.05 16.35
N VAL E 316 53.29 -17.06 17.30
CA VAL E 316 53.11 -15.89 18.13
C VAL E 316 54.31 -15.66 19.06
N VAL E 317 54.90 -16.75 19.54
CA VAL E 317 56.09 -16.58 20.40
C VAL E 317 57.28 -16.15 19.53
N ASP E 318 57.40 -16.71 18.33
CA ASP E 318 58.51 -16.33 17.48
C ASP E 318 58.42 -14.84 17.14
N GLN E 319 57.19 -14.34 16.96
CA GLN E 319 56.96 -12.93 16.67
C GLN E 319 57.43 -12.03 17.84
N LEU E 320 57.07 -12.41 19.06
CA LEU E 320 57.46 -11.65 20.23
C LEU E 320 58.98 -11.70 20.37
N TRP E 321 59.57 -12.86 20.12
CA TRP E 321 61.02 -13.02 20.26
C TRP E 321 61.81 -12.15 19.28
N GLU E 322 61.43 -12.21 18.02
CA GLU E 322 62.11 -11.47 16.97
C GLU E 322 61.92 -9.97 17.03
N ALA E 323 60.90 -9.51 17.74
CA ALA E 323 60.65 -8.07 17.84
C ALA E 323 61.67 -7.38 18.74
N MET F 1 5.10 -8.01 28.89
CA MET F 1 4.55 -6.72 29.41
C MET F 1 5.09 -5.55 28.61
N LYS F 2 4.27 -4.51 28.44
CA LYS F 2 4.69 -3.33 27.71
C LYS F 2 5.11 -2.21 28.64
N ASN F 3 6.09 -1.45 28.21
CA ASN F 3 6.56 -0.31 28.98
C ASN F 3 6.81 0.83 28.00
N ILE F 4 6.83 2.05 28.53
CA ILE F 4 7.04 3.22 27.69
C ILE F 4 8.45 3.32 27.14
N LEU F 5 8.54 3.53 25.84
CA LEU F 5 9.83 3.69 25.18
C LEU F 5 9.89 5.10 24.58
N ARG F 6 10.86 5.89 25.00
CA ARG F 6 11.03 7.23 24.47
C ARG F 6 12.36 7.28 23.76
N LEU F 7 12.34 7.79 22.54
CA LEU F 7 13.58 7.93 21.78
C LEU F 7 13.36 8.92 20.64
N THR F 8 14.40 9.25 19.88
CA THR F 8 14.23 10.12 18.73
C THR F 8 14.46 9.17 17.55
N LEU F 9 13.50 9.12 16.65
CA LEU F 9 13.63 8.23 15.49
C LEU F 9 13.53 9.04 14.21
N ASN F 10 14.59 8.99 13.40
CA ASN F 10 14.60 9.72 12.15
C ASN F 10 14.22 11.19 12.35
N GLY F 11 14.77 11.75 13.42
CA GLY F 11 14.56 13.16 13.73
C GLY F 11 13.30 13.53 14.46
N ARG F 12 12.44 12.55 14.73
CA ARG F 12 11.19 12.83 15.41
C ARG F 12 11.10 12.16 16.78
N ALA F 13 10.53 12.88 17.74
CA ALA F 13 10.36 12.35 19.07
C ALA F 13 9.32 11.23 19.07
N ARG F 14 9.63 10.07 19.66
CA ARG F 14 8.69 8.97 19.75
C ARG F 14 8.45 8.68 21.24
N GLU F 15 7.23 8.27 21.54
CA GLU F 15 6.83 7.91 22.91
C GLU F 15 5.80 6.81 22.66
N ASP F 16 6.25 5.57 22.75
CA ASP F 16 5.41 4.41 22.44
C ASP F 16 5.39 3.35 23.56
N LEU F 17 4.31 2.59 23.66
CA LEU F 17 4.20 1.50 24.63
C LEU F 17 4.66 0.26 23.85
N VAL F 18 5.78 -0.33 24.29
CA VAL F 18 6.45 -1.40 23.54
C VAL F 18 6.75 -2.59 24.45
N PRO F 19 6.53 -3.83 23.95
CA PRO F 19 6.82 -5.02 24.77
C PRO F 19 8.26 -5.02 25.23
N ASP F 20 8.49 -5.41 26.49
CA ASP F 20 9.86 -5.49 26.98
C ASP F 20 10.74 -6.40 26.13
N ASN F 21 10.14 -7.45 25.55
CA ASN F 21 10.88 -8.41 24.74
C ASN F 21 10.93 -8.11 23.24
N MET F 22 10.59 -6.90 22.83
CA MET F 22 10.57 -6.60 21.40
C MET F 22 11.94 -6.20 20.87
N LEU F 23 12.35 -6.84 19.77
CA LEU F 23 13.62 -6.48 19.14
C LEU F 23 13.47 -5.13 18.44
N LEU F 24 14.55 -4.37 18.38
CA LEU F 24 14.51 -3.08 17.69
C LEU F 24 14.04 -3.28 16.23
N LEU F 25 14.50 -4.36 15.59
CA LEU F 25 14.10 -4.63 14.18
C LEU F 25 12.58 -4.71 14.03
N ASP F 26 11.93 -5.44 14.94
CA ASP F 26 10.49 -5.61 14.86
C ASP F 26 9.77 -4.33 15.23
N TYR F 27 10.33 -3.56 16.15
CA TYR F 27 9.71 -2.30 16.50
C TYR F 27 9.71 -1.38 15.25
N LEU F 28 10.85 -1.32 14.57
CA LEU F 28 10.93 -0.45 13.40
C LEU F 28 10.02 -0.92 12.27
N ARG F 29 10.09 -2.20 11.94
CA ARG F 29 9.30 -2.71 10.80
C ARG F 29 7.81 -2.82 11.05
N GLU F 30 7.44 -3.27 12.24
CA GLU F 30 6.05 -3.53 12.55
C GLU F 30 5.31 -2.47 13.35
N THR F 31 5.96 -1.90 14.36
CA THR F 31 5.30 -0.90 15.17
C THR F 31 5.28 0.43 14.42
N VAL F 32 6.42 0.83 13.85
CA VAL F 32 6.50 2.10 13.14
C VAL F 32 6.19 1.96 11.65
N GLY F 33 6.39 0.78 11.09
CA GLY F 33 6.11 0.57 9.68
C GLY F 33 7.21 0.97 8.72
N LEU F 34 8.44 1.04 9.22
CA LEU F 34 9.59 1.43 8.42
C LEU F 34 10.24 0.15 7.92
N THR F 35 9.89 -0.23 6.69
CA THR F 35 10.37 -1.48 6.14
C THR F 35 11.72 -1.45 5.43
N GLY F 36 12.41 -0.30 5.44
CA GLY F 36 13.71 -0.19 4.82
C GLY F 36 14.72 -1.09 5.51
N THR F 37 14.64 -1.20 6.84
CA THR F 37 15.56 -2.07 7.62
C THR F 37 15.13 -3.53 7.37
N LYS F 38 16.07 -4.38 6.92
CA LYS F 38 15.72 -5.73 6.51
C LYS F 38 16.20 -6.81 7.42
N GLN F 39 15.63 -8.01 7.25
CA GLN F 39 16.10 -9.18 7.98
C GLN F 39 16.67 -10.17 6.96
N GLY F 40 17.98 -10.45 7.06
CA GLY F 40 18.61 -11.38 6.16
C GLY F 40 19.09 -12.70 6.78
N CYS F 41 18.93 -12.85 8.09
CA CYS F 41 19.47 -14.04 8.74
C CYS F 41 18.66 -14.30 10.00
N ASP F 42 19.07 -15.31 10.75
CA ASP F 42 18.33 -15.66 11.97
C ASP F 42 18.94 -15.07 13.23
N GLY F 43 19.96 -14.24 13.04
CA GLY F 43 20.54 -13.51 14.16
C GLY F 43 22.00 -13.09 14.18
N GLY F 44 22.27 -11.84 13.80
CA GLY F 44 23.62 -11.28 13.88
C GLY F 44 24.68 -11.63 12.85
N GLU F 45 24.31 -12.31 11.77
CA GLU F 45 25.28 -12.79 10.83
C GLU F 45 25.46 -12.04 9.54
N CYS F 46 24.52 -11.16 9.20
CA CYS F 46 24.54 -10.52 7.88
C CYS F 46 24.58 -9.01 7.73
N GLY F 47 24.27 -8.26 8.80
CA GLY F 47 24.28 -6.80 8.71
C GLY F 47 23.09 -6.13 7.99
N ALA F 48 22.16 -6.92 7.46
CA ALA F 48 21.05 -6.31 6.71
C ALA F 48 20.15 -5.40 7.52
N CYS F 49 20.13 -5.60 8.83
CA CYS F 49 19.31 -4.83 9.77
C CYS F 49 20.09 -3.67 10.44
N THR F 50 21.23 -3.30 9.87
CA THR F 50 22.03 -2.23 10.48
C THR F 50 21.33 -0.90 10.49
N VAL F 51 21.30 -0.27 11.67
CA VAL F 51 20.73 1.07 11.80
C VAL F 51 21.74 1.89 12.63
N LEU F 52 21.48 3.18 12.80
CA LEU F 52 22.38 4.00 13.61
C LEU F 52 21.72 4.32 14.94
N VAL F 53 22.52 4.25 16.00
CA VAL F 53 22.07 4.58 17.35
C VAL F 53 23.18 5.50 17.87
N ASP F 54 22.84 6.77 18.12
CA ASP F 54 23.84 7.79 18.52
C ASP F 54 25.07 7.81 17.58
N ASP F 55 24.80 7.82 16.28
CA ASP F 55 25.79 7.85 15.21
C ASP F 55 26.60 6.59 14.98
N ARG F 56 26.41 5.55 15.79
CA ARG F 56 27.19 4.33 15.64
C ARG F 56 26.30 3.21 15.10
N PRO F 57 26.88 2.28 14.32
CA PRO F 57 26.04 1.20 13.77
C PRO F 57 25.58 0.24 14.85
N ARG F 58 24.42 -0.36 14.62
CA ARG F 58 23.85 -1.30 15.56
C ARG F 58 23.04 -2.29 14.77
N LEU F 59 23.07 -3.54 15.18
CA LEU F 59 22.25 -4.55 14.49
C LEU F 59 20.85 -4.53 15.10
N ALA F 60 19.85 -4.07 14.35
CA ALA F 60 18.51 -4.04 14.92
C ALA F 60 17.94 -5.38 15.33
N CYS F 61 18.38 -6.47 14.67
CA CYS F 61 17.85 -7.79 15.04
C CYS F 61 18.48 -8.32 16.35
N SER F 62 19.55 -7.69 16.82
CA SER F 62 20.26 -8.19 18.00
C SER F 62 20.34 -7.11 19.07
N THR F 63 19.34 -6.26 19.07
CA THR F 63 19.22 -5.16 20.03
C THR F 63 17.76 -5.14 20.50
N LEU F 64 17.52 -5.03 21.80
CA LEU F 64 16.13 -4.90 22.25
C LEU F 64 15.73 -3.44 22.06
N ALA F 65 14.49 -3.22 21.64
CA ALA F 65 14.01 -1.86 21.43
C ALA F 65 14.21 -1.02 22.69
N HIS F 66 13.91 -1.59 23.85
CA HIS F 66 14.07 -0.83 25.09
C HIS F 66 15.51 -0.42 25.41
N GLN F 67 16.49 -1.06 24.78
CA GLN F 67 17.89 -0.66 25.03
C GLN F 67 18.27 0.67 24.38
N VAL F 68 17.42 1.21 23.49
CA VAL F 68 17.77 2.48 22.85
C VAL F 68 16.96 3.64 23.37
N ALA F 69 16.39 3.47 24.55
CA ALA F 69 15.61 4.56 25.14
C ALA F 69 16.53 5.78 25.30
N GLY F 70 15.99 6.96 24.98
CA GLY F 70 16.72 8.21 25.10
C GLY F 70 17.80 8.44 24.06
N LYS F 71 17.87 7.56 23.07
CA LYS F 71 18.90 7.74 22.08
C LYS F 71 18.39 8.21 20.73
N LYS F 72 19.33 8.59 19.86
CA LYS F 72 19.00 9.04 18.51
C LYS F 72 19.12 7.82 17.58
N VAL F 73 18.00 7.42 16.96
CA VAL F 73 18.01 6.23 16.10
C VAL F 73 17.70 6.71 14.68
N GLU F 74 18.45 6.20 13.71
CA GLU F 74 18.25 6.60 12.32
C GLU F 74 18.25 5.36 11.43
N THR F 75 17.28 5.30 10.51
CA THR F 75 17.21 4.20 9.55
C THR F 75 17.42 4.76 8.15
N VAL F 76 17.43 3.90 7.14
CA VAL F 76 17.69 4.38 5.78
C VAL F 76 16.69 5.45 5.33
N GLU F 77 15.46 5.35 5.82
CA GLU F 77 14.43 6.29 5.43
C GLU F 77 14.73 7.73 5.83
N SER F 78 15.67 7.89 6.77
CA SER F 78 16.02 9.22 7.28
C SER F 78 17.05 9.99 6.48
N LEU F 79 17.76 9.30 5.58
CA LEU F 79 18.89 9.95 4.92
C LEU F 79 18.58 11.00 3.88
N ALA F 80 17.52 10.77 3.11
CA ALA F 80 17.13 11.72 2.08
C ALA F 80 16.50 12.97 2.71
N THR F 81 16.51 14.08 1.99
CA THR F 81 15.84 15.31 2.45
C THR F 81 14.60 15.37 1.54
N GLN F 82 13.45 15.04 2.13
CA GLN F 82 12.19 14.86 1.37
C GLN F 82 12.55 13.86 0.26
N GLY F 83 12.29 14.15 -1.01
CA GLY F 83 12.64 13.17 -2.03
C GLY F 83 14.04 13.24 -2.61
N THR F 84 14.86 14.19 -2.13
CA THR F 84 16.21 14.39 -2.66
C THR F 84 17.21 13.45 -1.96
N LEU F 85 17.95 12.67 -2.75
CA LEU F 85 18.91 11.72 -2.19
C LEU F 85 20.07 12.42 -1.50
N SER F 86 20.58 11.78 -0.45
CA SER F 86 21.79 12.28 0.22
C SER F 86 22.94 11.93 -0.74
N LYS F 87 24.12 12.51 -0.52
CA LYS F 87 25.23 12.18 -1.43
C LYS F 87 25.59 10.71 -1.37
N LEU F 88 25.49 10.11 -0.19
CA LEU F 88 25.83 8.71 -0.03
C LEU F 88 24.84 7.83 -0.82
N GLN F 89 23.57 8.17 -0.74
CA GLN F 89 22.55 7.42 -1.49
C GLN F 89 22.75 7.58 -2.99
N ALA F 90 23.04 8.81 -3.43
CA ALA F 90 23.27 9.05 -4.85
C ALA F 90 24.47 8.27 -5.36
N ALA F 91 25.51 8.17 -4.52
CA ALA F 91 26.70 7.42 -4.93
C ALA F 91 26.41 5.93 -5.10
N PHE F 92 25.68 5.31 -4.16
CA PHE F 92 25.38 3.88 -4.29
C PHE F 92 24.56 3.65 -5.58
N HIS F 93 23.64 4.56 -5.86
CA HIS F 93 22.84 4.45 -7.08
C HIS F 93 23.70 4.65 -8.34
N GLU F 94 24.42 5.75 -8.41
CA GLU F 94 25.20 6.04 -9.60
C GLU F 94 26.39 5.14 -9.89
N LYS F 95 26.98 4.58 -8.85
CA LYS F 95 28.14 3.72 -9.03
C LYS F 95 27.79 2.25 -9.02
N LEU F 96 26.50 1.95 -8.88
CA LEU F 96 26.04 0.56 -8.82
C LEU F 96 26.59 -0.21 -7.61
N GLY F 97 26.56 0.46 -6.45
CA GLY F 97 26.92 -0.22 -5.23
C GLY F 97 25.68 -1.03 -4.77
N THR F 98 24.62 -0.96 -5.56
CA THR F 98 23.36 -1.67 -5.24
C THR F 98 22.83 -2.31 -6.53
N GLN F 99 22.51 -3.61 -6.44
CA GLN F 99 21.95 -4.37 -7.56
C GLN F 99 20.55 -4.79 -7.15
N CYS F 100 20.39 -5.92 -6.43
CA CYS F 100 19.04 -6.28 -6.02
C CYS F 100 18.46 -5.29 -4.99
N GLY F 101 19.34 -4.65 -4.22
CA GLY F 101 18.94 -3.65 -3.25
C GLY F 101 18.66 -4.17 -1.84
N PHE F 102 18.71 -5.47 -1.63
CA PHE F 102 18.32 -5.95 -0.32
C PHE F 102 19.30 -5.66 0.81
N CYS F 103 20.59 -5.76 0.53
CA CYS F 103 21.59 -5.48 1.60
C CYS F 103 21.85 -3.98 1.66
N THR F 104 21.25 -3.22 0.75
CA THR F 104 21.60 -1.79 0.63
C THR F 104 21.29 -0.90 1.82
N PRO F 105 20.11 -1.02 2.43
CA PRO F 105 19.85 -0.14 3.60
C PRO F 105 20.91 -0.38 4.70
N GLY F 106 21.23 -1.65 4.96
CA GLY F 106 22.22 -1.96 6.00
C GLY F 106 23.61 -1.49 5.62
N MET F 107 23.94 -1.64 4.34
CA MET F 107 25.28 -1.25 3.85
C MET F 107 25.42 0.26 3.91
N ILE F 108 24.37 0.97 3.54
CA ILE F 108 24.40 2.42 3.57
C ILE F 108 24.46 2.94 5.00
N MET F 109 23.71 2.33 5.94
CA MET F 109 23.78 2.84 7.32
C MET F 109 25.18 2.60 7.88
N ALA F 110 25.77 1.43 7.62
CA ALA F 110 27.14 1.18 8.09
C ALA F 110 28.09 2.19 7.46
N SER F 111 27.87 2.53 6.20
CA SER F 111 28.72 3.51 5.51
C SER F 111 28.53 4.92 6.10
N GLU F 112 27.30 5.24 6.44
CA GLU F 112 27.03 6.55 6.99
C GLU F 112 27.75 6.67 8.34
N ALA F 113 27.74 5.61 9.14
CA ALA F 113 28.44 5.68 10.44
C ALA F 113 29.91 5.91 10.20
N LEU F 114 30.49 5.19 9.25
CA LEU F 114 31.90 5.34 8.94
C LEU F 114 32.24 6.78 8.53
N LEU F 115 31.48 7.34 7.58
CA LEU F 115 31.78 8.69 7.12
C LEU F 115 31.58 9.78 8.17
N ARG F 116 30.67 9.58 9.12
CA ARG F 116 30.50 10.58 10.18
C ARG F 116 31.73 10.55 11.10
N LYS F 117 32.31 9.38 11.28
CA LYS F 117 33.47 9.22 12.16
C LYS F 117 34.82 9.46 11.48
N ASN F 118 34.92 9.08 10.22
CA ASN F 118 36.15 9.19 9.45
C ASN F 118 35.72 9.68 8.06
N PRO F 119 35.70 11.00 7.88
CA PRO F 119 35.29 11.56 6.58
C PRO F 119 36.08 11.23 5.34
N SER F 120 37.34 10.82 5.49
CA SER F 120 38.13 10.49 4.31
C SER F 120 38.84 9.15 4.51
N PRO F 121 38.06 8.06 4.60
CA PRO F 121 38.61 6.72 4.81
C PRO F 121 39.42 6.10 3.68
N SER F 122 40.43 5.32 4.04
CA SER F 122 41.22 4.59 3.06
C SER F 122 40.37 3.40 2.62
N ARG F 123 40.76 2.77 1.53
CA ARG F 123 40.06 1.58 1.05
C ARG F 123 40.02 0.53 2.16
N ASP F 124 41.15 0.35 2.85
CA ASP F 124 41.17 -0.64 3.92
C ASP F 124 40.25 -0.28 5.07
N GLU F 125 40.08 1.00 5.37
CA GLU F 125 39.20 1.41 6.45
C GLU F 125 37.73 1.20 6.02
N ILE F 126 37.46 1.32 4.73
CA ILE F 126 36.10 1.09 4.23
C ILE F 126 35.79 -0.39 4.38
N LYS F 127 36.69 -1.25 3.91
CA LYS F 127 36.50 -2.68 4.03
C LYS F 127 36.35 -3.05 5.50
N ALA F 128 37.18 -2.48 6.37
CA ALA F 128 37.06 -2.82 7.78
C ALA F 128 35.69 -2.48 8.39
N ALA F 129 35.10 -1.35 7.99
CA ALA F 129 33.82 -0.90 8.54
C ALA F 129 32.61 -1.67 7.99
N LEU F 130 32.77 -2.21 6.78
CA LEU F 130 31.68 -2.96 6.15
C LEU F 130 31.88 -4.45 6.30
N ALA F 131 32.87 -4.86 7.10
CA ALA F 131 33.22 -6.28 7.25
C ALA F 131 32.09 -7.22 7.65
N GLY F 132 31.11 -6.72 8.40
CA GLY F 132 30.01 -7.59 8.80
C GLY F 132 28.77 -7.47 7.93
N ASN F 133 28.84 -6.73 6.82
CA ASN F 133 27.66 -6.58 5.96
C ASN F 133 27.84 -7.45 4.75
N LEU F 134 26.99 -8.46 4.60
CA LEU F 134 27.11 -9.35 3.45
C LEU F 134 26.29 -8.84 2.28
N CYS F 135 26.84 -9.00 1.07
CA CYS F 135 26.11 -8.65 -0.15
C CYS F 135 26.37 -9.86 -1.05
N ARG F 136 25.34 -10.37 -1.74
CA ARG F 136 25.54 -11.51 -2.61
C ARG F 136 25.63 -11.13 -4.10
N CYS F 137 25.19 -9.90 -4.43
CA CYS F 137 25.15 -9.44 -5.83
C CYS F 137 26.38 -8.81 -6.45
N THR F 138 27.05 -8.00 -5.64
CA THR F 138 28.09 -7.14 -6.20
C THR F 138 29.54 -7.57 -6.23
N GLY F 139 29.89 -8.53 -5.38
CA GLY F 139 31.30 -8.88 -5.27
C GLY F 139 32.01 -7.72 -4.52
N TYR F 140 31.24 -6.81 -3.92
CA TYR F 140 31.73 -5.67 -3.11
C TYR F 140 32.49 -4.56 -3.82
N VAL F 141 33.03 -4.84 -4.99
CA VAL F 141 33.87 -3.86 -5.67
C VAL F 141 33.25 -2.47 -5.79
N LYS F 142 32.04 -2.41 -6.35
CA LYS F 142 31.38 -1.12 -6.54
C LYS F 142 30.79 -0.55 -5.27
N ILE F 143 30.71 -1.34 -4.20
CA ILE F 143 30.23 -0.81 -2.93
C ILE F 143 31.40 0.05 -2.39
N ILE F 144 32.62 -0.48 -2.48
CA ILE F 144 33.77 0.33 -2.04
C ILE F 144 33.83 1.63 -2.85
N LYS F 145 33.64 1.54 -4.16
CA LYS F 145 33.64 2.70 -5.04
CA LYS F 145 33.67 2.82 -4.94
C LYS F 145 32.56 3.72 -4.67
N SER F 146 31.38 3.24 -4.25
CA SER F 146 30.29 4.11 -3.85
C SER F 146 30.67 4.89 -2.59
N VAL F 147 31.28 4.21 -1.63
CA VAL F 147 31.65 4.88 -0.38
C VAL F 147 32.75 5.92 -0.64
N GLU F 148 33.73 5.57 -1.45
CA GLU F 148 34.81 6.52 -1.78
C GLU F 148 34.23 7.77 -2.47
N THR F 149 33.37 7.54 -3.45
CA THR F 149 32.70 8.61 -4.19
C THR F 149 31.91 9.51 -3.24
N ALA F 150 31.14 8.91 -2.32
CA ALA F 150 30.36 9.68 -1.39
C ALA F 150 31.27 10.49 -0.46
N ALA F 151 32.35 9.87 -0.02
CA ALA F 151 33.26 10.61 0.88
C ALA F 151 33.78 11.86 0.20
N ALA F 152 34.20 11.72 -1.06
CA ALA F 152 34.74 12.88 -1.78
C ALA F 152 33.66 13.94 -1.98
N ALA F 153 32.45 13.50 -2.32
CA ALA F 153 31.37 14.45 -2.55
C ALA F 153 31.01 15.23 -1.29
N ARG F 154 30.97 14.55 -0.15
CA ARG F 154 30.63 15.20 1.10
C ARG F 154 31.71 16.22 1.48
N LEU F 155 32.96 15.90 1.16
CA LEU F 155 34.07 16.81 1.49
C LEU F 155 34.16 18.07 0.68
N CYS F 156 33.69 18.05 -0.57
CA CYS F 156 33.81 19.26 -1.36
C CYS F 156 32.54 20.10 -1.35
N GLU F 157 31.57 19.66 -0.53
CA GLU F 157 30.27 20.31 -0.40
C GLU F 157 30.29 21.51 0.55
CL CL G . -30.10 23.52 -13.83
NA NA H . 11.28 26.19 7.36
N1 PCD I . -26.60 1.54 -16.73
C2 PCD I . -27.11 0.35 -17.13
N3 PCD I . -27.83 0.36 -18.31
C4 PCD I . -28.04 1.49 -19.09
C5 PCD I . -27.36 2.74 -18.60
C6 PCD I . -26.69 2.73 -17.43
O2 PCD I . -26.99 -0.72 -16.53
N4 PCD I . -28.83 1.51 -20.17
C1' PCD I . -25.97 1.57 -15.40
C2D PCD I . -24.53 1.15 -15.12
O2' PCD I . -24.34 0.72 -13.78
C3' PCD I . -23.97 2.54 -15.46
C4D PCD I . -24.86 3.52 -14.65
O4D PCD I . -26.17 2.89 -14.83
O3' PCD I . -22.66 2.59 -14.97
C5' PCD I . -24.73 5.02 -15.08
O5' PCD I . -24.75 5.03 -16.52
PA PCD I . -24.75 6.45 -17.28
O1A PCD I . -24.27 6.09 -18.64
O2A PCD I . -26.12 7.00 -17.01
O3A PCD I . -23.65 7.42 -16.50
PB PCD I . -22.06 7.50 -16.64
O1B PCD I . -21.81 8.48 -17.78
O2B PCD I . -21.51 6.11 -16.48
O3B PCD I . -21.81 8.20 -15.25
C10 PCD I . -21.73 9.60 -15.05
C9' PCD I . -23.01 10.04 -14.37
C8' PCD I . -23.20 11.52 -14.01
S8' PCD I . -22.77 12.63 -15.29
C7' PCD I . -23.69 11.97 -12.79
S7' PCD I . -23.83 13.71 -12.52
C6' PCD I . -24.10 10.95 -11.75
C7 PCD I . -24.35 9.56 -12.40
O9' PCD I . -23.20 9.24 -13.15
N5' PCD I . -22.96 11.07 -10.76
C4A PCD I . -23.03 9.88 -9.99
N8' PCD I . -24.54 8.78 -11.20
C4B PCD I . -23.80 8.63 -10.00
N1' PCD I . -23.80 7.63 -9.13
C2' PCD I . -22.92 7.76 -8.05
N2' PCD I . -23.17 6.63 -7.34
N3' PCD I . -22.09 8.82 -7.94
C4' PCD I . -22.21 9.79 -8.90
O4' PCD I . -21.29 10.69 -8.46
MO PCD I . -22.48 14.73 -14.14
OR1 PCD I . -23.40 16.58 -13.57
OM2 PCD I . -22.27 15.49 -15.82
OM1 PCD I . -20.92 14.57 -13.44
N1 EPE J . -15.40 18.82 -34.48
C2 EPE J . -15.63 19.79 -33.35
C3 EPE J . -16.26 21.07 -33.92
N4 EPE J . -17.48 20.77 -34.70
C5 EPE J . -17.32 19.75 -35.79
C6 EPE J . -16.63 18.46 -35.27
C7 EPE J . -18.13 22.00 -35.29
C8 EPE J . -19.41 22.35 -34.62
O8 EPE J . -19.31 22.40 -33.24
C9 EPE J . -14.78 17.55 -34.00
C10 EPE J . -13.66 17.53 -33.12
S EPE J . -13.14 15.87 -32.70
O1S EPE J . -12.69 15.32 -33.96
O2S EPE J . -14.18 15.17 -32.03
O3S EPE J . -11.85 16.06 -31.69
N1 EPE K . -53.57 36.53 -27.72
C2 EPE K . -53.49 35.50 -26.63
C3 EPE K . -54.90 35.21 -26.12
N4 EPE K . -55.84 34.83 -27.23
C5 EPE K . -55.88 35.81 -28.36
C6 EPE K . -54.47 36.18 -28.86
C7 EPE K . -57.30 34.55 -26.83
C8 EPE K . -57.71 34.88 -25.40
O8 EPE K . -58.01 36.20 -25.18
C9 EPE K . -52.22 36.88 -28.28
C10 EPE K . -51.59 38.16 -28.16
S EPE K . -49.97 38.28 -28.94
O1S EPE K . -50.25 38.13 -30.34
O2S EPE K . -49.05 37.36 -28.34
O3S EPE K . -49.48 39.84 -28.65
N1 EPE L . -38.30 -4.40 -5.46
C2 EPE L . -37.36 -5.46 -5.97
C3 EPE L . -37.24 -6.57 -4.91
N4 EPE L . -38.59 -7.10 -4.52
C5 EPE L . -39.56 -6.06 -4.07
C6 EPE L . -39.66 -4.89 -5.06
C7 EPE L . -38.58 -8.19 -3.47
C8 EPE L . -38.98 -9.55 -4.00
O8 EPE L . -38.20 -10.60 -3.55
C9 EPE L . -38.49 -3.29 -6.42
C10 EPE L . -37.82 -2.04 -6.40
S EPE L . -38.32 -0.94 -7.75
O1S EPE L . -39.71 -0.67 -7.45
O2S EPE L . -38.03 -1.55 -9.00
O3S EPE L . -37.47 0.46 -7.57
PA FAD M . -21.09 17.32 25.58
O1A FAD M . -20.11 16.47 26.21
O2A FAD M . -20.94 17.68 24.21
O5B FAD M . -21.16 18.59 26.49
C5B FAD M . -21.94 19.70 26.04
C4B FAD M . -21.78 20.86 27.06
O4B FAD M . -22.25 20.55 28.41
C3B FAD M . -20.32 21.33 27.22
O3B FAD M . -20.22 22.68 27.24
C2B FAD M . -19.87 20.61 28.52
O2B FAD M . -18.81 21.27 29.17
C1B FAD M . -21.10 20.66 29.36
N9A FAD M . -21.40 19.55 30.28
C8A FAD M . -21.50 18.19 29.98
N7A FAD M . -21.91 17.46 31.02
C5A FAD M . -22.06 18.39 32.02
C6A FAD M . -22.55 18.26 33.41
N6A FAD M . -22.98 17.14 33.93
N1A FAD M . -22.54 19.44 34.13
C2A FAD M . -22.17 20.63 33.61
N3A FAD M . -21.77 20.85 32.34
C4A FAD M . -21.72 19.70 31.60
N1 FAD M . -29.19 18.78 20.87
C2 FAD M . -30.50 18.91 21.12
O2 FAD M . -30.92 19.20 22.23
N3 FAD M . -31.43 18.71 20.06
C4 FAD M . -31.05 18.39 18.76
O4 FAD M . -31.88 18.21 17.91
C4X FAD M . -29.64 18.27 18.50
N5 FAD M . -29.17 18.02 17.23
C5X FAD M . -27.80 17.94 17.01
C6 FAD M . -27.34 17.72 15.68
C7 FAD M . -25.98 17.64 15.39
C7M FAD M . -25.53 17.44 13.93
C8 FAD M . -25.00 17.76 16.46
C8M FAD M . -23.49 17.66 16.27
C9 FAD M . -25.46 17.99 17.79
C9A FAD M . -26.84 18.09 18.05
N10 FAD M . -27.37 18.38 19.39
C10 FAD M . -28.73 18.47 19.61
C1' FAD M . -26.50 18.71 20.58
C2' FAD M . -25.82 17.54 21.38
O2' FAD M . -25.62 16.43 20.53
C3' FAD M . -26.91 17.05 22.37
O3' FAD M . -27.45 18.18 23.10
C4' FAD M . -26.39 16.30 23.55
O4' FAD M . -27.37 15.79 24.44
C5' FAD M . -25.01 16.68 24.04
O5' FAD M . -24.69 15.78 25.28
P FAD M . -23.23 15.37 25.40
O1P FAD M . -23.23 14.41 26.57
O2P FAD M . -22.71 14.88 24.14
O3P FAD M . -22.49 16.63 25.85
FE1 SF4 N . -22.06 36.39 18.16
FE1 SF4 N . -21.54 36.22 18.35
FE2 SF4 N . -24.29 37.90 18.26
FE2 SF4 N . -23.81 37.83 18.50
FE3 SF4 N . -24.43 35.45 17.22
FE3 SF4 N . -23.94 35.34 17.45
FE4 SF4 N . -24.05 35.86 19.91
FE4 SF4 N . -23.54 35.74 20.13
S1 SF4 N . -25.89 36.38 18.67
S1 SF4 N . -25.34 36.19 18.85
S2 SF4 N . -23.06 34.37 18.55
S2 SF4 N . -22.55 34.20 18.82
S3 SF4 N . -22.77 37.74 19.84
S3 SF4 N . -22.22 37.60 20.02
S4 SF4 N . -23.25 37.23 16.43
S4 SF4 N . -22.76 37.09 16.60
FE1 FES O . -22.23 6.87 -2.06
FE2 FES O . -23.78 6.29 0.12
S1 FES O . -23.14 4.85 -1.47
S2 FES O . -22.67 8.19 -0.31
FE1 FES P . -19.41 13.10 9.88
FE2 FES P . -18.35 11.83 12.03
S1 FES P . -20.45 12.45 11.80
S2 FES P . -17.35 12.25 10.08
CL CL Q . 27.92 -27.16 -11.67
K K R . 17.75 -50.40 -4.62
NA NA S . -9.54 -22.76 15.82
S SO4 T . 5.05 -5.94 7.83
O1 SO4 T . 4.90 -7.40 8.00
O2 SO4 T . 4.32 -5.26 8.91
O3 SO4 T . 6.49 -5.57 7.89
O4 SO4 T . 4.51 -5.54 6.52
N1 PCD U . 23.60 -6.55 -19.72
C2 PCD U . 24.02 -5.52 -20.50
N3 PCD U . 24.58 -5.85 -21.72
C4 PCD U . 24.69 -7.13 -22.19
C5 PCD U . 24.09 -8.19 -21.32
C6 PCD U . 23.59 -7.84 -20.10
O2 PCD U . 23.95 -4.32 -20.19
N4 PCD U . 25.28 -7.46 -23.33
C1' PCD U . 23.18 -6.22 -18.36
C2D PCD U . 21.78 -5.72 -17.96
O2' PCD U . 21.82 -4.90 -16.80
C3' PCD U . 21.23 -7.12 -17.80
C4D PCD U . 22.30 -7.86 -16.90
O4D PCD U . 23.53 -7.30 -17.47
O3' PCD U . 20.01 -7.01 -17.11
C5' PCD U . 22.16 -9.42 -16.86
O5' PCD U . 21.92 -9.84 -18.26
PA PCD U . 21.82 -11.38 -18.61
O1A PCD U . 21.10 -11.41 -19.97
O2A PCD U . 23.22 -11.91 -18.42
O3A PCD U . 20.83 -12.05 -17.48
PB PCD U . 19.26 -12.13 -17.31
O1B PCD U . 18.89 -13.36 -18.08
O2B PCD U . 18.72 -10.73 -17.44
O3B PCD U . 19.29 -12.45 -15.76
C10 PCD U . 19.26 -13.73 -15.19
C9' PCD U . 20.65 -14.01 -14.63
C8' PCD U . 20.91 -15.35 -13.96
S8' PCD U . 20.29 -16.74 -14.80
C7' PCD U . 21.59 -15.49 -12.77
S7' PCD U . 21.79 -17.11 -12.05
C6' PCD U . 22.13 -14.24 -12.15
C7 PCD U . 22.28 -13.08 -13.14
O9' PCD U . 20.98 -12.94 -13.73
N5' PCD U . 21.15 -14.07 -10.99
C4A PCD U . 21.36 -12.72 -10.57
N8' PCD U . 22.58 -11.99 -12.26
C4B PCD U . 22.08 -11.55 -11.02
N1' PCD U . 22.22 -10.35 -10.45
C2' PCD U . 21.55 -10.19 -9.24
N2' PCD U . 21.86 -8.91 -8.91
N3' PCD U . 20.78 -11.15 -8.70
C4' PCD U . 20.76 -12.33 -9.39
O4' PCD U . 19.94 -13.05 -8.58
MO PCD U . 20.21 -18.46 -13.11
OR1 PCD U . 21.21 -20.08 -12.19
OM2 PCD U . 19.81 -19.64 -14.48
OM1 PCD U . 18.86 -18.10 -12.35
N1 EPE V . 6.44 -47.95 -2.45
C2 EPE V . 5.51 -46.92 -3.10
C3 EPE V . 4.76 -47.61 -4.28
N4 EPE V . 4.06 -48.87 -3.85
C5 EPE V . 4.94 -49.84 -3.14
C6 EPE V . 5.74 -49.21 -2.00
C7 EPE V . 3.35 -49.63 -4.96
C8 EPE V . 1.82 -49.66 -4.89
O8 EPE V . 1.25 -48.54 -4.31
C9 EPE V . 7.22 -47.39 -1.29
C10 EPE V . 8.11 -48.15 -0.45
S EPE V . 8.96 -47.14 0.79
O1S EPE V . 7.91 -46.67 1.66
O2S EPE V . 9.74 -46.20 0.07
O3S EPE V . 9.91 -48.19 1.61
PA FAD W . 25.61 -10.35 25.53
O1A FAD W . 24.77 -9.35 26.09
O2A FAD W . 25.28 -11.08 24.37
O5B FAD W . 25.88 -11.40 26.68
C5B FAD W . 26.55 -12.62 26.45
C4B FAD W . 26.56 -13.40 27.78
O4B FAD W . 27.32 -12.72 28.85
C3B FAD W . 25.18 -13.73 28.34
O3B FAD W . 25.08 -15.05 28.76
C2B FAD W . 25.01 -12.65 29.41
O2B FAD W . 24.09 -13.06 30.39
C1B FAD W . 26.37 -12.54 30.01
N9A FAD W . 26.84 -11.26 30.47
C8A FAD W . 26.90 -10.04 29.81
N7A FAD W . 27.49 -9.07 30.53
C5A FAD W . 27.82 -9.69 31.69
C6A FAD W . 28.54 -9.16 32.89
N6A FAD W . 29.00 -7.94 32.97
N1A FAD W . 28.69 -10.07 33.91
C2A FAD W . 28.23 -11.34 33.83
N3A FAD W . 27.60 -11.91 32.77
C4A FAD W . 27.43 -11.04 31.73
N1 FAD W . 32.80 -13.39 20.08
C2 FAD W . 34.13 -13.50 20.11
O2 FAD W . 34.77 -13.51 21.16
N3 FAD W . 34.88 -13.61 18.92
C4 FAD W . 34.24 -13.63 17.66
O4 FAD W . 34.89 -13.70 16.67
C4X FAD W . 32.79 -13.53 17.63
N5 FAD W . 32.14 -13.60 16.43
C5X FAD W . 30.75 -13.52 16.47
C6 FAD W . 30.06 -13.66 15.24
C7 FAD W . 28.65 -13.61 15.22
C7M FAD W . 27.90 -13.79 13.89
C8 FAD W . 27.89 -13.41 16.44
C8M FAD W . 26.36 -13.33 16.50
C9 FAD W . 28.55 -13.28 17.67
C9A FAD W . 29.96 -13.35 17.67
N10 FAD W . 30.72 -13.31 18.90
C10 FAD W . 32.08 -13.40 18.88
C1' FAD W . 30.06 -13.26 20.25
C2' FAD W . 29.54 -11.90 20.78
O2' FAD W . 29.10 -11.09 19.74
C3' FAD W . 30.78 -11.21 21.36
O3' FAD W . 31.40 -12.17 22.29
C4' FAD W . 30.46 -10.16 22.39
O4' FAD W . 31.60 -9.47 22.95
C5' FAD W . 29.20 -10.31 23.20
O5' FAD W . 29.15 -9.15 24.24
P FAD W . 27.75 -8.63 24.47
O1P FAD W . 27.82 -7.36 25.26
O2P FAD W . 26.96 -8.48 23.24
O3P FAD W . 27.07 -9.68 25.35
FE1 SF4 X . 25.11 -30.52 23.74
FE1 SF4 X . 25.34 -31.04 23.28
FE2 SF4 X . 27.37 -32.06 23.90
FE2 SF4 X . 27.59 -32.58 23.44
FE3 SF4 X . 27.33 -29.99 22.21
FE3 SF4 X . 27.55 -30.48 21.80
FE4 SF4 X . 27.35 -29.59 24.94
FE4 SF4 X . 27.60 -30.16 24.48
S1 SF4 X . 28.97 -30.53 23.61
S1 SF4 X . 29.18 -30.99 23.22
S2 SF4 X . 26.15 -28.49 23.45
S2 SF4 X . 26.39 -29.09 23.01
S3 SF4 X . 26.06 -31.37 25.63
S3 SF4 X . 26.25 -31.92 25.05
S4 SF4 X . 26.01 -31.82 22.14
S4 SF4 X . 26.27 -32.33 21.68
FE1 FES Y . 21.81 -7.69 -3.65
FE2 FES Y . 23.67 -6.63 -2.02
S1 FES Y . 22.73 -5.65 -3.74
S2 FES Y . 22.54 -8.52 -1.71
FE1 FES Z . 21.15 -10.48 9.79
FE2 FES Z . 20.45 -8.63 11.67
S1 FES Z . 22.48 -9.38 11.28
S2 FES Z . 19.13 -9.54 10.08
#